data_1FMF
#
_entry.id   1FMF
#
_entity_poly.entity_id   1
_entity_poly.type   'polypeptide(L)'
_entity_poly.pdbx_seq_one_letter_code
;MEKKTIVLGVIGSDCHAVGNKILDHSFTNAGFNVVNIGVLSSQEDFINAAIETKADLICVSSLYGQGEIDCKGLREKCDE
AGLKGIKLFVGGNIVVGKQNWPDVEQRFKAMGFDRVYPPGTSPETTIADMKEVLGVE
;
_entity_poly.pdbx_strand_id   A
#
# COMPACT_ATOMS: atom_id res chain seq x y z
N MET A 1 6.88 7.99 -15.52
CA MET A 1 7.81 7.03 -14.94
C MET A 1 8.05 5.88 -15.92
N GLU A 2 9.27 5.30 -15.80
CA GLU A 2 9.76 4.32 -16.75
C GLU A 2 9.03 2.97 -16.56
N LYS A 3 9.01 2.57 -15.28
CA LYS A 3 8.41 1.32 -14.84
C LYS A 3 7.43 1.64 -13.70
N LYS A 4 6.60 0.62 -13.43
CA LYS A 4 5.74 0.68 -12.25
C LYS A 4 6.48 0.02 -11.09
N THR A 5 6.87 0.93 -10.16
CA THR A 5 7.32 0.51 -8.85
C THR A 5 6.14 0.68 -7.87
N ILE A 6 5.93 -0.41 -7.13
CA ILE A 6 5.15 -0.54 -5.95
C ILE A 6 6.19 -0.66 -4.85
N VAL A 7 5.79 -0.05 -3.75
CA VAL A 7 6.58 0.07 -2.58
C VAL A 7 5.64 -0.40 -1.45
N LEU A 8 5.99 -1.52 -0.76
CA LEU A 8 5.11 -1.97 0.33
C LEU A 8 5.89 -1.93 1.64
N GLY A 9 5.24 -1.27 2.62
CA GLY A 9 5.78 -1.19 3.97
C GLY A 9 4.76 -1.71 4.95
N VAL A 10 5.25 -2.38 6.02
CA VAL A 10 4.30 -2.75 7.05
C VAL A 10 4.38 -1.66 8.12
N ILE A 11 3.19 -1.07 8.30
CA ILE A 11 3.07 0.26 8.87
C ILE A 11 2.76 0.11 10.35
N GLY A 12 3.59 0.84 11.14
CA GLY A 12 3.40 0.84 12.57
C GLY A 12 3.95 -0.46 13.13
N SER A 13 3.76 -0.59 14.45
CA SER A 13 4.31 -1.74 15.14
C SER A 13 3.32 -2.91 15.08
N ASP A 14 3.57 -3.90 15.96
CA ASP A 14 2.76 -5.10 16.04
C ASP A 14 2.72 -5.81 14.68
N CYS A 15 3.94 -6.22 14.29
CA CYS A 15 4.18 -6.79 12.97
C CYS A 15 5.54 -7.50 12.97
N HIS A 16 5.44 -8.85 12.93
CA HIS A 16 6.62 -9.70 12.78
C HIS A 16 7.06 -9.67 11.31
N ALA A 17 6.17 -10.26 10.50
CA ALA A 17 6.23 -10.28 9.04
C ALA A 17 5.08 -11.15 8.49
N VAL A 18 4.00 -11.23 9.30
CA VAL A 18 2.92 -12.17 9.02
C VAL A 18 2.00 -11.58 7.93
N GLY A 19 1.92 -12.36 6.83
CA GLY A 19 1.23 -11.87 5.65
C GLY A 19 1.98 -10.70 4.99
N ASN A 20 3.32 -10.78 5.16
CA ASN A 20 4.30 -9.82 4.65
C ASN A 20 5.67 -10.50 4.71
N LYS A 21 5.69 -11.68 4.05
CA LYS A 21 6.90 -12.49 3.95
C LYS A 21 6.87 -13.27 2.63
N ILE A 22 5.63 -13.72 2.30
CA ILE A 22 5.32 -14.32 1.00
C ILE A 22 4.28 -13.45 0.28
N LEU A 23 3.64 -12.57 1.07
CA LEU A 23 2.71 -11.58 0.53
C LEU A 23 3.45 -10.45 -0.20
N ASP A 24 4.71 -10.25 0.21
CA ASP A 24 5.61 -9.41 -0.58
C ASP A 24 6.14 -10.19 -1.79
N HIS A 25 6.45 -11.49 -1.55
CA HIS A 25 7.03 -12.37 -2.57
C HIS A 25 6.14 -12.47 -3.81
N SER A 26 4.82 -12.37 -3.56
CA SER A 26 3.80 -12.46 -4.60
C SER A 26 3.92 -11.34 -5.62
N PHE A 27 4.14 -10.13 -5.06
CA PHE A 27 4.19 -8.92 -5.84
C PHE A 27 5.51 -8.82 -6.62
N THR A 28 6.58 -9.29 -5.94
CA THR A 28 7.91 -9.29 -6.55
C THR A 28 7.94 -10.30 -7.72
N ASN A 29 7.23 -11.41 -7.46
CA ASN A 29 6.94 -12.49 -8.40
C ASN A 29 6.00 -12.04 -9.54
N ALA A 30 5.26 -10.93 -9.30
CA ALA A 30 4.19 -10.55 -10.24
C ALA A 30 4.76 -9.78 -11.43
N GLY A 31 6.12 -9.73 -11.46
CA GLY A 31 6.84 -8.97 -12.45
C GLY A 31 6.85 -7.48 -12.10
N PHE A 32 6.55 -7.18 -10.80
CA PHE A 32 6.56 -5.76 -10.41
C PHE A 32 7.92 -5.44 -9.80
N ASN A 33 8.30 -4.16 -9.98
CA ASN A 33 9.40 -3.67 -9.16
C ASN A 33 8.80 -3.39 -7.79
N VAL A 34 9.21 -4.26 -6.84
CA VAL A 34 8.59 -4.23 -5.52
C VAL A 34 9.69 -4.07 -4.48
N VAL A 35 9.66 -2.85 -3.92
CA VAL A 35 10.60 -2.43 -2.89
C VAL A 35 9.99 -2.76 -1.54
N ASN A 36 10.66 -3.71 -0.85
CA ASN A 36 10.28 -4.06 0.50
C ASN A 36 10.96 -3.08 1.46
N ILE A 37 10.11 -2.14 1.92
CA ILE A 37 10.52 -1.00 2.73
C ILE A 37 10.98 -1.47 4.13
N GLY A 38 10.44 -2.65 4.50
CA GLY A 38 10.77 -3.30 5.76
C GLY A 38 9.51 -3.39 6.61
N VAL A 39 9.49 -4.47 7.43
CA VAL A 39 8.39 -4.64 8.37
C VAL A 39 8.67 -3.75 9.59
N LEU A 40 7.61 -2.98 9.95
CA LEU A 40 7.73 -1.80 10.79
C LEU A 40 8.56 -0.74 10.04
N SER A 41 7.80 0.28 9.60
CA SER A 41 8.36 1.28 8.70
C SER A 41 7.44 2.51 8.72
N SER A 42 8.12 3.67 8.68
CA SER A 42 7.45 4.96 8.59
C SER A 42 7.18 5.28 7.12
N GLN A 43 6.10 6.05 6.92
CA GLN A 43 5.66 6.52 5.63
C GLN A 43 6.64 7.46 4.94
N GLU A 44 7.44 8.22 5.72
CA GLU A 44 8.48 9.01 5.05
C GLU A 44 9.58 8.13 4.41
N ASP A 45 9.59 6.83 4.82
CA ASP A 45 10.48 5.84 4.22
C ASP A 45 9.88 5.24 2.94
N PHE A 46 8.53 5.19 2.89
CA PHE A 46 7.83 4.65 1.72
C PHE A 46 7.85 5.64 0.58
N ILE A 47 7.59 6.85 1.03
CA ILE A 47 7.90 8.03 0.26
C ILE A 47 9.36 7.98 -0.27
N ASN A 48 10.28 7.50 0.60
CA ASN A 48 11.70 7.50 0.23
C ASN A 48 12.00 6.44 -0.84
N ALA A 49 11.26 5.30 -0.79
CA ALA A 49 11.30 4.33 -1.89
C ALA A 49 10.69 4.89 -3.12
N ALA A 50 9.71 5.81 -2.99
CA ALA A 50 9.20 6.45 -4.19
C ALA A 50 10.13 7.53 -4.76
N ILE A 51 10.89 8.18 -3.85
CA ILE A 51 11.91 9.11 -4.31
C ILE A 51 13.02 8.32 -5.03
N GLU A 52 13.28 7.12 -4.47
CA GLU A 52 14.41 6.33 -4.95
C GLU A 52 14.12 5.69 -6.29
N THR A 53 12.95 5.03 -6.28
CA THR A 53 12.64 4.20 -7.46
C THR A 53 11.96 4.98 -8.57
N LYS A 54 10.99 5.76 -8.08
CA LYS A 54 9.85 6.34 -8.80
C LYS A 54 8.65 5.37 -8.74
N ALA A 55 8.00 5.43 -7.54
CA ALA A 55 6.78 4.68 -7.26
C ALA A 55 5.66 5.23 -8.14
N ASP A 56 4.90 4.32 -8.77
CA ASP A 56 3.58 4.68 -9.29
C ASP A 56 2.50 4.43 -8.22
N LEU A 57 2.80 3.46 -7.33
CA LEU A 57 1.91 3.05 -6.25
C LEU A 57 2.70 2.76 -4.96
N ILE A 58 2.01 3.12 -3.87
CA ILE A 58 2.58 2.93 -2.53
C ILE A 58 1.51 2.26 -1.62
N CYS A 59 1.91 1.04 -1.23
CA CYS A 59 1.17 0.11 -0.37
C CYS A 59 1.66 0.22 1.08
N VAL A 60 0.66 0.13 1.97
CA VAL A 60 0.82 -0.09 3.40
C VAL A 60 0.20 -1.44 3.74
N SER A 61 0.91 -2.13 4.65
CA SER A 61 0.55 -3.44 5.14
C SER A 61 0.22 -3.34 6.63
N SER A 62 -1.07 -3.57 6.92
CA SER A 62 -1.61 -3.38 8.26
C SER A 62 -1.81 -4.77 8.89
N LEU A 63 -1.19 -4.94 10.09
CA LEU A 63 -1.22 -6.22 10.80
C LEU A 63 -1.56 -6.01 12.28
N TYR A 64 -2.42 -4.99 12.51
CA TYR A 64 -2.53 -4.44 13.86
C TYR A 64 -3.83 -3.65 14.10
N GLY A 65 -4.69 -3.59 13.06
CA GLY A 65 -5.99 -2.97 13.21
C GLY A 65 -5.95 -1.44 13.31
N GLN A 66 -4.78 -0.88 12.89
CA GLN A 66 -4.55 0.56 13.02
C GLN A 66 -3.92 1.11 11.73
N GLY A 67 -4.35 0.47 10.63
CA GLY A 67 -3.86 0.75 9.29
C GLY A 67 -4.05 2.22 8.92
N GLU A 68 -5.28 2.68 9.25
CA GLU A 68 -5.70 4.04 8.98
C GLU A 68 -5.01 5.05 9.91
N ILE A 69 -4.71 4.54 11.12
CA ILE A 69 -4.33 5.41 12.22
C ILE A 69 -3.02 6.16 11.90
N ASP A 70 -2.04 5.39 11.36
CA ASP A 70 -0.91 6.05 10.72
C ASP A 70 -1.26 6.57 9.30
N CYS A 71 -1.82 5.64 8.48
CA CYS A 71 -1.59 5.73 7.04
C CYS A 71 -2.23 6.96 6.35
N LYS A 72 -3.33 7.43 6.97
CA LYS A 72 -4.21 8.45 6.39
C LYS A 72 -3.42 9.68 5.89
N GLY A 73 -3.49 9.82 4.54
CA GLY A 73 -2.88 10.94 3.83
C GLY A 73 -1.41 10.73 3.56
N LEU A 74 -1.06 9.45 3.29
CA LEU A 74 0.15 9.14 2.53
C LEU A 74 -0.02 9.43 1.04
N ARG A 75 -1.28 9.38 0.57
CA ARG A 75 -1.48 9.76 -0.83
C ARG A 75 -1.16 11.25 -0.98
N GLU A 76 -1.63 12.00 0.05
CA GLU A 76 -1.37 13.43 0.24
C GLU A 76 -0.04 13.83 0.80
N LYS A 77 0.55 12.91 1.54
CA LYS A 77 1.95 13.00 1.95
C LYS A 77 2.92 12.67 0.84
N CYS A 78 2.43 11.81 -0.07
CA CYS A 78 3.16 11.52 -1.30
C CYS A 78 2.99 12.65 -2.29
N ASP A 79 1.76 13.14 -2.23
CA ASP A 79 1.38 14.35 -2.94
C ASP A 79 2.23 15.51 -2.47
N GLU A 80 2.31 15.49 -1.13
CA GLU A 80 3.08 16.56 -0.48
C GLU A 80 4.59 16.40 -0.66
N ALA A 81 4.98 15.12 -0.77
CA ALA A 81 6.39 14.78 -0.89
C ALA A 81 6.98 15.12 -2.27
N GLY A 82 6.11 15.66 -3.15
CA GLY A 82 6.53 15.96 -4.51
C GLY A 82 6.58 14.67 -5.35
N LEU A 83 5.53 13.88 -5.09
CA LEU A 83 5.35 12.53 -5.64
C LEU A 83 3.85 12.33 -5.89
N LYS A 84 3.30 13.36 -6.55
CA LYS A 84 1.89 13.43 -6.89
C LYS A 84 1.66 12.82 -8.29
N GLY A 85 0.74 11.83 -8.29
CA GLY A 85 0.50 11.01 -9.46
C GLY A 85 0.34 9.56 -8.97
N ILE A 86 1.05 9.34 -7.85
CA ILE A 86 0.94 8.11 -7.11
C ILE A 86 -0.45 7.96 -6.47
N LYS A 87 -1.01 6.80 -6.87
CA LYS A 87 -2.22 6.18 -6.36
C LYS A 87 -1.81 5.11 -5.33
N LEU A 88 -2.55 5.11 -4.20
CA LEU A 88 -2.14 4.25 -3.09
C LEU A 88 -3.14 3.11 -2.90
N PHE A 89 -2.50 2.01 -2.43
CA PHE A 89 -3.20 0.84 -1.93
C PHE A 89 -3.03 0.83 -0.41
N VAL A 90 -4.10 0.35 0.25
CA VAL A 90 -4.08 0.12 1.69
C VAL A 90 -4.74 -1.24 1.93
N GLY A 91 -3.97 -2.12 2.60
CA GLY A 91 -4.39 -3.51 2.76
C GLY A 91 -4.08 -4.02 4.16
N GLY A 92 -4.93 -5.00 4.54
CA GLY A 92 -4.74 -5.78 5.76
C GLY A 92 -5.83 -5.47 6.79
N ASN A 93 -5.38 -5.40 8.05
CA ASN A 93 -6.19 -4.95 9.19
C ASN A 93 -6.16 -3.42 9.21
N ILE A 94 -6.88 -2.92 8.20
CA ILE A 94 -6.92 -1.53 7.79
C ILE A 94 -7.63 -0.65 8.85
N VAL A 95 -8.64 -1.29 9.46
CA VAL A 95 -9.36 -0.79 10.62
C VAL A 95 -9.27 -1.93 11.64
N VAL A 96 -9.81 -1.67 12.84
CA VAL A 96 -9.80 -2.66 13.93
C VAL A 96 -10.59 -3.91 13.48
N GLY A 97 -9.78 -4.92 13.11
CA GLY A 97 -10.29 -6.02 12.28
C GLY A 97 -10.51 -5.50 10.86
N LYS A 98 -11.80 -5.19 10.62
CA LYS A 98 -12.23 -4.42 9.46
C LYS A 98 -13.72 -4.07 9.65
N GLN A 99 -14.01 -2.77 9.47
CA GLN A 99 -15.36 -2.25 9.66
C GLN A 99 -16.26 -2.67 8.49
N ASN A 100 -16.68 -1.65 7.70
CA ASN A 100 -17.63 -1.86 6.61
C ASN A 100 -17.32 -0.88 5.47
N TRP A 101 -16.76 -1.48 4.40
CA TRP A 101 -16.55 -0.95 3.05
C TRP A 101 -17.14 0.42 2.67
N PRO A 102 -18.48 0.64 2.74
CA PRO A 102 -19.02 1.96 2.41
C PRO A 102 -18.40 3.14 3.19
N ASP A 103 -18.21 2.85 4.50
CA ASP A 103 -17.63 3.78 5.46
C ASP A 103 -16.10 3.83 5.36
N VAL A 104 -15.53 2.63 5.10
CA VAL A 104 -14.08 2.42 5.17
C VAL A 104 -13.37 3.04 3.96
N GLU A 105 -13.97 2.77 2.78
CA GLU A 105 -13.47 3.33 1.53
C GLU A 105 -13.80 4.82 1.43
N GLN A 106 -14.92 5.23 2.10
CA GLN A 106 -15.16 6.66 2.24
C GLN A 106 -14.02 7.35 3.04
N ARG A 107 -13.49 6.59 4.01
CA ARG A 107 -12.40 7.07 4.86
C ARG A 107 -11.10 7.22 4.03
N PHE A 108 -10.77 6.11 3.36
CA PHE A 108 -9.46 5.96 2.72
C PHE A 108 -9.32 6.83 1.48
N LYS A 109 -10.39 6.77 0.67
CA LYS A 109 -10.46 7.53 -0.58
C LYS A 109 -10.54 9.05 -0.33
N ALA A 110 -11.13 9.42 0.83
CA ALA A 110 -11.16 10.83 1.22
C ALA A 110 -9.73 11.40 1.42
N MET A 111 -8.85 10.53 1.98
CA MET A 111 -7.44 10.89 2.09
C MET A 111 -6.73 10.83 0.72
N GLY A 112 -7.16 9.82 -0.07
CA GLY A 112 -6.66 9.65 -1.43
C GLY A 112 -6.41 8.18 -1.79
N PHE A 113 -6.33 7.31 -0.74
CA PHE A 113 -6.10 5.89 -0.97
C PHE A 113 -7.24 5.31 -1.83
N ASP A 114 -6.80 4.87 -3.02
CA ASP A 114 -7.74 4.56 -4.10
C ASP A 114 -8.48 3.26 -3.85
N ARG A 115 -7.71 2.29 -3.31
CA ARG A 115 -8.16 0.91 -3.22
C ARG A 115 -7.88 0.36 -1.82
N VAL A 116 -8.88 -0.40 -1.34
CA VAL A 116 -8.84 -0.97 0.01
C VAL A 116 -8.99 -2.50 -0.06
N TYR A 117 -7.89 -3.19 0.35
CA TYR A 117 -7.96 -4.65 0.57
C TYR A 117 -8.32 -4.96 2.04
N PRO A 118 -9.16 -6.03 2.23
CA PRO A 118 -9.45 -6.54 3.57
C PRO A 118 -8.22 -7.11 4.32
N PRO A 119 -8.46 -7.66 5.54
CA PRO A 119 -7.45 -8.47 6.22
C PRO A 119 -7.53 -9.93 5.77
N GLY A 120 -6.36 -10.39 5.26
CA GLY A 120 -6.24 -11.75 4.78
C GLY A 120 -6.75 -11.88 3.34
N THR A 121 -6.12 -11.02 2.51
CA THR A 121 -6.43 -10.90 1.10
C THR A 121 -5.41 -11.70 0.29
N SER A 122 -5.96 -12.42 -0.70
CA SER A 122 -5.12 -12.92 -1.78
C SER A 122 -4.35 -11.74 -2.40
N PRO A 123 -3.07 -11.98 -2.76
CA PRO A 123 -2.32 -10.96 -3.50
C PRO A 123 -2.70 -10.90 -4.98
N GLU A 124 -3.49 -11.91 -5.42
CA GLU A 124 -3.99 -11.94 -6.79
C GLU A 124 -4.91 -10.74 -7.09
N THR A 125 -5.58 -10.29 -6.01
CA THR A 125 -6.44 -9.10 -6.06
C THR A 125 -5.63 -7.84 -6.20
N THR A 126 -4.50 -7.86 -5.51
CA THR A 126 -3.71 -6.66 -5.35
C THR A 126 -2.89 -6.42 -6.63
N ILE A 127 -2.54 -7.58 -7.22
CA ILE A 127 -1.77 -7.70 -8.44
C ILE A 127 -2.64 -7.35 -9.65
N ALA A 128 -3.88 -7.88 -9.58
CA ALA A 128 -4.90 -7.59 -10.58
C ALA A 128 -5.41 -6.17 -10.45
N ASP A 129 -5.38 -5.74 -9.17
CA ASP A 129 -5.67 -4.33 -8.93
C ASP A 129 -4.61 -3.39 -9.58
N MET A 130 -3.30 -3.59 -9.26
CA MET A 130 -2.26 -2.70 -9.81
C MET A 130 -2.14 -2.81 -11.34
N LYS A 131 -2.47 -4.02 -11.84
CA LYS A 131 -2.44 -4.21 -13.28
C LYS A 131 -3.55 -3.38 -13.93
N GLU A 132 -4.78 -3.67 -13.47
CA GLU A 132 -5.97 -2.98 -14.02
C GLU A 132 -5.92 -1.44 -13.90
N VAL A 133 -5.33 -0.99 -12.79
CA VAL A 133 -5.16 0.43 -12.49
C VAL A 133 -4.13 1.10 -13.43
N LEU A 134 -3.00 0.37 -13.65
CA LEU A 134 -1.82 0.98 -14.27
C LEU A 134 -1.72 0.67 -15.77
N GLY A 135 -2.90 0.34 -16.37
CA GLY A 135 -2.97 0.14 -17.81
C GLY A 135 -2.39 -1.21 -18.24
N VAL A 136 -2.91 -2.25 -17.55
CA VAL A 136 -2.45 -3.62 -17.74
C VAL A 136 -3.67 -4.53 -17.50
N GLU A 137 -3.56 -5.77 -18.01
CA GLU A 137 -4.58 -6.80 -17.79
C GLU A 137 -5.93 -6.41 -18.42
N MET A 1 8.12 4.43 -14.26
CA MET A 1 7.00 5.24 -14.73
C MET A 1 6.40 4.65 -16.02
N GLU A 2 7.32 4.26 -16.92
CA GLU A 2 6.97 3.50 -18.12
C GLU A 2 6.61 2.05 -17.75
N LYS A 3 7.27 1.63 -16.65
CA LYS A 3 7.02 0.40 -15.94
C LYS A 3 6.30 0.78 -14.65
N LYS A 4 5.71 -0.25 -14.00
CA LYS A 4 5.09 -0.03 -12.71
C LYS A 4 5.98 -0.58 -11.59
N THR A 5 6.51 0.45 -10.87
CA THR A 5 7.30 0.32 -9.66
C THR A 5 6.29 0.37 -8.49
N ILE A 6 6.43 -0.63 -7.60
CA ILE A 6 5.66 -0.83 -6.42
C ILE A 6 6.65 -0.99 -5.30
N VAL A 7 6.23 -0.32 -4.23
CA VAL A 7 7.01 -0.10 -3.07
C VAL A 7 6.11 -0.52 -1.91
N LEU A 8 6.52 -1.57 -1.15
CA LEU A 8 5.62 -2.01 -0.08
C LEU A 8 6.37 -2.07 1.26
N GLY A 9 5.69 -1.38 2.20
CA GLY A 9 6.11 -1.21 3.58
C GLY A 9 5.06 -1.69 4.57
N VAL A 10 5.57 -2.23 5.70
CA VAL A 10 4.69 -2.30 6.85
C VAL A 10 4.99 -1.09 7.71
N ILE A 11 3.91 -0.31 7.88
CA ILE A 11 4.02 1.04 8.41
C ILE A 11 3.76 1.00 9.90
N GLY A 12 4.51 1.87 10.58
CA GLY A 12 4.66 1.72 12.02
C GLY A 12 5.84 0.77 12.24
N SER A 13 6.94 1.43 12.64
CA SER A 13 8.20 0.73 12.88
C SER A 13 8.02 -0.41 13.89
N ASP A 14 8.42 -1.61 13.39
CA ASP A 14 8.23 -2.89 14.06
C ASP A 14 6.74 -3.27 14.05
N CYS A 15 6.43 -4.14 13.06
CA CYS A 15 5.07 -4.60 12.80
C CYS A 15 5.13 -5.95 12.06
N HIS A 16 4.08 -6.75 12.35
CA HIS A 16 4.12 -8.20 12.10
C HIS A 16 3.68 -8.61 10.68
N ALA A 17 3.51 -7.57 9.82
CA ALA A 17 3.40 -7.78 8.39
C ALA A 17 2.20 -8.65 7.97
N VAL A 18 1.04 -8.34 8.58
CA VAL A 18 -0.17 -9.15 8.33
C VAL A 18 -0.58 -9.23 6.85
N GLY A 19 -0.39 -8.08 6.16
CA GLY A 19 -0.64 -7.98 4.74
C GLY A 19 0.67 -7.69 3.99
N ASN A 20 1.67 -8.51 4.37
CA ASN A 20 3.04 -8.36 3.90
C ASN A 20 3.86 -9.63 4.27
N LYS A 21 3.16 -10.79 4.20
CA LYS A 21 3.79 -12.08 4.47
C LYS A 21 3.20 -13.10 3.48
N ILE A 22 4.06 -13.40 2.47
CA ILE A 22 3.76 -14.20 1.28
C ILE A 22 3.17 -13.28 0.19
N LEU A 23 2.42 -12.29 0.69
CA LEU A 23 1.85 -11.23 -0.10
C LEU A 23 2.90 -10.22 -0.55
N ASP A 24 3.88 -10.02 0.35
CA ASP A 24 5.01 -9.13 0.02
C ASP A 24 5.91 -9.75 -1.06
N HIS A 25 6.01 -11.08 -0.92
CA HIS A 25 6.74 -11.92 -1.86
C HIS A 25 6.04 -11.98 -3.22
N SER A 26 4.68 -11.90 -3.16
CA SER A 26 3.83 -12.11 -4.32
C SER A 26 4.16 -11.20 -5.51
N PHE A 27 4.43 -9.93 -5.17
CA PHE A 27 4.67 -8.93 -6.20
C PHE A 27 6.05 -9.09 -6.83
N THR A 28 6.99 -9.42 -5.92
CA THR A 28 8.38 -9.64 -6.31
C THR A 28 8.50 -10.86 -7.23
N ASN A 29 7.57 -11.80 -6.96
CA ASN A 29 7.40 -13.07 -7.64
C ASN A 29 6.64 -12.90 -8.98
N ALA A 30 5.90 -11.78 -9.09
CA ALA A 30 4.94 -11.63 -10.20
C ALA A 30 5.64 -11.06 -11.44
N GLY A 31 6.98 -10.86 -11.28
CA GLY A 31 7.75 -10.16 -12.28
C GLY A 31 7.42 -8.67 -12.28
N PHE A 32 6.92 -8.20 -11.11
CA PHE A 32 6.56 -6.77 -11.02
C PHE A 32 7.86 -6.03 -10.67
N ASN A 33 7.93 -4.71 -10.99
CA ASN A 33 9.13 -4.00 -10.54
C ASN A 33 8.89 -3.65 -9.07
N VAL A 34 9.57 -4.41 -8.19
CA VAL A 34 9.27 -4.30 -6.77
C VAL A 34 10.54 -4.04 -5.94
N VAL A 35 10.49 -2.83 -5.35
CA VAL A 35 11.30 -2.49 -4.19
C VAL A 35 10.47 -2.85 -2.96
N ASN A 36 10.95 -3.90 -2.26
CA ASN A 36 10.26 -4.35 -1.06
C ASN A 36 10.94 -3.65 0.15
N ILE A 37 10.19 -2.66 0.66
CA ILE A 37 10.65 -1.82 1.76
C ILE A 37 10.72 -2.66 3.06
N GLY A 38 9.79 -3.65 3.10
CA GLY A 38 9.75 -4.64 4.15
C GLY A 38 9.13 -4.07 5.43
N VAL A 39 9.39 -4.82 6.52
CA VAL A 39 8.98 -4.37 7.85
C VAL A 39 10.02 -3.36 8.37
N LEU A 40 9.63 -2.74 9.50
CA LEU A 40 10.46 -1.75 10.18
C LEU A 40 10.72 -0.57 9.23
N SER A 41 9.62 0.18 9.09
CA SER A 41 9.54 1.19 8.04
C SER A 41 8.25 1.97 8.24
N SER A 42 8.25 3.17 7.61
CA SER A 42 7.01 3.94 7.54
C SER A 42 7.04 4.85 6.31
N GLN A 43 5.87 5.49 6.10
CA GLN A 43 5.46 6.15 4.85
C GLN A 43 6.44 7.16 4.28
N GLU A 44 7.22 7.79 5.17
CA GLU A 44 8.30 8.69 4.74
C GLU A 44 9.31 7.98 3.81
N ASP A 45 9.57 6.71 4.17
CA ASP A 45 10.49 5.85 3.45
C ASP A 45 9.88 5.29 2.14
N PHE A 46 8.54 5.06 2.16
CA PHE A 46 7.85 4.48 1.00
C PHE A 46 7.64 5.49 -0.11
N ILE A 47 7.41 6.68 0.39
CA ILE A 47 7.62 7.88 -0.38
C ILE A 47 9.00 7.89 -1.05
N ASN A 48 10.03 7.53 -0.25
CA ASN A 48 11.43 7.66 -0.67
C ASN A 48 11.84 6.59 -1.70
N ALA A 49 11.21 5.42 -1.62
CA ALA A 49 11.29 4.37 -2.64
C ALA A 49 10.48 4.76 -3.87
N ALA A 50 9.44 5.56 -3.64
CA ALA A 50 8.83 6.22 -4.79
C ALA A 50 9.71 7.34 -5.38
N ILE A 51 10.52 8.00 -4.53
CA ILE A 51 11.48 8.96 -5.07
C ILE A 51 12.55 8.23 -5.89
N GLU A 52 12.99 7.09 -5.31
CA GLU A 52 14.17 6.40 -5.80
C GLU A 52 13.88 5.66 -7.09
N THR A 53 12.80 4.87 -7.02
CA THR A 53 12.53 3.98 -8.14
C THR A 53 11.44 4.46 -9.11
N LYS A 54 10.57 5.30 -8.54
CA LYS A 54 9.53 6.04 -9.27
C LYS A 54 8.27 5.18 -9.38
N ALA A 55 7.68 5.08 -8.18
CA ALA A 55 6.47 4.32 -7.94
C ALA A 55 5.32 4.83 -8.81
N ASP A 56 4.61 3.84 -9.37
CA ASP A 56 3.26 4.05 -9.87
C ASP A 56 2.26 3.75 -8.74
N LEU A 57 2.70 2.84 -7.84
CA LEU A 57 1.93 2.48 -6.65
C LEU A 57 2.83 2.29 -5.41
N ILE A 58 2.21 2.71 -4.29
CA ILE A 58 2.78 2.56 -2.96
C ILE A 58 1.75 1.82 -2.08
N CYS A 59 2.30 0.79 -1.40
CA CYS A 59 1.57 -0.14 -0.55
C CYS A 59 1.99 0.08 0.93
N VAL A 60 0.92 0.00 1.76
CA VAL A 60 0.96 0.26 3.20
C VAL A 60 0.17 -0.87 3.88
N SER A 61 0.90 -1.58 4.78
CA SER A 61 0.39 -2.78 5.45
C SER A 61 0.24 -2.49 6.94
N SER A 62 -0.98 -2.80 7.42
CA SER A 62 -1.46 -2.30 8.71
C SER A 62 -1.96 -3.46 9.57
N LEU A 63 -1.56 -3.37 10.87
CA LEU A 63 -1.54 -4.51 11.79
C LEU A 63 -2.72 -4.50 12.75
N TYR A 64 -2.72 -3.50 13.67
CA TYR A 64 -3.84 -3.39 14.61
C TYR A 64 -5.07 -2.84 13.86
N GLY A 65 -4.72 -1.83 13.03
CA GLY A 65 -5.71 -0.89 12.52
C GLY A 65 -5.05 0.46 12.22
N GLN A 66 -3.75 0.36 11.87
CA GLN A 66 -2.87 1.53 11.80
C GLN A 66 -2.82 2.16 10.41
N GLY A 67 -3.90 1.90 9.64
CA GLY A 67 -4.05 2.55 8.36
C GLY A 67 -4.59 3.97 8.55
N GLU A 68 -5.50 4.08 9.53
CA GLU A 68 -6.16 5.36 9.73
C GLU A 68 -5.23 6.30 10.52
N ILE A 69 -4.38 5.67 11.38
CA ILE A 69 -3.48 6.50 12.16
C ILE A 69 -2.12 6.71 11.46
N ASP A 70 -1.53 5.61 10.92
CA ASP A 70 -0.26 5.78 10.20
C ASP A 70 -0.44 6.33 8.77
N CYS A 71 -1.26 5.56 8.02
CA CYS A 71 -1.16 5.60 6.56
C CYS A 71 -1.85 6.83 5.96
N LYS A 72 -2.83 7.32 6.72
CA LYS A 72 -3.76 8.33 6.24
C LYS A 72 -3.03 9.64 5.88
N GLY A 73 -3.28 10.03 4.61
CA GLY A 73 -2.57 11.16 4.00
C GLY A 73 -1.23 10.75 3.45
N LEU A 74 -1.11 9.45 3.10
CA LEU A 74 -0.02 9.01 2.22
C LEU A 74 -0.27 9.38 0.77
N ARG A 75 -1.55 9.54 0.39
CA ARG A 75 -1.77 10.07 -0.97
C ARG A 75 -1.22 11.49 -1.03
N GLU A 76 -1.54 12.22 0.06
CA GLU A 76 -1.14 13.61 0.26
C GLU A 76 0.26 13.88 0.70
N LYS A 77 0.83 12.90 1.37
CA LYS A 77 2.25 12.82 1.62
C LYS A 77 3.05 12.37 0.41
N CYS A 78 2.39 11.56 -0.45
CA CYS A 78 2.97 11.19 -1.73
C CYS A 78 2.85 12.34 -2.72
N ASP A 79 1.73 13.02 -2.51
CA ASP A 79 1.44 14.26 -3.19
C ASP A 79 2.43 15.31 -2.77
N GLU A 80 2.63 15.23 -1.44
CA GLU A 80 3.53 16.23 -0.83
C GLU A 80 4.99 15.97 -1.18
N ALA A 81 5.24 14.66 -1.36
CA ALA A 81 6.58 14.20 -1.67
C ALA A 81 7.00 14.52 -3.13
N GLY A 82 6.07 15.19 -3.85
CA GLY A 82 6.32 15.56 -5.24
C GLY A 82 6.19 14.34 -6.15
N LEU A 83 5.19 13.53 -5.75
CA LEU A 83 4.95 12.22 -6.34
C LEU A 83 3.44 12.00 -6.43
N LYS A 84 2.78 13.03 -6.99
CA LYS A 84 1.37 12.92 -7.31
C LYS A 84 1.23 12.35 -8.73
N GLY A 85 0.68 11.12 -8.72
CA GLY A 85 0.65 10.29 -9.91
C GLY A 85 0.58 8.82 -9.47
N ILE A 86 1.16 8.64 -8.27
CA ILE A 86 1.01 7.43 -7.50
C ILE A 86 -0.46 7.23 -7.08
N LYS A 87 -0.93 6.04 -7.49
CA LYS A 87 -2.12 5.38 -6.98
C LYS A 87 -1.71 4.54 -5.76
N LEU A 88 -2.52 4.66 -4.67
CA LEU A 88 -2.17 4.01 -3.43
C LEU A 88 -3.11 2.84 -3.13
N PHE A 89 -2.40 1.75 -2.76
CA PHE A 89 -3.05 0.54 -2.24
C PHE A 89 -2.74 0.51 -0.74
N VAL A 90 -3.79 0.20 0.05
CA VAL A 90 -3.60 0.00 1.48
C VAL A 90 -4.40 -1.25 1.88
N GLY A 91 -3.66 -2.19 2.49
CA GLY A 91 -4.20 -3.52 2.72
C GLY A 91 -3.92 -4.00 4.15
N GLY A 92 -4.86 -4.87 4.57
CA GLY A 92 -4.80 -5.49 5.89
C GLY A 92 -5.78 -4.80 6.83
N ASN A 93 -5.42 -4.92 8.12
CA ASN A 93 -6.20 -4.32 9.20
C ASN A 93 -5.78 -2.85 9.34
N ILE A 94 -6.56 -2.03 8.61
CA ILE A 94 -6.30 -0.60 8.44
C ILE A 94 -7.06 0.26 9.47
N VAL A 95 -8.00 -0.40 10.17
CA VAL A 95 -8.79 0.22 11.21
C VAL A 95 -8.92 -0.83 12.30
N VAL A 96 -9.47 -0.33 13.42
CA VAL A 96 -9.65 -1.07 14.65
C VAL A 96 -10.27 -2.46 14.34
N GLY A 97 -10.00 -3.39 15.27
CA GLY A 97 -10.57 -4.74 15.23
C GLY A 97 -12.03 -4.79 14.72
N LYS A 98 -12.82 -3.84 15.29
CA LYS A 98 -14.10 -3.45 14.73
C LYS A 98 -13.86 -2.49 13.55
N GLN A 99 -14.17 -3.02 12.35
CA GLN A 99 -13.97 -2.29 11.11
C GLN A 99 -14.87 -2.91 10.03
N ASN A 100 -15.55 -1.98 9.32
CA ASN A 100 -16.62 -2.35 8.40
C ASN A 100 -16.51 -1.55 7.10
N TRP A 101 -15.68 -2.12 6.20
CA TRP A 101 -15.61 -1.95 4.76
C TRP A 101 -16.50 -0.90 4.06
N PRO A 102 -17.85 -0.98 4.11
CA PRO A 102 -18.66 0.09 3.50
C PRO A 102 -18.33 1.51 4.00
N ASP A 103 -18.15 1.59 5.33
CA ASP A 103 -17.81 2.80 6.05
C ASP A 103 -16.32 3.15 5.94
N VAL A 104 -15.50 2.08 5.99
CA VAL A 104 -14.05 2.24 6.06
C VAL A 104 -13.48 2.72 4.71
N GLU A 105 -14.05 2.14 3.64
CA GLU A 105 -13.64 2.49 2.28
C GLU A 105 -14.18 3.86 1.87
N GLN A 106 -15.37 4.18 2.43
CA GLN A 106 -15.92 5.52 2.25
C GLN A 106 -14.95 6.59 2.81
N ARG A 107 -14.35 6.23 3.96
CA ARG A 107 -13.48 7.14 4.70
C ARG A 107 -12.10 7.27 4.05
N PHE A 108 -11.53 6.10 3.67
CA PHE A 108 -10.14 6.03 3.19
C PHE A 108 -10.02 6.58 1.77
N LYS A 109 -11.01 6.18 0.96
CA LYS A 109 -11.06 6.65 -0.42
C LYS A 109 -11.42 8.15 -0.51
N ALA A 110 -12.18 8.62 0.51
CA ALA A 110 -12.49 10.05 0.59
C ALA A 110 -11.26 10.87 1.04
N MET A 111 -10.40 10.16 1.81
CA MET A 111 -9.10 10.71 2.22
C MET A 111 -8.19 10.87 0.98
N GLY A 112 -8.29 9.84 0.11
CA GLY A 112 -7.46 9.84 -1.08
C GLY A 112 -7.45 8.47 -1.77
N PHE A 113 -7.22 7.42 -0.93
CA PHE A 113 -6.76 6.11 -1.42
C PHE A 113 -7.59 5.58 -2.60
N ASP A 114 -6.82 4.95 -3.51
CA ASP A 114 -7.40 4.36 -4.72
C ASP A 114 -8.25 3.15 -4.34
N ARG A 115 -7.59 2.26 -3.56
CA ARG A 115 -8.12 0.93 -3.27
C ARG A 115 -7.73 0.51 -1.84
N VAL A 116 -8.73 -0.15 -1.21
CA VAL A 116 -8.61 -0.65 0.15
C VAL A 116 -8.87 -2.17 0.18
N TYR A 117 -7.80 -2.92 0.50
CA TYR A 117 -7.84 -4.38 0.59
C TYR A 117 -8.20 -4.84 2.02
N PRO A 118 -9.00 -5.95 2.11
CA PRO A 118 -9.51 -6.46 3.39
C PRO A 118 -8.44 -6.76 4.47
N PRO A 119 -8.89 -7.16 5.69
CA PRO A 119 -7.98 -7.65 6.70
C PRO A 119 -7.62 -9.12 6.41
N GLY A 120 -6.33 -9.29 6.04
CA GLY A 120 -5.85 -10.58 5.60
C GLY A 120 -6.37 -10.91 4.19
N THR A 121 -5.74 -10.21 3.23
CA THR A 121 -6.04 -10.29 1.82
C THR A 121 -5.11 -11.30 1.15
N SER A 122 -5.72 -12.11 0.26
CA SER A 122 -4.96 -12.79 -0.77
C SER A 122 -4.05 -11.79 -1.55
N PRO A 123 -2.97 -12.32 -2.18
CA PRO A 123 -2.14 -11.50 -3.05
C PRO A 123 -2.67 -11.36 -4.49
N GLU A 124 -3.64 -12.26 -4.82
CA GLU A 124 -4.18 -12.30 -6.18
C GLU A 124 -5.02 -11.06 -6.47
N THR A 125 -5.62 -10.53 -5.36
CA THR A 125 -6.45 -9.35 -5.42
C THR A 125 -5.67 -8.11 -5.72
N THR A 126 -4.47 -8.07 -5.13
CA THR A 126 -3.73 -6.84 -5.12
C THR A 126 -3.04 -6.68 -6.48
N ILE A 127 -2.60 -7.86 -6.96
CA ILE A 127 -1.87 -8.02 -8.20
C ILE A 127 -2.81 -7.84 -9.41
N ALA A 128 -4.02 -8.41 -9.24
CA ALA A 128 -5.11 -8.26 -10.19
C ALA A 128 -5.71 -6.88 -10.13
N ASP A 129 -5.64 -6.34 -8.91
CA ASP A 129 -6.06 -4.95 -8.80
C ASP A 129 -5.07 -3.95 -9.46
N MET A 130 -3.73 -4.17 -9.37
CA MET A 130 -2.80 -3.30 -10.10
C MET A 130 -2.82 -3.58 -11.62
N LYS A 131 -3.15 -4.84 -11.95
CA LYS A 131 -3.27 -5.21 -13.36
C LYS A 131 -4.42 -4.42 -13.99
N GLU A 132 -5.59 -4.57 -13.33
CA GLU A 132 -6.80 -3.96 -13.87
C GLU A 132 -6.84 -2.42 -13.76
N VAL A 133 -6.50 -1.93 -12.56
CA VAL A 133 -6.69 -0.50 -12.25
C VAL A 133 -5.70 0.40 -13.01
N LEU A 134 -4.45 -0.10 -13.13
CA LEU A 134 -3.43 0.63 -13.88
C LEU A 134 -3.60 0.44 -15.40
N GLY A 135 -4.44 -0.56 -15.76
CA GLY A 135 -4.71 -0.86 -17.16
C GLY A 135 -3.53 -1.61 -17.79
N VAL A 136 -3.56 -2.93 -17.51
CA VAL A 136 -2.43 -3.80 -17.82
C VAL A 136 -3.00 -5.16 -18.26
N GLU A 137 -2.12 -5.87 -19.01
CA GLU A 137 -2.46 -7.14 -19.60
C GLU A 137 -2.36 -8.27 -18.56
N MET A 1 14.68 5.60 -14.44
CA MET A 1 14.07 4.27 -14.50
C MET A 1 12.55 4.39 -14.38
N GLU A 2 11.91 4.09 -15.54
CA GLU A 2 10.47 4.27 -15.70
C GLU A 2 9.82 2.90 -15.92
N LYS A 3 9.77 2.17 -14.80
CA LYS A 3 9.05 0.91 -14.66
C LYS A 3 8.07 1.10 -13.50
N LYS A 4 7.10 0.18 -13.41
CA LYS A 4 6.13 0.30 -12.33
C LYS A 4 6.77 -0.22 -11.02
N THR A 5 7.00 0.80 -10.18
CA THR A 5 7.60 0.66 -8.86
C THR A 5 6.44 0.69 -7.85
N ILE A 6 6.32 -0.46 -7.16
CA ILE A 6 5.55 -0.66 -5.98
C ILE A 6 6.55 -0.74 -4.84
N VAL A 7 6.12 -0.01 -3.82
CA VAL A 7 6.89 0.43 -2.70
C VAL A 7 6.04 0.05 -1.51
N LEU A 8 6.57 -0.86 -0.65
CA LEU A 8 5.71 -1.36 0.42
C LEU A 8 6.48 -1.30 1.74
N GLY A 9 5.76 -0.69 2.69
CA GLY A 9 6.16 -0.57 4.07
C GLY A 9 5.08 -1.15 4.95
N VAL A 10 5.55 -1.76 6.05
CA VAL A 10 4.58 -2.21 7.05
C VAL A 10 4.54 -1.11 8.09
N ILE A 11 3.31 -0.59 8.23
CA ILE A 11 3.10 0.60 9.03
C ILE A 11 2.64 0.17 10.42
N GLY A 12 3.52 0.56 11.37
CA GLY A 12 3.30 0.30 12.78
C GLY A 12 4.62 0.01 13.50
N SER A 13 5.55 0.94 13.22
CA SER A 13 6.90 0.99 13.77
C SER A 13 7.71 -0.28 13.48
N ASP A 14 9.03 -0.12 13.76
CA ASP A 14 10.02 -1.17 13.59
C ASP A 14 9.65 -2.42 14.42
N CYS A 15 9.30 -3.46 13.64
CA CYS A 15 8.83 -4.71 14.21
C CYS A 15 8.91 -5.80 13.12
N HIS A 16 8.01 -6.79 13.25
CA HIS A 16 7.89 -7.86 12.26
C HIS A 16 6.98 -7.38 11.11
N ALA A 17 7.10 -8.13 10.01
CA ALA A 17 6.43 -7.80 8.75
C ALA A 17 4.91 -7.96 8.85
N VAL A 18 4.55 -9.12 9.42
CA VAL A 18 3.19 -9.54 9.78
C VAL A 18 2.19 -9.29 8.63
N GLY A 19 1.88 -10.40 7.93
CA GLY A 19 1.08 -10.32 6.71
C GLY A 19 2.01 -10.19 5.51
N ASN A 20 2.80 -9.09 5.60
CA ASN A 20 3.96 -8.90 4.74
C ASN A 20 5.01 -10.00 5.05
N LYS A 21 5.81 -10.24 4.00
CA LYS A 21 6.59 -11.46 3.75
C LYS A 21 5.85 -12.24 2.66
N ILE A 22 4.55 -12.45 2.96
CA ILE A 22 3.65 -13.10 2.01
C ILE A 22 3.07 -12.07 1.04
N LEU A 23 3.08 -10.79 1.47
CA LEU A 23 2.69 -9.74 0.51
C LEU A 23 3.82 -9.54 -0.50
N ASP A 24 5.01 -9.33 0.08
CA ASP A 24 6.14 -8.84 -0.73
C ASP A 24 6.59 -9.88 -1.77
N HIS A 25 6.75 -11.14 -1.31
CA HIS A 25 7.34 -12.18 -2.14
C HIS A 25 6.52 -12.43 -3.43
N SER A 26 5.19 -12.28 -3.26
CA SER A 26 4.27 -12.52 -4.35
C SER A 26 4.39 -11.45 -5.45
N PHE A 27 4.67 -10.22 -4.96
CA PHE A 27 4.70 -9.05 -5.83
C PHE A 27 6.01 -9.00 -6.62
N THR A 28 7.09 -9.44 -5.92
CA THR A 28 8.40 -9.53 -6.54
C THR A 28 8.39 -10.66 -7.58
N ASN A 29 7.68 -11.73 -7.16
CA ASN A 29 7.34 -12.87 -8.02
C ASN A 29 6.45 -12.46 -9.22
N ALA A 30 5.76 -11.30 -9.11
CA ALA A 30 4.76 -10.93 -10.11
C ALA A 30 5.44 -10.17 -11.26
N GLY A 31 6.79 -10.13 -11.18
CA GLY A 31 7.60 -9.44 -12.15
C GLY A 31 7.56 -7.92 -11.94
N PHE A 32 7.14 -7.50 -10.70
CA PHE A 32 7.09 -6.06 -10.47
C PHE A 32 8.46 -5.59 -9.98
N ASN A 33 8.70 -4.27 -10.19
CA ASN A 33 9.77 -3.64 -9.44
C ASN A 33 9.19 -3.40 -8.04
N VAL A 34 9.65 -4.26 -7.13
CA VAL A 34 9.13 -4.26 -5.78
C VAL A 34 10.29 -4.08 -4.82
N VAL A 35 10.04 -3.08 -3.95
CA VAL A 35 11.06 -2.52 -3.08
C VAL A 35 10.43 -2.44 -1.68
N ASN A 36 11.03 -3.28 -0.79
CA ASN A 36 10.60 -3.35 0.59
C ASN A 36 11.35 -2.25 1.35
N ILE A 37 10.55 -1.21 1.59
CA ILE A 37 11.05 0.07 2.08
C ILE A 37 11.47 -0.06 3.56
N GLY A 38 10.79 -1.03 4.23
CA GLY A 38 11.10 -1.37 5.61
C GLY A 38 9.83 -1.36 6.45
N VAL A 39 9.96 -2.08 7.59
CA VAL A 39 8.93 -2.05 8.62
C VAL A 39 9.21 -0.83 9.52
N LEU A 40 8.21 0.08 9.50
CA LEU A 40 8.18 1.31 10.27
C LEU A 40 6.93 2.10 9.84
N SER A 41 6.40 2.86 10.81
CA SER A 41 5.27 3.75 10.56
C SER A 41 5.77 5.14 10.18
N SER A 42 5.61 5.43 8.87
CA SER A 42 5.76 6.81 8.40
C SER A 42 5.57 6.88 6.89
N GLN A 43 4.52 7.62 6.51
CA GLN A 43 4.24 8.04 5.15
C GLN A 43 5.45 8.63 4.44
N GLU A 44 6.09 9.67 5.03
CA GLU A 44 7.14 10.38 4.30
C GLU A 44 8.35 9.47 3.96
N ASP A 45 8.44 8.32 4.67
CA ASP A 45 9.47 7.32 4.38
C ASP A 45 9.08 6.45 3.17
N PHE A 46 7.77 6.11 3.07
CA PHE A 46 7.29 5.23 2.00
C PHE A 46 7.21 5.95 0.68
N ILE A 47 6.72 7.17 0.86
CA ILE A 47 6.88 8.23 -0.11
C ILE A 47 8.35 8.38 -0.56
N ASN A 48 9.30 8.21 0.40
CA ASN A 48 10.72 8.39 0.07
C ASN A 48 11.21 7.28 -0.86
N ALA A 49 10.56 6.11 -0.73
CA ALA A 49 10.74 5.02 -1.69
C ALA A 49 10.03 5.28 -3.02
N ALA A 50 8.94 6.05 -2.98
CA ALA A 50 8.49 6.64 -4.24
C ALA A 50 9.43 7.72 -4.84
N ILE A 51 10.15 8.46 -3.95
CA ILE A 51 11.09 9.46 -4.44
C ILE A 51 12.32 8.75 -5.05
N GLU A 52 12.74 7.67 -4.36
CA GLU A 52 13.95 6.98 -4.68
C GLU A 52 13.74 6.13 -5.89
N THR A 53 12.64 5.37 -5.74
CA THR A 53 12.46 4.24 -6.59
C THR A 53 11.43 4.48 -7.70
N LYS A 54 10.69 5.61 -7.54
CA LYS A 54 9.89 6.19 -8.62
C LYS A 54 8.57 5.43 -8.78
N ALA A 55 7.81 5.50 -7.67
CA ALA A 55 6.56 4.76 -7.53
C ALA A 55 5.54 5.16 -8.61
N ASP A 56 4.84 4.13 -9.11
CA ASP A 56 3.49 4.31 -9.61
C ASP A 56 2.47 4.09 -8.47
N LEU A 57 2.88 3.18 -7.55
CA LEU A 57 2.05 2.79 -6.42
C LEU A 57 2.87 2.62 -5.13
N ILE A 58 2.14 3.01 -4.06
CA ILE A 58 2.63 2.91 -2.69
C ILE A 58 1.59 2.11 -1.87
N CYS A 59 2.16 1.11 -1.16
CA CYS A 59 1.49 0.09 -0.37
C CYS A 59 1.87 0.28 1.10
N VAL A 60 0.83 0.06 1.92
CA VAL A 60 0.89 0.17 3.37
C VAL A 60 0.23 -1.10 3.93
N SER A 61 1.03 -1.84 4.74
CA SER A 61 0.50 -3.01 5.42
C SER A 61 0.18 -2.58 6.86
N SER A 62 -1.14 -2.57 7.14
CA SER A 62 -1.65 -2.04 8.40
C SER A 62 -2.02 -3.22 9.31
N LEU A 63 -1.42 -3.20 10.51
CA LEU A 63 -1.57 -4.33 11.43
C LEU A 63 -2.04 -3.82 12.81
N TYR A 64 -2.86 -2.75 12.77
CA TYR A 64 -3.45 -2.21 13.98
C TYR A 64 -4.70 -1.42 13.63
N GLY A 65 -5.29 -0.85 14.69
CA GLY A 65 -6.37 0.10 14.53
C GLY A 65 -5.83 1.53 14.42
N GLN A 66 -4.72 1.63 13.64
CA GLN A 66 -4.18 2.95 13.29
C GLN A 66 -3.77 2.96 11.81
N GLY A 67 -4.43 2.04 11.07
CA GLY A 67 -4.32 2.02 9.62
C GLY A 67 -5.10 3.19 8.99
N GLU A 68 -6.01 3.75 9.83
CA GLU A 68 -6.81 4.90 9.44
C GLU A 68 -5.95 6.17 9.49
N ILE A 69 -5.20 6.21 10.61
CA ILE A 69 -4.51 7.41 11.03
C ILE A 69 -3.24 7.64 10.20
N ASP A 70 -2.53 6.51 10.02
CA ASP A 70 -1.26 6.50 9.31
C ASP A 70 -1.45 6.55 7.78
N CYS A 71 -2.29 5.60 7.29
CA CYS A 71 -2.32 5.36 5.84
C CYS A 71 -3.03 6.48 5.07
N LYS A 72 -4.19 6.91 5.61
CA LYS A 72 -5.01 7.85 4.87
C LYS A 72 -4.40 9.27 4.92
N GLY A 73 -4.41 9.87 3.70
CA GLY A 73 -3.65 11.09 3.43
C GLY A 73 -2.21 10.80 3.06
N LEU A 74 -1.97 9.51 2.71
CA LEU A 74 -0.82 9.12 1.89
C LEU A 74 -1.03 9.51 0.43
N ARG A 75 -2.32 9.61 0.03
CA ARG A 75 -2.62 10.14 -1.29
C ARG A 75 -2.13 11.58 -1.36
N GLU A 76 -2.49 12.31 -0.28
CA GLU A 76 -2.13 13.70 -0.04
C GLU A 76 -0.75 14.01 0.44
N LYS A 77 -0.18 13.02 1.12
CA LYS A 77 1.24 13.03 1.39
C LYS A 77 2.09 12.66 0.20
N CYS A 78 1.50 11.83 -0.68
CA CYS A 78 2.14 11.51 -1.96
C CYS A 78 1.99 12.63 -2.96
N ASP A 79 0.84 13.27 -2.77
CA ASP A 79 0.48 14.50 -3.45
C ASP A 79 1.40 15.61 -2.99
N GLU A 80 1.52 15.55 -1.66
CA GLU A 80 2.32 16.58 -1.00
C GLU A 80 3.82 16.41 -1.24
N ALA A 81 4.17 15.12 -1.42
CA ALA A 81 5.56 14.76 -1.65
C ALA A 81 6.03 15.14 -3.08
N GLY A 82 5.10 15.71 -3.87
CA GLY A 82 5.40 16.13 -5.23
C GLY A 82 5.43 14.91 -6.15
N LEU A 83 4.47 14.01 -5.85
CA LEU A 83 4.43 12.68 -6.43
C LEU A 83 2.97 12.28 -6.71
N LYS A 84 2.19 13.30 -7.09
CA LYS A 84 0.78 13.10 -7.44
C LYS A 84 0.67 12.49 -8.84
N GLY A 85 0.00 11.31 -8.83
CA GLY A 85 -0.12 10.48 -10.02
C GLY A 85 -0.17 9.03 -9.55
N ILE A 86 0.58 8.85 -8.44
CA ILE A 86 0.57 7.61 -7.69
C ILE A 86 -0.80 7.36 -7.04
N LYS A 87 -1.25 6.15 -7.42
CA LYS A 87 -2.41 5.46 -6.89
C LYS A 87 -1.96 4.48 -5.78
N LEU A 88 -2.84 4.41 -4.74
CA LEU A 88 -2.42 3.80 -3.49
C LEU A 88 -3.24 2.54 -3.16
N PHE A 89 -2.43 1.60 -2.64
CA PHE A 89 -2.92 0.34 -2.10
C PHE A 89 -2.78 0.43 -0.57
N VAL A 90 -3.86 -0.03 0.10
CA VAL A 90 -3.86 -0.11 1.55
C VAL A 90 -4.48 -1.46 1.91
N GLY A 91 -3.69 -2.24 2.68
CA GLY A 91 -4.01 -3.66 2.87
C GLY A 91 -4.15 -4.07 4.33
N GLY A 92 -5.03 -5.08 4.49
CA GLY A 92 -5.20 -5.77 5.75
C GLY A 92 -6.27 -5.09 6.61
N ASN A 93 -5.89 -4.87 7.89
CA ASN A 93 -6.80 -4.29 8.89
C ASN A 93 -6.59 -2.75 8.91
N ILE A 94 -7.18 -2.13 7.86
CA ILE A 94 -6.98 -0.70 7.62
C ILE A 94 -7.88 0.18 8.50
N VAL A 95 -8.85 -0.49 9.17
CA VAL A 95 -9.63 0.13 10.24
C VAL A 95 -9.57 -0.80 11.44
N VAL A 96 -9.89 -0.16 12.58
CA VAL A 96 -9.84 -0.73 13.91
C VAL A 96 -10.92 -1.82 14.07
N GLY A 97 -10.49 -3.05 13.70
CA GLY A 97 -11.41 -4.18 13.63
C GLY A 97 -12.41 -3.96 12.49
N LYS A 98 -13.58 -3.44 12.93
CA LYS A 98 -14.58 -2.86 12.04
C LYS A 98 -15.32 -3.96 11.26
N GLN A 99 -16.46 -3.52 10.68
CA GLN A 99 -17.23 -4.33 9.75
C GLN A 99 -16.32 -4.75 8.58
N ASN A 100 -16.65 -5.94 8.03
CA ASN A 100 -15.84 -6.50 6.97
C ASN A 100 -16.21 -5.86 5.62
N TRP A 101 -15.62 -4.65 5.41
CA TRP A 101 -15.53 -4.05 4.10
C TRP A 101 -16.78 -3.35 3.48
N PRO A 102 -17.90 -3.04 4.23
CA PRO A 102 -18.93 -2.19 3.63
C PRO A 102 -18.60 -0.68 3.72
N ASP A 103 -18.31 -0.27 4.98
CA ASP A 103 -18.00 1.11 5.30
C ASP A 103 -16.54 1.46 4.95
N VAL A 104 -15.71 0.39 5.06
CA VAL A 104 -14.27 0.56 5.04
C VAL A 104 -13.78 0.88 3.63
N GLU A 105 -14.45 0.23 2.65
CA GLU A 105 -14.18 0.58 1.26
C GLU A 105 -14.82 1.92 0.92
N GLN A 106 -16.10 2.08 1.34
CA GLN A 106 -16.84 3.31 1.04
C GLN A 106 -16.04 4.58 1.42
N ARG A 107 -15.43 4.49 2.61
CA ARG A 107 -14.75 5.59 3.26
C ARG A 107 -13.38 5.87 2.61
N PHE A 108 -12.57 4.80 2.53
CA PHE A 108 -11.17 4.95 2.12
C PHE A 108 -11.03 5.19 0.62
N LYS A 109 -11.79 4.38 -0.12
CA LYS A 109 -11.82 4.44 -1.58
C LYS A 109 -12.29 5.82 -2.09
N ALA A 110 -13.38 6.31 -1.44
CA ALA A 110 -13.96 7.59 -1.84
C ALA A 110 -13.01 8.77 -1.56
N MET A 111 -12.21 8.59 -0.48
CA MET A 111 -11.25 9.62 -0.10
C MET A 111 -10.02 9.63 -1.03
N GLY A 112 -9.72 8.46 -1.67
CA GLY A 112 -8.71 8.49 -2.72
C GLY A 112 -8.02 7.15 -3.00
N PHE A 113 -8.30 6.11 -2.18
CA PHE A 113 -7.54 4.87 -2.32
C PHE A 113 -8.00 4.11 -3.58
N ASP A 114 -6.97 3.59 -4.28
CA ASP A 114 -7.16 2.79 -5.48
C ASP A 114 -8.02 1.56 -5.15
N ARG A 115 -7.44 0.73 -4.27
CA ARG A 115 -8.26 -0.31 -3.62
C ARG A 115 -7.76 -0.53 -2.18
N VAL A 116 -8.75 -1.04 -1.41
CA VAL A 116 -8.52 -1.45 -0.04
C VAL A 116 -8.67 -2.98 0.00
N TYR A 117 -7.53 -3.67 0.30
CA TYR A 117 -7.62 -5.12 0.50
C TYR A 117 -8.21 -5.46 1.89
N PRO A 118 -9.05 -6.54 1.94
CA PRO A 118 -9.65 -7.04 3.19
C PRO A 118 -8.62 -7.36 4.29
N PRO A 119 -9.11 -7.84 5.47
CA PRO A 119 -8.20 -8.32 6.51
C PRO A 119 -7.80 -9.77 6.21
N GLY A 120 -6.48 -9.93 5.94
CA GLY A 120 -5.94 -11.24 5.59
C GLY A 120 -6.32 -11.62 4.15
N THR A 121 -5.65 -10.89 3.24
CA THR A 121 -5.89 -10.96 1.81
C THR A 121 -4.82 -11.78 1.11
N SER A 122 -5.34 -12.62 0.18
CA SER A 122 -4.53 -13.12 -0.92
C SER A 122 -3.67 -11.99 -1.54
N PRO A 123 -2.49 -12.38 -2.10
CA PRO A 123 -1.69 -11.46 -2.88
C PRO A 123 -2.15 -11.33 -4.34
N GLU A 124 -3.08 -12.23 -4.74
CA GLU A 124 -3.55 -12.32 -6.12
C GLU A 124 -4.40 -11.10 -6.49
N THR A 125 -5.07 -10.56 -5.44
CA THR A 125 -5.89 -9.37 -5.56
C THR A 125 -5.07 -8.12 -5.75
N THR A 126 -3.89 -8.18 -5.10
CA THR A 126 -3.03 -7.02 -5.04
C THR A 126 -2.28 -6.89 -6.37
N ILE A 127 -1.94 -8.09 -6.87
CA ILE A 127 -1.24 -8.27 -8.12
C ILE A 127 -2.20 -8.03 -9.30
N ALA A 128 -3.45 -8.47 -9.09
CA ALA A 128 -4.52 -8.23 -10.06
C ALA A 128 -4.95 -6.78 -10.03
N ASP A 129 -4.81 -6.21 -8.81
CA ASP A 129 -5.04 -4.77 -8.74
C ASP A 129 -4.00 -3.97 -9.58
N MET A 130 -2.69 -4.19 -9.30
CA MET A 130 -1.65 -3.36 -9.91
C MET A 130 -1.49 -3.65 -11.41
N LYS A 131 -1.80 -4.91 -11.76
CA LYS A 131 -1.71 -5.24 -13.17
C LYS A 131 -2.84 -4.55 -13.94
N GLU A 132 -4.08 -4.84 -13.50
CA GLU A 132 -5.22 -4.40 -14.28
C GLU A 132 -5.44 -2.88 -14.27
N VAL A 133 -5.14 -2.29 -13.10
CA VAL A 133 -5.41 -0.86 -12.88
C VAL A 133 -4.36 0.04 -13.54
N LEU A 134 -3.09 -0.44 -13.56
CA LEU A 134 -1.99 0.38 -14.08
C LEU A 134 -1.80 0.19 -15.61
N GLY A 135 -2.62 -0.73 -16.18
CA GLY A 135 -2.60 -0.96 -17.62
C GLY A 135 -1.61 -2.06 -17.99
N VAL A 136 -1.95 -3.26 -17.48
CA VAL A 136 -1.12 -4.44 -17.59
C VAL A 136 -2.05 -5.67 -17.50
N GLU A 137 -1.53 -6.78 -18.06
CA GLU A 137 -2.22 -8.06 -17.95
C GLU A 137 -1.26 -9.20 -18.34
N MET A 1 14.38 1.70 -20.45
CA MET A 1 13.46 0.64 -20.07
C MET A 1 12.51 1.15 -18.98
N GLU A 2 11.25 1.35 -19.42
CA GLU A 2 10.20 1.81 -18.52
C GLU A 2 9.67 0.62 -17.71
N LYS A 3 9.69 0.86 -16.38
CA LYS A 3 9.11 -0.04 -15.40
C LYS A 3 8.17 0.79 -14.52
N LYS A 4 7.33 0.03 -13.78
CA LYS A 4 6.49 0.60 -12.74
C LYS A 4 6.99 0.07 -11.40
N THR A 5 7.41 1.07 -10.59
CA THR A 5 7.95 0.88 -9.26
C THR A 5 6.75 0.94 -8.28
N ILE A 6 6.68 -0.13 -7.47
CA ILE A 6 5.81 -0.31 -6.36
C ILE A 6 6.72 -0.53 -5.18
N VAL A 7 6.11 -0.06 -4.10
CA VAL A 7 6.67 0.11 -2.81
C VAL A 7 5.66 -0.54 -1.89
N LEU A 8 6.20 -1.28 -0.91
CA LEU A 8 5.33 -1.70 0.17
C LEU A 8 6.03 -1.42 1.49
N GLY A 9 5.26 -0.75 2.37
CA GLY A 9 5.66 -0.67 3.75
C GLY A 9 4.54 -1.21 4.62
N VAL A 10 5.03 -1.85 5.70
CA VAL A 10 4.17 -2.38 6.73
C VAL A 10 4.16 -1.32 7.83
N ILE A 11 2.92 -0.90 8.15
CA ILE A 11 2.71 0.09 9.19
C ILE A 11 2.39 -0.64 10.49
N GLY A 12 3.28 -0.32 11.45
CA GLY A 12 3.09 -0.82 12.79
C GLY A 12 4.25 -0.42 13.68
N SER A 13 5.34 -1.16 13.43
CA SER A 13 6.44 -1.24 14.38
C SER A 13 7.56 -2.08 13.74
N ASP A 14 8.73 -1.43 13.57
CA ASP A 14 9.87 -2.01 12.89
C ASP A 14 10.39 -3.29 13.59
N CYS A 15 9.72 -4.40 13.20
CA CYS A 15 9.84 -5.70 13.85
C CYS A 15 9.06 -6.74 13.01
N HIS A 16 7.72 -6.52 12.98
CA HIS A 16 6.78 -7.50 12.43
C HIS A 16 6.37 -7.13 11.01
N ALA A 17 6.50 -8.15 10.14
CA ALA A 17 5.97 -8.10 8.79
C ALA A 17 5.49 -9.52 8.46
N VAL A 18 4.17 -9.68 8.69
CA VAL A 18 3.56 -11.02 8.68
C VAL A 18 2.09 -10.91 8.26
N GLY A 19 1.67 -11.97 7.54
CA GLY A 19 0.32 -12.08 7.00
C GLY A 19 0.28 -11.52 5.57
N ASN A 20 0.66 -10.23 5.53
CA ASN A 20 0.87 -9.47 4.34
C ASN A 20 2.17 -9.91 3.61
N LYS A 21 3.12 -10.41 4.44
CA LYS A 21 4.42 -10.84 3.94
C LYS A 21 4.32 -12.25 3.33
N ILE A 22 3.94 -12.17 2.06
CA ILE A 22 3.62 -13.28 1.16
C ILE A 22 3.19 -12.65 -0.17
N LEU A 23 2.33 -11.63 0.03
CA LEU A 23 1.96 -10.70 -1.03
C LEU A 23 3.17 -9.86 -1.45
N ASP A 24 4.00 -9.60 -0.43
CA ASP A 24 5.27 -8.91 -0.59
C ASP A 24 6.16 -9.60 -1.62
N HIS A 25 6.31 -10.92 -1.37
CA HIS A 25 7.16 -11.78 -2.18
C HIS A 25 6.61 -11.91 -3.60
N SER A 26 5.26 -11.92 -3.67
CA SER A 26 4.55 -12.14 -4.91
C SER A 26 4.58 -10.90 -5.84
N PHE A 27 4.66 -9.70 -5.20
CA PHE A 27 4.73 -8.47 -5.98
C PHE A 27 6.06 -8.45 -6.75
N THR A 28 7.11 -8.87 -6.01
CA THR A 28 8.46 -8.98 -6.56
C THR A 28 8.54 -10.08 -7.65
N ASN A 29 7.73 -11.14 -7.39
CA ASN A 29 7.69 -12.34 -8.21
C ASN A 29 7.11 -12.10 -9.61
N ALA A 30 6.35 -10.98 -9.75
CA ALA A 30 5.58 -10.76 -10.97
C ALA A 30 6.45 -10.10 -12.05
N GLY A 31 7.77 -10.02 -11.73
CA GLY A 31 8.69 -9.26 -12.54
C GLY A 31 8.42 -7.75 -12.39
N PHE A 32 7.77 -7.39 -11.26
CA PHE A 32 7.43 -5.99 -11.05
C PHE A 32 8.65 -5.34 -10.42
N ASN A 33 8.82 -4.01 -10.68
CA ASN A 33 9.93 -3.36 -9.98
C ASN A 33 9.41 -3.11 -8.56
N VAL A 34 9.92 -3.97 -7.66
CA VAL A 34 9.44 -3.93 -6.29
C VAL A 34 10.60 -3.81 -5.30
N VAL A 35 10.52 -2.67 -4.60
CA VAL A 35 11.20 -2.51 -3.33
C VAL A 35 10.21 -2.94 -2.24
N ASN A 36 10.58 -4.09 -1.62
CA ASN A 36 9.91 -4.51 -0.42
C ASN A 36 10.65 -3.79 0.73
N ILE A 37 10.02 -2.66 1.13
CA ILE A 37 10.63 -1.78 2.11
C ILE A 37 10.50 -2.40 3.52
N GLY A 38 9.40 -3.19 3.64
CA GLY A 38 9.11 -3.90 4.87
C GLY A 38 8.59 -2.96 5.95
N VAL A 39 8.62 -3.49 7.19
CA VAL A 39 8.14 -2.70 8.32
C VAL A 39 9.27 -1.75 8.77
N LEU A 40 8.92 -0.45 8.65
CA LEU A 40 9.88 0.61 8.92
C LEU A 40 9.15 1.97 8.77
N SER A 41 8.47 2.35 9.87
CA SER A 41 7.80 3.65 10.00
C SER A 41 6.37 3.57 9.44
N SER A 42 5.89 4.79 9.05
CA SER A 42 4.60 5.01 8.42
C SER A 42 4.85 5.58 7.02
N GLN A 43 3.91 6.45 6.58
CA GLN A 43 3.93 7.05 5.25
C GLN A 43 5.28 7.62 4.88
N GLU A 44 5.84 8.46 5.77
CA GLU A 44 7.01 9.28 5.43
C GLU A 44 8.18 8.46 4.83
N ASP A 45 8.32 7.23 5.36
CA ASP A 45 9.41 6.35 4.94
C ASP A 45 9.05 5.57 3.66
N PHE A 46 7.74 5.26 3.49
CA PHE A 46 7.32 4.51 2.29
C PHE A 46 7.27 5.37 1.04
N ILE A 47 6.82 6.58 1.32
CA ILE A 47 7.02 7.74 0.49
C ILE A 47 8.51 7.91 0.11
N ASN A 48 9.40 7.59 1.08
CA ASN A 48 10.83 7.80 0.82
C ASN A 48 11.36 6.80 -0.23
N ALA A 49 10.71 5.62 -0.29
CA ALA A 49 10.93 4.71 -1.41
C ALA A 49 10.25 5.23 -2.66
N ALA A 50 9.14 5.97 -2.52
CA ALA A 50 8.65 6.64 -3.72
C ALA A 50 9.56 7.79 -4.20
N ILE A 51 10.26 8.44 -3.25
CA ILE A 51 11.23 9.45 -3.64
C ILE A 51 12.45 8.78 -4.32
N GLU A 52 12.83 7.63 -3.73
CA GLU A 52 14.07 6.98 -4.09
C GLU A 52 13.99 6.24 -5.42
N THR A 53 12.95 5.41 -5.51
CA THR A 53 12.85 4.53 -6.67
C THR A 53 11.95 5.07 -7.78
N LYS A 54 10.97 5.86 -7.30
CA LYS A 54 10.01 6.59 -8.13
C LYS A 54 8.78 5.74 -8.35
N ALA A 55 8.21 5.41 -7.17
CA ALA A 55 7.08 4.54 -7.05
C ALA A 55 5.81 5.24 -7.51
N ASP A 56 5.17 4.59 -8.50
CA ASP A 56 3.85 4.99 -8.98
C ASP A 56 2.75 4.58 -7.98
N LEU A 57 3.10 3.56 -7.17
CA LEU A 57 2.20 3.10 -6.12
C LEU A 57 2.97 2.75 -4.83
N ILE A 58 2.25 3.07 -3.75
CA ILE A 58 2.67 2.86 -2.36
C ILE A 58 1.61 1.96 -1.71
N CYS A 59 2.11 0.84 -1.16
CA CYS A 59 1.27 -0.22 -0.61
C CYS A 59 1.50 -0.34 0.90
N VAL A 60 0.40 -0.01 1.61
CA VAL A 60 0.38 -0.08 3.07
C VAL A 60 -0.28 -1.41 3.49
N SER A 61 0.55 -2.15 4.26
CA SER A 61 0.16 -3.39 4.92
C SER A 61 -0.12 -3.06 6.37
N SER A 62 -1.15 -3.75 6.90
CA SER A 62 -1.59 -3.43 8.24
C SER A 62 -1.72 -4.74 9.04
N LEU A 63 -0.93 -4.74 10.14
CA LEU A 63 -0.71 -5.93 10.95
C LEU A 63 -1.96 -6.26 11.79
N TYR A 64 -2.24 -5.36 12.75
CA TYR A 64 -3.54 -5.45 13.43
C TYR A 64 -4.61 -4.87 12.49
N GLY A 65 -4.14 -3.79 11.82
CA GLY A 65 -5.00 -2.94 11.02
C GLY A 65 -4.71 -1.46 11.32
N GLN A 66 -3.39 -1.14 11.31
CA GLN A 66 -2.94 0.24 11.50
C GLN A 66 -2.98 1.07 10.20
N GLY A 67 -3.90 0.65 9.31
CA GLY A 67 -4.17 1.33 8.07
C GLY A 67 -5.09 2.53 8.29
N GLU A 68 -5.89 2.41 9.37
CA GLU A 68 -6.78 3.51 9.76
C GLU A 68 -5.96 4.76 10.14
N ILE A 69 -4.72 4.46 10.61
CA ILE A 69 -3.85 5.50 11.11
C ILE A 69 -2.98 6.09 10.00
N ASP A 70 -2.42 5.19 9.17
CA ASP A 70 -1.51 5.63 8.10
C ASP A 70 -2.26 6.22 6.90
N CYS A 71 -3.14 5.34 6.41
CA CYS A 71 -3.72 5.46 5.07
C CYS A 71 -4.57 6.73 4.93
N LYS A 72 -5.10 7.20 6.08
CA LYS A 72 -5.65 8.55 6.08
C LYS A 72 -4.47 9.54 5.96
N GLY A 73 -4.46 10.18 4.78
CA GLY A 73 -3.45 11.19 4.48
C GLY A 73 -2.05 10.64 4.17
N LEU A 74 -1.96 9.33 3.83
CA LEU A 74 -0.85 8.85 2.99
C LEU A 74 -1.03 9.23 1.53
N ARG A 75 -2.30 9.41 1.14
CA ARG A 75 -2.56 10.07 -0.14
C ARG A 75 -2.03 11.50 -0.12
N GLU A 76 -2.32 12.19 0.99
CA GLU A 76 -1.88 13.56 1.23
C GLU A 76 -0.47 13.78 1.63
N LYS A 77 0.08 12.75 2.25
CA LYS A 77 1.51 12.67 2.46
C LYS A 77 2.29 12.29 1.22
N CYS A 78 1.63 11.51 0.34
CA CYS A 78 2.25 11.18 -0.95
C CYS A 78 2.16 12.34 -1.91
N ASP A 79 1.04 13.04 -1.71
CA ASP A 79 0.75 14.26 -2.41
C ASP A 79 1.51 15.42 -1.81
N GLU A 80 1.69 15.29 -0.49
CA GLU A 80 2.52 16.28 0.20
C GLU A 80 4.01 16.11 -0.08
N ALA A 81 4.37 14.84 -0.34
CA ALA A 81 5.76 14.49 -0.57
C ALA A 81 6.28 14.95 -1.95
N GLY A 82 5.38 15.66 -2.68
CA GLY A 82 5.73 16.19 -3.99
C GLY A 82 5.73 15.06 -5.03
N LEU A 83 4.78 14.15 -4.77
CA LEU A 83 4.67 12.91 -5.52
C LEU A 83 3.19 12.64 -5.80
N LYS A 84 2.60 13.61 -6.54
CA LYS A 84 1.20 13.55 -6.93
C LYS A 84 1.10 12.83 -8.27
N GLY A 85 0.30 11.74 -8.23
CA GLY A 85 0.13 10.88 -9.40
C GLY A 85 0.07 9.45 -8.90
N ILE A 86 0.71 9.29 -7.71
CA ILE A 86 0.67 8.05 -6.99
C ILE A 86 -0.76 7.73 -6.53
N LYS A 87 -1.09 6.52 -6.98
CA LYS A 87 -2.23 5.72 -6.55
C LYS A 87 -1.74 4.78 -5.43
N LEU A 88 -2.70 4.47 -4.54
CA LEU A 88 -2.36 3.81 -3.29
C LEU A 88 -3.29 2.61 -3.07
N PHE A 89 -2.59 1.48 -2.83
CA PHE A 89 -3.25 0.20 -2.53
C PHE A 89 -3.02 -0.07 -1.03
N VAL A 90 -4.07 -0.65 -0.39
CA VAL A 90 -3.94 -1.00 1.03
C VAL A 90 -4.53 -2.40 1.29
N GLY A 91 -3.66 -3.27 1.87
CA GLY A 91 -4.05 -4.65 2.16
C GLY A 91 -4.02 -4.95 3.66
N GLY A 92 -5.08 -5.67 4.09
CA GLY A 92 -5.14 -6.21 5.45
C GLY A 92 -6.56 -6.06 6.01
N ASN A 93 -6.58 -5.98 7.36
CA ASN A 93 -7.79 -5.63 8.12
C ASN A 93 -7.99 -4.11 8.14
N ILE A 94 -6.81 -3.47 8.16
CA ILE A 94 -6.48 -2.06 8.01
C ILE A 94 -7.27 -1.15 8.97
N VAL A 95 -7.84 -1.81 10.01
CA VAL A 95 -8.75 -1.21 10.96
C VAL A 95 -8.63 -2.00 12.28
N VAL A 96 -9.21 -1.36 13.31
CA VAL A 96 -9.11 -1.76 14.70
C VAL A 96 -10.33 -2.60 15.15
N GLY A 97 -10.85 -3.34 14.16
CA GLY A 97 -12.08 -4.11 14.32
C GLY A 97 -13.30 -3.25 13.99
N LYS A 98 -13.41 -2.16 14.78
CA LYS A 98 -14.47 -1.18 14.66
C LYS A 98 -14.44 -0.51 13.27
N GLN A 99 -15.52 -0.82 12.52
CA GLN A 99 -15.71 -0.49 11.11
C GLN A 99 -15.21 -1.67 10.25
N ASN A 100 -16.11 -2.13 9.36
CA ASN A 100 -15.82 -3.31 8.53
C ASN A 100 -16.35 -3.07 7.10
N TRP A 101 -15.48 -3.50 6.15
CA TRP A 101 -15.63 -3.53 4.69
C TRP A 101 -16.55 -2.51 4.00
N PRO A 102 -17.89 -2.68 3.96
CA PRO A 102 -18.73 -1.65 3.32
C PRO A 102 -18.50 -0.20 3.85
N ASP A 103 -18.21 -0.18 5.16
CA ASP A 103 -17.93 1.04 5.91
C ASP A 103 -16.47 1.52 5.71
N VAL A 104 -15.55 0.52 5.69
CA VAL A 104 -14.12 0.82 5.64
C VAL A 104 -13.71 1.35 4.27
N GLU A 105 -14.31 0.73 3.24
CA GLU A 105 -14.04 1.09 1.86
C GLU A 105 -14.71 2.42 1.50
N GLN A 106 -15.85 2.67 2.19
CA GLN A 106 -16.46 4.00 2.08
C GLN A 106 -15.55 5.09 2.68
N ARG A 107 -14.85 4.72 3.77
CA ARG A 107 -14.06 5.70 4.53
C ARG A 107 -12.75 6.04 3.79
N PHE A 108 -12.02 4.95 3.45
CA PHE A 108 -10.68 5.01 2.89
C PHE A 108 -10.70 5.64 1.50
N LYS A 109 -11.57 5.04 0.67
CA LYS A 109 -11.68 5.48 -0.71
C LYS A 109 -12.28 6.89 -0.84
N ALA A 110 -13.13 7.27 0.14
CA ALA A 110 -13.66 8.64 0.16
C ALA A 110 -12.57 9.70 0.41
N MET A 111 -11.61 9.37 1.31
CA MET A 111 -10.50 10.29 1.52
C MET A 111 -9.53 10.28 0.31
N GLY A 112 -9.65 9.21 -0.49
CA GLY A 112 -9.16 9.24 -1.87
C GLY A 112 -8.42 7.97 -2.29
N PHE A 113 -8.11 7.09 -1.29
CA PHE A 113 -7.35 5.86 -1.55
C PHE A 113 -7.95 5.07 -2.73
N ASP A 114 -7.00 4.58 -3.57
CA ASP A 114 -7.39 4.03 -4.86
C ASP A 114 -8.33 2.82 -4.66
N ARG A 115 -7.74 1.78 -4.00
CA ARG A 115 -8.52 0.59 -3.68
C ARG A 115 -8.08 0.00 -2.34
N VAL A 116 -9.06 -0.73 -1.77
CA VAL A 116 -8.91 -1.41 -0.49
C VAL A 116 -9.06 -2.93 -0.71
N TYR A 117 -7.91 -3.59 -0.47
CA TYR A 117 -7.77 -5.04 -0.60
C TYR A 117 -8.06 -5.71 0.77
N PRO A 118 -8.80 -6.85 0.72
CA PRO A 118 -9.28 -7.53 1.94
C PRO A 118 -8.19 -7.93 2.96
N PRO A 119 -8.63 -8.52 4.11
CA PRO A 119 -7.70 -9.16 5.02
C PRO A 119 -7.38 -10.58 4.49
N GLY A 120 -6.09 -10.73 4.13
CA GLY A 120 -5.63 -11.96 3.53
C GLY A 120 -6.09 -12.06 2.07
N THR A 121 -5.62 -11.05 1.31
CA THR A 121 -5.86 -10.97 -0.12
C THR A 121 -4.89 -11.89 -0.85
N SER A 122 -5.42 -12.61 -1.85
CA SER A 122 -4.52 -13.22 -2.82
C SER A 122 -3.59 -12.14 -3.43
N PRO A 123 -2.38 -12.56 -3.87
CA PRO A 123 -1.43 -11.62 -4.46
C PRO A 123 -1.73 -11.28 -5.92
N GLU A 124 -2.50 -12.20 -6.55
CA GLU A 124 -2.87 -12.05 -7.95
C GLU A 124 -3.77 -10.82 -8.14
N THR A 125 -4.52 -10.53 -7.06
CA THR A 125 -5.46 -9.41 -7.07
C THR A 125 -4.78 -8.08 -7.18
N THR A 126 -3.66 -7.96 -6.46
CA THR A 126 -3.13 -6.63 -6.23
C THR A 126 -2.37 -6.16 -7.47
N ILE A 127 -1.68 -7.18 -8.01
CA ILE A 127 -0.76 -7.08 -9.11
C ILE A 127 -1.54 -6.90 -10.42
N ALA A 128 -2.60 -7.72 -10.53
CA ALA A 128 -3.54 -7.64 -11.63
C ALA A 128 -4.43 -6.44 -11.50
N ASP A 129 -4.67 -6.08 -10.23
CA ASP A 129 -5.31 -4.79 -10.04
C ASP A 129 -4.34 -3.62 -10.35
N MET A 130 -3.03 -3.85 -10.14
CA MET A 130 -2.03 -2.83 -10.47
C MET A 130 -2.00 -2.54 -11.98
N LYS A 131 -2.05 -3.66 -12.73
CA LYS A 131 -2.00 -3.59 -14.18
C LYS A 131 -3.28 -2.91 -14.68
N GLU A 132 -4.41 -3.51 -14.24
CA GLU A 132 -5.72 -2.98 -14.61
C GLU A 132 -5.93 -1.48 -14.30
N VAL A 133 -5.30 -1.06 -13.18
CA VAL A 133 -5.39 0.33 -12.72
C VAL A 133 -4.58 1.29 -13.62
N LEU A 134 -3.33 0.88 -13.92
CA LEU A 134 -2.40 1.76 -14.64
C LEU A 134 -2.49 1.59 -16.18
N GLY A 135 -3.60 0.96 -16.62
CA GLY A 135 -3.86 0.83 -18.05
C GLY A 135 -2.95 -0.22 -18.70
N VAL A 136 -3.07 -1.43 -18.12
CA VAL A 136 -2.23 -2.57 -18.48
C VAL A 136 -3.09 -3.83 -18.33
N GLU A 137 -2.61 -4.90 -19.00
CA GLU A 137 -3.26 -6.22 -19.03
C GLU A 137 -4.52 -6.20 -19.93
N MET A 1 14.76 3.11 -17.72
CA MET A 1 14.29 1.80 -17.31
C MET A 1 12.79 1.64 -17.63
N GLU A 2 12.04 2.66 -17.15
CA GLU A 2 10.61 2.80 -17.44
C GLU A 2 9.81 1.59 -16.90
N LYS A 3 9.50 1.72 -15.59
CA LYS A 3 8.88 0.65 -14.82
C LYS A 3 7.77 1.26 -13.96
N LYS A 4 6.94 0.32 -13.47
CA LYS A 4 5.98 0.65 -12.41
C LYS A 4 6.49 0.02 -11.12
N THR A 5 6.94 0.94 -10.23
CA THR A 5 7.32 0.55 -8.89
C THR A 5 6.08 0.62 -8.00
N ILE A 6 5.95 -0.50 -7.29
CA ILE A 6 5.16 -0.74 -6.14
C ILE A 6 6.17 -0.89 -5.02
N VAL A 7 5.91 -0.01 -4.07
CA VAL A 7 6.60 0.10 -2.84
C VAL A 7 5.68 -0.61 -1.85
N LEU A 8 6.26 -1.37 -0.90
CA LEU A 8 5.42 -1.74 0.24
C LEU A 8 6.24 -1.47 1.48
N GLY A 9 5.56 -0.73 2.37
CA GLY A 9 6.01 -0.57 3.73
C GLY A 9 4.91 -1.01 4.67
N VAL A 10 5.37 -1.59 5.79
CA VAL A 10 4.46 -1.87 6.88
C VAL A 10 4.61 -0.72 7.87
N ILE A 11 3.46 -0.06 8.09
CA ILE A 11 3.42 1.25 8.72
C ILE A 11 3.13 1.07 10.21
N GLY A 12 3.81 1.98 10.93
CA GLY A 12 4.23 1.70 12.28
C GLY A 12 5.65 1.16 12.17
N SER A 13 5.95 0.23 13.09
CA SER A 13 7.33 -0.26 13.17
C SER A 13 7.31 -1.58 13.96
N ASP A 14 8.43 -1.82 14.69
CA ASP A 14 8.70 -3.09 15.35
C ASP A 14 9.10 -4.14 14.29
N CYS A 15 9.19 -5.40 14.76
CA CYS A 15 9.49 -6.54 13.88
C CYS A 15 8.20 -7.15 13.30
N HIS A 16 7.17 -6.27 13.16
CA HIS A 16 5.88 -6.69 12.64
C HIS A 16 5.85 -6.46 11.12
N ALA A 17 6.44 -7.46 10.43
CA ALA A 17 6.48 -7.48 8.97
C ALA A 17 5.24 -8.24 8.45
N VAL A 18 4.09 -7.55 8.65
CA VAL A 18 2.78 -8.15 8.49
C VAL A 18 2.27 -8.08 7.03
N GLY A 19 2.73 -7.01 6.37
CA GLY A 19 2.54 -6.86 4.92
C GLY A 19 3.77 -7.32 4.15
N ASN A 20 4.74 -7.83 4.93
CA ASN A 20 6.09 -8.09 4.50
C ASN A 20 6.50 -9.50 4.97
N LYS A 21 5.60 -10.45 4.63
CA LYS A 21 5.76 -11.85 5.03
C LYS A 21 5.27 -12.81 3.93
N ILE A 22 4.25 -12.36 3.16
CA ILE A 22 3.73 -13.14 2.05
C ILE A 22 3.58 -12.24 0.82
N LEU A 23 2.88 -11.13 1.09
CA LEU A 23 2.38 -10.23 0.06
C LEU A 23 3.50 -9.72 -0.83
N ASP A 24 4.51 -9.19 -0.13
CA ASP A 24 5.71 -8.60 -0.75
C ASP A 24 6.40 -9.54 -1.74
N HIS A 25 6.59 -10.79 -1.27
CA HIS A 25 7.39 -11.79 -1.97
C HIS A 25 6.84 -12.08 -3.37
N SER A 26 5.50 -12.22 -3.40
CA SER A 26 4.81 -12.64 -4.60
C SER A 26 4.68 -11.48 -5.61
N PHE A 27 4.67 -10.24 -5.07
CA PHE A 27 4.65 -9.07 -5.94
C PHE A 27 5.95 -8.98 -6.77
N THR A 28 7.06 -9.28 -6.07
CA THR A 28 8.38 -9.30 -6.67
C THR A 28 8.46 -10.39 -7.76
N ASN A 29 7.77 -11.50 -7.40
CA ASN A 29 7.63 -12.68 -8.23
C ASN A 29 6.80 -12.41 -9.50
N ALA A 30 5.99 -11.33 -9.46
CA ALA A 30 4.94 -11.12 -10.45
C ALA A 30 5.47 -10.28 -11.61
N GLY A 31 6.82 -10.15 -11.61
CA GLY A 31 7.52 -9.37 -12.62
C GLY A 31 7.32 -7.86 -12.41
N PHE A 32 6.97 -7.48 -11.15
CA PHE A 32 6.79 -6.04 -10.91
C PHE A 32 8.13 -5.48 -10.45
N ASN A 33 8.29 -4.14 -10.63
CA ASN A 33 9.37 -3.49 -9.89
C ASN A 33 8.80 -3.35 -8.48
N VAL A 34 9.41 -4.12 -7.58
CA VAL A 34 8.92 -4.12 -6.22
C VAL A 34 10.08 -3.82 -5.27
N VAL A 35 9.95 -2.60 -4.72
CA VAL A 35 10.83 -2.13 -3.68
C VAL A 35 10.16 -2.54 -2.37
N ASN A 36 10.81 -3.51 -1.71
CA ASN A 36 10.28 -4.06 -0.47
C ASN A 36 10.98 -3.33 0.68
N ILE A 37 10.23 -2.32 1.17
CA ILE A 37 10.74 -1.36 2.14
C ILE A 37 10.49 -1.91 3.57
N GLY A 38 9.31 -2.55 3.71
CA GLY A 38 9.00 -3.32 4.91
C GLY A 38 8.68 -2.44 6.12
N VAL A 39 8.76 -3.12 7.28
CA VAL A 39 8.44 -2.52 8.57
C VAL A 39 9.66 -1.72 9.06
N LEU A 40 9.39 -0.90 10.11
CA LEU A 40 10.36 -0.08 10.84
C LEU A 40 10.43 1.33 10.22
N SER A 41 9.23 1.78 9.83
CA SER A 41 9.12 2.93 8.95
C SER A 41 7.65 3.16 8.61
N SER A 42 7.37 4.42 8.23
CA SER A 42 6.01 4.87 7.93
C SER A 42 5.95 5.48 6.53
N GLN A 43 4.77 6.06 6.23
CA GLN A 43 4.41 6.57 4.91
C GLN A 43 5.34 7.64 4.33
N GLU A 44 5.95 8.44 5.23
CA GLU A 44 6.90 9.43 4.73
C GLU A 44 8.17 8.79 4.15
N ASP A 45 8.49 7.60 4.71
CA ASP A 45 9.60 6.80 4.22
C ASP A 45 9.25 6.09 2.90
N PHE A 46 7.96 5.70 2.78
CA PHE A 46 7.52 4.93 1.61
C PHE A 46 7.35 5.79 0.37
N ILE A 47 6.91 7.00 0.71
CA ILE A 47 7.05 8.17 -0.13
C ILE A 47 8.48 8.33 -0.64
N ASN A 48 9.46 8.09 0.27
CA ASN A 48 10.86 8.30 -0.06
C ASN A 48 11.39 7.24 -1.05
N ALA A 49 10.76 6.04 -0.97
CA ALA A 49 10.90 5.01 -1.99
C ALA A 49 10.18 5.37 -3.25
N ALA A 50 9.10 6.16 -3.18
CA ALA A 50 8.54 6.71 -4.42
C ALA A 50 9.39 7.84 -5.03
N ILE A 51 10.08 8.59 -4.15
CA ILE A 51 11.04 9.57 -4.64
C ILE A 51 12.22 8.83 -5.29
N GLU A 52 12.54 7.67 -4.66
CA GLU A 52 13.74 6.94 -5.04
C GLU A 52 13.58 6.24 -6.38
N THR A 53 12.44 5.52 -6.40
CA THR A 53 12.23 4.56 -7.49
C THR A 53 11.49 5.19 -8.68
N LYS A 54 10.55 6.08 -8.27
CA LYS A 54 9.49 6.65 -9.09
C LYS A 54 8.30 5.69 -9.14
N ALA A 55 7.53 5.75 -8.03
CA ALA A 55 6.38 4.89 -7.80
C ALA A 55 5.23 5.24 -8.77
N ASP A 56 4.59 4.16 -9.25
CA ASP A 56 3.21 4.25 -9.73
C ASP A 56 2.24 3.96 -8.57
N LEU A 57 2.70 3.10 -7.65
CA LEU A 57 1.96 2.75 -6.46
C LEU A 57 2.84 2.62 -5.21
N ILE A 58 2.18 3.04 -4.12
CA ILE A 58 2.73 3.00 -2.76
C ILE A 58 1.70 2.23 -1.91
N CYS A 59 2.26 1.21 -1.21
CA CYS A 59 1.48 0.36 -0.33
C CYS A 59 1.90 0.60 1.13
N VAL A 60 0.85 0.58 1.97
CA VAL A 60 0.92 0.79 3.41
C VAL A 60 0.12 -0.34 4.04
N SER A 61 0.82 -1.10 4.90
CA SER A 61 0.22 -2.24 5.58
C SER A 61 0.17 -1.96 7.08
N SER A 62 -1.07 -1.87 7.57
CA SER A 62 -1.27 -1.41 8.94
C SER A 62 -1.53 -2.62 9.86
N LEU A 63 -1.00 -2.44 11.08
CA LEU A 63 -0.80 -3.55 11.99
C LEU A 63 -2.10 -3.88 12.75
N TYR A 64 -2.46 -2.98 13.69
CA TYR A 64 -3.74 -3.14 14.38
C TYR A 64 -4.89 -2.75 13.44
N GLY A 65 -4.61 -1.65 12.70
CA GLY A 65 -5.65 -0.88 12.05
C GLY A 65 -5.26 0.60 11.96
N GLN A 66 -3.93 0.83 11.90
CA GLN A 66 -3.38 2.18 11.89
C GLN A 66 -3.25 2.72 10.45
N GLY A 67 -4.16 2.21 9.60
CA GLY A 67 -4.39 2.78 8.29
C GLY A 67 -5.30 3.99 8.43
N GLU A 68 -6.22 3.83 9.40
CA GLU A 68 -7.14 4.89 9.75
C GLU A 68 -6.35 6.10 10.26
N ILE A 69 -5.47 5.75 11.21
CA ILE A 69 -4.82 6.80 11.97
C ILE A 69 -3.49 7.25 11.33
N ASP A 70 -2.67 6.24 10.92
CA ASP A 70 -1.43 6.58 10.23
C ASP A 70 -1.62 6.96 8.75
N CYS A 71 -2.25 5.99 8.03
CA CYS A 71 -2.01 5.92 6.57
C CYS A 71 -2.82 6.95 5.77
N LYS A 72 -3.98 7.35 6.33
CA LYS A 72 -4.97 8.10 5.58
C LYS A 72 -4.48 9.54 5.31
N GLY A 73 -4.44 9.86 4.00
CA GLY A 73 -3.79 11.09 3.52
C GLY A 73 -2.32 10.88 3.24
N LEU A 74 -1.99 9.61 2.91
CA LEU A 74 -0.83 9.28 2.10
C LEU A 74 -1.07 9.61 0.64
N ARG A 75 -2.36 9.64 0.24
CA ARG A 75 -2.65 10.15 -1.10
C ARG A 75 -2.15 11.59 -1.21
N GLU A 76 -2.51 12.36 -0.16
CA GLU A 76 -2.13 13.76 0.04
C GLU A 76 -0.74 14.03 0.53
N LYS A 77 -0.20 13.05 1.22
CA LYS A 77 1.21 13.04 1.56
C LYS A 77 2.12 12.65 0.39
N CYS A 78 1.53 11.83 -0.50
CA CYS A 78 2.17 11.47 -1.75
C CYS A 78 2.06 12.59 -2.75
N ASP A 79 0.90 13.23 -2.62
CA ASP A 79 0.59 14.46 -3.30
C ASP A 79 1.52 15.55 -2.83
N GLU A 80 1.67 15.49 -1.50
CA GLU A 80 2.50 16.52 -0.86
C GLU A 80 3.98 16.30 -1.13
N ALA A 81 4.29 14.99 -1.30
CA ALA A 81 5.66 14.57 -1.54
C ALA A 81 6.14 14.91 -2.97
N GLY A 82 5.23 15.55 -3.73
CA GLY A 82 5.53 15.94 -5.11
C GLY A 82 5.49 14.73 -6.03
N LEU A 83 4.49 13.88 -5.69
CA LEU A 83 4.36 12.55 -6.28
C LEU A 83 2.86 12.25 -6.45
N LYS A 84 2.17 13.23 -7.04
CA LYS A 84 0.78 13.04 -7.41
C LYS A 84 0.70 12.43 -8.81
N GLY A 85 0.17 11.19 -8.79
CA GLY A 85 0.17 10.34 -9.97
C GLY A 85 0.17 8.89 -9.50
N ILE A 86 0.76 8.75 -8.29
CA ILE A 86 0.66 7.54 -7.51
C ILE A 86 -0.80 7.29 -7.09
N LYS A 87 -1.22 6.07 -7.48
CA LYS A 87 -2.36 5.37 -6.89
C LYS A 87 -1.87 4.56 -5.68
N LEU A 88 -2.76 4.51 -4.66
CA LEU A 88 -2.37 3.90 -3.39
C LEU A 88 -3.23 2.69 -3.07
N PHE A 89 -2.48 1.65 -2.63
CA PHE A 89 -3.10 0.47 -2.05
C PHE A 89 -2.81 0.50 -0.55
N VAL A 90 -3.77 -0.13 0.18
CA VAL A 90 -3.63 -0.27 1.62
C VAL A 90 -4.03 -1.70 2.01
N GLY A 91 -3.08 -2.38 2.69
CA GLY A 91 -3.16 -3.83 2.89
C GLY A 91 -3.32 -4.23 4.36
N GLY A 92 -3.96 -5.41 4.50
CA GLY A 92 -4.06 -6.08 5.79
C GLY A 92 -5.22 -5.53 6.63
N ASN A 93 -4.91 -5.43 7.94
CA ASN A 93 -5.80 -4.77 8.90
C ASN A 93 -5.56 -3.26 8.81
N ILE A 94 -6.30 -2.63 7.87
CA ILE A 94 -6.13 -1.20 7.62
C ILE A 94 -6.89 -0.37 8.67
N VAL A 95 -7.95 -1.01 9.17
CA VAL A 95 -8.56 -0.64 10.43
C VAL A 95 -8.66 -1.94 11.23
N VAL A 96 -9.60 -1.88 12.17
CA VAL A 96 -9.96 -3.01 12.99
C VAL A 96 -10.56 -4.11 12.09
N GLY A 97 -10.03 -5.34 12.31
CA GLY A 97 -10.37 -6.48 11.47
C GLY A 97 -11.70 -7.15 11.88
N LYS A 98 -12.63 -6.30 12.32
CA LYS A 98 -13.98 -6.68 12.68
C LYS A 98 -14.87 -5.45 12.45
N GLN A 99 -15.11 -5.21 11.14
CA GLN A 99 -15.93 -4.11 10.66
C GLN A 99 -16.69 -4.54 9.41
N ASN A 100 -15.90 -5.18 8.52
CA ASN A 100 -16.39 -5.76 7.26
C ASN A 100 -17.10 -4.68 6.43
N TRP A 101 -16.23 -3.86 5.81
CA TRP A 101 -16.66 -2.55 5.32
C TRP A 101 -17.40 -2.56 3.98
N PRO A 102 -18.56 -1.85 3.96
CA PRO A 102 -18.80 -0.80 2.98
C PRO A 102 -18.13 0.56 3.35
N ASP A 103 -17.88 0.68 4.68
CA ASP A 103 -17.60 1.95 5.34
C ASP A 103 -16.15 2.43 5.14
N VAL A 104 -15.24 1.50 5.48
CA VAL A 104 -13.81 1.78 5.59
C VAL A 104 -13.20 2.05 4.20
N GLU A 105 -13.68 1.28 3.20
CA GLU A 105 -13.34 1.60 1.81
C GLU A 105 -13.85 2.99 1.40
N GLN A 106 -15.13 3.24 1.72
CA GLN A 106 -15.74 4.53 1.39
C GLN A 106 -14.97 5.72 2.00
N ARG A 107 -14.43 5.46 3.21
CA ARG A 107 -13.78 6.49 4.01
C ARG A 107 -12.38 6.80 3.47
N PHE A 108 -11.60 5.72 3.31
CA PHE A 108 -10.18 5.82 2.94
C PHE A 108 -10.04 6.38 1.52
N LYS A 109 -10.91 5.81 0.68
CA LYS A 109 -10.90 6.09 -0.76
C LYS A 109 -11.47 7.48 -1.07
N ALA A 110 -12.39 7.94 -0.19
CA ALA A 110 -12.92 9.30 -0.30
C ALA A 110 -11.82 10.34 -0.02
N MET A 111 -10.90 9.96 0.90
CA MET A 111 -9.77 10.83 1.19
C MET A 111 -8.74 10.78 0.05
N GLY A 112 -8.63 9.59 -0.59
CA GLY A 112 -7.66 9.51 -1.68
C GLY A 112 -7.56 8.11 -2.29
N PHE A 113 -7.37 7.14 -1.37
CA PHE A 113 -6.93 5.78 -1.68
C PHE A 113 -7.72 5.12 -2.82
N ASP A 114 -6.95 4.30 -3.56
CA ASP A 114 -7.48 3.58 -4.71
C ASP A 114 -8.34 2.40 -4.25
N ARG A 115 -7.66 1.46 -3.54
CA ARG A 115 -8.28 0.18 -3.15
C ARG A 115 -7.74 -0.26 -1.77
N VAL A 116 -8.59 -1.11 -1.12
CA VAL A 116 -8.30 -1.69 0.18
C VAL A 116 -8.36 -3.24 0.10
N TYR A 117 -7.25 -3.87 0.55
CA TYR A 117 -7.22 -5.31 0.82
C TYR A 117 -7.47 -5.56 2.32
N PRO A 118 -8.59 -6.26 2.66
CA PRO A 118 -8.78 -6.78 4.02
C PRO A 118 -7.64 -7.69 4.52
N PRO A 119 -7.69 -8.06 5.83
CA PRO A 119 -6.72 -9.01 6.38
C PRO A 119 -7.04 -10.44 5.94
N GLY A 120 -6.05 -11.00 5.21
CA GLY A 120 -6.12 -12.36 4.69
C GLY A 120 -6.29 -12.40 3.17
N THR A 121 -5.89 -11.28 2.53
CA THR A 121 -5.92 -11.19 1.07
C THR A 121 -4.61 -11.74 0.50
N SER A 122 -4.84 -12.52 -0.57
CA SER A 122 -3.78 -12.99 -1.44
C SER A 122 -2.99 -11.79 -2.03
N PRO A 123 -1.82 -12.08 -2.64
CA PRO A 123 -1.10 -11.08 -3.42
C PRO A 123 -1.61 -10.92 -4.86
N GLU A 124 -2.38 -11.94 -5.30
CA GLU A 124 -2.81 -12.06 -6.69
C GLU A 124 -3.88 -11.02 -7.03
N THR A 125 -4.64 -10.67 -5.97
CA THR A 125 -5.63 -9.60 -6.00
C THR A 125 -5.00 -8.25 -6.17
N THR A 126 -3.81 -8.15 -5.59
CA THR A 126 -3.11 -6.88 -5.52
C THR A 126 -2.45 -6.62 -6.87
N ILE A 127 -2.04 -7.76 -7.46
CA ILE A 127 -1.38 -7.83 -8.74
C ILE A 127 -2.39 -7.59 -9.87
N ALA A 128 -3.58 -8.18 -9.67
CA ALA A 128 -4.71 -7.98 -10.57
C ALA A 128 -5.29 -6.59 -10.40
N ASP A 129 -5.16 -6.13 -9.15
CA ASP A 129 -5.54 -4.73 -8.92
C ASP A 129 -4.64 -3.74 -9.72
N MET A 130 -3.30 -3.84 -9.51
CA MET A 130 -2.36 -2.87 -10.09
C MET A 130 -2.31 -2.97 -11.61
N LYS A 131 -2.44 -4.22 -12.08
CA LYS A 131 -2.37 -4.46 -13.52
C LYS A 131 -3.57 -3.82 -14.21
N GLU A 132 -4.77 -4.21 -13.74
CA GLU A 132 -5.97 -3.71 -14.41
C GLU A 132 -6.19 -2.19 -14.25
N VAL A 133 -5.84 -1.69 -13.05
CA VAL A 133 -6.18 -0.30 -12.69
C VAL A 133 -5.20 0.72 -13.31
N LEU A 134 -3.91 0.30 -13.40
CA LEU A 134 -2.88 1.17 -13.98
C LEU A 134 -2.85 1.02 -15.51
N GLY A 135 -3.50 -0.07 -15.99
CA GLY A 135 -3.55 -0.36 -17.41
C GLY A 135 -2.27 -1.08 -17.86
N VAL A 136 -2.32 -2.41 -17.64
CA VAL A 136 -1.18 -3.29 -17.87
C VAL A 136 -1.57 -4.61 -18.57
N GLU A 137 -2.87 -4.63 -18.90
CA GLU A 137 -3.54 -5.76 -19.52
C GLU A 137 -3.78 -5.45 -21.01
N MET A 1 10.95 3.04 -22.23
CA MET A 1 10.37 2.02 -21.36
C MET A 1 10.19 2.57 -19.94
N GLU A 2 9.19 1.97 -19.26
CA GLU A 2 8.86 2.33 -17.89
C GLU A 2 8.49 1.05 -17.13
N LYS A 3 8.96 1.03 -15.86
CA LYS A 3 8.68 -0.03 -14.93
C LYS A 3 7.65 0.49 -13.90
N LYS A 4 7.07 -0.48 -13.19
CA LYS A 4 6.14 -0.16 -12.11
C LYS A 4 6.74 -0.65 -10.78
N THR A 5 7.11 0.39 -10.00
CA THR A 5 7.67 0.26 -8.67
C THR A 5 6.51 0.28 -7.66
N ILE A 6 6.62 -0.68 -6.73
CA ILE A 6 5.79 -0.87 -5.59
C ILE A 6 6.75 -0.95 -4.42
N VAL A 7 6.24 -0.29 -3.39
CA VAL A 7 6.87 -0.08 -2.13
C VAL A 7 5.97 -0.78 -1.12
N LEU A 8 6.57 -1.54 -0.19
CA LEU A 8 5.76 -1.96 0.94
C LEU A 8 6.58 -1.70 2.21
N GLY A 9 5.90 -0.99 3.12
CA GLY A 9 6.39 -0.74 4.47
C GLY A 9 5.39 -1.20 5.49
N VAL A 10 5.91 -1.69 6.64
CA VAL A 10 4.97 -1.90 7.73
C VAL A 10 5.07 -0.66 8.61
N ILE A 11 3.87 -0.05 8.69
CA ILE A 11 3.70 1.28 9.24
C ILE A 11 3.08 1.14 10.64
N GLY A 12 3.68 1.97 11.53
CA GLY A 12 3.45 1.88 12.96
C GLY A 12 4.45 0.91 13.59
N SER A 13 4.17 -0.39 13.34
CA SER A 13 5.05 -1.45 13.79
C SER A 13 4.63 -2.77 13.16
N ASP A 14 5.55 -3.75 13.36
CA ASP A 14 5.24 -5.14 13.15
C ASP A 14 4.29 -5.63 14.27
N CYS A 15 3.06 -5.93 13.81
CA CYS A 15 2.06 -6.57 14.65
C CYS A 15 1.48 -7.71 13.81
N HIS A 16 2.43 -8.62 13.50
CA HIS A 16 2.29 -9.68 12.49
C HIS A 16 2.29 -9.06 11.09
N ALA A 17 3.04 -9.76 10.20
CA ALA A 17 3.06 -9.43 8.77
C ALA A 17 1.78 -9.99 8.11
N VAL A 18 0.71 -9.18 8.24
CA VAL A 18 -0.62 -9.53 7.74
C VAL A 18 -0.62 -9.52 6.20
N GLY A 19 -0.44 -8.27 5.73
CA GLY A 19 -0.18 -8.02 4.33
C GLY A 19 1.30 -8.34 4.06
N ASN A 20 2.07 -7.24 4.08
CA ASN A 20 3.54 -7.20 4.17
C ASN A 20 4.25 -8.37 3.44
N LYS A 21 4.58 -9.40 4.25
CA LYS A 21 5.45 -10.52 3.87
C LYS A 21 4.76 -11.47 2.88
N ILE A 22 3.46 -11.70 3.20
CA ILE A 22 2.62 -12.63 2.47
C ILE A 22 2.40 -12.14 1.04
N LEU A 23 2.26 -10.80 1.03
CA LEU A 23 2.07 -10.03 -0.18
C LEU A 23 3.37 -9.91 -0.99
N ASP A 24 4.47 -9.67 -0.24
CA ASP A 24 5.76 -9.29 -0.82
C ASP A 24 6.28 -10.33 -1.82
N HIS A 25 6.40 -11.58 -1.30
CA HIS A 25 7.16 -12.63 -1.97
C HIS A 25 6.73 -12.82 -3.42
N SER A 26 5.38 -12.89 -3.54
CA SER A 26 4.76 -13.26 -4.79
C SER A 26 4.81 -12.13 -5.83
N PHE A 27 4.87 -10.88 -5.31
CA PHE A 27 5.02 -9.74 -6.21
C PHE A 27 6.44 -9.72 -6.79
N THR A 28 7.38 -10.19 -5.94
CA THR A 28 8.76 -10.33 -6.35
C THR A 28 8.88 -11.46 -7.39
N ASN A 29 8.05 -12.50 -7.14
CA ASN A 29 7.89 -13.60 -8.07
C ASN A 29 7.17 -13.20 -9.37
N ALA A 30 6.43 -12.05 -9.31
CA ALA A 30 5.53 -11.68 -10.40
C ALA A 30 6.29 -10.80 -11.42
N GLY A 31 7.59 -10.60 -11.12
CA GLY A 31 8.43 -9.72 -11.90
C GLY A 31 8.10 -8.25 -11.63
N PHE A 32 7.44 -8.00 -10.46
CA PHE A 32 7.09 -6.62 -10.15
C PHE A 32 8.28 -6.00 -9.41
N ASN A 33 8.54 -4.69 -9.71
CA ASN A 33 9.67 -4.05 -9.03
C ASN A 33 9.18 -3.73 -7.63
N VAL A 34 9.65 -4.56 -6.68
CA VAL A 34 9.06 -4.59 -5.35
C VAL A 34 10.17 -4.39 -4.32
N VAL A 35 9.83 -3.48 -3.39
CA VAL A 35 10.83 -2.84 -2.55
C VAL A 35 10.32 -2.90 -1.11
N ASN A 36 11.09 -3.64 -0.29
CA ASN A 36 10.81 -3.70 1.15
C ASN A 36 11.52 -2.51 1.80
N ILE A 37 10.69 -1.46 2.00
CA ILE A 37 11.18 -0.16 2.41
C ILE A 37 11.60 -0.13 3.89
N GLY A 38 10.95 -1.05 4.64
CA GLY A 38 11.25 -1.17 6.06
C GLY A 38 10.03 -1.68 6.82
N VAL A 39 10.31 -2.58 7.77
CA VAL A 39 9.33 -3.00 8.76
C VAL A 39 9.52 -2.11 9.99
N LEU A 40 8.38 -1.50 10.39
CA LEU A 40 8.36 -0.32 11.25
C LEU A 40 8.95 0.85 10.46
N SER A 41 8.00 1.68 9.99
CA SER A 41 8.31 2.79 9.11
C SER A 41 7.09 3.70 9.10
N SER A 42 7.24 4.81 8.37
CA SER A 42 6.12 5.74 8.26
C SER A 42 6.35 6.60 7.01
N GLN A 43 5.29 7.38 6.71
CA GLN A 43 5.02 8.02 5.42
C GLN A 43 6.19 8.78 4.80
N GLU A 44 7.11 9.31 5.64
CA GLU A 44 8.29 10.00 5.10
C GLU A 44 9.23 9.03 4.34
N ASP A 45 9.32 7.81 4.92
CA ASP A 45 10.11 6.72 4.37
C ASP A 45 9.51 6.19 3.05
N PHE A 46 8.17 6.05 3.01
CA PHE A 46 7.50 5.49 1.82
C PHE A 46 7.42 6.45 0.66
N ILE A 47 7.27 7.69 1.09
CA ILE A 47 7.56 8.80 0.20
C ILE A 47 8.94 8.62 -0.46
N ASN A 48 9.94 8.32 0.42
CA ASN A 48 11.34 8.40 0.04
C ASN A 48 11.76 7.22 -0.85
N ALA A 49 11.07 6.08 -0.65
CA ALA A 49 11.16 4.93 -1.52
C ALA A 49 10.44 5.18 -2.83
N ALA A 50 9.40 6.03 -2.77
CA ALA A 50 8.84 6.46 -4.04
C ALA A 50 9.75 7.45 -4.79
N ILE A 51 10.52 8.24 -4.02
CA ILE A 51 11.54 9.06 -4.68
C ILE A 51 12.63 8.15 -5.28
N GLU A 52 13.00 7.12 -4.48
CA GLU A 52 14.19 6.35 -4.78
C GLU A 52 13.99 5.36 -5.90
N THR A 53 12.91 4.60 -5.74
CA THR A 53 12.71 3.46 -6.63
C THR A 53 11.75 3.77 -7.80
N LYS A 54 10.88 4.74 -7.50
CA LYS A 54 10.07 5.48 -8.47
C LYS A 54 8.67 4.90 -8.55
N ALA A 55 8.02 5.00 -7.37
CA ALA A 55 6.69 4.41 -7.14
C ALA A 55 5.67 4.87 -8.19
N ASP A 56 5.07 3.84 -8.80
CA ASP A 56 3.79 3.97 -9.45
C ASP A 56 2.69 3.66 -8.41
N LEU A 57 3.07 2.82 -7.44
CA LEU A 57 2.26 2.47 -6.29
C LEU A 57 3.09 2.37 -4.99
N ILE A 58 2.38 2.79 -3.93
CA ILE A 58 2.92 2.77 -2.57
C ILE A 58 1.88 2.01 -1.71
N CYS A 59 2.42 0.94 -1.08
CA CYS A 59 1.65 0.05 -0.21
C CYS A 59 2.16 0.22 1.22
N VAL A 60 1.16 0.20 2.10
CA VAL A 60 1.29 0.31 3.55
C VAL A 60 0.61 -0.92 4.16
N SER A 61 1.44 -1.64 4.93
CA SER A 61 1.00 -2.78 5.70
C SER A 61 0.68 -2.24 7.10
N SER A 62 -0.63 -2.29 7.37
CA SER A 62 -1.21 -1.60 8.51
C SER A 62 -2.16 -2.58 9.19
N LEU A 63 -1.72 -3.01 10.38
CA LEU A 63 -1.97 -4.40 10.73
C LEU A 63 -2.00 -4.59 12.25
N TYR A 64 -2.85 -3.74 12.86
CA TYR A 64 -3.13 -3.79 14.29
C TYR A 64 -4.54 -3.24 14.62
N GLY A 65 -5.31 -2.95 13.55
CA GLY A 65 -6.71 -2.53 13.72
C GLY A 65 -6.88 -1.01 13.87
N GLN A 66 -5.79 -0.28 13.55
CA GLN A 66 -5.82 1.18 13.51
C GLN A 66 -5.10 1.60 12.23
N GLY A 67 -5.35 0.75 11.21
CA GLY A 67 -4.58 0.80 9.98
C GLY A 67 -4.90 2.04 9.13
N GLU A 68 -6.09 2.58 9.43
CA GLU A 68 -6.65 3.75 8.77
C GLU A 68 -6.05 5.05 9.34
N ILE A 69 -5.80 4.96 10.66
CA ILE A 69 -5.32 6.10 11.44
C ILE A 69 -3.91 6.53 10.98
N ASP A 70 -3.05 5.51 10.78
CA ASP A 70 -1.67 5.77 10.35
C ASP A 70 -1.57 6.10 8.84
N CYS A 71 -2.33 5.33 8.02
CA CYS A 71 -2.10 5.31 6.58
C CYS A 71 -2.59 6.58 5.88
N LYS A 72 -3.82 6.99 6.28
CA LYS A 72 -4.52 8.08 5.59
C LYS A 72 -3.69 9.37 5.59
N GLY A 73 -3.67 9.97 4.37
CA GLY A 73 -2.87 11.16 4.12
C GLY A 73 -1.42 10.84 3.73
N LEU A 74 -1.17 9.54 3.45
CA LEU A 74 -0.07 9.14 2.58
C LEU A 74 -0.41 9.43 1.13
N ARG A 75 -1.72 9.46 0.85
CA ARG A 75 -2.19 9.95 -0.45
C ARG A 75 -1.63 11.36 -0.69
N GLU A 76 -1.97 12.21 0.29
CA GLU A 76 -1.61 13.61 0.33
C GLU A 76 -0.22 13.97 0.74
N LYS A 77 0.38 13.08 1.53
CA LYS A 77 1.80 13.16 1.80
C LYS A 77 2.67 12.69 0.64
N CYS A 78 2.11 11.74 -0.13
CA CYS A 78 2.83 11.30 -1.33
C CYS A 78 2.70 12.35 -2.41
N ASP A 79 1.44 12.80 -2.44
CA ASP A 79 1.02 13.83 -3.35
C ASP A 79 1.54 15.19 -2.95
N GLU A 80 1.78 15.29 -1.63
CA GLU A 80 2.55 16.46 -1.14
C GLU A 80 4.04 16.38 -1.46
N ALA A 81 4.52 15.12 -1.43
CA ALA A 81 5.95 14.86 -1.60
C ALA A 81 6.43 15.05 -3.05
N GLY A 82 5.50 15.55 -3.90
CA GLY A 82 5.85 15.83 -5.28
C GLY A 82 5.85 14.53 -6.11
N LEU A 83 4.94 13.65 -5.68
CA LEU A 83 4.80 12.33 -6.26
C LEU A 83 3.30 12.06 -6.46
N LYS A 84 2.74 12.92 -7.34
CA LYS A 84 1.34 12.78 -7.73
C LYS A 84 1.31 12.00 -9.04
N GLY A 85 0.70 10.81 -8.94
CA GLY A 85 0.72 9.86 -10.04
C GLY A 85 0.75 8.44 -9.46
N ILE A 86 1.26 8.44 -8.21
CA ILE A 86 1.13 7.29 -7.34
C ILE A 86 -0.36 7.09 -7.00
N LYS A 87 -0.74 5.84 -7.33
CA LYS A 87 -1.94 5.19 -6.81
C LYS A 87 -1.54 4.41 -5.55
N LEU A 88 -2.39 4.54 -4.51
CA LEU A 88 -2.07 3.96 -3.21
C LEU A 88 -2.96 2.77 -2.90
N PHE A 89 -2.23 1.73 -2.42
CA PHE A 89 -2.86 0.60 -1.77
C PHE A 89 -2.58 0.67 -0.28
N VAL A 90 -3.63 0.26 0.47
CA VAL A 90 -3.53 0.14 1.92
C VAL A 90 -4.21 -1.17 2.33
N GLY A 91 -3.42 -2.01 3.04
CA GLY A 91 -3.88 -3.36 3.35
C GLY A 91 -3.43 -3.82 4.73
N GLY A 92 -4.28 -4.72 5.28
CA GLY A 92 -4.03 -5.37 6.55
C GLY A 92 -5.29 -5.25 7.43
N ASN A 93 -5.04 -5.16 8.75
CA ASN A 93 -6.09 -4.75 9.69
C ASN A 93 -6.26 -3.23 9.59
N ILE A 94 -7.13 -2.91 8.62
CA ILE A 94 -7.34 -1.58 8.07
C ILE A 94 -8.18 -0.70 9.01
N VAL A 95 -9.13 -1.34 9.71
CA VAL A 95 -10.08 -0.65 10.57
C VAL A 95 -10.15 -1.43 11.90
N VAL A 96 -10.81 -0.75 12.86
CA VAL A 96 -10.99 -1.21 14.22
C VAL A 96 -12.25 -2.09 14.36
N GLY A 97 -12.34 -3.07 13.43
CA GLY A 97 -13.44 -4.02 13.40
C GLY A 97 -14.55 -3.59 12.42
N LYS A 98 -14.92 -2.29 12.58
CA LYS A 98 -16.01 -1.68 11.85
C LYS A 98 -15.66 -1.56 10.36
N GLN A 99 -16.73 -1.25 9.60
CA GLN A 99 -16.66 -0.91 8.18
C GLN A 99 -16.36 -2.16 7.32
N ASN A 100 -17.15 -2.25 6.23
CA ASN A 100 -16.89 -3.21 5.17
C ASN A 100 -17.11 -2.52 3.82
N TRP A 101 -16.05 -2.65 2.99
CA TRP A 101 -15.90 -2.24 1.59
C TRP A 101 -16.58 -0.93 1.14
N PRO A 102 -17.91 -0.93 0.84
CA PRO A 102 -18.59 0.36 0.61
C PRO A 102 -18.31 1.45 1.67
N ASP A 103 -18.18 0.97 2.93
CA ASP A 103 -17.87 1.80 4.09
C ASP A 103 -16.36 2.12 4.18
N VAL A 104 -15.56 1.03 4.04
CA VAL A 104 -14.10 1.12 4.21
C VAL A 104 -13.51 2.11 3.19
N GLU A 105 -13.78 1.74 1.92
CA GLU A 105 -13.25 2.44 0.77
C GLU A 105 -13.86 3.84 0.62
N GLN A 106 -15.12 4.03 1.13
CA GLN A 106 -15.63 5.39 1.22
C GLN A 106 -14.67 6.33 1.98
N ARG A 107 -14.09 5.78 3.07
CA ARG A 107 -13.20 6.57 3.92
C ARG A 107 -11.81 6.78 3.25
N PHE A 108 -11.20 5.64 2.86
CA PHE A 108 -9.82 5.64 2.35
C PHE A 108 -9.71 6.44 1.04
N LYS A 109 -10.65 6.10 0.15
CA LYS A 109 -10.71 6.69 -1.19
C LYS A 109 -11.13 8.18 -1.14
N ALA A 110 -11.91 8.54 -0.09
CA ALA A 110 -12.24 9.95 0.11
C ALA A 110 -10.97 10.80 0.38
N MET A 111 -9.95 10.16 0.99
CA MET A 111 -8.64 10.79 1.06
C MET A 111 -8.02 10.89 -0.35
N GLY A 112 -8.12 9.72 -1.05
CA GLY A 112 -7.78 9.64 -2.47
C GLY A 112 -7.20 8.27 -2.87
N PHE A 113 -7.03 7.39 -1.85
CA PHE A 113 -6.47 6.04 -2.04
C PHE A 113 -7.21 5.28 -3.17
N ASP A 114 -6.39 4.46 -3.86
CA ASP A 114 -6.89 3.67 -4.97
C ASP A 114 -7.85 2.56 -4.45
N ARG A 115 -7.26 1.51 -3.84
CA ARG A 115 -8.07 0.39 -3.31
C ARG A 115 -7.43 -0.17 -2.02
N VAL A 116 -8.34 -0.79 -1.23
CA VAL A 116 -8.03 -1.32 0.09
C VAL A 116 -8.10 -2.86 0.07
N TYR A 117 -7.12 -3.48 0.76
CA TYR A 117 -7.09 -4.94 1.00
C TYR A 117 -7.47 -5.27 2.45
N PRO A 118 -8.15 -6.45 2.62
CA PRO A 118 -8.41 -7.02 3.96
C PRO A 118 -7.13 -7.39 4.72
N PRO A 119 -7.33 -7.92 5.97
CA PRO A 119 -6.25 -8.58 6.68
C PRO A 119 -6.15 -10.05 6.25
N GLY A 120 -4.93 -10.37 5.77
CA GLY A 120 -4.63 -11.73 5.34
C GLY A 120 -5.16 -11.98 3.93
N THR A 121 -4.55 -11.19 3.03
CA THR A 121 -4.91 -11.11 1.63
C THR A 121 -3.91 -11.93 0.81
N SER A 122 -4.49 -12.68 -0.15
CA SER A 122 -3.71 -13.24 -1.24
C SER A 122 -2.86 -12.13 -1.89
N PRO A 123 -1.76 -12.52 -2.58
CA PRO A 123 -1.01 -11.55 -3.33
C PRO A 123 -1.74 -11.21 -4.64
N GLU A 124 -2.44 -12.24 -5.17
CA GLU A 124 -3.04 -12.22 -6.51
C GLU A 124 -3.97 -10.99 -6.75
N THR A 125 -4.60 -10.55 -5.64
CA THR A 125 -5.54 -9.44 -5.66
C THR A 125 -4.88 -8.12 -5.95
N THR A 126 -3.70 -8.00 -5.35
CA THR A 126 -2.97 -6.75 -5.32
C THR A 126 -2.26 -6.51 -6.66
N ILE A 127 -1.88 -7.65 -7.26
CA ILE A 127 -1.18 -7.68 -8.55
C ILE A 127 -2.14 -7.38 -9.69
N ALA A 128 -3.34 -7.99 -9.52
CA ALA A 128 -4.44 -7.75 -10.45
C ALA A 128 -5.02 -6.37 -10.22
N ASP A 129 -4.91 -5.96 -8.95
CA ASP A 129 -5.22 -4.55 -8.70
C ASP A 129 -4.28 -3.57 -9.46
N MET A 130 -2.95 -3.70 -9.24
CA MET A 130 -1.99 -2.71 -9.75
C MET A 130 -1.81 -2.77 -11.26
N LYS A 131 -2.00 -4.01 -11.78
CA LYS A 131 -1.83 -4.22 -13.20
C LYS A 131 -2.97 -3.53 -13.95
N GLU A 132 -4.20 -3.87 -13.52
CA GLU A 132 -5.37 -3.27 -14.15
C GLU A 132 -5.45 -1.73 -14.00
N VAL A 133 -4.93 -1.26 -12.86
CA VAL A 133 -4.89 0.17 -12.54
C VAL A 133 -3.88 0.93 -13.42
N LEU A 134 -2.66 0.35 -13.50
CA LEU A 134 -1.53 1.00 -14.19
C LEU A 134 -1.47 0.63 -15.70
N GLY A 135 -2.47 -0.15 -16.15
CA GLY A 135 -2.53 -0.55 -17.55
C GLY A 135 -1.40 -1.52 -17.91
N VAL A 136 -1.61 -2.75 -17.38
CA VAL A 136 -0.61 -3.81 -17.44
C VAL A 136 -1.37 -5.15 -17.51
N GLU A 137 -0.63 -6.15 -18.03
CA GLU A 137 -1.20 -7.46 -18.28
C GLU A 137 -0.07 -8.52 -18.33
N MET A 1 7.34 4.83 -18.24
CA MET A 1 6.44 3.68 -18.36
C MET A 1 7.19 2.40 -18.78
N GLU A 2 8.48 2.37 -18.39
CA GLU A 2 9.35 1.23 -18.66
C GLU A 2 8.94 0.04 -17.76
N LYS A 3 8.90 0.37 -16.46
CA LYS A 3 8.48 -0.57 -15.43
C LYS A 3 7.55 0.18 -14.47
N LYS A 4 6.85 -0.66 -13.66
CA LYS A 4 6.04 -0.15 -12.56
C LYS A 4 6.62 -0.69 -11.23
N THR A 5 6.98 0.33 -10.42
CA THR A 5 7.58 0.19 -9.10
C THR A 5 6.43 0.24 -8.08
N ILE A 6 6.46 -0.75 -7.15
CA ILE A 6 5.54 -0.93 -6.09
C ILE A 6 6.39 -1.16 -4.85
N VAL A 7 6.06 -0.24 -3.95
CA VAL A 7 6.64 -0.01 -2.68
C VAL A 7 5.69 -0.67 -1.71
N LEU A 8 6.22 -1.59 -0.89
CA LEU A 8 5.35 -2.14 0.15
C LEU A 8 6.08 -2.10 1.47
N GLY A 9 5.34 -1.50 2.43
CA GLY A 9 5.68 -1.48 3.84
C GLY A 9 4.52 -2.06 4.62
N VAL A 10 4.87 -2.74 5.73
CA VAL A 10 3.82 -3.08 6.66
C VAL A 10 3.82 -2.03 7.76
N ILE A 11 2.64 -1.38 7.81
CA ILE A 11 2.41 -0.15 8.53
C ILE A 11 1.58 -0.44 9.77
N GLY A 12 1.96 0.34 10.79
CA GLY A 12 1.50 0.16 12.15
C GLY A 12 2.74 0.14 13.03
N SER A 13 2.60 0.85 14.16
CA SER A 13 3.70 1.07 15.10
C SER A 13 4.16 -0.27 15.71
N ASP A 14 5.18 -0.83 15.02
CA ASP A 14 5.74 -2.13 15.34
C ASP A 14 6.97 -2.38 14.45
N CYS A 15 7.65 -3.50 14.80
CA CYS A 15 8.79 -4.00 14.05
C CYS A 15 8.58 -5.48 13.68
N HIS A 16 7.28 -5.81 13.50
CA HIS A 16 6.88 -7.15 13.10
C HIS A 16 6.90 -7.25 11.56
N ALA A 17 7.84 -8.09 11.08
CA ALA A 17 8.03 -8.31 9.65
C ALA A 17 6.91 -9.17 9.02
N VAL A 18 5.99 -9.64 9.89
CA VAL A 18 4.80 -10.34 9.42
C VAL A 18 3.96 -9.39 8.55
N GLY A 19 3.39 -10.00 7.48
CA GLY A 19 2.66 -9.21 6.51
C GLY A 19 3.59 -8.37 5.60
N ASN A 20 4.87 -8.82 5.59
CA ASN A 20 5.91 -8.27 4.73
C ASN A 20 7.13 -9.19 4.82
N LYS A 21 6.80 -10.49 4.72
CA LYS A 21 7.79 -11.55 4.73
C LYS A 21 7.39 -12.63 3.72
N ILE A 22 6.06 -12.90 3.72
CA ILE A 22 5.43 -13.77 2.73
C ILE A 22 4.48 -12.95 1.83
N LEU A 23 3.99 -11.84 2.43
CA LEU A 23 3.02 -10.97 1.77
C LEU A 23 3.65 -10.31 0.54
N ASP A 24 4.89 -9.85 0.78
CA ASP A 24 5.70 -9.18 -0.23
C ASP A 24 6.06 -10.11 -1.39
N HIS A 25 6.28 -11.39 -0.99
CA HIS A 25 6.96 -12.37 -1.81
C HIS A 25 6.36 -12.52 -3.20
N SER A 26 5.01 -12.53 -3.21
CA SER A 26 4.29 -12.85 -4.43
C SER A 26 4.30 -11.70 -5.44
N PHE A 27 4.36 -10.47 -4.89
CA PHE A 27 4.48 -9.29 -5.75
C PHE A 27 5.86 -9.30 -6.44
N THR A 28 6.85 -9.71 -5.63
CA THR A 28 8.22 -9.86 -6.12
C THR A 28 8.30 -11.00 -7.16
N ASN A 29 7.46 -12.03 -6.88
CA ASN A 29 7.32 -13.21 -7.70
C ASN A 29 6.62 -12.92 -9.04
N ALA A 30 5.89 -11.77 -9.09
CA ALA A 30 4.94 -11.55 -10.18
C ALA A 30 5.65 -10.85 -11.35
N GLY A 31 7.00 -10.85 -11.26
CA GLY A 31 7.83 -10.16 -12.21
C GLY A 31 7.71 -8.64 -12.07
N PHE A 32 7.23 -8.21 -10.87
CA PHE A 32 6.97 -6.78 -10.69
C PHE A 32 8.25 -6.16 -10.13
N ASN A 33 8.42 -4.83 -10.37
CA ASN A 33 9.56 -4.19 -9.71
C ASN A 33 9.09 -3.87 -8.30
N VAL A 34 9.61 -4.70 -7.36
CA VAL A 34 9.11 -4.64 -6.00
C VAL A 34 10.27 -4.47 -5.01
N VAL A 35 10.16 -3.31 -4.37
CA VAL A 35 10.93 -2.92 -3.19
C VAL A 35 10.12 -3.34 -1.96
N ASN A 36 10.75 -4.30 -1.24
CA ASN A 36 10.32 -4.63 0.11
C ASN A 36 11.03 -3.63 1.03
N ILE A 37 10.24 -2.59 1.37
CA ILE A 37 10.76 -1.45 2.14
C ILE A 37 10.96 -1.86 3.63
N GLY A 38 10.29 -2.98 3.98
CA GLY A 38 10.39 -3.57 5.29
C GLY A 38 9.24 -3.10 6.17
N VAL A 39 9.34 -3.54 7.45
CA VAL A 39 8.34 -3.13 8.43
C VAL A 39 8.66 -1.73 8.93
N LEU A 40 7.57 -0.94 8.93
CA LEU A 40 7.61 0.28 9.72
C LEU A 40 6.19 0.73 10.08
N SER A 41 5.97 2.06 9.99
CA SER A 41 4.76 2.64 10.54
C SER A 41 4.54 4.08 10.06
N SER A 42 5.26 4.48 8.99
CA SER A 42 5.04 5.83 8.49
C SER A 42 5.49 6.01 7.04
N GLN A 43 4.74 6.99 6.50
CA GLN A 43 4.80 7.47 5.13
C GLN A 43 6.19 7.99 4.76
N GLU A 44 6.93 8.49 5.78
CA GLU A 44 8.29 8.99 5.54
C GLU A 44 9.19 7.96 4.81
N ASP A 45 8.97 6.69 5.21
CA ASP A 45 9.83 5.57 4.82
C ASP A 45 9.34 4.94 3.50
N PHE A 46 8.01 4.94 3.32
CA PHE A 46 7.43 4.33 2.11
C PHE A 46 7.59 5.26 0.90
N ILE A 47 7.43 6.54 1.23
CA ILE A 47 7.82 7.63 0.37
C ILE A 47 9.32 7.60 0.09
N ASN A 48 10.11 7.13 1.08
CA ASN A 48 11.55 7.03 0.84
C ASN A 48 11.84 6.05 -0.32
N ALA A 49 11.04 4.96 -0.38
CA ALA A 49 11.10 4.06 -1.54
C ALA A 49 10.43 4.66 -2.76
N ALA A 50 9.40 5.50 -2.60
CA ALA A 50 8.88 6.11 -3.83
C ALA A 50 9.83 7.15 -4.45
N ILE A 51 10.59 7.82 -3.58
CA ILE A 51 11.63 8.72 -4.06
C ILE A 51 12.76 7.90 -4.71
N GLU A 52 13.06 6.75 -4.06
CA GLU A 52 14.23 5.98 -4.48
C GLU A 52 14.02 5.27 -5.81
N THR A 53 12.89 4.55 -5.87
CA THR A 53 12.69 3.68 -7.01
C THR A 53 11.75 4.25 -8.08
N LYS A 54 10.83 5.08 -7.58
CA LYS A 54 9.90 5.86 -8.39
C LYS A 54 8.63 5.05 -8.63
N ALA A 55 7.90 4.98 -7.49
CA ALA A 55 6.63 4.28 -7.37
C ALA A 55 5.61 4.80 -8.38
N ASP A 56 4.95 3.81 -9.03
CA ASP A 56 3.70 4.04 -9.75
C ASP A 56 2.52 3.83 -8.79
N LEU A 57 2.78 2.88 -7.85
CA LEU A 57 1.85 2.53 -6.79
C LEU A 57 2.64 2.30 -5.49
N ILE A 58 1.95 2.71 -4.42
CA ILE A 58 2.46 2.61 -3.06
C ILE A 58 1.42 1.82 -2.25
N CYS A 59 2.00 0.79 -1.59
CA CYS A 59 1.30 -0.25 -0.87
C CYS A 59 1.63 -0.15 0.63
N VAL A 60 0.53 -0.30 1.37
CA VAL A 60 0.47 -0.24 2.82
C VAL A 60 -0.32 -1.48 3.26
N SER A 61 0.38 -2.28 4.10
CA SER A 61 -0.17 -3.51 4.65
C SER A 61 -0.41 -3.28 6.13
N SER A 62 -1.71 -3.33 6.48
CA SER A 62 -2.07 -3.04 7.86
C SER A 62 -2.32 -4.38 8.58
N LEU A 63 -1.44 -4.57 9.59
CA LEU A 63 -1.68 -5.56 10.64
C LEU A 63 -2.67 -4.96 11.67
N TYR A 64 -2.45 -3.63 11.82
CA TYR A 64 -3.08 -2.78 12.80
C TYR A 64 -2.21 -2.73 14.06
N GLY A 65 -0.97 -2.27 13.78
CA GLY A 65 -0.22 -1.55 14.80
C GLY A 65 -0.72 -0.10 14.87
N GLN A 66 -1.29 0.32 13.71
CA GLN A 66 -1.98 1.59 13.46
C GLN A 66 -2.14 1.68 11.93
N GLY A 67 -3.20 0.96 11.48
CA GLY A 67 -3.38 0.76 10.05
C GLY A 67 -4.02 1.97 9.37
N GLU A 68 -5.06 2.49 10.05
CA GLU A 68 -5.85 3.60 9.49
C GLU A 68 -5.14 4.95 9.70
N ILE A 69 -4.49 5.02 10.88
CA ILE A 69 -3.92 6.28 11.33
C ILE A 69 -2.64 6.60 10.52
N ASP A 70 -1.82 5.55 10.35
CA ASP A 70 -0.54 5.72 9.67
C ASP A 70 -0.68 5.82 8.14
N CYS A 71 -1.69 5.12 7.57
CA CYS A 71 -1.79 5.05 6.12
C CYS A 71 -2.38 6.34 5.49
N LYS A 72 -3.20 7.04 6.29
CA LYS A 72 -4.01 8.14 5.79
C LYS A 72 -3.16 9.41 5.55
N GLY A 73 -3.29 9.90 4.29
CA GLY A 73 -2.52 11.04 3.78
C GLY A 73 -1.15 10.63 3.24
N LEU A 74 -1.03 9.33 2.90
CA LEU A 74 0.04 8.83 2.05
C LEU A 74 -0.19 9.17 0.59
N ARG A 75 -1.48 9.34 0.22
CA ARG A 75 -1.78 9.90 -1.10
C ARG A 75 -1.10 11.26 -1.21
N GLU A 76 -1.47 12.08 -0.19
CA GLU A 76 -1.08 13.46 -0.04
C GLU A 76 0.29 13.76 0.46
N LYS A 77 0.85 12.83 1.21
CA LYS A 77 2.27 12.84 1.51
C LYS A 77 3.12 12.37 0.35
N CYS A 78 2.53 11.50 -0.48
CA CYS A 78 3.22 11.12 -1.71
C CYS A 78 3.15 12.26 -2.71
N ASP A 79 1.96 12.82 -2.67
CA ASP A 79 1.63 14.01 -3.42
C ASP A 79 2.47 15.19 -2.97
N GLU A 80 2.65 15.16 -1.64
CA GLU A 80 3.47 16.23 -1.03
C GLU A 80 4.96 16.06 -1.33
N ALA A 81 5.30 14.75 -1.42
CA ALA A 81 6.69 14.37 -1.60
C ALA A 81 7.21 14.64 -3.03
N GLY A 82 6.33 15.27 -3.83
CA GLY A 82 6.69 15.58 -5.21
C GLY A 82 6.62 14.32 -6.08
N LEU A 83 5.64 13.49 -5.70
CA LEU A 83 5.41 12.19 -6.32
C LEU A 83 3.90 12.07 -6.58
N LYS A 84 3.49 12.91 -7.57
CA LYS A 84 2.11 12.93 -8.01
C LYS A 84 2.02 12.10 -9.30
N GLY A 85 1.22 11.02 -9.18
CA GLY A 85 1.13 10.02 -10.24
C GLY A 85 1.00 8.65 -9.59
N ILE A 86 1.52 8.64 -8.35
CA ILE A 86 1.28 7.54 -7.43
C ILE A 86 -0.23 7.50 -7.08
N LYS A 87 -0.74 6.29 -7.34
CA LYS A 87 -2.07 5.83 -6.92
C LYS A 87 -1.87 4.72 -5.86
N LEU A 88 -2.72 4.79 -4.82
CA LEU A 88 -2.46 3.99 -3.63
C LEU A 88 -3.46 2.84 -3.49
N PHE A 89 -2.78 1.73 -3.21
CA PHE A 89 -3.36 0.45 -2.83
C PHE A 89 -3.07 0.27 -1.33
N VAL A 90 -4.15 -0.06 -0.59
CA VAL A 90 -4.04 -0.35 0.83
C VAL A 90 -4.89 -1.59 1.14
N GLY A 91 -4.21 -2.60 1.71
CA GLY A 91 -4.87 -3.88 1.95
C GLY A 91 -4.58 -4.41 3.35
N GLY A 92 -5.59 -5.19 3.82
CA GLY A 92 -5.45 -5.97 5.03
C GLY A 92 -6.49 -5.52 6.07
N ASN A 93 -6.09 -5.73 7.34
CA ASN A 93 -6.90 -5.35 8.49
C ASN A 93 -6.53 -3.91 8.88
N ILE A 94 -7.19 -2.98 8.14
CA ILE A 94 -6.74 -1.60 8.08
C ILE A 94 -7.42 -0.67 9.10
N VAL A 95 -8.38 -1.24 9.86
CA VAL A 95 -9.15 -0.46 10.82
C VAL A 95 -9.11 -1.20 12.15
N VAL A 96 -9.54 -0.43 13.17
CA VAL A 96 -9.44 -0.78 14.58
C VAL A 96 -10.42 -1.91 14.95
N GLY A 97 -9.90 -3.14 14.79
CA GLY A 97 -10.68 -4.34 15.08
C GLY A 97 -11.85 -4.48 14.09
N LYS A 98 -13.01 -4.00 14.60
CA LYS A 98 -14.24 -3.90 13.82
C LYS A 98 -14.01 -3.03 12.57
N GLN A 99 -14.49 -3.61 11.45
CA GLN A 99 -14.22 -3.11 10.12
C GLN A 99 -15.17 -3.82 9.14
N ASN A 100 -15.89 -2.98 8.34
CA ASN A 100 -17.14 -3.41 7.74
C ASN A 100 -17.11 -3.45 6.19
N TRP A 101 -16.24 -2.61 5.62
CA TRP A 101 -16.16 -2.39 4.17
C TRP A 101 -16.96 -1.21 3.56
N PRO A 102 -18.32 -1.17 3.61
CA PRO A 102 -19.02 0.02 3.13
C PRO A 102 -18.63 1.32 3.87
N ASP A 103 -18.34 1.12 5.17
CA ASP A 103 -17.93 2.20 6.06
C ASP A 103 -16.44 2.55 5.87
N VAL A 104 -15.66 1.47 5.67
CA VAL A 104 -14.21 1.61 5.63
C VAL A 104 -13.75 2.29 4.34
N GLU A 105 -14.37 1.83 3.24
CA GLU A 105 -14.04 2.35 1.91
C GLU A 105 -14.61 3.76 1.70
N GLN A 106 -15.72 4.04 2.42
CA GLN A 106 -16.24 5.40 2.42
C GLN A 106 -15.19 6.42 2.94
N ARG A 107 -14.58 6.03 4.07
CA ARG A 107 -13.64 6.92 4.74
C ARG A 107 -12.29 7.00 4.00
N PHE A 108 -11.73 5.81 3.75
CA PHE A 108 -10.38 5.68 3.21
C PHE A 108 -10.24 6.35 1.84
N LYS A 109 -11.22 5.97 1.00
CA LYS A 109 -11.23 6.44 -0.38
C LYS A 109 -11.56 7.95 -0.49
N ALA A 110 -12.35 8.42 0.50
CA ALA A 110 -12.64 9.86 0.58
C ALA A 110 -11.37 10.67 0.93
N MET A 111 -10.49 10.02 1.71
CA MET A 111 -9.20 10.64 2.06
C MET A 111 -8.20 10.55 0.89
N GLY A 112 -8.45 9.58 0.00
CA GLY A 112 -7.76 9.60 -1.29
C GLY A 112 -7.54 8.21 -1.92
N PHE A 113 -7.70 7.15 -1.10
CA PHE A 113 -7.36 5.80 -1.57
C PHE A 113 -8.17 5.41 -2.81
N ASP A 114 -7.38 4.89 -3.79
CA ASP A 114 -7.93 4.45 -5.05
C ASP A 114 -8.72 3.15 -4.84
N ARG A 115 -8.05 2.24 -4.11
CA ARG A 115 -8.57 0.91 -3.86
C ARG A 115 -8.18 0.45 -2.46
N VAL A 116 -9.19 -0.17 -1.82
CA VAL A 116 -9.06 -0.70 -0.47
C VAL A 116 -9.40 -2.20 -0.51
N TYR A 117 -8.36 -3.02 -0.23
CA TYR A 117 -8.55 -4.47 -0.16
C TYR A 117 -9.00 -4.94 1.25
N PRO A 118 -9.87 -6.01 1.28
CA PRO A 118 -10.48 -6.53 2.51
C PRO A 118 -9.53 -6.88 3.68
N PRO A 119 -10.11 -7.34 4.82
CA PRO A 119 -9.33 -7.90 5.93
C PRO A 119 -8.55 -9.16 5.52
N GLY A 120 -7.22 -8.98 5.53
CA GLY A 120 -6.27 -10.04 5.16
C GLY A 120 -6.49 -10.55 3.73
N THR A 121 -5.90 -9.77 2.80
CA THR A 121 -6.04 -10.01 1.37
C THR A 121 -4.78 -10.68 0.80
N SER A 122 -5.09 -11.67 -0.07
CA SER A 122 -4.12 -12.21 -1.01
C SER A 122 -3.39 -11.09 -1.78
N PRO A 123 -2.23 -11.45 -2.38
CA PRO A 123 -1.50 -10.52 -3.23
C PRO A 123 -2.01 -10.47 -4.68
N GLU A 124 -2.74 -11.55 -5.05
CA GLU A 124 -3.17 -11.76 -6.43
C GLU A 124 -4.29 -10.80 -6.83
N THR A 125 -5.08 -10.45 -5.78
CA THR A 125 -6.15 -9.45 -5.89
C THR A 125 -5.61 -8.09 -6.23
N THR A 126 -4.46 -7.82 -5.62
CA THR A 126 -3.88 -6.49 -5.63
C THR A 126 -3.17 -6.25 -6.97
N ILE A 127 -2.64 -7.39 -7.47
CA ILE A 127 -1.95 -7.48 -8.74
C ILE A 127 -2.93 -7.42 -9.92
N ALA A 128 -4.04 -8.16 -9.77
CA ALA A 128 -5.13 -8.11 -10.75
C ALA A 128 -5.91 -6.83 -10.63
N ASP A 129 -5.91 -6.35 -9.38
CA ASP A 129 -6.40 -4.99 -9.17
C ASP A 129 -5.43 -3.93 -9.76
N MET A 130 -4.11 -4.24 -9.80
CA MET A 130 -3.15 -3.33 -10.46
C MET A 130 -3.32 -3.37 -11.98
N LYS A 131 -3.60 -4.60 -12.47
CA LYS A 131 -3.66 -4.81 -13.90
C LYS A 131 -4.82 -4.02 -14.48
N GLU A 132 -5.99 -4.21 -13.84
CA GLU A 132 -7.14 -3.39 -14.27
C GLU A 132 -6.93 -1.86 -14.15
N VAL A 133 -6.62 -1.46 -12.91
CA VAL A 133 -6.54 -0.05 -12.52
C VAL A 133 -5.53 0.75 -13.37
N LEU A 134 -4.33 0.16 -13.54
CA LEU A 134 -3.23 0.86 -14.21
C LEU A 134 -3.25 0.62 -15.74
N GLY A 135 -4.38 0.03 -16.21
CA GLY A 135 -4.63 -0.11 -17.64
C GLY A 135 -3.69 -1.12 -18.30
N VAL A 136 -3.91 -2.38 -17.91
CA VAL A 136 -3.00 -3.48 -18.28
C VAL A 136 -3.71 -4.83 -18.52
N GLU A 137 -5.04 -4.73 -18.41
CA GLU A 137 -5.94 -5.88 -18.40
C GLU A 137 -6.94 -5.77 -19.56
N MET A 1 10.77 4.83 -13.90
CA MET A 1 10.70 5.41 -15.24
C MET A 1 10.87 4.35 -16.34
N GLU A 2 10.40 3.14 -15.98
CA GLU A 2 10.54 1.97 -16.85
C GLU A 2 9.51 0.92 -16.43
N LYS A 3 9.58 0.62 -15.11
CA LYS A 3 8.72 -0.36 -14.46
C LYS A 3 7.73 0.38 -13.57
N LYS A 4 6.70 -0.40 -13.19
CA LYS A 4 5.80 0.00 -12.12
C LYS A 4 6.22 -0.77 -10.86
N THR A 5 6.77 0.08 -9.95
CA THR A 5 7.08 -0.38 -8.61
C THR A 5 5.84 -0.16 -7.74
N ILE A 6 5.60 -1.25 -6.99
CA ILE A 6 4.79 -1.38 -5.84
C ILE A 6 5.78 -1.64 -4.72
N VAL A 7 5.65 -0.72 -3.78
CA VAL A 7 6.42 -0.65 -2.58
C VAL A 7 5.53 -1.25 -1.50
N LEU A 8 6.18 -1.98 -0.58
CA LEU A 8 5.45 -2.30 0.64
C LEU A 8 6.36 -1.99 1.82
N GLY A 9 5.75 -1.21 2.73
CA GLY A 9 6.30 -0.90 4.04
C GLY A 9 5.31 -1.30 5.10
N VAL A 10 5.87 -1.75 6.23
CA VAL A 10 5.01 -1.97 7.38
C VAL A 10 5.10 -0.73 8.27
N ILE A 11 3.92 -0.13 8.44
CA ILE A 11 3.80 1.14 9.14
C ILE A 11 3.35 0.88 10.57
N GLY A 12 3.97 1.70 11.44
CA GLY A 12 4.05 1.40 12.85
C GLY A 12 5.08 0.29 13.05
N SER A 13 6.31 0.76 13.37
CA SER A 13 7.51 -0.07 13.24
C SER A 13 7.48 -1.29 14.16
N ASP A 14 8.37 -2.21 13.75
CA ASP A 14 8.69 -3.43 14.46
C ASP A 14 10.16 -3.75 14.15
N CYS A 15 10.64 -4.81 14.83
CA CYS A 15 11.95 -5.36 14.50
C CYS A 15 11.82 -6.29 13.28
N HIS A 16 10.67 -7.01 13.28
CA HIS A 16 10.27 -7.91 12.21
C HIS A 16 9.28 -7.17 11.29
N ALA A 17 8.45 -7.97 10.60
CA ALA A 17 7.32 -7.46 9.81
C ALA A 17 7.79 -6.54 8.68
N VAL A 18 8.20 -7.22 7.58
CA VAL A 18 8.55 -6.56 6.32
C VAL A 18 7.88 -7.24 5.12
N GLY A 19 7.36 -8.45 5.38
CA GLY A 19 6.72 -9.25 4.33
C GLY A 19 5.25 -8.87 4.15
N ASN A 20 4.64 -8.48 5.31
CA ASN A 20 3.25 -8.06 5.45
C ASN A 20 2.25 -9.01 4.78
N LYS A 21 1.60 -9.81 5.65
CA LYS A 21 0.49 -10.66 5.27
C LYS A 21 0.96 -11.79 4.31
N ILE A 22 0.63 -11.61 3.01
CA ILE A 22 1.08 -12.53 1.96
C ILE A 22 1.71 -11.77 0.79
N LEU A 23 1.89 -10.46 1.01
CA LEU A 23 1.69 -9.55 -0.09
C LEU A 23 2.82 -9.63 -1.10
N ASP A 24 4.04 -9.48 -0.57
CA ASP A 24 5.19 -9.24 -1.45
C ASP A 24 5.43 -10.42 -2.40
N HIS A 25 5.45 -11.62 -1.77
CA HIS A 25 5.95 -12.87 -2.35
C HIS A 25 5.43 -13.10 -3.78
N SER A 26 4.09 -13.04 -3.83
CA SER A 26 3.35 -13.39 -5.03
C SER A 26 3.38 -12.27 -6.08
N PHE A 27 3.56 -11.02 -5.57
CA PHE A 27 3.63 -9.88 -6.48
C PHE A 27 4.94 -9.90 -7.29
N THR A 28 6.00 -10.33 -6.58
CA THR A 28 7.30 -10.51 -7.22
C THR A 28 7.22 -11.67 -8.23
N ASN A 29 6.43 -12.68 -7.81
CA ASN A 29 6.10 -13.82 -8.64
C ASN A 29 5.24 -13.44 -9.87
N ALA A 30 4.56 -12.26 -9.78
CA ALA A 30 3.54 -11.90 -10.76
C ALA A 30 4.13 -10.96 -11.82
N GLY A 31 5.48 -10.83 -11.75
CA GLY A 31 6.21 -9.96 -12.65
C GLY A 31 6.04 -8.48 -12.29
N PHE A 32 5.62 -8.23 -11.02
CA PHE A 32 5.48 -6.84 -10.57
C PHE A 32 6.78 -6.45 -9.88
N ASN A 33 7.23 -5.19 -10.16
CA ASN A 33 8.50 -4.79 -9.55
C ASN A 33 8.21 -4.44 -8.09
N VAL A 34 8.62 -5.39 -7.23
CA VAL A 34 8.13 -5.33 -5.86
C VAL A 34 9.34 -5.32 -4.92
N VAL A 35 9.48 -4.11 -4.35
CA VAL A 35 10.57 -3.74 -3.46
C VAL A 35 10.01 -3.75 -2.03
N ASN A 36 10.68 -4.61 -1.22
CA ASN A 36 10.40 -4.69 0.21
C ASN A 36 11.26 -3.62 0.89
N ILE A 37 10.56 -2.50 1.19
CA ILE A 37 11.23 -1.26 1.55
C ILE A 37 11.85 -1.34 2.96
N GLY A 38 11.19 -2.18 3.78
CA GLY A 38 11.60 -2.36 5.18
C GLY A 38 10.40 -2.14 6.11
N VAL A 39 10.70 -2.46 7.38
CA VAL A 39 9.82 -2.10 8.46
C VAL A 39 10.24 -0.69 8.94
N LEU A 40 9.24 0.20 8.95
CA LEU A 40 9.45 1.50 9.57
C LEU A 40 8.09 2.17 9.81
N SER A 41 8.09 2.90 10.94
CA SER A 41 6.92 3.59 11.44
C SER A 41 6.44 4.75 10.55
N SER A 42 7.13 5.02 9.41
CA SER A 42 6.74 6.19 8.62
C SER A 42 6.98 6.08 7.10
N GLN A 43 6.02 6.81 6.52
CA GLN A 43 5.90 7.17 5.12
C GLN A 43 7.18 7.80 4.61
N GLU A 44 7.97 8.47 5.49
CA GLU A 44 9.19 9.11 5.03
C GLU A 44 10.09 8.15 4.23
N ASP A 45 10.10 6.88 4.70
CA ASP A 45 10.88 5.83 4.05
C ASP A 45 10.12 5.22 2.85
N PHE A 46 8.76 5.22 2.94
CA PHE A 46 7.97 4.51 1.93
C PHE A 46 7.88 5.24 0.59
N ILE A 47 7.70 6.55 0.73
CA ILE A 47 7.83 7.42 -0.42
C ILE A 47 9.26 7.50 -0.85
N ASN A 48 10.18 7.41 0.13
CA ASN A 48 11.57 7.40 -0.26
C ASN A 48 11.91 6.16 -1.12
N ALA A 49 11.17 5.04 -0.90
CA ALA A 49 11.20 3.93 -1.85
C ALA A 49 10.51 4.26 -3.15
N ALA A 50 9.51 5.15 -3.17
CA ALA A 50 9.00 5.62 -4.46
C ALA A 50 9.93 6.61 -5.20
N ILE A 51 10.70 7.38 -4.41
CA ILE A 51 11.70 8.28 -4.95
C ILE A 51 12.87 7.43 -5.49
N GLU A 52 13.10 6.30 -4.78
CA GLU A 52 14.20 5.42 -5.11
C GLU A 52 13.95 4.60 -6.36
N THR A 53 12.75 3.98 -6.29
CA THR A 53 12.42 2.93 -7.25
C THR A 53 11.79 3.51 -8.52
N LYS A 54 10.96 4.55 -8.26
CA LYS A 54 10.02 5.17 -9.17
C LYS A 54 8.71 4.37 -9.22
N ALA A 55 7.90 4.64 -8.17
CA ALA A 55 6.64 3.97 -7.91
C ALA A 55 5.52 4.48 -8.83
N ASP A 56 4.69 3.52 -9.24
CA ASP A 56 3.31 3.81 -9.62
C ASP A 56 2.38 3.67 -8.39
N LEU A 57 2.78 2.74 -7.48
CA LEU A 57 2.01 2.46 -6.29
C LEU A 57 2.91 2.23 -5.06
N ILE A 58 2.34 2.70 -3.94
CA ILE A 58 2.94 2.60 -2.60
C ILE A 58 1.91 1.89 -1.70
N CYS A 59 2.42 0.88 -0.99
CA CYS A 59 1.64 0.05 -0.07
C CYS A 59 2.12 0.25 1.37
N VAL A 60 1.10 0.27 2.23
CA VAL A 60 1.21 0.52 3.67
C VAL A 60 0.47 -0.62 4.38
N SER A 61 1.22 -1.25 5.31
CA SER A 61 0.72 -2.42 6.02
C SER A 61 0.57 -2.07 7.49
N SER A 62 -0.72 -2.06 7.89
CA SER A 62 -1.07 -1.77 9.26
C SER A 62 -1.38 -3.07 10.00
N LEU A 63 -0.59 -3.26 11.06
CA LEU A 63 -0.69 -4.46 11.88
C LEU A 63 0.12 -4.23 13.16
N TYR A 64 -0.20 -3.09 13.81
CA TYR A 64 0.62 -2.63 14.93
C TYR A 64 -0.26 -2.08 16.08
N GLY A 65 -1.41 -1.49 15.69
CA GLY A 65 -2.19 -0.75 16.67
C GLY A 65 -3.49 -0.21 16.05
N GLN A 66 -3.31 0.51 14.92
CA GLN A 66 -4.41 1.26 14.32
C GLN A 66 -3.92 1.97 13.04
N GLY A 67 -4.35 1.38 11.92
CA GLY A 67 -3.81 1.71 10.61
C GLY A 67 -4.36 3.01 10.01
N GLU A 68 -5.59 3.33 10.43
CA GLU A 68 -6.32 4.46 9.86
C GLU A 68 -5.70 5.78 10.36
N ILE A 69 -5.24 5.65 11.61
CA ILE A 69 -4.52 6.69 12.32
C ILE A 69 -3.14 6.94 11.67
N ASP A 70 -2.48 5.81 11.33
CA ASP A 70 -1.09 5.88 10.92
C ASP A 70 -0.91 6.42 9.48
N CYS A 71 -1.60 5.71 8.58
CA CYS A 71 -1.28 5.70 7.15
C CYS A 71 -1.77 6.96 6.40
N LYS A 72 -2.86 7.56 6.93
CA LYS A 72 -3.53 8.64 6.19
C LYS A 72 -2.65 9.90 6.12
N GLY A 73 -2.51 10.35 4.86
CA GLY A 73 -1.57 11.42 4.50
C GLY A 73 -0.32 10.88 3.85
N LEU A 74 -0.39 9.59 3.44
CA LEU A 74 0.54 9.07 2.43
C LEU A 74 0.17 9.53 1.03
N ARG A 75 -1.14 9.74 0.78
CA ARG A 75 -1.44 10.34 -0.52
C ARG A 75 -0.83 11.74 -0.60
N GLU A 76 -0.94 12.46 0.54
CA GLU A 76 -0.39 13.79 0.76
C GLU A 76 1.07 13.94 1.05
N LYS A 77 1.65 12.89 1.61
CA LYS A 77 3.10 12.76 1.64
C LYS A 77 3.68 12.33 0.31
N CYS A 78 2.87 11.58 -0.44
CA CYS A 78 3.22 11.21 -1.80
C CYS A 78 3.00 12.34 -2.78
N ASP A 79 2.02 13.14 -2.37
CA ASP A 79 1.72 14.37 -3.03
C ASP A 79 2.79 15.38 -2.72
N GLU A 80 3.11 15.32 -1.42
CA GLU A 80 4.07 16.28 -0.88
C GLU A 80 5.50 16.00 -1.30
N ALA A 81 5.74 14.69 -1.51
CA ALA A 81 7.08 14.25 -1.85
C ALA A 81 7.49 14.60 -3.30
N GLY A 82 6.52 15.21 -4.02
CA GLY A 82 6.69 15.45 -5.44
C GLY A 82 6.49 14.14 -6.23
N LEU A 83 5.77 13.23 -5.55
CA LEU A 83 5.53 11.88 -6.06
C LEU A 83 4.06 11.74 -6.49
N LYS A 84 3.43 12.90 -6.79
CA LYS A 84 2.03 12.87 -7.19
C LYS A 84 1.88 12.28 -8.60
N GLY A 85 1.20 11.11 -8.57
CA GLY A 85 1.09 10.29 -9.77
C GLY A 85 0.90 8.84 -9.32
N ILE A 86 1.51 8.60 -8.14
CA ILE A 86 1.27 7.40 -7.37
C ILE A 86 -0.20 7.38 -6.87
N LYS A 87 -0.77 6.21 -7.16
CA LYS A 87 -1.98 5.67 -6.53
C LYS A 87 -1.57 4.74 -5.35
N LEU A 88 -2.41 4.79 -4.29
CA LEU A 88 -2.04 4.10 -3.04
C LEU A 88 -3.01 2.96 -2.71
N PHE A 89 -2.33 1.85 -2.34
CA PHE A 89 -2.99 0.71 -1.70
C PHE A 89 -2.59 0.69 -0.22
N VAL A 90 -3.57 0.23 0.58
CA VAL A 90 -3.37 0.03 2.01
C VAL A 90 -4.01 -1.32 2.39
N GLY A 91 -3.18 -2.20 3.00
CA GLY A 91 -3.58 -3.60 3.20
C GLY A 91 -3.42 -4.05 4.65
N GLY A 92 -4.28 -5.04 4.98
CA GLY A 92 -4.27 -5.70 6.28
C GLY A 92 -5.44 -5.23 7.15
N ASN A 93 -5.16 -5.29 8.48
CA ASN A 93 -6.10 -4.80 9.49
C ASN A 93 -5.81 -3.31 9.75
N ILE A 94 -6.44 -2.50 8.87
CA ILE A 94 -6.08 -1.09 8.77
C ILE A 94 -7.14 -0.18 9.41
N VAL A 95 -8.39 -0.71 9.43
CA VAL A 95 -9.48 -0.02 10.07
C VAL A 95 -9.52 -0.57 11.49
N VAL A 96 -10.74 -0.53 12.03
CA VAL A 96 -11.03 -1.10 13.32
C VAL A 96 -11.21 -2.62 13.15
N GLY A 97 -10.04 -3.28 13.08
CA GLY A 97 -9.98 -4.70 12.75
C GLY A 97 -10.25 -4.93 11.27
N LYS A 98 -11.56 -5.12 11.02
CA LYS A 98 -12.11 -5.29 9.69
C LYS A 98 -13.64 -5.14 9.79
N GLN A 99 -14.06 -3.86 9.61
CA GLN A 99 -15.44 -3.46 9.73
C GLN A 99 -16.31 -4.09 8.62
N ASN A 100 -16.60 -3.24 7.61
CA ASN A 100 -17.48 -3.63 6.51
C ASN A 100 -17.16 -2.74 5.30
N TRP A 101 -16.33 -3.35 4.43
CA TRP A 101 -15.84 -2.88 3.13
C TRP A 101 -16.55 -1.74 2.38
N PRO A 102 -17.89 -1.78 2.17
CA PRO A 102 -18.56 -0.62 1.57
C PRO A 102 -18.30 0.72 2.29
N ASP A 103 -18.25 0.59 3.63
CA ASP A 103 -17.95 1.69 4.55
C ASP A 103 -16.43 1.98 4.66
N VAL A 104 -15.63 0.89 4.62
CA VAL A 104 -14.18 1.03 4.89
C VAL A 104 -13.47 1.68 3.70
N GLU A 105 -13.86 1.24 2.49
CA GLU A 105 -13.33 1.87 1.29
C GLU A 105 -13.96 3.26 1.06
N GLN A 106 -15.21 3.44 1.55
CA GLN A 106 -15.79 4.79 1.53
C GLN A 106 -14.98 5.77 2.42
N ARG A 107 -14.45 5.20 3.53
CA ARG A 107 -13.71 5.99 4.50
C ARG A 107 -12.32 6.35 3.94
N PHE A 108 -11.62 5.28 3.51
CA PHE A 108 -10.20 5.36 3.16
C PHE A 108 -9.97 6.06 1.82
N LYS A 109 -10.97 5.94 0.93
CA LYS A 109 -10.90 6.57 -0.39
C LYS A 109 -11.27 8.06 -0.33
N ALA A 110 -12.19 8.36 0.62
CA ALA A 110 -12.54 9.76 0.89
C ALA A 110 -11.33 10.53 1.45
N MET A 111 -10.46 9.74 2.13
CA MET A 111 -9.21 10.25 2.67
C MET A 111 -8.14 10.35 1.57
N GLY A 112 -8.06 9.28 0.75
CA GLY A 112 -7.17 9.32 -0.41
C GLY A 112 -6.66 7.95 -0.89
N PHE A 113 -6.68 6.95 0.03
CA PHE A 113 -6.22 5.61 -0.34
C PHE A 113 -7.20 4.96 -1.32
N ASP A 114 -6.65 4.72 -2.53
CA ASP A 114 -7.41 4.27 -3.69
C ASP A 114 -8.24 3.01 -3.40
N ARG A 115 -7.56 2.03 -2.76
CA ARG A 115 -8.22 0.77 -2.42
C ARG A 115 -7.67 0.23 -1.08
N VAL A 116 -8.55 -0.60 -0.46
CA VAL A 116 -8.28 -1.28 0.80
C VAL A 116 -8.34 -2.81 0.59
N TYR A 117 -7.29 -3.48 1.12
CA TYR A 117 -7.37 -4.92 1.37
C TYR A 117 -7.62 -5.18 2.88
N PRO A 118 -8.53 -6.15 3.20
CA PRO A 118 -8.70 -6.63 4.57
C PRO A 118 -7.45 -7.34 5.13
N PRO A 119 -7.57 -7.84 6.39
CA PRO A 119 -6.63 -8.82 6.91
C PRO A 119 -7.08 -10.23 6.48
N GLY A 120 -6.13 -10.90 5.79
CA GLY A 120 -6.37 -12.23 5.25
C GLY A 120 -6.87 -12.18 3.81
N THR A 121 -6.15 -11.36 3.02
CA THR A 121 -6.40 -11.18 1.60
C THR A 121 -5.37 -11.97 0.82
N SER A 122 -5.89 -12.64 -0.24
CA SER A 122 -5.04 -13.15 -1.29
C SER A 122 -4.19 -12.00 -1.91
N PRO A 123 -3.10 -12.38 -2.62
CA PRO A 123 -2.34 -11.42 -3.41
C PRO A 123 -2.95 -11.13 -4.80
N GLU A 124 -3.88 -12.02 -5.20
CA GLU A 124 -4.45 -12.00 -6.54
C GLU A 124 -5.37 -10.79 -6.72
N THR A 125 -5.96 -10.41 -5.57
CA THR A 125 -6.80 -9.23 -5.47
C THR A 125 -6.04 -7.96 -5.66
N THR A 126 -4.80 -7.99 -5.15
CA THR A 126 -4.00 -6.80 -5.09
C THR A 126 -3.39 -6.54 -6.47
N ILE A 127 -3.13 -7.68 -7.13
CA ILE A 127 -2.57 -7.72 -8.46
C ILE A 127 -3.64 -7.35 -9.50
N ALA A 128 -4.86 -7.87 -9.25
CA ALA A 128 -6.01 -7.59 -10.08
C ALA A 128 -6.50 -6.17 -9.83
N ASP A 129 -6.27 -5.77 -8.58
CA ASP A 129 -6.53 -4.36 -8.28
C ASP A 129 -5.60 -3.41 -9.09
N MET A 130 -4.26 -3.62 -9.01
CA MET A 130 -3.32 -2.73 -9.71
C MET A 130 -3.38 -2.89 -11.23
N LYS A 131 -3.74 -4.11 -11.65
CA LYS A 131 -3.84 -4.40 -13.07
C LYS A 131 -4.96 -3.53 -13.68
N GLU A 132 -6.16 -3.71 -13.09
CA GLU A 132 -7.33 -2.98 -13.57
C GLU A 132 -7.23 -1.45 -13.41
N VAL A 133 -6.55 -1.06 -12.32
CA VAL A 133 -6.37 0.35 -11.97
C VAL A 133 -5.40 1.06 -12.93
N LEU A 134 -4.28 0.36 -13.25
CA LEU A 134 -3.24 0.95 -14.09
C LEU A 134 -3.60 0.85 -15.59
N GLY A 135 -4.82 0.33 -15.87
CA GLY A 135 -5.32 0.26 -17.24
C GLY A 135 -4.72 -0.93 -17.98
N VAL A 136 -4.90 -2.09 -17.32
CA VAL A 136 -4.30 -3.35 -17.76
C VAL A 136 -5.36 -4.44 -17.52
N GLU A 137 -5.16 -5.56 -18.23
CA GLU A 137 -6.04 -6.72 -18.09
C GLU A 137 -5.39 -7.95 -18.74
N MET A 1 7.49 5.78 -12.55
CA MET A 1 7.93 6.02 -13.92
C MET A 1 8.88 4.91 -14.38
N GLU A 2 8.89 4.78 -15.73
CA GLU A 2 9.73 3.84 -16.47
C GLU A 2 9.13 2.42 -16.39
N LYS A 3 9.32 1.83 -15.20
CA LYS A 3 8.67 0.59 -14.80
C LYS A 3 7.58 0.95 -13.78
N LYS A 4 6.69 -0.03 -13.56
CA LYS A 4 5.79 0.09 -12.43
C LYS A 4 6.49 -0.53 -11.22
N THR A 5 6.86 0.40 -10.31
CA THR A 5 7.27 0.01 -8.98
C THR A 5 6.04 0.13 -8.08
N ILE A 6 5.94 -0.97 -7.33
CA ILE A 6 5.18 -1.18 -6.14
C ILE A 6 6.22 -1.35 -5.04
N VAL A 7 5.96 -0.56 -4.02
CA VAL A 7 6.78 -0.41 -2.86
C VAL A 7 6.00 -1.07 -1.73
N LEU A 8 6.67 -1.89 -0.90
CA LEU A 8 5.94 -2.35 0.29
C LEU A 8 6.82 -2.18 1.53
N GLY A 9 6.16 -1.50 2.50
CA GLY A 9 6.65 -1.32 3.86
C GLY A 9 5.64 -1.80 4.87
N VAL A 10 6.18 -2.35 5.97
CA VAL A 10 5.30 -2.55 7.11
C VAL A 10 5.51 -1.36 8.04
N ILE A 11 4.38 -0.66 8.25
CA ILE A 11 4.40 0.62 8.93
C ILE A 11 4.04 0.39 10.41
N GLY A 12 4.72 1.21 11.22
CA GLY A 12 4.78 0.99 12.66
C GLY A 12 6.15 0.44 13.02
N SER A 13 6.15 -0.88 13.27
CA SER A 13 7.37 -1.56 13.69
C SER A 13 7.31 -3.08 13.47
N ASP A 14 6.33 -3.51 12.64
CA ASP A 14 6.22 -4.90 12.21
C ASP A 14 6.02 -5.85 13.40
N CYS A 15 4.72 -5.97 13.78
CA CYS A 15 4.27 -7.03 14.66
C CYS A 15 3.78 -8.20 13.78
N HIS A 16 2.76 -7.83 12.98
CA HIS A 16 2.28 -8.63 11.86
C HIS A 16 2.90 -8.05 10.59
N ALA A 17 2.46 -8.62 9.45
CA ALA A 17 2.89 -8.10 8.16
C ALA A 17 1.96 -8.64 7.06
N VAL A 18 0.72 -8.13 7.14
CA VAL A 18 -0.26 -8.32 6.06
C VAL A 18 0.04 -7.30 4.94
N GLY A 19 0.93 -7.78 4.05
CA GLY A 19 1.49 -6.95 2.98
C GLY A 19 2.98 -7.26 2.77
N ASN A 20 3.54 -8.01 3.75
CA ASN A 20 4.94 -8.39 3.72
C ASN A 20 5.18 -9.63 4.60
N LYS A 21 4.45 -10.71 4.21
CA LYS A 21 4.64 -12.02 4.84
C LYS A 21 4.43 -13.13 3.81
N ILE A 22 3.33 -12.96 3.05
CA ILE A 22 2.99 -13.81 1.92
C ILE A 22 2.83 -12.95 0.67
N LEU A 23 2.29 -11.76 0.97
CA LEU A 23 1.83 -10.86 -0.07
C LEU A 23 3.00 -10.35 -0.92
N ASP A 24 4.07 -9.96 -0.20
CA ASP A 24 5.27 -9.40 -0.83
C ASP A 24 5.89 -10.35 -1.87
N HIS A 25 6.08 -11.61 -1.43
CA HIS A 25 6.78 -12.61 -2.24
C HIS A 25 6.09 -12.79 -3.60
N SER A 26 4.74 -12.78 -3.52
CA SER A 26 3.90 -12.98 -4.69
C SER A 26 4.06 -11.84 -5.73
N PHE A 27 4.25 -10.62 -5.19
CA PHE A 27 4.33 -9.44 -6.04
C PHE A 27 5.68 -9.40 -6.78
N THR A 28 6.71 -9.84 -6.02
CA THR A 28 8.07 -9.91 -6.56
C THR A 28 8.15 -10.97 -7.67
N ASN A 29 7.35 -12.03 -7.42
CA ASN A 29 7.14 -13.14 -8.33
C ASN A 29 6.30 -12.77 -9.56
N ALA A 30 5.53 -11.64 -9.44
CA ALA A 30 4.52 -11.33 -10.44
C ALA A 30 5.14 -10.67 -11.68
N GLY A 31 6.49 -10.56 -11.61
CA GLY A 31 7.24 -9.83 -12.60
C GLY A 31 7.12 -8.32 -12.37
N PHE A 32 6.73 -7.96 -11.11
CA PHE A 32 6.62 -6.53 -10.82
C PHE A 32 7.97 -6.07 -10.30
N ASN A 33 8.23 -4.75 -10.51
CA ASN A 33 9.38 -4.17 -9.83
C ASN A 33 8.91 -3.94 -8.40
N VAL A 34 9.40 -4.84 -7.52
CA VAL A 34 8.95 -4.78 -6.14
C VAL A 34 10.17 -4.63 -5.24
N VAL A 35 10.22 -3.39 -4.72
CA VAL A 35 11.24 -2.91 -3.79
C VAL A 35 10.62 -2.95 -2.39
N ASN A 36 11.17 -3.89 -1.59
CA ASN A 36 10.71 -4.08 -0.22
C ASN A 36 11.47 -3.09 0.66
N ILE A 37 10.72 -2.03 1.00
CA ILE A 37 11.28 -0.81 1.55
C ILE A 37 11.77 -1.00 3.00
N GLY A 38 11.08 -1.94 3.70
CA GLY A 38 11.52 -2.30 5.05
C GLY A 38 10.33 -2.72 5.92
N VAL A 39 10.66 -3.70 6.79
CA VAL A 39 9.83 -3.98 7.96
C VAL A 39 10.20 -2.93 9.03
N LEU A 40 9.13 -2.35 9.61
CA LEU A 40 9.21 -1.07 10.31
C LEU A 40 9.35 0.05 9.27
N SER A 41 8.40 1.01 9.37
CA SER A 41 8.35 2.05 8.36
C SER A 41 7.58 3.28 8.89
N SER A 42 7.60 4.28 7.98
CA SER A 42 6.77 5.47 8.01
C SER A 42 6.71 5.98 6.57
N GLN A 43 5.70 6.84 6.29
CA GLN A 43 5.47 7.42 4.96
C GLN A 43 6.72 8.07 4.38
N GLU A 44 7.60 8.58 5.27
CA GLU A 44 8.86 9.18 4.84
C GLU A 44 9.73 8.21 4.00
N ASP A 45 9.62 6.92 4.40
CA ASP A 45 10.39 5.82 3.84
C ASP A 45 9.79 5.28 2.53
N PHE A 46 8.43 5.24 2.47
CA PHE A 46 7.79 4.74 1.24
C PHE A 46 7.81 5.73 0.11
N ILE A 47 7.69 6.96 0.57
CA ILE A 47 8.12 8.09 -0.23
C ILE A 47 9.56 7.87 -0.75
N ASN A 48 10.46 7.44 0.15
CA ASN A 48 11.88 7.41 -0.18
C ASN A 48 12.18 6.36 -1.27
N ALA A 49 11.40 5.26 -1.20
CA ALA A 49 11.41 4.25 -2.24
C ALA A 49 10.69 4.70 -3.47
N ALA A 50 9.70 5.59 -3.35
CA ALA A 50 9.11 6.16 -4.57
C ALA A 50 10.02 7.19 -5.25
N ILE A 51 10.82 7.89 -4.43
CA ILE A 51 11.83 8.78 -4.97
C ILE A 51 12.94 7.94 -5.62
N GLU A 52 13.21 6.78 -4.97
CA GLU A 52 14.31 5.94 -5.38
C GLU A 52 14.03 5.26 -6.72
N THR A 53 12.83 4.65 -6.67
CA THR A 53 12.47 3.70 -7.71
C THR A 53 11.77 4.39 -8.89
N LYS A 54 10.93 5.37 -8.49
CA LYS A 54 9.88 6.00 -9.28
C LYS A 54 8.63 5.11 -9.27
N ALA A 55 7.87 5.32 -8.16
CA ALA A 55 6.68 4.55 -7.87
C ALA A 55 5.52 4.93 -8.80
N ASP A 56 4.86 3.87 -9.31
CA ASP A 56 3.50 4.01 -9.81
C ASP A 56 2.48 3.74 -8.69
N LEU A 57 2.90 2.82 -7.77
CA LEU A 57 2.13 2.47 -6.60
C LEU A 57 3.02 2.28 -5.37
N ILE A 58 2.39 2.70 -4.26
CA ILE A 58 2.99 2.65 -2.93
C ILE A 58 1.99 1.89 -2.01
N CYS A 59 2.52 0.78 -1.46
CA CYS A 59 1.76 -0.17 -0.65
C CYS A 59 2.30 -0.15 0.78
N VAL A 60 1.32 -0.21 1.69
CA VAL A 60 1.49 -0.17 3.13
C VAL A 60 0.83 -1.42 3.73
N SER A 61 1.61 -2.01 4.67
CA SER A 61 1.16 -3.16 5.43
C SER A 61 0.77 -2.65 6.83
N SER A 62 -0.56 -2.74 7.08
CA SER A 62 -1.17 -2.15 8.26
C SER A 62 -1.74 -3.29 9.11
N LEU A 63 -1.50 -3.15 10.43
CA LEU A 63 -1.51 -4.32 11.30
C LEU A 63 -2.50 -4.17 12.47
N TYR A 64 -3.16 -3.00 12.51
CA TYR A 64 -3.73 -2.52 13.76
C TYR A 64 -4.88 -1.54 13.44
N GLY A 65 -5.35 -0.92 14.55
CA GLY A 65 -6.31 0.18 14.44
C GLY A 65 -5.61 1.53 14.26
N GLN A 66 -4.35 1.46 13.76
CA GLN A 66 -3.55 2.66 13.52
C GLN A 66 -3.15 2.74 12.05
N GLY A 67 -3.80 1.89 11.22
CA GLY A 67 -3.55 1.90 9.78
C GLY A 67 -4.30 3.05 9.10
N GLU A 68 -5.34 3.49 9.82
CA GLU A 68 -6.15 4.64 9.45
C GLU A 68 -5.37 5.96 9.64
N ILE A 69 -4.43 5.89 10.61
CA ILE A 69 -3.58 7.04 10.96
C ILE A 69 -2.27 7.03 10.14
N ASP A 70 -1.71 5.81 10.06
CA ASP A 70 -0.35 5.61 9.55
C ASP A 70 -0.30 5.68 8.02
N CYS A 71 -1.32 5.05 7.40
CA CYS A 71 -1.35 4.96 5.94
C CYS A 71 -1.81 6.27 5.30
N LYS A 72 -2.91 6.82 5.88
CA LYS A 72 -3.60 7.97 5.28
C LYS A 72 -2.73 9.23 5.37
N GLY A 73 -2.69 9.92 4.21
CA GLY A 73 -1.86 11.12 4.04
C GLY A 73 -0.43 10.78 3.61
N LEU A 74 -0.25 9.49 3.23
CA LEU A 74 0.79 9.06 2.31
C LEU A 74 0.41 9.44 0.89
N ARG A 75 -0.91 9.56 0.70
CA ARG A 75 -1.43 10.12 -0.53
C ARG A 75 -0.87 11.52 -0.75
N GLU A 76 -1.09 12.34 0.30
CA GLU A 76 -0.59 13.71 0.39
C GLU A 76 0.84 13.92 0.72
N LYS A 77 1.42 12.95 1.42
CA LYS A 77 2.85 12.93 1.63
C LYS A 77 3.63 12.47 0.39
N CYS A 78 2.96 11.63 -0.41
CA CYS A 78 3.50 11.22 -1.71
C CYS A 78 3.32 12.33 -2.73
N ASP A 79 2.14 12.92 -2.55
CA ASP A 79 1.77 14.10 -3.31
C ASP A 79 2.74 15.22 -2.99
N GLU A 80 2.99 15.27 -1.66
CA GLU A 80 3.88 16.34 -1.17
C GLU A 80 5.35 16.09 -1.51
N ALA A 81 5.65 14.78 -1.58
CA ALA A 81 7.02 14.35 -1.86
C ALA A 81 7.44 14.58 -3.32
N GLY A 82 6.51 15.18 -4.09
CA GLY A 82 6.79 15.51 -5.49
C GLY A 82 6.67 14.25 -6.36
N LEU A 83 5.67 13.44 -5.94
CA LEU A 83 5.38 12.16 -6.56
C LEU A 83 3.86 12.07 -6.72
N LYS A 84 3.38 12.88 -7.68
CA LYS A 84 1.97 12.90 -8.03
C LYS A 84 1.77 12.10 -9.31
N GLY A 85 0.99 11.02 -9.15
CA GLY A 85 0.79 10.06 -10.22
C GLY A 85 0.69 8.67 -9.61
N ILE A 86 1.25 8.61 -8.39
CA ILE A 86 1.10 7.47 -7.52
C ILE A 86 -0.38 7.30 -7.13
N LYS A 87 -0.79 6.07 -7.46
CA LYS A 87 -1.97 5.39 -6.92
C LYS A 87 -1.53 4.59 -5.68
N LEU A 88 -2.36 4.70 -4.62
CA LEU A 88 -2.00 4.07 -3.35
C LEU A 88 -2.89 2.86 -3.05
N PHE A 89 -2.15 1.82 -2.63
CA PHE A 89 -2.73 0.61 -2.05
C PHE A 89 -2.41 0.67 -0.55
N VAL A 90 -3.47 0.32 0.20
CA VAL A 90 -3.36 0.15 1.63
C VAL A 90 -4.11 -1.13 1.96
N GLY A 91 -3.37 -2.04 2.62
CA GLY A 91 -3.90 -3.38 2.79
C GLY A 91 -3.60 -3.98 4.16
N GLY A 92 -4.57 -4.85 4.48
CA GLY A 92 -4.59 -5.57 5.74
C GLY A 92 -5.46 -4.82 6.75
N ASN A 93 -5.07 -4.97 8.04
CA ASN A 93 -5.85 -4.41 9.12
C ASN A 93 -5.58 -2.89 9.24
N ILE A 94 -6.49 -2.16 8.59
CA ILE A 94 -6.43 -0.70 8.48
C ILE A 94 -7.16 -0.05 9.66
N VAL A 95 -8.35 -0.62 9.95
CA VAL A 95 -9.15 -0.24 11.11
C VAL A 95 -8.91 -1.35 12.14
N VAL A 96 -9.51 -1.17 13.33
CA VAL A 96 -9.25 -2.02 14.48
C VAL A 96 -10.11 -3.31 14.48
N GLY A 97 -10.36 -3.82 13.26
CA GLY A 97 -11.25 -4.95 13.06
C GLY A 97 -12.70 -4.47 12.87
N LYS A 98 -13.11 -3.64 13.86
CA LYS A 98 -14.43 -3.01 13.89
C LYS A 98 -14.62 -2.12 12.65
N GLN A 99 -15.90 -2.06 12.23
CA GLN A 99 -16.34 -1.33 11.04
C GLN A 99 -15.87 -2.09 9.78
N ASN A 100 -16.83 -2.20 8.82
CA ASN A 100 -16.62 -3.08 7.68
C ASN A 100 -17.00 -2.39 6.36
N TRP A 101 -16.03 -2.57 5.44
CA TRP A 101 -16.05 -2.56 3.98
C TRP A 101 -16.95 -1.58 3.24
N PRO A 102 -18.30 -1.75 3.23
CA PRO A 102 -19.15 -0.66 2.73
C PRO A 102 -18.81 0.74 3.34
N ASP A 103 -18.52 0.67 4.67
CA ASP A 103 -18.12 1.81 5.47
C ASP A 103 -16.64 2.18 5.29
N VAL A 104 -15.79 1.12 5.32
CA VAL A 104 -14.34 1.32 5.40
C VAL A 104 -13.75 1.79 4.06
N GLU A 105 -14.35 1.27 2.98
CA GLU A 105 -14.00 1.70 1.64
C GLU A 105 -14.57 3.10 1.35
N GLN A 106 -15.81 3.33 1.85
CA GLN A 106 -16.36 4.68 1.72
C GLN A 106 -15.49 5.73 2.44
N ARG A 107 -14.88 5.28 3.55
CA ARG A 107 -14.07 6.15 4.39
C ARG A 107 -12.70 6.44 3.73
N PHE A 108 -12.02 5.34 3.37
CA PHE A 108 -10.63 5.39 2.95
C PHE A 108 -10.49 5.97 1.53
N LYS A 109 -11.43 5.50 0.68
CA LYS A 109 -11.49 5.98 -0.69
C LYS A 109 -11.98 7.44 -0.78
N ALA A 110 -12.81 7.86 0.22
CA ALA A 110 -13.23 9.26 0.28
C ALA A 110 -12.04 10.19 0.58
N MET A 111 -11.05 9.65 1.32
CA MET A 111 -9.80 10.38 1.52
C MET A 111 -9.00 10.43 0.20
N GLY A 112 -9.06 9.28 -0.51
CA GLY A 112 -8.60 9.23 -1.90
C GLY A 112 -7.83 7.97 -2.26
N PHE A 113 -7.85 6.96 -1.34
CA PHE A 113 -7.13 5.71 -1.62
C PHE A 113 -7.73 5.03 -2.86
N ASP A 114 -6.78 4.54 -3.69
CA ASP A 114 -7.17 3.87 -4.94
C ASP A 114 -7.99 2.60 -4.63
N ARG A 115 -7.37 1.77 -3.76
CA ARG A 115 -7.94 0.48 -3.38
C ARG A 115 -7.59 0.21 -1.90
N VAL A 116 -8.60 -0.37 -1.22
CA VAL A 116 -8.53 -0.64 0.22
C VAL A 116 -8.76 -2.15 0.49
N TYR A 117 -7.68 -2.81 0.97
CA TYR A 117 -7.72 -4.27 1.25
C TYR A 117 -7.87 -4.61 2.75
N PRO A 118 -8.58 -5.74 3.03
CA PRO A 118 -8.82 -6.20 4.41
C PRO A 118 -7.66 -7.06 4.93
N PRO A 119 -7.69 -7.35 6.27
CA PRO A 119 -6.77 -8.33 6.86
C PRO A 119 -6.98 -9.74 6.29
N GLY A 120 -5.89 -10.19 5.62
CA GLY A 120 -5.86 -11.48 4.96
C GLY A 120 -6.41 -11.37 3.53
N THR A 121 -5.54 -10.77 2.69
CA THR A 121 -5.80 -10.60 1.27
C THR A 121 -4.99 -11.67 0.52
N SER A 122 -5.67 -12.26 -0.48
CA SER A 122 -4.93 -13.03 -1.46
C SER A 122 -3.99 -12.08 -2.25
N PRO A 123 -2.90 -12.67 -2.82
CA PRO A 123 -1.99 -11.90 -3.65
C PRO A 123 -2.43 -11.72 -5.11
N GLU A 124 -3.35 -12.60 -5.56
CA GLU A 124 -3.78 -12.61 -6.95
C GLU A 124 -4.63 -11.36 -7.24
N THR A 125 -5.32 -10.93 -6.17
CA THR A 125 -6.14 -9.73 -6.17
C THR A 125 -5.31 -8.49 -6.25
N THR A 126 -4.12 -8.58 -5.62
CA THR A 126 -3.32 -7.37 -5.49
C THR A 126 -2.61 -7.10 -6.82
N ILE A 127 -2.25 -8.25 -7.41
CA ILE A 127 -1.52 -8.32 -8.65
C ILE A 127 -2.45 -7.98 -9.82
N ALA A 128 -3.72 -8.38 -9.62
CA ALA A 128 -4.79 -8.04 -10.54
C ALA A 128 -5.17 -6.58 -10.40
N ASP A 129 -5.21 -6.12 -9.15
CA ASP A 129 -5.58 -4.69 -9.05
C ASP A 129 -4.46 -3.72 -9.47
N MET A 130 -3.17 -4.05 -9.22
CA MET A 130 -2.09 -3.15 -9.70
C MET A 130 -2.03 -3.10 -11.23
N LYS A 131 -2.35 -4.26 -11.84
CA LYS A 131 -2.34 -4.34 -13.29
C LYS A 131 -3.54 -3.58 -13.86
N GLU A 132 -4.73 -4.01 -13.41
CA GLU A 132 -5.99 -3.42 -13.91
C GLU A 132 -6.10 -1.89 -13.71
N VAL A 133 -5.53 -1.43 -12.57
CA VAL A 133 -5.53 -0.01 -12.21
C VAL A 133 -4.64 0.80 -13.18
N LEU A 134 -3.45 0.24 -13.47
CA LEU A 134 -2.43 0.98 -14.22
C LEU A 134 -2.45 0.63 -15.72
N GLY A 135 -3.59 0.07 -16.17
CA GLY A 135 -3.79 -0.19 -17.59
C GLY A 135 -2.92 -1.35 -18.10
N VAL A 136 -3.15 -2.50 -17.42
CA VAL A 136 -2.39 -3.72 -17.64
C VAL A 136 -3.34 -4.90 -17.37
N GLU A 137 -2.93 -6.06 -17.93
CA GLU A 137 -3.68 -7.30 -17.77
C GLU A 137 -2.72 -8.45 -17.40
N MET A 1 11.77 4.56 -12.22
CA MET A 1 12.90 4.68 -13.13
C MET A 1 12.58 3.92 -14.44
N GLU A 2 11.42 4.33 -14.99
CA GLU A 2 10.83 3.74 -16.20
C GLU A 2 10.06 2.43 -15.91
N LYS A 3 10.15 1.99 -14.63
CA LYS A 3 9.46 0.78 -14.17
C LYS A 3 8.25 1.17 -13.31
N LYS A 4 7.41 0.14 -13.11
CA LYS A 4 6.40 0.23 -12.06
C LYS A 4 7.04 -0.29 -10.77
N THR A 5 7.26 0.69 -9.84
CA THR A 5 7.57 0.32 -8.48
C THR A 5 6.27 0.39 -7.66
N ILE A 6 6.07 -0.76 -7.00
CA ILE A 6 5.24 -0.97 -5.87
C ILE A 6 6.21 -1.10 -4.70
N VAL A 7 5.92 -0.20 -3.79
CA VAL A 7 6.61 0.02 -2.56
C VAL A 7 5.72 -0.70 -1.56
N LEU A 8 6.29 -1.52 -0.64
CA LEU A 8 5.42 -1.98 0.45
C LEU A 8 6.14 -1.80 1.79
N GLY A 9 5.38 -1.14 2.69
CA GLY A 9 5.73 -1.01 4.09
C GLY A 9 4.61 -1.55 4.95
N VAL A 10 5.01 -2.15 6.09
CA VAL A 10 3.98 -2.52 7.05
C VAL A 10 3.95 -1.40 8.09
N ILE A 11 2.74 -0.81 8.15
CA ILE A 11 2.56 0.47 8.79
C ILE A 11 1.94 0.25 10.17
N GLY A 12 2.74 0.68 11.15
CA GLY A 12 2.35 0.64 12.55
C GLY A 12 3.60 0.60 13.40
N SER A 13 3.74 -0.55 14.10
CA SER A 13 4.92 -0.79 14.92
C SER A 13 4.96 -2.28 15.27
N ASP A 14 6.17 -2.86 15.03
CA ASP A 14 6.50 -4.24 15.36
C ASP A 14 5.50 -5.26 14.76
N CYS A 15 5.59 -6.47 15.34
CA CYS A 15 4.74 -7.62 15.01
C CYS A 15 5.21 -8.29 13.72
N HIS A 16 6.53 -8.60 13.72
CA HIS A 16 7.19 -9.28 12.61
C HIS A 16 7.18 -8.37 11.36
N ALA A 17 7.30 -9.03 10.19
CA ALA A 17 7.03 -8.35 8.93
C ALA A 17 5.55 -8.02 8.85
N VAL A 18 4.80 -9.12 8.73
CA VAL A 18 3.34 -9.13 8.53
C VAL A 18 2.89 -8.16 7.40
N GLY A 19 3.56 -8.38 6.24
CA GLY A 19 3.20 -7.69 5.01
C GLY A 19 4.41 -6.98 4.35
N ASN A 20 5.61 -7.47 4.74
CA ASN A 20 6.88 -7.06 4.19
C ASN A 20 7.68 -8.30 3.75
N LYS A 21 7.11 -9.46 4.16
CA LYS A 21 7.51 -10.77 3.70
C LYS A 21 6.21 -11.56 3.47
N ILE A 22 6.15 -12.13 2.25
CA ILE A 22 5.07 -12.95 1.73
C ILE A 22 4.04 -12.12 0.97
N LEU A 23 3.89 -10.85 1.38
CA LEU A 23 3.32 -9.88 0.43
C LEU A 23 4.38 -9.55 -0.61
N ASP A 24 5.54 -9.18 -0.03
CA ASP A 24 6.72 -8.80 -0.81
C ASP A 24 7.07 -9.91 -1.81
N HIS A 25 7.27 -11.11 -1.25
CA HIS A 25 7.83 -12.24 -2.00
C HIS A 25 7.02 -12.59 -3.27
N SER A 26 5.70 -12.37 -3.17
CA SER A 26 4.81 -12.62 -4.30
C SER A 26 4.96 -11.55 -5.40
N PHE A 27 5.13 -10.31 -4.91
CA PHE A 27 5.15 -9.14 -5.79
C PHE A 27 6.48 -9.04 -6.55
N THR A 28 7.57 -9.40 -5.82
CA THR A 28 8.90 -9.36 -6.42
C THR A 28 9.00 -10.47 -7.51
N ASN A 29 8.31 -11.58 -7.17
CA ASN A 29 8.13 -12.72 -8.04
C ASN A 29 7.20 -12.42 -9.24
N ALA A 30 6.37 -11.35 -9.10
CA ALA A 30 5.32 -11.09 -10.08
C ALA A 30 5.86 -10.29 -11.29
N GLY A 31 7.21 -10.13 -11.27
CA GLY A 31 7.87 -9.30 -12.25
C GLY A 31 7.68 -7.80 -11.93
N PHE A 32 7.29 -7.53 -10.65
CA PHE A 32 7.11 -6.15 -10.24
C PHE A 32 8.38 -5.72 -9.51
N ASN A 33 8.81 -4.47 -9.82
CA ASN A 33 10.00 -3.95 -9.16
C ASN A 33 9.54 -3.51 -7.77
N VAL A 34 9.90 -4.35 -6.78
CA VAL A 34 9.21 -4.24 -5.51
C VAL A 34 10.23 -3.97 -4.40
N VAL A 35 10.10 -2.72 -3.94
CA VAL A 35 10.91 -2.18 -2.87
C VAL A 35 10.15 -2.44 -1.56
N ASN A 36 10.72 -3.36 -0.75
CA ASN A 36 10.21 -3.55 0.61
C ASN A 36 10.92 -2.56 1.54
N ILE A 37 10.14 -1.51 1.82
CA ILE A 37 10.63 -0.25 2.36
C ILE A 37 11.06 -0.38 3.83
N GLY A 38 10.35 -1.30 4.53
CA GLY A 38 10.58 -1.52 5.96
C GLY A 38 9.23 -1.50 6.70
N VAL A 39 9.32 -2.04 7.94
CA VAL A 39 8.15 -2.09 8.81
C VAL A 39 8.32 -1.10 9.98
N LEU A 40 7.37 -0.14 9.98
CA LEU A 40 7.17 0.93 10.95
C LEU A 40 6.35 2.01 10.23
N SER A 41 5.45 2.63 11.03
CA SER A 41 4.62 3.71 10.50
C SER A 41 5.46 4.97 10.33
N SER A 42 5.37 5.45 9.08
CA SER A 42 6.15 6.60 8.65
C SER A 42 5.96 6.72 7.15
N GLN A 43 4.96 7.55 6.80
CA GLN A 43 4.67 7.89 5.40
C GLN A 43 5.86 8.56 4.73
N GLU A 44 6.66 9.26 5.54
CA GLU A 44 7.91 9.85 5.08
C GLU A 44 8.89 8.81 4.49
N ASP A 45 8.74 7.55 4.96
CA ASP A 45 9.63 6.44 4.61
C ASP A 45 9.15 5.71 3.34
N PHE A 46 7.82 5.62 3.19
CA PHE A 46 7.24 4.98 2.00
C PHE A 46 7.33 5.91 0.81
N ILE A 47 7.11 7.18 1.18
CA ILE A 47 7.43 8.31 0.33
C ILE A 47 8.93 8.37 0.05
N ASN A 48 9.77 7.94 1.04
CA ASN A 48 11.21 7.91 0.77
C ASN A 48 11.52 6.89 -0.34
N ALA A 49 10.77 5.77 -0.32
CA ALA A 49 10.87 4.77 -1.38
C ALA A 49 10.22 5.22 -2.66
N ALA A 50 9.19 6.07 -2.61
CA ALA A 50 8.64 6.57 -3.87
C ALA A 50 9.50 7.67 -4.51
N ILE A 51 10.18 8.44 -3.64
CA ILE A 51 11.18 9.39 -4.13
C ILE A 51 12.37 8.60 -4.71
N GLU A 52 12.67 7.48 -4.02
CA GLU A 52 13.87 6.71 -4.35
C GLU A 52 13.71 6.01 -5.69
N THR A 53 12.57 5.30 -5.73
CA THR A 53 12.38 4.33 -6.80
C THR A 53 11.67 4.94 -8.02
N LYS A 54 10.76 5.88 -7.65
CA LYS A 54 9.76 6.48 -8.51
C LYS A 54 8.56 5.54 -8.63
N ALA A 55 7.80 5.54 -7.51
CA ALA A 55 6.63 4.69 -7.33
C ALA A 55 5.55 5.04 -8.36
N ASP A 56 4.97 3.97 -8.94
CA ASP A 56 3.65 4.10 -9.58
C ASP A 56 2.55 3.79 -8.55
N LEU A 57 2.91 2.90 -7.60
CA LEU A 57 2.06 2.52 -6.49
C LEU A 57 2.87 2.37 -5.19
N ILE A 58 2.16 2.77 -4.12
CA ILE A 58 2.65 2.69 -2.75
C ILE A 58 1.61 1.87 -1.96
N CYS A 59 2.16 0.84 -1.29
CA CYS A 59 1.40 -0.16 -0.55
C CYS A 59 1.72 -0.05 0.95
N VAL A 60 0.62 -0.22 1.70
CA VAL A 60 0.55 -0.13 3.15
C VAL A 60 -0.21 -1.36 3.65
N SER A 61 0.50 -2.13 4.52
CA SER A 61 -0.06 -3.32 5.16
C SER A 61 -0.18 -3.01 6.66
N SER A 62 -1.44 -2.94 7.13
CA SER A 62 -1.66 -2.52 8.52
C SER A 62 -1.92 -3.73 9.41
N LEU A 63 -1.60 -3.48 10.70
CA LEU A 63 -1.56 -4.49 11.74
C LEU A 63 -2.98 -4.94 12.13
N TYR A 64 -3.59 -4.17 13.08
CA TYR A 64 -5.04 -4.26 13.27
C TYR A 64 -5.65 -3.36 12.18
N GLY A 65 -6.71 -2.61 12.51
CA GLY A 65 -7.07 -1.46 11.69
C GLY A 65 -6.27 -0.20 12.07
N GLN A 66 -4.92 -0.29 12.01
CA GLN A 66 -4.06 0.88 12.27
C GLN A 66 -3.82 1.69 10.99
N GLY A 67 -4.55 1.30 9.93
CA GLY A 67 -4.48 2.00 8.66
C GLY A 67 -5.35 3.27 8.68
N GLU A 68 -6.30 3.30 9.64
CA GLU A 68 -7.13 4.50 9.80
C GLU A 68 -6.30 5.61 10.46
N ILE A 69 -5.32 5.12 11.25
CA ILE A 69 -4.49 6.01 12.05
C ILE A 69 -3.23 6.43 11.27
N ASP A 70 -2.63 5.40 10.64
CA ASP A 70 -1.40 5.53 9.88
C ASP A 70 -1.59 6.13 8.48
N CYS A 71 -2.48 5.43 7.73
CA CYS A 71 -2.43 5.51 6.27
C CYS A 71 -3.06 6.78 5.69
N LYS A 72 -4.01 7.36 6.47
CA LYS A 72 -4.90 8.37 5.90
C LYS A 72 -4.12 9.63 5.46
N GLY A 73 -4.15 9.82 4.13
CA GLY A 73 -3.46 10.93 3.47
C GLY A 73 -1.98 10.63 3.24
N LEU A 74 -1.71 9.34 3.00
CA LEU A 74 -0.51 8.88 2.30
C LEU A 74 -0.60 9.11 0.80
N ARG A 75 -1.85 9.14 0.30
CA ARG A 75 -2.00 9.49 -1.09
C ARG A 75 -1.75 10.99 -1.25
N GLU A 76 -2.23 11.73 -0.22
CA GLU A 76 -2.03 13.16 -0.05
C GLU A 76 -0.70 13.63 0.46
N LYS A 77 -0.05 12.75 1.20
CA LYS A 77 1.36 12.87 1.51
C LYS A 77 2.25 12.50 0.35
N CYS A 78 1.73 11.59 -0.49
CA CYS A 78 2.43 11.26 -1.72
C CYS A 78 2.23 12.36 -2.75
N ASP A 79 1.00 12.85 -2.68
CA ASP A 79 0.57 14.01 -3.44
C ASP A 79 1.35 15.22 -3.03
N GLU A 80 1.45 15.26 -1.69
CA GLU A 80 2.13 16.39 -1.07
C GLU A 80 3.64 16.34 -1.26
N ALA A 81 4.13 15.09 -1.36
CA ALA A 81 5.55 14.84 -1.53
C ALA A 81 6.06 15.18 -2.95
N GLY A 82 5.12 15.63 -3.81
CA GLY A 82 5.45 15.92 -5.19
C GLY A 82 5.57 14.62 -6.00
N LEU A 83 4.64 13.73 -5.65
CA LEU A 83 4.56 12.38 -6.19
C LEU A 83 3.07 12.05 -6.40
N LYS A 84 2.42 12.98 -7.14
CA LYS A 84 1.07 12.76 -7.59
C LYS A 84 1.09 12.11 -8.99
N GLY A 85 0.54 10.88 -8.98
CA GLY A 85 0.69 9.96 -10.09
C GLY A 85 0.68 8.55 -9.52
N ILE A 86 1.13 8.50 -8.24
CA ILE A 86 0.97 7.34 -7.41
C ILE A 86 -0.55 7.10 -7.13
N LYS A 87 -0.90 5.86 -7.50
CA LYS A 87 -2.11 5.16 -7.08
C LYS A 87 -1.79 4.37 -5.80
N LEU A 88 -2.72 4.41 -4.83
CA LEU A 88 -2.46 3.73 -3.55
C LEU A 88 -3.35 2.50 -3.40
N PHE A 89 -2.62 1.45 -2.98
CA PHE A 89 -3.17 0.20 -2.50
C PHE A 89 -2.95 0.19 -0.98
N VAL A 90 -4.04 -0.16 -0.27
CA VAL A 90 -3.96 -0.29 1.18
C VAL A 90 -4.72 -1.57 1.54
N GLY A 91 -3.97 -2.46 2.23
CA GLY A 91 -4.37 -3.86 2.29
C GLY A 91 -4.29 -4.48 3.69
N GLY A 92 -5.19 -5.49 3.81
CA GLY A 92 -5.30 -6.31 5.01
C GLY A 92 -6.37 -5.72 5.93
N ASN A 93 -6.05 -5.84 7.23
CA ASN A 93 -6.78 -5.09 8.25
C ASN A 93 -6.23 -3.66 8.20
N ILE A 94 -7.14 -2.70 7.92
CA ILE A 94 -6.70 -1.32 7.70
C ILE A 94 -7.55 -0.32 8.49
N VAL A 95 -8.80 -0.72 8.81
CA VAL A 95 -9.66 0.13 9.63
C VAL A 95 -10.56 -0.68 10.57
N VAL A 96 -10.19 -1.96 10.65
CA VAL A 96 -10.69 -2.94 11.61
C VAL A 96 -10.47 -2.42 13.06
N GLY A 97 -11.50 -1.68 13.51
CA GLY A 97 -11.37 -0.91 14.73
C GLY A 97 -12.54 0.06 14.83
N LYS A 98 -13.69 -0.55 15.18
CA LYS A 98 -14.97 0.15 15.36
C LYS A 98 -15.47 0.76 14.04
N GLN A 99 -15.14 0.02 12.95
CA GLN A 99 -15.47 0.39 11.59
C GLN A 99 -15.00 -0.74 10.65
N ASN A 100 -15.77 -0.91 9.56
CA ASN A 100 -15.47 -1.95 8.59
C ASN A 100 -16.02 -1.60 7.20
N TRP A 101 -15.30 -2.21 6.24
CA TRP A 101 -15.47 -2.26 4.79
C TRP A 101 -16.43 -1.29 4.10
N PRO A 102 -17.78 -1.43 4.26
CA PRO A 102 -18.70 -0.48 3.64
C PRO A 102 -18.35 1.03 3.86
N ASP A 103 -17.99 1.32 5.13
CA ASP A 103 -17.59 2.67 5.53
C ASP A 103 -16.12 2.99 5.16
N VAL A 104 -15.29 1.93 5.14
CA VAL A 104 -13.85 2.08 4.97
C VAL A 104 -13.48 2.41 3.51
N GLU A 105 -14.01 1.55 2.62
CA GLU A 105 -13.91 1.73 1.19
C GLU A 105 -14.57 3.05 0.73
N GLN A 106 -15.70 3.36 1.41
CA GLN A 106 -16.35 4.65 1.17
C GLN A 106 -15.42 5.84 1.49
N ARG A 107 -14.72 5.72 2.65
CA ARG A 107 -13.96 6.86 3.15
C ARG A 107 -12.67 7.10 2.35
N PHE A 108 -11.89 6.00 2.25
CA PHE A 108 -10.53 6.03 1.72
C PHE A 108 -10.51 6.41 0.25
N LYS A 109 -11.36 5.67 -0.47
CA LYS A 109 -11.41 5.78 -1.93
C LYS A 109 -12.09 7.08 -2.38
N ALA A 110 -13.02 7.59 -1.52
CA ALA A 110 -13.60 8.90 -1.75
C ALA A 110 -12.54 10.03 -1.70
N MET A 111 -11.47 9.78 -0.89
CA MET A 111 -10.32 10.68 -0.95
C MET A 111 -9.64 10.54 -2.32
N GLY A 112 -9.30 9.26 -2.62
CA GLY A 112 -8.75 8.92 -3.91
C GLY A 112 -7.91 7.62 -3.92
N PHE A 113 -7.90 6.91 -2.77
CA PHE A 113 -7.24 5.59 -2.71
C PHE A 113 -7.87 4.67 -3.77
N ASP A 114 -6.95 3.95 -4.46
CA ASP A 114 -7.35 3.14 -5.61
C ASP A 114 -8.26 1.98 -5.15
N ARG A 115 -7.66 1.12 -4.30
CA ARG A 115 -8.32 -0.11 -3.89
C ARG A 115 -7.95 -0.43 -2.42
N VAL A 116 -8.95 -1.06 -1.76
CA VAL A 116 -8.83 -1.50 -0.38
C VAL A 116 -9.10 -3.01 -0.32
N TYR A 117 -8.03 -3.74 0.08
CA TYR A 117 -8.10 -5.20 0.23
C TYR A 117 -8.64 -5.56 1.63
N PRO A 118 -9.59 -6.55 1.69
CA PRO A 118 -10.18 -6.99 2.96
C PRO A 118 -9.16 -7.46 4.03
N PRO A 119 -9.66 -7.86 5.22
CA PRO A 119 -8.81 -8.47 6.25
C PRO A 119 -8.19 -9.82 5.78
N GLY A 120 -6.85 -9.80 5.70
CA GLY A 120 -6.07 -10.99 5.38
C GLY A 120 -6.31 -11.49 3.95
N THR A 121 -5.76 -10.70 3.01
CA THR A 121 -5.92 -10.89 1.58
C THR A 121 -4.69 -11.54 0.97
N SER A 122 -5.02 -12.49 0.07
CA SER A 122 -4.05 -13.11 -0.84
C SER A 122 -3.22 -12.04 -1.57
N PRO A 123 -2.03 -12.48 -2.08
CA PRO A 123 -1.19 -11.62 -2.90
C PRO A 123 -1.63 -11.58 -4.39
N GLU A 124 -2.50 -12.57 -4.73
CA GLU A 124 -2.90 -12.78 -6.12
C GLU A 124 -3.88 -11.70 -6.59
N THR A 125 -4.65 -11.18 -5.61
CA THR A 125 -5.56 -10.07 -5.80
C THR A 125 -4.81 -8.78 -6.04
N THR A 126 -3.64 -8.75 -5.40
CA THR A 126 -2.90 -7.52 -5.34
C THR A 126 -2.18 -7.29 -6.67
N ILE A 127 -1.68 -8.45 -7.12
CA ILE A 127 -0.93 -8.58 -8.35
C ILE A 127 -1.88 -8.45 -9.55
N ALA A 128 -3.10 -8.96 -9.31
CA ALA A 128 -4.17 -8.88 -10.29
C ALA A 128 -4.72 -7.48 -10.39
N ASP A 129 -4.84 -6.83 -9.21
CA ASP A 129 -5.30 -5.43 -9.37
C ASP A 129 -4.21 -4.43 -9.84
N MET A 130 -2.90 -4.65 -9.54
CA MET A 130 -1.91 -3.75 -10.15
C MET A 130 -1.73 -4.04 -11.65
N LYS A 131 -1.97 -5.33 -11.99
CA LYS A 131 -1.86 -5.74 -13.39
C LYS A 131 -2.98 -5.06 -14.20
N GLU A 132 -4.22 -5.32 -13.72
CA GLU A 132 -5.41 -4.77 -14.37
C GLU A 132 -5.45 -3.24 -14.42
N VAL A 133 -5.12 -2.63 -13.27
CA VAL A 133 -5.22 -1.17 -13.09
C VAL A 133 -4.22 -0.43 -14.00
N LEU A 134 -2.97 -0.95 -13.98
CA LEU A 134 -1.88 -0.29 -14.68
C LEU A 134 -1.85 -0.64 -16.19
N GLY A 135 -2.81 -1.52 -16.59
CA GLY A 135 -2.93 -1.92 -17.99
C GLY A 135 -1.79 -2.86 -18.38
N VAL A 136 -1.91 -4.09 -17.83
CA VAL A 136 -0.86 -5.08 -17.92
C VAL A 136 -1.55 -6.46 -18.07
N GLU A 137 -0.71 -7.43 -18.47
CA GLU A 137 -1.16 -8.81 -18.67
C GLU A 137 -0.15 -9.79 -18.02
N MET A 1 8.95 6.01 -14.50
CA MET A 1 8.16 4.79 -14.39
C MET A 1 8.38 3.89 -15.62
N GLU A 2 9.69 3.57 -15.80
CA GLU A 2 10.12 2.66 -16.86
C GLU A 2 9.56 1.24 -16.61
N LYS A 3 9.67 0.88 -15.32
CA LYS A 3 9.06 -0.30 -14.73
C LYS A 3 7.95 0.19 -13.81
N LYS A 4 7.08 -0.78 -13.45
CA LYS A 4 6.11 -0.52 -12.40
C LYS A 4 6.75 -1.03 -11.10
N THR A 5 7.11 -0.03 -10.27
CA THR A 5 7.50 -0.32 -8.90
C THR A 5 6.24 -0.18 -8.03
N ILE A 6 6.18 -1.15 -7.10
CA ILE A 6 5.38 -1.22 -5.93
C ILE A 6 6.37 -1.16 -4.76
N VAL A 7 5.97 -0.29 -3.83
CA VAL A 7 6.78 0.18 -2.74
C VAL A 7 6.00 -0.18 -1.49
N LEU A 8 6.60 -1.05 -0.64
CA LEU A 8 5.78 -1.49 0.47
C LEU A 8 6.54 -1.39 1.78
N GLY A 9 5.84 -0.72 2.71
CA GLY A 9 6.32 -0.57 4.07
C GLY A 9 5.28 -1.09 5.04
N VAL A 10 5.81 -1.67 6.11
CA VAL A 10 4.96 -2.00 7.24
C VAL A 10 5.14 -0.84 8.23
N ILE A 11 4.00 -0.18 8.53
CA ILE A 11 4.02 1.14 9.15
C ILE A 11 3.84 1.01 10.67
N GLY A 12 4.88 1.56 11.33
CA GLY A 12 4.83 1.75 12.77
C GLY A 12 4.91 0.41 13.50
N SER A 13 5.99 -0.31 13.12
CA SER A 13 6.16 -1.69 13.53
C SER A 13 7.19 -1.77 14.67
N ASP A 14 7.15 -2.96 15.32
CA ASP A 14 8.10 -3.30 16.35
C ASP A 14 7.98 -4.80 16.66
N CYS A 15 7.87 -5.57 15.55
CA CYS A 15 7.66 -7.01 15.68
C CYS A 15 7.98 -7.72 14.35
N HIS A 16 7.16 -7.38 13.34
CA HIS A 16 7.12 -8.18 12.11
C HIS A 16 6.37 -7.37 11.03
N ALA A 17 6.48 -7.90 9.79
CA ALA A 17 5.62 -7.50 8.69
C ALA A 17 4.24 -8.15 8.84
N VAL A 18 3.44 -7.50 9.72
CA VAL A 18 2.07 -7.91 9.98
C VAL A 18 1.19 -7.22 8.94
N GLY A 19 0.24 -8.02 8.42
CA GLY A 19 -0.59 -7.58 7.31
C GLY A 19 0.18 -7.58 5.97
N ASN A 20 1.35 -8.25 6.02
CA ASN A 20 2.27 -8.33 4.89
C ASN A 20 3.35 -9.37 5.23
N LYS A 21 2.83 -10.47 5.82
CA LYS A 21 3.63 -11.63 6.18
C LYS A 21 3.92 -12.54 4.96
N ILE A 22 3.05 -12.39 3.93
CA ILE A 22 3.13 -13.23 2.73
C ILE A 22 2.92 -12.38 1.46
N LEU A 23 2.27 -11.22 1.65
CA LEU A 23 1.89 -10.37 0.52
C LEU A 23 3.11 -9.91 -0.30
N ASP A 24 4.07 -9.34 0.46
CA ASP A 24 5.30 -8.79 -0.11
C ASP A 24 6.07 -9.81 -0.95
N HIS A 25 6.25 -11.00 -0.32
CA HIS A 25 7.07 -12.06 -0.88
C HIS A 25 6.62 -12.45 -2.29
N SER A 26 5.27 -12.57 -2.41
CA SER A 26 4.69 -13.03 -3.66
C SER A 26 4.70 -11.96 -4.76
N PHE A 27 4.68 -10.68 -4.33
CA PHE A 27 4.72 -9.59 -5.32
C PHE A 27 6.09 -9.57 -6.04
N THR A 28 7.12 -9.89 -5.23
CA THR A 28 8.48 -9.98 -5.73
C THR A 28 8.61 -11.16 -6.71
N ASN A 29 7.89 -12.24 -6.33
CA ASN A 29 7.76 -13.46 -7.10
C ASN A 29 6.94 -13.26 -8.39
N ALA A 30 6.12 -12.18 -8.41
CA ALA A 30 5.11 -12.01 -9.46
C ALA A 30 5.74 -11.35 -10.70
N GLY A 31 7.06 -11.12 -10.58
CA GLY A 31 7.79 -10.37 -11.57
C GLY A 31 7.50 -8.86 -11.45
N PHE A 32 7.02 -8.46 -10.25
CA PHE A 32 6.75 -7.04 -10.05
C PHE A 32 8.01 -6.44 -9.42
N ASN A 33 8.32 -5.18 -9.82
CA ASN A 33 9.51 -4.57 -9.27
C ASN A 33 9.12 -4.11 -7.87
N VAL A 34 9.61 -4.88 -6.88
CA VAL A 34 9.11 -4.66 -5.52
C VAL A 34 10.32 -4.39 -4.63
N VAL A 35 10.35 -3.10 -4.25
CA VAL A 35 11.30 -2.54 -3.31
C VAL A 35 10.57 -2.48 -1.96
N ASN A 36 11.06 -3.35 -1.06
CA ASN A 36 10.48 -3.48 0.27
C ASN A 36 11.19 -2.48 1.20
N ILE A 37 10.42 -1.41 1.46
CA ILE A 37 10.93 -0.22 2.13
C ILE A 37 11.11 -0.45 3.66
N GLY A 38 10.51 -1.57 4.14
CA GLY A 38 10.86 -2.13 5.44
C GLY A 38 9.77 -1.88 6.49
N VAL A 39 9.98 -2.58 7.63
CA VAL A 39 9.17 -2.43 8.82
C VAL A 39 9.63 -1.18 9.59
N LEU A 40 8.63 -0.57 10.27
CA LEU A 40 8.80 0.69 10.97
C LEU A 40 9.30 1.78 10.01
N SER A 41 8.25 2.37 9.41
CA SER A 41 8.42 3.39 8.41
C SER A 41 7.10 4.16 8.33
N SER A 42 7.22 5.34 7.73
CA SER A 42 6.07 6.21 7.57
C SER A 42 6.30 7.05 6.31
N GLN A 43 5.30 7.90 6.02
CA GLN A 43 5.10 8.56 4.72
C GLN A 43 6.32 9.24 4.11
N GLU A 44 7.27 9.70 4.95
CA GLU A 44 8.50 10.28 4.39
C GLU A 44 9.27 9.23 3.55
N ASP A 45 9.27 8.00 4.08
CA ASP A 45 10.04 6.90 3.53
C ASP A 45 9.37 6.22 2.32
N PHE A 46 8.00 6.19 2.33
CA PHE A 46 7.30 5.47 1.26
C PHE A 46 7.32 6.21 -0.06
N ILE A 47 6.99 7.50 0.06
CA ILE A 47 7.18 8.38 -1.07
C ILE A 47 8.64 8.40 -1.48
N ASN A 48 9.53 8.26 -0.47
CA ASN A 48 10.93 8.31 -0.79
C ASN A 48 11.35 7.08 -1.62
N ALA A 49 10.63 5.95 -1.41
CA ALA A 49 10.84 4.82 -2.31
C ALA A 49 10.21 5.06 -3.65
N ALA A 50 9.13 5.84 -3.77
CA ALA A 50 8.61 6.15 -5.12
C ALA A 50 9.47 7.17 -5.86
N ILE A 51 10.08 8.06 -5.07
CA ILE A 51 10.96 9.09 -5.56
C ILE A 51 12.26 8.42 -6.05
N GLU A 52 12.64 7.35 -5.31
CA GLU A 52 13.85 6.63 -5.64
C GLU A 52 13.67 5.71 -6.83
N THR A 53 12.60 4.91 -6.68
CA THR A 53 12.48 3.74 -7.56
C THR A 53 11.84 4.08 -8.92
N LYS A 54 10.82 4.97 -8.79
CA LYS A 54 9.82 5.34 -9.78
C LYS A 54 8.58 4.44 -9.67
N ALA A 55 7.88 4.62 -8.51
CA ALA A 55 6.71 3.83 -8.17
C ALA A 55 5.46 4.44 -8.77
N ASP A 56 4.64 3.52 -9.31
CA ASP A 56 3.26 3.82 -9.66
C ASP A 56 2.32 3.54 -8.46
N LEU A 57 2.80 2.64 -7.57
CA LEU A 57 2.03 2.18 -6.42
C LEU A 57 2.88 2.02 -5.15
N ILE A 58 2.16 2.35 -4.07
CA ILE A 58 2.64 2.32 -2.69
C ILE A 58 1.65 1.49 -1.84
N CYS A 59 2.11 0.28 -1.45
CA CYS A 59 1.32 -0.63 -0.63
C CYS A 59 1.82 -0.63 0.83
N VAL A 60 0.95 -0.15 1.73
CA VAL A 60 1.27 -0.12 3.17
C VAL A 60 0.66 -1.34 3.86
N SER A 61 1.40 -1.76 4.89
CA SER A 61 1.06 -2.91 5.72
C SER A 61 0.77 -2.42 7.14
N SER A 62 -0.49 -2.64 7.57
CA SER A 62 -0.82 -2.34 8.96
C SER A 62 -0.84 -3.63 9.77
N LEU A 63 -0.82 -3.40 11.10
CA LEU A 63 -0.54 -4.41 12.08
C LEU A 63 -1.70 -4.56 13.07
N TYR A 64 -2.50 -3.47 13.19
CA TYR A 64 -3.70 -3.45 14.02
C TYR A 64 -4.85 -2.80 13.23
N GLY A 65 -4.50 -1.65 12.65
CA GLY A 65 -5.48 -0.68 12.17
C GLY A 65 -4.88 0.73 12.04
N GLN A 66 -3.52 0.77 11.98
CA GLN A 66 -2.82 2.00 11.61
C GLN A 66 -2.71 2.11 10.08
N GLY A 67 -3.54 1.28 9.41
CA GLY A 67 -3.90 1.46 8.03
C GLY A 67 -4.91 2.60 7.89
N GLU A 68 -5.55 2.92 9.04
CA GLU A 68 -6.43 4.09 9.13
C GLU A 68 -5.58 5.36 9.24
N ILE A 69 -4.51 5.18 10.04
CA ILE A 69 -3.59 6.25 10.42
C ILE A 69 -2.66 6.59 9.25
N ASP A 70 -2.35 5.54 8.46
CA ASP A 70 -1.54 5.70 7.25
C ASP A 70 -2.35 6.42 6.16
N CYS A 71 -3.67 6.07 6.18
CA CYS A 71 -4.60 6.48 5.15
C CYS A 71 -4.58 8.00 4.88
N LYS A 72 -4.44 8.74 6.00
CA LYS A 72 -4.30 10.18 5.91
C LYS A 72 -2.88 10.57 5.49
N GLY A 73 -2.83 11.10 4.26
CA GLY A 73 -1.79 12.04 3.87
C GLY A 73 -0.48 11.41 3.39
N LEU A 74 -0.46 10.08 3.13
CA LEU A 74 0.49 9.56 2.15
C LEU A 74 0.04 9.86 0.74
N ARG A 75 -1.29 10.00 0.60
CA ARG A 75 -1.85 10.58 -0.61
C ARG A 75 -1.27 11.96 -0.84
N GLU A 76 -1.35 12.76 0.24
CA GLU A 76 -0.87 14.14 0.28
C GLU A 76 0.60 14.39 0.42
N LYS A 77 1.28 13.43 1.03
CA LYS A 77 2.72 13.39 1.02
C LYS A 77 3.31 12.93 -0.29
N CYS A 78 2.51 12.07 -0.95
CA CYS A 78 2.88 11.61 -2.28
C CYS A 78 2.58 12.71 -3.29
N ASP A 79 1.43 13.31 -3.01
CA ASP A 79 0.97 14.46 -3.75
C ASP A 79 1.91 15.63 -3.55
N GLU A 80 2.32 15.67 -2.27
CA GLU A 80 3.23 16.76 -1.85
C GLU A 80 4.64 16.56 -2.38
N ALA A 81 4.96 15.27 -2.54
CA ALA A 81 6.27 14.93 -3.07
C ALA A 81 6.39 15.21 -4.58
N GLY A 82 5.27 15.71 -5.15
CA GLY A 82 5.20 16.00 -6.57
C GLY A 82 5.04 14.71 -7.40
N LEU A 83 4.62 13.66 -6.66
CA LEU A 83 4.54 12.32 -7.24
C LEU A 83 3.17 12.05 -7.86
N LYS A 84 2.18 12.78 -7.29
CA LYS A 84 0.74 12.60 -7.54
C LYS A 84 0.40 12.10 -8.95
N GLY A 85 -0.13 10.87 -8.91
CA GLY A 85 -0.35 10.10 -10.12
C GLY A 85 -0.32 8.62 -9.73
N ILE A 86 0.45 8.42 -8.64
CA ILE A 86 0.43 7.17 -7.90
C ILE A 86 -0.96 6.97 -7.26
N LYS A 87 -1.33 5.68 -7.45
CA LYS A 87 -2.38 5.00 -6.72
C LYS A 87 -1.75 4.34 -5.48
N LEU A 88 -2.44 4.52 -4.33
CA LEU A 88 -1.96 3.89 -3.11
C LEU A 88 -2.94 2.76 -2.73
N PHE A 89 -2.26 1.67 -2.33
CA PHE A 89 -2.92 0.51 -1.75
C PHE A 89 -2.60 0.49 -0.25
N VAL A 90 -3.62 0.01 0.50
CA VAL A 90 -3.50 -0.24 1.94
C VAL A 90 -4.14 -1.59 2.24
N GLY A 91 -3.32 -2.46 2.85
CA GLY A 91 -3.72 -3.84 3.05
C GLY A 91 -3.20 -4.38 4.38
N GLY A 92 -3.98 -5.35 4.88
CA GLY A 92 -3.55 -6.13 6.04
C GLY A 92 -3.77 -5.36 7.36
N ASN A 93 -4.78 -5.85 8.12
CA ASN A 93 -5.12 -5.27 9.43
C ASN A 93 -5.43 -3.77 9.29
N ILE A 94 -6.37 -3.54 8.37
CA ILE A 94 -6.59 -2.24 7.76
C ILE A 94 -7.30 -1.26 8.70
N VAL A 95 -8.49 -1.72 9.16
CA VAL A 95 -9.47 -0.84 9.77
C VAL A 95 -9.92 -1.40 11.11
N VAL A 96 -10.71 -0.51 11.71
CA VAL A 96 -11.28 -0.65 13.01
C VAL A 96 -12.74 -0.17 12.96
N GLY A 97 -13.57 -1.02 13.58
CA GLY A 97 -15.00 -0.78 13.70
C GLY A 97 -15.79 -1.67 12.73
N LYS A 98 -15.28 -2.92 12.63
CA LYS A 98 -15.77 -3.94 11.71
C LYS A 98 -15.56 -3.52 10.25
N GLN A 99 -14.67 -4.31 9.61
CA GLN A 99 -14.37 -4.13 8.19
C GLN A 99 -15.61 -4.46 7.33
N ASN A 100 -16.16 -3.34 6.79
CA ASN A 100 -17.34 -3.39 5.94
C ASN A 100 -17.12 -2.42 4.77
N TRP A 101 -16.38 -2.96 3.76
CA TRP A 101 -16.11 -2.37 2.45
C TRP A 101 -16.85 -1.08 2.02
N PRO A 102 -18.22 -1.09 1.92
CA PRO A 102 -18.92 0.13 1.52
C PRO A 102 -18.61 1.38 2.37
N ASP A 103 -18.50 1.10 3.68
CA ASP A 103 -18.20 2.10 4.70
C ASP A 103 -16.68 2.41 4.74
N VAL A 104 -15.90 1.31 4.67
CA VAL A 104 -14.45 1.40 4.85
C VAL A 104 -13.82 2.18 3.69
N GLU A 105 -14.08 1.66 2.47
CA GLU A 105 -13.55 2.28 1.26
C GLU A 105 -14.15 3.67 1.01
N GLN A 106 -15.39 3.91 1.48
CA GLN A 106 -15.92 5.27 1.39
C GLN A 106 -15.01 6.28 2.13
N ARG A 107 -14.56 5.85 3.32
CA ARG A 107 -13.73 6.69 4.16
C ARG A 107 -12.25 6.73 3.70
N PHE A 108 -11.77 5.56 3.23
CA PHE A 108 -10.35 5.39 2.93
C PHE A 108 -9.96 6.10 1.62
N LYS A 109 -10.90 5.97 0.68
CA LYS A 109 -10.86 6.65 -0.61
C LYS A 109 -11.12 8.17 -0.45
N ALA A 110 -11.90 8.50 0.60
CA ALA A 110 -12.10 9.92 0.94
C ALA A 110 -10.79 10.59 1.44
N MET A 111 -9.90 9.75 2.03
CA MET A 111 -8.54 10.22 2.31
C MET A 111 -7.73 10.27 1.00
N GLY A 112 -8.03 9.25 0.16
CA GLY A 112 -7.51 9.16 -1.20
C GLY A 112 -7.02 7.75 -1.55
N PHE A 113 -6.80 6.91 -0.50
CA PHE A 113 -6.29 5.55 -0.72
C PHE A 113 -7.33 4.75 -1.51
N ASP A 114 -6.87 4.38 -2.72
CA ASP A 114 -7.76 3.99 -3.79
C ASP A 114 -8.38 2.61 -3.54
N ARG A 115 -7.55 1.71 -2.94
CA ARG A 115 -8.03 0.36 -2.70
C ARG A 115 -7.53 -0.16 -1.34
N VAL A 116 -8.43 -1.00 -0.79
CA VAL A 116 -8.33 -1.55 0.56
C VAL A 116 -8.37 -3.10 0.49
N TYR A 117 -7.23 -3.75 0.86
CA TYR A 117 -7.23 -5.20 1.08
C TYR A 117 -7.49 -5.55 2.56
N PRO A 118 -8.18 -6.71 2.81
CA PRO A 118 -8.45 -7.19 4.17
C PRO A 118 -7.17 -7.55 4.99
N PRO A 119 -7.40 -8.03 6.25
CA PRO A 119 -6.37 -8.76 6.99
C PRO A 119 -6.18 -10.18 6.44
N GLY A 120 -4.92 -10.43 6.02
CA GLY A 120 -4.55 -11.74 5.51
C GLY A 120 -5.16 -12.00 4.14
N THR A 121 -4.66 -11.17 3.20
CA THR A 121 -5.09 -11.15 1.82
C THR A 121 -4.14 -12.00 0.97
N SER A 122 -4.77 -12.77 0.06
CA SER A 122 -4.04 -13.25 -1.10
C SER A 122 -3.31 -12.08 -1.79
N PRO A 123 -2.16 -12.39 -2.42
CA PRO A 123 -1.45 -11.40 -3.23
C PRO A 123 -2.00 -11.28 -4.66
N GLU A 124 -2.89 -12.23 -5.01
CA GLU A 124 -3.46 -12.28 -6.36
C GLU A 124 -4.39 -11.09 -6.60
N THR A 125 -4.99 -10.63 -5.49
CA THR A 125 -5.87 -9.48 -5.47
C THR A 125 -5.13 -8.19 -5.68
N THR A 126 -3.93 -8.18 -5.10
CA THR A 126 -3.13 -6.97 -5.07
C THR A 126 -2.44 -6.79 -6.43
N ILE A 127 -2.14 -7.97 -6.99
CA ILE A 127 -1.48 -8.12 -8.27
C ILE A 127 -2.46 -7.84 -9.41
N ALA A 128 -3.70 -8.33 -9.19
CA ALA A 128 -4.80 -8.08 -10.12
C ALA A 128 -5.26 -6.65 -10.00
N ASP A 129 -5.13 -6.16 -8.75
CA ASP A 129 -5.41 -4.74 -8.58
C ASP A 129 -4.42 -3.83 -9.36
N MET A 130 -3.09 -4.02 -9.10
CA MET A 130 -2.07 -3.13 -9.66
C MET A 130 -1.99 -3.21 -11.18
N LYS A 131 -2.28 -4.44 -11.67
CA LYS A 131 -2.25 -4.67 -13.10
C LYS A 131 -3.44 -3.98 -13.76
N GLU A 132 -4.64 -4.33 -13.27
CA GLU A 132 -5.85 -3.80 -13.89
C GLU A 132 -5.96 -2.25 -13.82
N VAL A 133 -5.53 -1.71 -12.68
CA VAL A 133 -5.68 -0.28 -12.39
C VAL A 133 -4.67 0.57 -13.19
N LEU A 134 -3.44 0.04 -13.31
CA LEU A 134 -2.38 0.74 -14.04
C LEU A 134 -2.38 0.37 -15.54
N GLY A 135 -3.27 -0.58 -15.90
CA GLY A 135 -3.37 -1.05 -17.27
C GLY A 135 -2.14 -1.88 -17.67
N VAL A 136 -2.19 -3.16 -17.20
CA VAL A 136 -1.07 -4.07 -17.34
C VAL A 136 -1.63 -5.49 -17.47
N GLU A 137 -0.80 -6.34 -18.10
CA GLU A 137 -1.13 -7.74 -18.35
C GLU A 137 0.15 -8.60 -18.21
N MET A 1 13.06 1.43 -19.39
CA MET A 1 13.56 2.18 -18.23
C MET A 1 12.44 2.42 -17.22
N GLU A 2 11.35 3.01 -17.76
CA GLU A 2 10.19 3.35 -16.95
C GLU A 2 9.36 2.08 -16.66
N LYS A 3 9.05 1.94 -15.36
CA LYS A 3 8.30 0.82 -14.82
C LYS A 3 7.26 1.36 -13.85
N LYS A 4 6.32 0.45 -13.55
CA LYS A 4 5.39 0.68 -12.45
C LYS A 4 5.94 -0.06 -11.23
N THR A 5 6.40 0.78 -10.29
CA THR A 5 6.78 0.27 -8.98
C THR A 5 5.55 0.36 -8.06
N ILE A 6 5.35 -0.79 -7.43
CA ILE A 6 4.59 -1.05 -6.25
C ILE A 6 5.64 -1.29 -5.16
N VAL A 7 5.34 -0.56 -4.09
CA VAL A 7 6.15 -0.40 -2.92
C VAL A 7 5.30 -1.01 -1.81
N LEU A 8 5.92 -1.82 -0.92
CA LEU A 8 5.15 -2.14 0.28
C LEU A 8 6.05 -1.95 1.51
N GLY A 9 5.46 -1.18 2.45
CA GLY A 9 6.02 -0.94 3.76
C GLY A 9 5.04 -1.32 4.85
N VAL A 10 5.60 -1.83 5.96
CA VAL A 10 4.75 -2.11 7.11
C VAL A 10 4.86 -0.91 8.06
N ILE A 11 3.65 -0.33 8.26
CA ILE A 11 3.51 1.03 8.76
C ILE A 11 3.28 1.08 10.27
N GLY A 12 3.88 2.15 10.82
CA GLY A 12 3.84 2.45 12.25
C GLY A 12 5.25 2.53 12.85
N SER A 13 6.16 1.80 12.16
CA SER A 13 7.48 1.45 12.69
C SER A 13 7.34 0.53 13.91
N ASP A 14 8.42 -0.26 14.10
CA ASP A 14 8.52 -1.24 15.18
C ASP A 14 7.37 -2.26 15.09
N CYS A 15 7.47 -3.06 14.02
CA CYS A 15 6.41 -4.00 13.65
C CYS A 15 7.07 -5.25 13.03
N HIS A 16 6.23 -6.02 12.31
CA HIS A 16 6.69 -7.21 11.61
C HIS A 16 5.64 -7.56 10.55
N ALA A 17 6.16 -8.18 9.46
CA ALA A 17 5.36 -8.47 8.28
C ALA A 17 4.67 -9.84 8.39
N VAL A 18 3.68 -9.86 9.31
CA VAL A 18 2.75 -10.98 9.44
C VAL A 18 1.58 -10.74 8.47
N GLY A 19 1.14 -11.86 7.85
CA GLY A 19 0.09 -11.80 6.84
C GLY A 19 0.69 -11.58 5.46
N ASN A 20 1.51 -10.49 5.40
CA ASN A 20 2.34 -10.19 4.25
C ASN A 20 3.36 -11.33 4.05
N LYS A 21 4.52 -11.18 4.74
CA LYS A 21 5.57 -12.19 4.75
C LYS A 21 6.19 -12.32 3.34
N ILE A 22 5.71 -13.34 2.58
CA ILE A 22 6.03 -13.45 1.16
C ILE A 22 4.74 -13.61 0.35
N LEU A 23 3.87 -12.61 0.63
CA LEU A 23 2.96 -12.09 -0.38
C LEU A 23 3.76 -11.25 -1.37
N ASP A 24 4.90 -10.74 -0.88
CA ASP A 24 5.82 -9.98 -1.72
C ASP A 24 6.14 -10.77 -2.99
N HIS A 25 6.49 -12.06 -2.77
CA HIS A 25 6.80 -13.03 -3.82
C HIS A 25 5.79 -13.02 -4.96
N SER A 26 4.49 -12.95 -4.58
CA SER A 26 3.41 -13.04 -5.55
C SER A 26 3.37 -11.82 -6.48
N PHE A 27 3.67 -10.67 -5.84
CA PHE A 27 3.63 -9.40 -6.54
C PHE A 27 4.86 -9.23 -7.45
N THR A 28 6.00 -9.75 -6.96
CA THR A 28 7.24 -9.71 -7.74
C THR A 28 7.12 -10.65 -8.96
N ASN A 29 6.48 -11.79 -8.66
CA ASN A 29 6.08 -12.82 -9.61
C ASN A 29 5.06 -12.29 -10.65
N ALA A 30 4.39 -11.16 -10.31
CA ALA A 30 3.29 -10.68 -11.14
C ALA A 30 3.85 -9.87 -12.33
N GLY A 31 5.20 -9.86 -12.40
CA GLY A 31 5.90 -9.10 -13.40
C GLY A 31 6.01 -7.63 -12.98
N PHE A 32 5.77 -7.36 -11.67
CA PHE A 32 5.82 -5.96 -11.24
C PHE A 32 7.24 -5.66 -10.75
N ASN A 33 7.55 -4.34 -10.82
CA ASN A 33 8.69 -3.85 -10.05
C ASN A 33 8.17 -3.75 -8.62
N VAL A 34 8.60 -4.73 -7.82
CA VAL A 34 8.16 -4.77 -6.46
C VAL A 34 9.39 -4.70 -5.56
N VAL A 35 9.47 -3.51 -4.95
CA VAL A 35 10.50 -3.12 -4.01
C VAL A 35 9.92 -3.27 -2.60
N ASN A 36 10.57 -4.19 -1.86
CA ASN A 36 10.24 -4.41 -0.46
C ASN A 36 11.04 -3.39 0.35
N ILE A 37 10.30 -2.32 0.71
CA ILE A 37 10.92 -1.12 1.25
C ILE A 37 11.51 -1.40 2.64
N GLY A 38 10.71 -2.16 3.41
CA GLY A 38 11.06 -2.50 4.78
C GLY A 38 9.89 -2.28 5.72
N VAL A 39 10.01 -3.06 6.83
CA VAL A 39 9.32 -2.76 8.08
C VAL A 39 10.18 -1.68 8.76
N LEU A 40 9.62 -1.10 9.86
CA LEU A 40 10.35 -0.16 10.72
C LEU A 40 10.30 1.25 10.14
N SER A 41 9.12 1.57 9.58
CA SER A 41 8.97 2.79 8.81
C SER A 41 7.47 3.04 8.57
N SER A 42 7.21 4.15 7.83
CA SER A 42 5.84 4.59 7.58
C SER A 42 5.79 5.38 6.26
N GLN A 43 4.62 6.01 6.05
CA GLN A 43 4.18 6.61 4.78
C GLN A 43 5.20 7.52 4.09
N GLU A 44 5.85 8.40 4.86
CA GLU A 44 6.81 9.33 4.25
C GLU A 44 8.09 8.58 3.77
N ASP A 45 8.35 7.44 4.43
CA ASP A 45 9.47 6.57 4.07
C ASP A 45 9.14 5.70 2.84
N PHE A 46 7.84 5.34 2.70
CA PHE A 46 7.43 4.48 1.57
C PHE A 46 7.36 5.25 0.28
N ILE A 47 6.86 6.46 0.52
CA ILE A 47 7.07 7.56 -0.38
C ILE A 47 8.55 7.73 -0.80
N ASN A 48 9.48 7.48 0.15
CA ASN A 48 10.90 7.63 -0.15
C ASN A 48 11.39 6.53 -1.12
N ALA A 49 10.72 5.36 -1.03
CA ALA A 49 10.79 4.34 -2.07
C ALA A 49 10.07 4.76 -3.32
N ALA A 50 9.03 5.60 -3.23
CA ALA A 50 8.51 6.19 -4.47
C ALA A 50 9.43 7.25 -5.08
N ILE A 51 10.20 7.96 -4.24
CA ILE A 51 11.21 8.87 -4.76
C ILE A 51 12.33 8.05 -5.42
N GLU A 52 12.60 6.89 -4.78
CA GLU A 52 13.74 6.08 -5.16
C GLU A 52 13.50 5.38 -6.49
N THR A 53 12.31 4.74 -6.48
CA THR A 53 11.98 3.78 -7.53
C THR A 53 11.30 4.47 -8.72
N LYS A 54 10.48 5.47 -8.33
CA LYS A 54 9.48 6.14 -9.15
C LYS A 54 8.19 5.29 -9.20
N ALA A 55 7.43 5.43 -8.09
CA ALA A 55 6.21 4.65 -7.87
C ALA A 55 5.08 5.08 -8.80
N ASP A 56 4.38 4.04 -9.28
CA ASP A 56 3.01 4.22 -9.74
C ASP A 56 2.04 3.97 -8.57
N LEU A 57 2.43 3.03 -7.69
CA LEU A 57 1.65 2.69 -6.51
C LEU A 57 2.52 2.43 -5.26
N ILE A 58 1.90 2.86 -4.16
CA ILE A 58 2.44 2.77 -2.80
C ILE A 58 1.41 2.00 -1.96
N CYS A 59 1.94 0.94 -1.30
CA CYS A 59 1.19 0.02 -0.46
C CYS A 59 1.67 0.15 0.98
N VAL A 60 0.64 0.07 1.84
CA VAL A 60 0.76 0.20 3.28
C VAL A 60 0.12 -1.05 3.89
N SER A 61 0.98 -1.76 4.65
CA SER A 61 0.60 -2.99 5.32
C SER A 61 0.55 -2.72 6.82
N SER A 62 -0.70 -2.80 7.33
CA SER A 62 -0.99 -2.38 8.70
C SER A 62 -1.43 -3.61 9.50
N LEU A 63 -0.63 -3.84 10.56
CA LEU A 63 -0.69 -5.09 11.30
C LEU A 63 -0.68 -4.79 12.81
N TYR A 64 -1.46 -3.74 13.13
CA TYR A 64 -1.46 -3.16 14.47
C TYR A 64 -2.74 -2.36 14.78
N GLY A 65 -3.68 -2.36 13.81
CA GLY A 65 -4.95 -1.67 13.96
C GLY A 65 -4.79 -0.16 14.20
N GLN A 66 -3.79 0.40 13.50
CA GLN A 66 -3.58 1.84 13.47
C GLN A 66 -3.09 2.24 12.07
N GLY A 67 -3.64 1.50 11.09
CA GLY A 67 -3.25 1.71 9.71
C GLY A 67 -3.81 3.02 9.19
N GLU A 68 -5.07 3.28 9.59
CA GLU A 68 -5.72 4.54 9.22
C GLU A 68 -5.01 5.75 9.87
N ILE A 69 -4.41 5.47 11.05
CA ILE A 69 -3.82 6.56 11.84
C ILE A 69 -2.64 7.20 11.10
N ASP A 70 -1.78 6.32 10.54
CA ASP A 70 -0.70 6.82 9.68
C ASP A 70 -1.21 7.19 8.27
N CYS A 71 -1.84 6.16 7.66
CA CYS A 71 -2.13 6.09 6.21
C CYS A 71 -2.97 7.28 5.71
N LYS A 72 -3.75 7.86 6.64
CA LYS A 72 -4.47 9.09 6.36
C LYS A 72 -3.51 10.20 5.84
N GLY A 73 -3.71 10.51 4.55
CA GLY A 73 -2.90 11.51 3.88
C GLY A 73 -1.50 11.00 3.55
N LEU A 74 -1.41 9.69 3.25
CA LEU A 74 -0.35 9.15 2.40
C LEU A 74 -0.61 9.46 0.94
N ARG A 75 -1.90 9.65 0.61
CA ARG A 75 -2.24 10.17 -0.70
C ARG A 75 -1.69 11.58 -0.83
N GLU A 76 -1.94 12.33 0.26
CA GLU A 76 -1.52 13.72 0.47
C GLU A 76 -0.10 13.96 0.84
N LYS A 77 0.50 12.97 1.47
CA LYS A 77 1.93 12.91 1.66
C LYS A 77 2.66 12.52 0.41
N CYS A 78 1.96 11.73 -0.42
CA CYS A 78 2.50 11.35 -1.72
C CYS A 78 2.37 12.49 -2.71
N ASP A 79 1.24 13.15 -2.48
CA ASP A 79 0.90 14.38 -3.16
C ASP A 79 1.85 15.47 -2.75
N GLU A 80 2.04 15.43 -1.41
CA GLU A 80 2.90 16.45 -0.80
C GLU A 80 4.39 16.22 -1.10
N ALA A 81 4.71 14.93 -1.27
CA ALA A 81 6.09 14.53 -1.53
C ALA A 81 6.56 14.88 -2.97
N GLY A 82 5.64 15.49 -3.73
CA GLY A 82 5.93 15.84 -5.13
C GLY A 82 5.87 14.59 -6.01
N LEU A 83 4.87 13.77 -5.64
CA LEU A 83 4.67 12.45 -6.24
C LEU A 83 3.16 12.21 -6.42
N LYS A 84 2.52 13.27 -6.98
CA LYS A 84 1.12 13.15 -7.37
C LYS A 84 1.04 12.51 -8.77
N GLY A 85 0.41 11.33 -8.75
CA GLY A 85 0.39 10.46 -9.92
C GLY A 85 0.27 9.01 -9.43
N ILE A 86 0.81 8.86 -8.21
CA ILE A 86 0.62 7.66 -7.42
C ILE A 86 -0.86 7.52 -7.02
N LYS A 87 -1.34 6.32 -7.42
CA LYS A 87 -2.51 5.63 -6.88
C LYS A 87 -2.03 4.76 -5.69
N LEU A 88 -2.97 4.58 -4.73
CA LEU A 88 -2.60 3.95 -3.46
C LEU A 88 -3.50 2.74 -3.16
N PHE A 89 -2.77 1.71 -2.68
CA PHE A 89 -3.35 0.50 -2.10
C PHE A 89 -3.10 0.58 -0.59
N VAL A 90 -4.18 0.31 0.17
CA VAL A 90 -4.09 0.34 1.63
C VAL A 90 -4.81 -0.89 2.19
N GLY A 91 -4.03 -1.65 2.98
CA GLY A 91 -4.49 -2.97 3.40
C GLY A 91 -4.07 -3.35 4.81
N GLY A 92 -4.95 -4.21 5.36
CA GLY A 92 -4.83 -4.77 6.69
C GLY A 92 -6.13 -4.51 7.46
N ASN A 93 -5.97 -4.29 8.78
CA ASN A 93 -7.14 -3.94 9.59
C ASN A 93 -7.58 -2.51 9.23
N ILE A 94 -6.53 -1.67 9.25
CA ILE A 94 -6.52 -0.27 8.81
C ILE A 94 -7.69 0.55 9.40
N VAL A 95 -7.99 0.17 10.65
CA VAL A 95 -8.99 0.83 11.48
C VAL A 95 -8.47 0.71 12.92
N VAL A 96 -9.10 1.55 13.75
CA VAL A 96 -8.89 1.64 15.18
C VAL A 96 -9.89 0.72 15.92
N GLY A 97 -9.91 -0.53 15.42
CA GLY A 97 -10.86 -1.53 15.88
C GLY A 97 -10.77 -2.76 14.98
N LYS A 98 -11.86 -2.95 14.21
CA LYS A 98 -11.97 -4.03 13.26
C LYS A 98 -13.27 -3.89 12.42
N GLN A 99 -13.52 -2.62 12.03
CA GLN A 99 -14.68 -2.31 11.20
C GLN A 99 -14.57 -3.02 9.84
N ASN A 100 -15.75 -3.55 9.44
CA ASN A 100 -15.81 -4.57 8.39
C ASN A 100 -16.29 -3.98 7.07
N TRP A 101 -15.57 -2.91 6.64
CA TRP A 101 -15.66 -2.43 5.27
C TRP A 101 -16.76 -1.43 4.82
N PRO A 102 -17.78 -1.01 5.64
CA PRO A 102 -18.67 0.06 5.17
C PRO A 102 -18.05 1.46 5.32
N ASP A 103 -17.60 1.70 6.57
CA ASP A 103 -17.01 2.97 6.95
C ASP A 103 -15.55 3.07 6.51
N VAL A 104 -14.90 1.88 6.45
CA VAL A 104 -13.47 1.84 6.14
C VAL A 104 -13.22 2.37 4.73
N GLU A 105 -14.02 1.81 3.80
CA GLU A 105 -13.95 2.24 2.41
C GLU A 105 -14.42 3.70 2.25
N GLN A 106 -15.41 4.08 3.08
CA GLN A 106 -15.91 5.45 3.03
C GLN A 106 -14.79 6.47 3.37
N ARG A 107 -13.94 6.08 4.33
CA ARG A 107 -12.90 6.97 4.82
C ARG A 107 -11.76 7.12 3.80
N PHE A 108 -11.25 5.93 3.39
CA PHE A 108 -10.07 5.87 2.52
C PHE A 108 -10.40 6.39 1.12
N LYS A 109 -11.44 5.77 0.54
CA LYS A 109 -11.80 6.08 -0.84
C LYS A 109 -12.29 7.53 -1.03
N ALA A 110 -12.91 8.10 0.04
CA ALA A 110 -13.38 9.48 -0.05
C ALA A 110 -12.22 10.46 -0.21
N MET A 111 -11.14 10.22 0.57
CA MET A 111 -9.96 11.09 0.46
C MET A 111 -9.17 10.81 -0.85
N GLY A 112 -9.36 9.58 -1.39
CA GLY A 112 -9.00 9.32 -2.78
C GLY A 112 -8.37 7.94 -3.04
N PHE A 113 -8.16 7.14 -1.97
CA PHE A 113 -7.50 5.84 -2.10
C PHE A 113 -8.22 4.97 -3.15
N ASP A 114 -7.35 4.36 -3.99
CA ASP A 114 -7.81 3.63 -5.17
C ASP A 114 -8.61 2.38 -4.74
N ARG A 115 -7.92 1.55 -3.94
CA ARG A 115 -8.50 0.31 -3.41
C ARG A 115 -8.17 0.18 -1.93
N VAL A 116 -9.17 -0.41 -1.23
CA VAL A 116 -9.08 -0.68 0.20
C VAL A 116 -9.27 -2.20 0.41
N TYR A 117 -8.17 -2.80 0.88
CA TYR A 117 -8.06 -4.26 1.06
C TYR A 117 -8.45 -4.70 2.48
N PRO A 118 -9.47 -5.61 2.59
CA PRO A 118 -9.74 -6.29 3.86
C PRO A 118 -8.50 -6.99 4.49
N PRO A 119 -8.64 -7.36 5.79
CA PRO A 119 -7.48 -7.79 6.60
C PRO A 119 -6.75 -9.10 6.24
N GLY A 120 -7.24 -9.75 5.17
CA GLY A 120 -6.66 -11.02 4.76
C GLY A 120 -7.08 -11.36 3.33
N THR A 121 -6.42 -10.63 2.41
CA THR A 121 -6.67 -10.72 0.98
C THR A 121 -5.56 -11.55 0.32
N SER A 122 -6.06 -12.41 -0.59
CA SER A 122 -5.27 -13.15 -1.55
C SER A 122 -4.30 -12.22 -2.33
N PRO A 123 -3.37 -12.83 -3.09
CA PRO A 123 -2.51 -12.07 -3.98
C PRO A 123 -3.16 -11.74 -5.34
N GLU A 124 -4.20 -12.54 -5.66
CA GLU A 124 -4.78 -12.53 -7.00
C GLU A 124 -5.62 -11.28 -7.24
N THR A 125 -6.18 -10.80 -6.11
CA THR A 125 -6.98 -9.59 -6.06
C THR A 125 -6.13 -8.35 -6.19
N THR A 126 -4.91 -8.52 -5.66
CA THR A 126 -4.05 -7.37 -5.50
C THR A 126 -3.43 -7.03 -6.86
N ILE A 127 -3.09 -8.17 -7.49
CA ILE A 127 -2.47 -8.22 -8.78
C ILE A 127 -3.52 -7.90 -9.83
N ALA A 128 -4.77 -8.31 -9.53
CA ALA A 128 -5.88 -8.01 -10.42
C ALA A 128 -6.24 -6.55 -10.34
N ASP A 129 -6.21 -6.03 -9.09
CA ASP A 129 -6.57 -4.60 -9.03
C ASP A 129 -5.46 -3.64 -9.52
N MET A 130 -4.15 -3.98 -9.35
CA MET A 130 -3.12 -3.12 -9.99
C MET A 130 -3.08 -3.29 -11.51
N LYS A 131 -3.23 -4.56 -11.96
CA LYS A 131 -3.15 -4.83 -13.39
C LYS A 131 -4.28 -4.11 -14.14
N GLU A 132 -5.52 -4.42 -13.71
CA GLU A 132 -6.71 -3.88 -14.37
C GLU A 132 -6.78 -2.35 -14.37
N VAL A 133 -6.26 -1.76 -13.28
CA VAL A 133 -6.22 -0.30 -13.13
C VAL A 133 -5.20 0.32 -14.11
N LEU A 134 -4.01 -0.33 -14.16
CA LEU A 134 -2.89 0.21 -14.93
C LEU A 134 -2.95 -0.16 -16.42
N GLY A 135 -4.09 -0.76 -16.84
CA GLY A 135 -4.28 -1.12 -18.24
C GLY A 135 -3.46 -2.36 -18.62
N VAL A 136 -3.70 -3.40 -17.79
CA VAL A 136 -2.97 -4.66 -17.85
C VAL A 136 -3.95 -5.76 -17.40
N GLU A 137 -3.44 -7.00 -17.45
CA GLU A 137 -4.18 -8.14 -16.92
C GLU A 137 -3.19 -9.21 -16.42
N MET A 1 14.86 6.00 -14.02
CA MET A 1 14.56 4.58 -13.84
C MET A 1 13.03 4.38 -13.87
N GLU A 2 12.55 4.19 -15.11
CA GLU A 2 11.13 4.12 -15.40
C GLU A 2 10.66 2.65 -15.44
N LYS A 3 10.72 2.06 -14.23
CA LYS A 3 10.11 0.78 -13.93
C LYS A 3 8.90 1.07 -13.03
N LYS A 4 8.02 0.05 -12.90
CA LYS A 4 7.05 0.17 -11.82
C LYS A 4 7.67 -0.44 -10.57
N THR A 5 7.99 0.49 -9.63
CA THR A 5 8.35 0.07 -8.29
C THR A 5 7.05 -0.02 -7.50
N ILE A 6 7.02 -1.06 -6.64
CA ILE A 6 6.13 -1.12 -5.52
C ILE A 6 7.05 -0.87 -4.34
N VAL A 7 6.62 0.18 -3.67
CA VAL A 7 7.16 0.64 -2.46
C VAL A 7 6.18 0.09 -1.44
N LEU A 8 6.67 -0.80 -0.56
CA LEU A 8 5.73 -1.32 0.43
C LEU A 8 6.40 -1.22 1.78
N GLY A 9 5.61 -0.60 2.68
CA GLY A 9 5.96 -0.45 4.07
C GLY A 9 4.86 -1.05 4.90
N VAL A 10 5.32 -1.62 6.02
CA VAL A 10 4.33 -2.09 6.98
C VAL A 10 4.20 -1.00 8.02
N ILE A 11 2.95 -0.52 8.09
CA ILE A 11 2.64 0.67 8.85
C ILE A 11 2.14 0.21 10.22
N GLY A 12 2.77 0.85 11.21
CA GLY A 12 2.41 0.49 12.57
C GLY A 12 3.36 -0.59 13.04
N SER A 13 4.07 -0.18 14.09
CA SER A 13 5.15 -0.96 14.67
C SER A 13 6.26 -1.30 13.65
N ASP A 14 7.36 -0.52 13.83
CA ASP A 14 8.64 -0.72 13.19
C ASP A 14 9.34 -1.94 13.85
N CYS A 15 8.80 -3.12 13.49
CA CYS A 15 9.23 -4.41 14.02
C CYS A 15 8.34 -5.52 13.43
N HIS A 16 7.03 -5.30 13.67
CA HIS A 16 5.99 -6.29 13.39
C HIS A 16 5.63 -6.27 11.90
N ALA A 17 5.30 -7.49 11.41
CA ALA A 17 4.85 -7.66 10.03
C ALA A 17 4.22 -9.06 9.87
N VAL A 18 2.95 -9.11 10.34
CA VAL A 18 2.08 -10.28 10.13
C VAL A 18 0.77 -9.74 9.53
N GLY A 19 0.81 -9.70 8.19
CA GLY A 19 -0.22 -9.06 7.38
C GLY A 19 0.39 -8.69 6.02
N ASN A 20 1.66 -8.24 6.16
CA ASN A 20 2.58 -8.09 5.04
C ASN A 20 2.85 -9.43 4.36
N LYS A 21 2.86 -10.47 5.23
CA LYS A 21 3.19 -11.83 4.83
C LYS A 21 2.27 -12.32 3.70
N ILE A 22 2.97 -13.00 2.77
CA ILE A 22 2.49 -13.53 1.50
C ILE A 22 2.67 -12.49 0.42
N LEU A 23 2.24 -11.27 0.79
CA LEU A 23 2.01 -10.26 -0.21
C LEU A 23 3.34 -9.73 -0.77
N ASP A 24 4.18 -9.33 0.19
CA ASP A 24 5.44 -8.66 -0.13
C ASP A 24 6.38 -9.54 -0.98
N HIS A 25 6.22 -10.86 -0.74
CA HIS A 25 6.96 -11.88 -1.47
C HIS A 25 6.46 -11.97 -2.94
N SER A 26 5.12 -11.92 -3.04
CA SER A 26 4.40 -12.22 -4.27
C SER A 26 4.76 -11.31 -5.44
N PHE A 27 4.96 -10.01 -5.10
CA PHE A 27 5.17 -9.02 -6.13
C PHE A 27 6.57 -9.15 -6.74
N THR A 28 7.51 -9.52 -5.85
CA THR A 28 8.90 -9.75 -6.23
C THR A 28 8.99 -10.98 -7.16
N ASN A 29 8.11 -11.94 -6.83
CA ASN A 29 7.90 -13.16 -7.58
C ASN A 29 7.20 -12.90 -8.93
N ALA A 30 6.51 -11.73 -9.02
CA ALA A 30 5.62 -11.47 -10.15
C ALA A 30 6.41 -10.77 -11.27
N GLY A 31 7.73 -10.65 -11.03
CA GLY A 31 8.60 -9.91 -11.93
C GLY A 31 8.37 -8.40 -11.82
N PHE A 32 7.85 -7.99 -10.63
CA PHE A 32 7.59 -6.57 -10.43
C PHE A 32 8.83 -6.01 -9.72
N ASN A 33 9.15 -4.72 -9.99
CA ASN A 33 10.27 -4.13 -9.25
C ASN A 33 9.68 -3.80 -7.88
N VAL A 34 10.14 -4.54 -6.86
CA VAL A 34 9.51 -4.39 -5.56
C VAL A 34 10.59 -4.10 -4.51
N VAL A 35 10.53 -2.84 -4.09
CA VAL A 35 11.32 -2.30 -3.00
C VAL A 35 10.50 -2.47 -1.72
N ASN A 36 11.03 -3.39 -0.88
CA ASN A 36 10.52 -3.54 0.48
C ASN A 36 11.26 -2.52 1.36
N ILE A 37 10.50 -1.46 1.68
CA ILE A 37 11.02 -0.34 2.46
C ILE A 37 11.27 -0.77 3.94
N GLY A 38 10.59 -1.89 4.29
CA GLY A 38 10.75 -2.51 5.61
C GLY A 38 9.59 -2.13 6.52
N VAL A 39 9.77 -2.54 7.79
CA VAL A 39 8.82 -2.20 8.83
C VAL A 39 9.11 -0.78 9.30
N LEU A 40 8.08 0.05 9.08
CA LEU A 40 8.19 1.47 9.38
C LEU A 40 6.78 2.06 9.31
N SER A 41 6.48 2.87 10.33
CA SER A 41 5.17 3.45 10.53
C SER A 41 5.14 4.94 10.13
N SER A 42 5.61 5.16 8.87
CA SER A 42 5.67 6.51 8.33
C SER A 42 5.81 6.47 6.80
N GLN A 43 4.79 7.06 6.15
CA GLN A 43 4.71 7.25 4.70
C GLN A 43 5.88 8.08 4.18
N GLU A 44 6.38 8.97 5.05
CA GLU A 44 7.59 9.74 4.74
C GLU A 44 8.78 8.84 4.36
N ASP A 45 8.79 7.64 5.01
CA ASP A 45 9.82 6.63 4.76
C ASP A 45 9.51 5.77 3.53
N PHE A 46 8.21 5.63 3.21
CA PHE A 46 7.82 4.78 2.07
C PHE A 46 8.11 5.52 0.76
N ILE A 47 7.66 6.77 0.80
CA ILE A 47 8.04 7.91 0.01
C ILE A 47 9.57 8.11 -0.02
N ASN A 48 10.26 7.75 1.08
CA ASN A 48 11.73 7.71 0.96
C ASN A 48 12.13 6.69 -0.12
N ALA A 49 11.38 5.57 -0.20
CA ALA A 49 11.41 4.84 -1.47
C ALA A 49 10.75 5.64 -2.59
N ALA A 50 9.47 6.12 -2.52
CA ALA A 50 8.93 6.48 -3.86
C ALA A 50 9.66 7.60 -4.64
N ILE A 51 10.26 8.52 -3.86
CA ILE A 51 11.21 9.48 -4.42
C ILE A 51 12.41 8.76 -5.07
N GLU A 52 13.03 7.87 -4.25
CA GLU A 52 14.27 7.22 -4.65
C GLU A 52 14.14 6.25 -5.81
N THR A 53 13.16 5.35 -5.66
CA THR A 53 13.11 4.21 -6.58
C THR A 53 12.38 4.56 -7.86
N LYS A 54 11.25 5.26 -7.57
CA LYS A 54 10.23 5.67 -8.53
C LYS A 54 9.10 4.64 -8.55
N ALA A 55 8.34 4.73 -7.43
CA ALA A 55 7.07 4.06 -7.23
C ALA A 55 6.12 4.46 -8.37
N ASP A 56 5.43 3.46 -8.95
CA ASP A 56 4.15 3.73 -9.59
C ASP A 56 3.02 3.55 -8.56
N LEU A 57 3.31 2.68 -7.57
CA LEU A 57 2.36 2.42 -6.51
C LEU A 57 3.07 2.29 -5.15
N ILE A 58 2.33 2.80 -4.16
CA ILE A 58 2.74 2.73 -2.75
C ILE A 58 1.66 1.96 -1.96
N CYS A 59 2.21 0.98 -1.21
CA CYS A 59 1.48 0.00 -0.43
C CYS A 59 1.79 0.22 1.06
N VAL A 60 0.68 0.10 1.81
CA VAL A 60 0.63 0.23 3.26
C VAL A 60 -0.03 -1.05 3.80
N SER A 61 0.75 -1.73 4.68
CA SER A 61 0.31 -2.97 5.30
C SER A 61 0.16 -2.76 6.81
N SER A 62 -1.11 -2.83 7.23
CA SER A 62 -1.49 -2.58 8.60
C SER A 62 -1.70 -3.90 9.32
N LEU A 63 -1.72 -3.78 10.67
CA LEU A 63 -1.49 -4.93 11.55
C LEU A 63 -2.42 -4.92 12.78
N TYR A 64 -3.50 -4.11 12.71
CA TYR A 64 -4.16 -3.70 13.95
C TYR A 64 -5.55 -3.05 13.76
N GLY A 65 -5.96 -2.83 12.49
CA GLY A 65 -7.21 -2.12 12.23
C GLY A 65 -7.08 -0.59 12.34
N GLN A 66 -5.87 -0.15 12.76
CA GLN A 66 -5.51 1.27 12.85
C GLN A 66 -4.73 1.67 11.58
N GLY A 67 -5.04 0.93 10.49
CA GLY A 67 -4.37 1.11 9.22
C GLY A 67 -4.86 2.37 8.52
N GLU A 68 -6.20 2.52 8.64
CA GLU A 68 -6.90 3.69 8.10
C GLU A 68 -6.38 5.01 8.70
N ILE A 69 -5.96 4.89 9.98
CA ILE A 69 -5.59 6.04 10.78
C ILE A 69 -4.22 6.61 10.37
N ASP A 70 -3.27 5.66 10.17
CA ASP A 70 -1.90 6.04 9.84
C ASP A 70 -1.78 6.45 8.36
N CYS A 71 -2.36 5.55 7.53
CA CYS A 71 -2.33 5.65 6.08
C CYS A 71 -2.90 6.97 5.53
N LYS A 72 -3.78 7.59 6.33
CA LYS A 72 -4.58 8.74 5.92
C LYS A 72 -3.70 9.85 5.28
N GLY A 73 -3.94 10.00 3.95
CA GLY A 73 -3.21 10.97 3.15
C GLY A 73 -1.80 10.50 2.81
N LEU A 74 -1.72 9.21 2.42
CA LEU A 74 -0.63 8.75 1.56
C LEU A 74 -0.86 9.20 0.13
N ARG A 75 -2.15 9.35 -0.25
CA ARG A 75 -2.37 10.02 -1.53
C ARG A 75 -1.83 11.44 -1.50
N GLU A 76 -2.12 12.10 -0.37
CA GLU A 76 -1.67 13.47 -0.12
C GLU A 76 -0.25 13.68 0.27
N LYS A 77 0.32 12.65 0.88
CA LYS A 77 1.76 12.59 1.07
C LYS A 77 2.52 12.21 -0.20
N CYS A 78 1.84 11.42 -1.04
CA CYS A 78 2.39 11.04 -2.33
C CYS A 78 2.30 12.17 -3.33
N ASP A 79 1.18 12.86 -3.14
CA ASP A 79 0.87 14.03 -3.90
C ASP A 79 1.68 15.20 -3.37
N GLU A 80 1.89 15.15 -2.03
CA GLU A 80 2.73 16.21 -1.46
C GLU A 80 4.21 16.04 -1.80
N ALA A 81 4.56 14.75 -1.95
CA ALA A 81 5.95 14.40 -2.23
C ALA A 81 6.37 14.75 -3.66
N GLY A 82 5.39 15.32 -4.42
CA GLY A 82 5.65 15.69 -5.81
C GLY A 82 5.64 14.44 -6.69
N LEU A 83 4.75 13.52 -6.26
CA LEU A 83 4.67 12.19 -6.86
C LEU A 83 3.21 11.82 -7.11
N LYS A 84 2.45 12.87 -7.52
CA LYS A 84 1.06 12.67 -7.90
C LYS A 84 0.98 12.08 -9.32
N GLY A 85 0.43 10.85 -9.31
CA GLY A 85 0.40 10.02 -10.50
C GLY A 85 0.39 8.57 -10.04
N ILE A 86 1.13 8.40 -8.92
CA ILE A 86 1.09 7.16 -8.16
C ILE A 86 -0.31 6.92 -7.57
N LYS A 87 -0.76 5.73 -7.95
CA LYS A 87 -1.97 5.08 -7.44
C LYS A 87 -1.59 4.23 -6.23
N LEU A 88 -2.57 4.15 -5.30
CA LEU A 88 -2.23 3.68 -3.95
C LEU A 88 -3.14 2.53 -3.51
N PHE A 89 -2.42 1.52 -2.99
CA PHE A 89 -3.03 0.35 -2.41
C PHE A 89 -2.84 0.43 -0.89
N VAL A 90 -3.92 0.00 -0.21
CA VAL A 90 -3.88 -0.18 1.23
C VAL A 90 -4.56 -1.51 1.55
N GLY A 91 -3.78 -2.36 2.24
CA GLY A 91 -4.15 -3.75 2.41
C GLY A 91 -3.86 -4.26 3.81
N GLY A 92 -4.68 -5.25 4.17
CA GLY A 92 -4.49 -6.01 5.39
C GLY A 92 -5.47 -5.54 6.46
N ASN A 93 -4.91 -5.28 7.66
CA ASN A 93 -5.72 -4.97 8.83
C ASN A 93 -6.05 -3.47 8.86
N ILE A 94 -7.02 -3.17 7.98
CA ILE A 94 -7.39 -1.81 7.61
C ILE A 94 -8.33 -1.18 8.65
N VAL A 95 -9.36 -1.98 8.99
CA VAL A 95 -10.43 -1.57 9.90
C VAL A 95 -10.92 -2.74 10.79
N VAL A 96 -10.17 -3.83 10.63
CA VAL A 96 -10.46 -5.13 11.21
C VAL A 96 -10.68 -5.03 12.72
N GLY A 97 -11.83 -5.64 13.09
CA GLY A 97 -12.46 -5.46 14.39
C GLY A 97 -13.75 -4.68 14.16
N LYS A 98 -14.59 -5.37 13.34
CA LYS A 98 -15.81 -4.81 12.75
C LYS A 98 -15.42 -3.85 11.61
N GLN A 99 -15.81 -4.26 10.39
CA GLN A 99 -15.54 -3.49 9.19
C GLN A 99 -16.48 -3.95 8.06
N ASN A 100 -16.82 -2.95 7.22
CA ASN A 100 -17.64 -3.21 6.04
C ASN A 100 -17.52 -2.05 5.05
N TRP A 101 -16.86 -2.40 3.93
CA TRP A 101 -16.80 -1.73 2.62
C TRP A 101 -17.42 -0.33 2.47
N PRO A 102 -18.76 -0.16 2.55
CA PRO A 102 -19.34 1.18 2.40
C PRO A 102 -18.76 2.27 3.34
N ASP A 103 -18.49 1.81 4.58
CA ASP A 103 -17.91 2.64 5.64
C ASP A 103 -16.39 2.76 5.47
N VAL A 104 -15.80 1.57 5.24
CA VAL A 104 -14.34 1.39 5.16
C VAL A 104 -13.76 2.28 4.04
N GLU A 105 -14.28 1.99 2.84
CA GLU A 105 -13.90 2.70 1.62
C GLU A 105 -14.33 4.18 1.64
N GLN A 106 -15.42 4.52 2.37
CA GLN A 106 -15.73 5.96 2.50
C GLN A 106 -14.53 6.76 3.08
N ARG A 107 -13.82 6.09 4.01
CA ARG A 107 -12.64 6.68 4.64
C ARG A 107 -11.43 6.73 3.66
N PHE A 108 -11.14 5.54 3.10
CA PHE A 108 -9.94 5.37 2.28
C PHE A 108 -9.99 6.14 0.96
N LYS A 109 -11.22 6.24 0.44
CA LYS A 109 -11.52 6.91 -0.83
C LYS A 109 -11.60 8.43 -0.65
N ALA A 110 -11.99 8.84 0.58
CA ALA A 110 -11.85 10.26 0.94
C ALA A 110 -10.38 10.73 0.84
N MET A 111 -9.45 9.76 1.07
CA MET A 111 -8.05 10.00 0.75
C MET A 111 -7.80 9.82 -0.77
N GLY A 112 -8.41 8.73 -1.28
CA GLY A 112 -8.42 8.42 -2.71
C GLY A 112 -7.73 7.09 -3.06
N PHE A 113 -7.41 6.28 -2.02
CA PHE A 113 -6.68 5.01 -2.22
C PHE A 113 -7.38 4.13 -3.27
N ASP A 114 -6.62 3.93 -4.38
CA ASP A 114 -7.05 3.23 -5.59
C ASP A 114 -7.99 2.04 -5.30
N ARG A 115 -7.45 1.07 -4.51
CA ARG A 115 -8.33 0.03 -3.96
C ARG A 115 -7.85 -0.38 -2.56
N VAL A 116 -8.85 -0.91 -1.82
CA VAL A 116 -8.69 -1.33 -0.43
C VAL A 116 -8.81 -2.87 -0.37
N TYR A 117 -7.68 -3.52 0.01
CA TYR A 117 -7.72 -4.97 0.25
C TYR A 117 -8.08 -5.29 1.72
N PRO A 118 -8.85 -6.40 1.92
CA PRO A 118 -9.20 -6.90 3.26
C PRO A 118 -7.99 -7.34 4.12
N PRO A 119 -8.28 -7.79 5.37
CA PRO A 119 -7.30 -8.52 6.16
C PRO A 119 -7.17 -9.97 5.66
N GLY A 120 -5.92 -10.25 5.20
CA GLY A 120 -5.58 -11.58 4.71
C GLY A 120 -6.06 -11.79 3.27
N THR A 121 -5.40 -10.99 2.40
CA THR A 121 -5.70 -10.95 0.98
C THR A 121 -4.67 -11.75 0.19
N SER A 122 -5.24 -12.50 -0.79
CA SER A 122 -4.46 -13.05 -1.88
C SER A 122 -3.56 -11.96 -2.51
N PRO A 123 -2.47 -12.41 -3.19
CA PRO A 123 -1.65 -11.50 -3.98
C PRO A 123 -2.21 -11.27 -5.39
N GLU A 124 -3.18 -12.13 -5.78
CA GLU A 124 -3.70 -12.12 -7.14
C GLU A 124 -4.58 -10.89 -7.40
N THR A 125 -5.22 -10.43 -6.31
CA THR A 125 -6.06 -9.24 -6.35
C THR A 125 -5.24 -7.98 -6.49
N THR A 126 -4.07 -8.05 -5.83
CA THR A 126 -3.24 -6.89 -5.70
C THR A 126 -2.46 -6.68 -7.00
N ILE A 127 -2.08 -7.85 -7.54
CA ILE A 127 -1.33 -7.93 -8.78
C ILE A 127 -2.26 -7.65 -9.97
N ALA A 128 -3.51 -8.15 -9.85
CA ALA A 128 -4.53 -7.88 -10.84
C ALA A 128 -5.03 -6.45 -10.73
N ASP A 129 -4.98 -5.95 -9.48
CA ASP A 129 -5.28 -4.53 -9.34
C ASP A 129 -4.30 -3.64 -10.15
N MET A 130 -2.99 -3.81 -9.89
CA MET A 130 -1.99 -2.93 -10.51
C MET A 130 -1.79 -3.23 -11.99
N LYS A 131 -2.03 -4.51 -12.33
CA LYS A 131 -1.97 -4.91 -13.74
C LYS A 131 -2.99 -4.10 -14.55
N GLU A 132 -4.26 -4.22 -14.10
CA GLU A 132 -5.35 -3.54 -14.78
C GLU A 132 -5.19 -2.00 -14.80
N VAL A 133 -5.08 -1.48 -13.57
CA VAL A 133 -5.05 -0.04 -13.29
C VAL A 133 -3.88 0.68 -13.98
N LEU A 134 -2.67 0.09 -13.87
CA LEU A 134 -1.47 0.75 -14.41
C LEU A 134 -1.27 0.43 -15.91
N GLY A 135 -2.29 -0.24 -16.50
CA GLY A 135 -2.33 -0.49 -17.94
C GLY A 135 -1.30 -1.55 -18.34
N VAL A 136 -1.65 -2.80 -17.94
CA VAL A 136 -0.74 -3.92 -18.10
C VAL A 136 -1.61 -5.16 -18.38
N GLU A 137 -0.93 -6.20 -18.90
CA GLU A 137 -1.57 -7.47 -19.20
C GLU A 137 -0.50 -8.59 -19.16
N MET A 1 6.10 3.75 -19.02
CA MET A 1 7.15 3.22 -18.16
C MET A 1 7.64 1.86 -18.66
N GLU A 2 8.92 1.58 -18.31
CA GLU A 2 9.56 0.32 -18.68
C GLU A 2 9.04 -0.79 -17.74
N LYS A 3 9.22 -0.48 -16.43
CA LYS A 3 8.65 -1.26 -15.35
C LYS A 3 7.74 -0.34 -14.54
N LYS A 4 6.91 -1.00 -13.72
CA LYS A 4 6.07 -0.30 -12.75
C LYS A 4 6.60 -0.65 -11.35
N THR A 5 7.08 0.44 -10.72
CA THR A 5 7.57 0.45 -9.36
C THR A 5 6.34 0.60 -8.44
N ILE A 6 6.35 -0.36 -7.49
CA ILE A 6 5.52 -0.48 -6.35
C ILE A 6 6.53 -0.55 -5.23
N VAL A 7 6.01 -0.02 -4.15
CA VAL A 7 6.69 0.11 -2.92
C VAL A 7 5.72 -0.47 -1.92
N LEU A 8 6.13 -1.57 -1.28
CA LEU A 8 5.35 -1.98 -0.14
C LEU A 8 6.19 -1.55 1.04
N GLY A 9 5.52 -0.82 1.95
CA GLY A 9 6.08 -0.56 3.25
C GLY A 9 5.04 -1.09 4.22
N VAL A 10 5.52 -1.69 5.33
CA VAL A 10 4.55 -2.26 6.26
C VAL A 10 4.35 -1.23 7.38
N ILE A 11 3.07 -0.82 7.49
CA ILE A 11 2.73 0.20 8.47
C ILE A 11 2.12 -0.46 9.70
N GLY A 12 2.87 -0.25 10.78
CA GLY A 12 2.45 -0.64 12.12
C GLY A 12 3.63 -1.06 13.00
N SER A 13 4.84 -0.51 12.67
CA SER A 13 6.00 -0.50 13.56
C SER A 13 6.34 -1.91 14.09
N ASP A 14 7.00 -1.89 15.26
CA ASP A 14 7.23 -3.09 16.04
C ASP A 14 5.88 -3.73 16.43
N CYS A 15 5.64 -4.90 15.79
CA CYS A 15 4.38 -5.60 15.94
C CYS A 15 4.59 -7.07 15.53
N HIS A 16 4.63 -7.28 14.20
CA HIS A 16 4.88 -8.63 13.68
C HIS A 16 5.29 -8.55 12.19
N ALA A 17 4.29 -8.10 11.39
CA ALA A 17 4.19 -8.23 9.93
C ALA A 17 2.89 -8.97 9.55
N VAL A 18 1.93 -9.00 10.50
CA VAL A 18 0.60 -9.57 10.29
C VAL A 18 -0.28 -8.56 9.52
N GLY A 19 -0.07 -8.60 8.19
CA GLY A 19 -0.68 -7.63 7.28
C GLY A 19 0.10 -7.59 5.96
N ASN A 20 1.39 -7.98 6.07
CA ASN A 20 2.27 -8.15 4.93
C ASN A 20 3.54 -8.87 5.41
N LYS A 21 3.50 -10.19 5.14
CA LYS A 21 4.62 -11.09 5.35
C LYS A 21 4.66 -12.11 4.19
N ILE A 22 3.44 -12.43 3.71
CA ILE A 22 3.23 -13.27 2.54
C ILE A 22 2.97 -12.38 1.31
N LEU A 23 2.29 -11.26 1.62
CA LEU A 23 2.16 -10.16 0.66
C LEU A 23 3.53 -9.53 0.36
N ASP A 24 4.42 -9.65 1.37
CA ASP A 24 5.74 -9.03 1.34
C ASP A 24 6.58 -9.57 0.17
N HIS A 25 6.70 -10.91 0.19
CA HIS A 25 7.59 -11.60 -0.73
C HIS A 25 7.02 -11.66 -2.14
N SER A 26 5.67 -11.85 -2.20
CA SER A 26 5.08 -12.37 -3.43
C SER A 26 4.96 -11.30 -4.53
N PHE A 27 4.87 -10.02 -4.12
CA PHE A 27 4.85 -8.94 -5.12
C PHE A 27 6.20 -8.87 -5.85
N THR A 28 7.24 -9.07 -5.02
CA THR A 28 8.63 -9.10 -5.46
C THR A 28 8.87 -10.31 -6.40
N ASN A 29 8.15 -11.39 -6.03
CA ASN A 29 8.18 -12.67 -6.71
C ASN A 29 7.46 -12.63 -8.09
N ALA A 30 6.58 -11.61 -8.23
CA ALA A 30 5.61 -11.61 -9.32
C ALA A 30 6.18 -10.93 -10.57
N GLY A 31 7.52 -10.75 -10.52
CA GLY A 31 8.23 -10.04 -11.55
C GLY A 31 7.92 -8.54 -11.54
N PHE A 32 7.40 -8.06 -10.37
CA PHE A 32 7.04 -6.66 -10.30
C PHE A 32 8.26 -5.91 -9.74
N ASN A 33 8.39 -4.61 -10.12
CA ASN A 33 9.49 -3.86 -9.53
C ASN A 33 9.01 -3.46 -8.13
N VAL A 34 9.57 -4.19 -7.13
CA VAL A 34 9.08 -4.02 -5.77
C VAL A 34 10.24 -3.73 -4.82
N VAL A 35 10.05 -2.57 -4.15
CA VAL A 35 10.92 -2.12 -3.09
C VAL A 35 10.22 -2.40 -1.75
N ASN A 36 10.89 -3.31 -1.00
CA ASN A 36 10.47 -3.66 0.34
C ASN A 36 11.10 -2.65 1.31
N ILE A 37 10.22 -1.67 1.63
CA ILE A 37 10.46 -0.60 2.58
C ILE A 37 10.52 -1.16 4.02
N GLY A 38 9.78 -2.28 4.21
CA GLY A 38 9.81 -2.96 5.49
C GLY A 38 8.98 -2.20 6.53
N VAL A 39 8.92 -2.82 7.73
CA VAL A 39 8.04 -2.29 8.77
C VAL A 39 8.71 -1.12 9.51
N LEU A 40 7.87 -0.09 9.79
CA LEU A 40 8.34 1.10 10.47
C LEU A 40 7.18 1.88 11.08
N SER A 41 6.18 2.06 10.20
CA SER A 41 5.07 2.99 10.34
C SER A 41 5.55 4.45 10.22
N SER A 42 5.57 4.92 8.96
CA SER A 42 5.67 6.34 8.68
C SER A 42 5.72 6.59 7.15
N GLN A 43 4.81 7.51 6.76
CA GLN A 43 4.74 8.06 5.41
C GLN A 43 6.10 8.51 4.90
N GLU A 44 6.95 9.00 5.82
CA GLU A 44 8.19 9.65 5.43
C GLU A 44 9.09 8.76 4.55
N ASP A 45 9.15 7.46 4.92
CA ASP A 45 10.01 6.54 4.18
C ASP A 45 9.27 5.94 2.97
N PHE A 46 7.93 5.79 3.10
CA PHE A 46 7.19 5.08 2.06
C PHE A 46 6.96 5.92 0.81
N ILE A 47 6.77 7.20 1.13
CA ILE A 47 7.04 8.26 0.19
C ILE A 47 8.45 8.11 -0.42
N ASN A 48 9.46 7.92 0.46
CA ASN A 48 10.86 7.96 0.06
C ASN A 48 11.23 6.84 -0.92
N ALA A 49 10.53 5.69 -0.84
CA ALA A 49 10.68 4.63 -1.84
C ALA A 49 10.00 5.00 -3.14
N ALA A 50 8.95 5.81 -3.05
CA ALA A 50 8.49 6.44 -4.29
C ALA A 50 9.44 7.55 -4.80
N ILE A 51 10.14 8.25 -3.88
CA ILE A 51 11.14 9.22 -4.33
C ILE A 51 12.30 8.49 -5.02
N GLU A 52 12.66 7.34 -4.40
CA GLU A 52 13.88 6.65 -4.75
C GLU A 52 13.74 5.89 -6.04
N THR A 53 12.65 5.11 -6.09
CA THR A 53 12.50 4.22 -7.23
C THR A 53 11.53 4.72 -8.32
N LYS A 54 10.59 5.56 -7.85
CA LYS A 54 9.65 6.29 -8.71
C LYS A 54 8.44 5.44 -9.01
N ALA A 55 7.64 5.37 -7.91
CA ALA A 55 6.44 4.58 -7.82
C ALA A 55 5.33 5.12 -8.73
N ASP A 56 4.61 4.13 -9.30
CA ASP A 56 3.25 4.33 -9.78
C ASP A 56 2.26 4.01 -8.65
N LEU A 57 2.70 3.11 -7.74
CA LEU A 57 1.90 2.72 -6.59
C LEU A 57 2.72 2.54 -5.30
N ILE A 58 2.04 2.92 -4.22
CA ILE A 58 2.56 2.77 -2.86
C ILE A 58 1.48 2.05 -2.03
N CYS A 59 1.97 0.96 -1.40
CA CYS A 59 1.21 0.08 -0.53
C CYS A 59 1.70 0.29 0.90
N VAL A 60 0.67 0.34 1.76
CA VAL A 60 0.78 0.45 3.21
C VAL A 60 0.03 -0.76 3.76
N SER A 61 0.81 -1.55 4.54
CA SER A 61 0.34 -2.83 4.98
C SER A 61 0.10 -2.79 6.49
N SER A 62 -1.19 -2.94 6.83
CA SER A 62 -1.65 -2.45 8.11
C SER A 62 -1.76 -3.64 9.07
N LEU A 63 -0.81 -3.56 10.02
CA LEU A 63 -0.76 -4.41 11.19
C LEU A 63 -1.78 -3.87 12.20
N TYR A 64 -1.86 -2.53 12.14
CA TYR A 64 -2.84 -1.66 12.76
C TYR A 64 -2.27 -1.04 14.03
N GLY A 65 -0.99 -0.67 13.88
CA GLY A 65 -0.39 0.34 14.73
C GLY A 65 -0.93 1.72 14.30
N GLN A 66 -0.96 1.87 12.95
CA GLN A 66 -1.46 3.08 12.33
C GLN A 66 -1.95 2.78 10.90
N GLY A 67 -3.02 1.96 10.78
CA GLY A 67 -3.51 1.72 9.41
C GLY A 67 -4.37 2.91 8.96
N GLU A 68 -5.26 3.32 9.89
CA GLU A 68 -6.15 4.44 9.65
C GLU A 68 -5.41 5.77 9.88
N ILE A 69 -4.54 5.72 10.92
CA ILE A 69 -3.96 6.92 11.48
C ILE A 69 -2.89 7.49 10.54
N ASP A 70 -2.03 6.57 10.04
CA ASP A 70 -1.01 6.96 9.09
C ASP A 70 -1.58 7.19 7.69
N CYS A 71 -2.25 6.11 7.19
CA CYS A 71 -2.54 6.04 5.76
C CYS A 71 -3.47 7.15 5.28
N LYS A 72 -4.29 7.68 6.21
CA LYS A 72 -5.13 8.82 5.88
C LYS A 72 -4.23 10.02 5.44
N GLY A 73 -4.35 10.34 4.14
CA GLY A 73 -3.61 11.46 3.58
C GLY A 73 -2.12 11.16 3.38
N LEU A 74 -1.82 9.85 3.22
CA LEU A 74 -0.61 9.39 2.54
C LEU A 74 -0.75 9.54 1.03
N ARG A 75 -2.01 9.51 0.55
CA ARG A 75 -2.23 9.90 -0.84
C ARG A 75 -1.82 11.36 -1.03
N GLU A 76 -2.22 12.17 -0.02
CA GLU A 76 -1.94 13.60 0.09
C GLU A 76 -0.57 13.98 0.55
N LYS A 77 0.02 13.07 1.30
CA LYS A 77 1.43 13.09 1.64
C LYS A 77 2.32 12.66 0.48
N CYS A 78 1.73 11.78 -0.35
CA CYS A 78 2.38 11.38 -1.59
C CYS A 78 2.26 12.46 -2.64
N ASP A 79 1.10 13.10 -2.53
CA ASP A 79 0.83 14.30 -3.29
C ASP A 79 1.70 15.42 -2.81
N GLU A 80 1.83 15.41 -1.48
CA GLU A 80 2.61 16.49 -0.86
C GLU A 80 4.10 16.33 -1.13
N ALA A 81 4.45 15.03 -1.26
CA ALA A 81 5.84 14.66 -1.47
C ALA A 81 6.33 14.97 -2.90
N GLY A 82 5.40 15.55 -3.69
CA GLY A 82 5.71 15.89 -5.08
C GLY A 82 5.69 14.62 -5.94
N LEU A 83 4.75 13.75 -5.54
CA LEU A 83 4.59 12.42 -6.12
C LEU A 83 3.09 12.17 -6.31
N LYS A 84 2.45 13.19 -6.91
CA LYS A 84 1.07 13.07 -7.36
C LYS A 84 1.06 12.48 -8.77
N GLY A 85 0.50 11.26 -8.81
CA GLY A 85 0.60 10.41 -9.98
C GLY A 85 0.59 8.95 -9.52
N ILE A 86 1.07 8.83 -8.26
CA ILE A 86 0.89 7.62 -7.49
C ILE A 86 -0.60 7.43 -7.14
N LYS A 87 -1.05 6.23 -7.55
CA LYS A 87 -2.24 5.57 -7.03
C LYS A 87 -1.83 4.76 -5.80
N LEU A 88 -2.70 4.79 -4.75
CA LEU A 88 -2.36 4.08 -3.52
C LEU A 88 -3.26 2.86 -3.33
N PHE A 89 -2.55 1.82 -2.83
CA PHE A 89 -3.17 0.64 -2.26
C PHE A 89 -2.98 0.72 -0.74
N VAL A 90 -4.04 0.27 -0.06
CA VAL A 90 -4.01 0.12 1.39
C VAL A 90 -4.67 -1.23 1.70
N GLY A 91 -3.90 -2.08 2.42
CA GLY A 91 -4.33 -3.47 2.61
C GLY A 91 -4.04 -3.99 4.01
N GLY A 92 -4.91 -4.95 4.40
CA GLY A 92 -4.84 -5.61 5.70
C GLY A 92 -6.04 -5.21 6.56
N ASN A 93 -5.80 -5.19 7.89
CA ASN A 93 -6.76 -4.59 8.80
C ASN A 93 -6.43 -3.09 8.93
N ILE A 94 -6.98 -2.36 7.93
CA ILE A 94 -6.51 -1.01 7.62
C ILE A 94 -7.22 0.03 8.49
N VAL A 95 -8.46 -0.31 8.84
CA VAL A 95 -9.13 0.27 9.98
C VAL A 95 -9.32 -0.88 10.94
N VAL A 96 -10.39 -0.74 11.72
CA VAL A 96 -10.81 -1.78 12.63
C VAL A 96 -11.11 -3.07 11.85
N GLY A 97 -10.48 -4.16 12.36
CA GLY A 97 -10.46 -5.45 11.68
C GLY A 97 -11.87 -5.94 11.30
N LYS A 98 -11.85 -6.74 10.21
CA LYS A 98 -13.06 -7.15 9.51
C LYS A 98 -13.69 -5.95 8.80
N GLN A 99 -12.91 -5.51 7.79
CA GLN A 99 -13.25 -4.38 6.93
C GLN A 99 -14.62 -4.57 6.28
N ASN A 100 -15.38 -3.46 6.34
CA ASN A 100 -16.70 -3.37 5.74
C ASN A 100 -16.71 -2.15 4.81
N TRP A 101 -16.32 -2.47 3.56
CA TRP A 101 -16.22 -1.58 2.39
C TRP A 101 -16.98 -0.24 2.42
N PRO A 102 -18.33 -0.23 2.62
CA PRO A 102 -19.05 1.05 2.64
C PRO A 102 -18.47 2.12 3.60
N ASP A 103 -18.05 1.61 4.78
CA ASP A 103 -17.42 2.44 5.81
C ASP A 103 -15.93 2.67 5.50
N VAL A 104 -15.27 1.58 5.06
CA VAL A 104 -13.81 1.60 4.92
C VAL A 104 -13.41 2.50 3.74
N GLU A 105 -13.92 2.13 2.55
CA GLU A 105 -13.68 2.94 1.35
C GLU A 105 -14.26 4.36 1.46
N GLN A 106 -15.34 4.55 2.26
CA GLN A 106 -15.76 5.94 2.52
C GLN A 106 -14.63 6.80 3.12
N ARG A 107 -13.86 6.16 4.04
CA ARG A 107 -12.82 6.88 4.76
C ARG A 107 -11.58 7.13 3.87
N PHE A 108 -11.09 6.02 3.29
CA PHE A 108 -9.80 6.06 2.60
C PHE A 108 -9.88 6.75 1.24
N LYS A 109 -11.04 6.54 0.59
CA LYS A 109 -11.29 7.17 -0.72
C LYS A 109 -11.64 8.66 -0.56
N ALA A 110 -12.24 9.00 0.61
CA ALA A 110 -12.49 10.42 0.91
C ALA A 110 -11.17 11.22 0.96
N MET A 111 -10.08 10.51 1.34
CA MET A 111 -8.75 11.06 1.10
C MET A 111 -8.47 11.06 -0.42
N GLY A 112 -8.37 9.82 -0.94
CA GLY A 112 -8.26 9.59 -2.38
C GLY A 112 -7.35 8.39 -2.67
N PHE A 113 -7.60 7.32 -1.88
CA PHE A 113 -7.03 6.01 -2.11
C PHE A 113 -7.86 5.31 -3.18
N ASP A 114 -7.12 4.52 -3.99
CA ASP A 114 -7.75 3.79 -5.08
C ASP A 114 -8.45 2.51 -4.58
N ARG A 115 -7.73 1.77 -3.71
CA ARG A 115 -8.13 0.38 -3.43
C ARG A 115 -7.87 -0.02 -1.98
N VAL A 116 -8.80 -0.89 -1.53
CA VAL A 116 -8.81 -1.46 -0.19
C VAL A 116 -8.79 -3.00 -0.27
N TYR A 117 -7.66 -3.59 0.21
CA TYR A 117 -7.62 -5.05 0.43
C TYR A 117 -8.14 -5.43 1.84
N PRO A 118 -8.78 -6.63 1.92
CA PRO A 118 -9.24 -7.19 3.21
C PRO A 118 -8.12 -7.40 4.24
N PRO A 119 -8.51 -7.90 5.45
CA PRO A 119 -7.54 -8.38 6.42
C PRO A 119 -7.19 -9.84 6.11
N GLY A 120 -5.89 -10.03 5.81
CA GLY A 120 -5.39 -11.34 5.43
C GLY A 120 -5.75 -11.67 3.98
N THR A 121 -5.07 -10.92 3.10
CA THR A 121 -5.28 -10.95 1.67
C THR A 121 -4.18 -11.78 1.00
N SER A 122 -4.65 -12.60 0.05
CA SER A 122 -3.77 -13.16 -0.96
C SER A 122 -3.03 -12.01 -1.70
N PRO A 123 -1.84 -12.32 -2.26
CA PRO A 123 -1.15 -11.35 -3.10
C PRO A 123 -1.65 -11.34 -4.55
N GLU A 124 -2.47 -12.36 -4.88
CA GLU A 124 -3.01 -12.50 -6.24
C GLU A 124 -3.96 -11.34 -6.57
N THR A 125 -4.60 -10.85 -5.48
CA THR A 125 -5.52 -9.73 -5.54
C THR A 125 -4.80 -8.42 -5.77
N THR A 126 -3.62 -8.34 -5.16
CA THR A 126 -2.93 -7.09 -5.13
C THR A 126 -2.23 -6.86 -6.47
N ILE A 127 -1.77 -8.02 -6.98
CA ILE A 127 -1.04 -8.15 -8.21
C ILE A 127 -1.99 -8.01 -9.41
N ALA A 128 -3.19 -8.61 -9.24
CA ALA A 128 -4.27 -8.48 -10.21
C ALA A 128 -4.88 -7.11 -10.16
N ASP A 129 -4.85 -6.57 -8.93
CA ASP A 129 -5.28 -5.18 -8.80
C ASP A 129 -4.34 -4.20 -9.56
N MET A 130 -3.01 -4.25 -9.30
CA MET A 130 -2.06 -3.37 -10.00
C MET A 130 -1.98 -3.65 -11.50
N LYS A 131 -2.22 -4.94 -11.84
CA LYS A 131 -2.23 -5.34 -13.24
C LYS A 131 -3.35 -4.59 -13.98
N GLU A 132 -4.57 -4.79 -13.43
CA GLU A 132 -5.77 -4.16 -13.99
C GLU A 132 -5.69 -2.62 -14.05
N VAL A 133 -5.30 -2.05 -12.90
CA VAL A 133 -5.24 -0.60 -12.68
C VAL A 133 -4.26 0.10 -13.65
N LEU A 134 -3.05 -0.51 -13.75
CA LEU A 134 -1.98 0.09 -14.55
C LEU A 134 -2.13 -0.23 -16.06
N GLY A 135 -3.14 -1.08 -16.36
CA GLY A 135 -3.40 -1.46 -17.75
C GLY A 135 -2.36 -2.47 -18.24
N VAL A 136 -2.55 -3.69 -17.71
CA VAL A 136 -1.58 -4.77 -17.89
C VAL A 136 -2.37 -6.07 -18.03
N GLU A 137 -1.65 -7.10 -18.50
CA GLU A 137 -2.21 -8.43 -18.71
C GLU A 137 -1.10 -9.47 -18.50
N MET A 1 7.85 6.29 -17.09
CA MET A 1 8.51 5.35 -16.19
C MET A 1 9.14 4.21 -16.99
N GLU A 2 10.27 3.71 -16.42
CA GLU A 2 10.96 2.55 -16.98
C GLU A 2 10.27 1.27 -16.47
N LYS A 3 10.15 1.22 -15.13
CA LYS A 3 9.48 0.14 -14.44
C LYS A 3 8.38 0.74 -13.56
N LYS A 4 7.50 -0.18 -13.13
CA LYS A 4 6.53 0.16 -12.08
C LYS A 4 7.09 -0.42 -10.78
N THR A 5 7.53 0.52 -9.91
CA THR A 5 7.80 0.15 -8.54
C THR A 5 6.49 0.31 -7.75
N ILE A 6 6.32 -0.73 -6.93
CA ILE A 6 5.46 -0.82 -5.81
C ILE A 6 6.44 -0.95 -4.64
N VAL A 7 6.22 0.02 -3.79
CA VAL A 7 6.88 0.19 -2.55
C VAL A 7 5.88 -0.37 -1.57
N LEU A 8 6.40 -1.15 -0.59
CA LEU A 8 5.47 -1.63 0.43
C LEU A 8 6.09 -1.38 1.78
N GLY A 9 5.27 -0.74 2.63
CA GLY A 9 5.54 -0.72 4.05
C GLY A 9 4.35 -1.29 4.77
N VAL A 10 4.69 -1.99 5.86
CA VAL A 10 3.70 -2.32 6.85
C VAL A 10 3.88 -1.26 7.92
N ILE A 11 2.77 -0.52 8.12
CA ILE A 11 2.84 0.67 8.92
C ILE A 11 2.39 0.26 10.33
N GLY A 12 3.37 0.44 11.24
CA GLY A 12 3.19 -0.05 12.60
C GLY A 12 4.38 0.26 13.50
N SER A 13 5.58 0.02 12.90
CA SER A 13 6.85 0.06 13.63
C SER A 13 6.87 -0.96 14.78
N ASP A 14 6.13 -2.06 14.51
CA ASP A 14 5.88 -3.12 15.46
C ASP A 14 5.06 -4.18 14.73
N CYS A 15 5.60 -5.43 14.83
CA CYS A 15 5.17 -6.65 14.17
C CYS A 15 6.30 -7.08 13.21
N HIS A 16 5.91 -7.89 12.20
CA HIS A 16 6.88 -8.37 11.23
C HIS A 16 6.17 -8.75 9.93
N ALA A 17 5.24 -7.84 9.55
CA ALA A 17 4.42 -8.02 8.36
C ALA A 17 3.56 -9.29 8.49
N VAL A 18 2.68 -9.21 9.52
CA VAL A 18 1.80 -10.31 9.87
C VAL A 18 0.57 -10.29 8.95
N GLY A 19 0.51 -11.34 8.10
CA GLY A 19 -0.55 -11.44 7.09
C GLY A 19 -0.33 -10.48 5.92
N ASN A 20 0.94 -10.02 5.83
CA ASN A 20 1.38 -9.01 4.89
C ASN A 20 2.66 -9.45 4.17
N LYS A 21 3.41 -10.34 4.86
CA LYS A 21 4.68 -10.85 4.34
C LYS A 21 4.46 -11.87 3.22
N ILE A 22 3.27 -12.49 3.26
CA ILE A 22 2.84 -13.39 2.19
C ILE A 22 2.67 -12.57 0.92
N LEU A 23 1.87 -11.52 1.13
CA LEU A 23 1.57 -10.56 0.08
C LEU A 23 2.84 -9.99 -0.57
N ASP A 24 3.79 -9.62 0.32
CA ASP A 24 5.05 -9.01 -0.11
C ASP A 24 5.79 -9.90 -1.11
N HIS A 25 6.01 -11.15 -0.64
CA HIS A 25 6.79 -12.15 -1.34
C HIS A 25 6.21 -12.48 -2.73
N SER A 26 4.86 -12.37 -2.79
CA SER A 26 4.15 -12.66 -4.01
C SER A 26 4.34 -11.58 -5.08
N PHE A 27 4.48 -10.33 -4.60
CA PHE A 27 4.61 -9.19 -5.50
C PHE A 27 6.03 -9.14 -6.09
N THR A 28 6.99 -9.49 -5.20
CA THR A 28 8.39 -9.57 -5.58
C THR A 28 8.60 -10.70 -6.62
N ASN A 29 7.77 -11.75 -6.42
CA ASN A 29 7.66 -12.92 -7.26
C ASN A 29 6.92 -12.62 -8.59
N ALA A 30 6.12 -11.52 -8.60
CA ALA A 30 5.17 -11.31 -9.68
C ALA A 30 5.86 -10.73 -10.92
N GLY A 31 7.18 -10.54 -10.77
CA GLY A 31 7.96 -9.82 -11.76
C GLY A 31 7.74 -8.31 -11.64
N PHE A 32 7.27 -7.89 -10.43
CA PHE A 32 7.10 -6.45 -10.24
C PHE A 32 8.43 -5.93 -9.69
N ASN A 33 8.66 -4.61 -9.92
CA ASN A 33 9.75 -3.99 -9.17
C ASN A 33 9.13 -3.75 -7.79
N VAL A 34 9.64 -4.55 -6.84
CA VAL A 34 9.09 -4.47 -5.50
C VAL A 34 10.22 -4.25 -4.52
N VAL A 35 10.15 -3.02 -3.97
CA VAL A 35 11.04 -2.63 -2.91
C VAL A 35 10.30 -3.00 -1.62
N ASN A 36 10.88 -4.03 -0.95
CA ASN A 36 10.30 -4.55 0.28
C ASN A 36 10.99 -3.79 1.42
N ILE A 37 10.26 -2.75 1.88
CA ILE A 37 10.90 -1.73 2.72
C ILE A 37 10.98 -2.23 4.18
N GLY A 38 9.91 -2.97 4.57
CA GLY A 38 9.80 -3.53 5.92
C GLY A 38 8.78 -2.74 6.75
N VAL A 39 8.69 -3.17 8.03
CA VAL A 39 7.75 -2.57 8.98
C VAL A 39 8.44 -1.43 9.73
N LEU A 40 7.87 -0.22 9.53
CA LEU A 40 8.31 1.00 10.23
C LEU A 40 7.36 2.14 9.86
N SER A 41 6.42 2.42 10.81
CA SER A 41 5.30 3.35 10.59
C SER A 41 5.78 4.73 10.14
N SER A 42 5.49 5.01 8.85
CA SER A 42 5.87 6.27 8.24
C SER A 42 5.67 6.19 6.71
N GLN A 43 4.62 6.92 6.28
CA GLN A 43 4.45 7.34 4.89
C GLN A 43 5.71 7.97 4.35
N GLU A 44 6.27 8.95 5.09
CA GLU A 44 7.43 9.70 4.60
C GLU A 44 8.63 8.79 4.24
N ASP A 45 8.69 7.65 4.97
CA ASP A 45 9.73 6.66 4.73
C ASP A 45 9.48 5.88 3.42
N PHE A 46 8.19 5.51 3.20
CA PHE A 46 7.86 4.68 2.04
C PHE A 46 7.84 5.45 0.73
N ILE A 47 7.35 6.68 0.93
CA ILE A 47 7.58 7.76 -0.01
C ILE A 47 9.07 7.91 -0.38
N ASN A 48 9.97 7.64 0.59
CA ASN A 48 11.39 7.77 0.31
C ASN A 48 11.87 6.66 -0.65
N ALA A 49 11.28 5.46 -0.49
CA ALA A 49 11.40 4.41 -1.51
C ALA A 49 10.76 4.82 -2.80
N ALA A 50 9.72 5.68 -2.78
CA ALA A 50 9.20 6.17 -4.07
C ALA A 50 10.07 7.25 -4.72
N ILE A 51 10.75 8.04 -3.87
CA ILE A 51 11.71 9.02 -4.40
C ILE A 51 12.89 8.26 -5.04
N GLU A 52 13.24 7.14 -4.37
CA GLU A 52 14.42 6.40 -4.74
C GLU A 52 14.21 5.56 -5.98
N THR A 53 13.10 4.81 -5.88
CA THR A 53 12.88 3.78 -6.91
C THR A 53 12.21 4.37 -8.17
N LYS A 54 11.28 5.30 -7.84
CA LYS A 54 10.25 5.84 -8.71
C LYS A 54 9.03 4.89 -8.70
N ALA A 55 8.20 5.11 -7.65
CA ALA A 55 6.98 4.37 -7.41
C ALA A 55 5.85 4.89 -8.30
N ASP A 56 5.14 3.93 -8.92
CA ASP A 56 3.80 4.22 -9.42
C ASP A 56 2.75 3.92 -8.33
N LEU A 57 3.12 3.02 -7.39
CA LEU A 57 2.26 2.72 -6.25
C LEU A 57 3.04 2.54 -4.94
N ILE A 58 2.33 3.01 -3.90
CA ILE A 58 2.78 2.99 -2.51
C ILE A 58 1.68 2.31 -1.68
N CYS A 59 2.06 1.17 -1.05
CA CYS A 59 1.12 0.38 -0.25
C CYS A 59 1.52 0.36 1.24
N VAL A 60 0.62 0.99 2.02
CA VAL A 60 0.67 1.05 3.48
C VAL A 60 -0.29 -0.03 3.99
N SER A 61 0.29 -0.94 4.79
CA SER A 61 -0.48 -2.06 5.31
C SER A 61 -0.58 -1.96 6.83
N SER A 62 -1.84 -1.72 7.26
CA SER A 62 -2.13 -1.53 8.66
C SER A 62 -2.71 -2.84 9.21
N LEU A 63 -2.49 -3.01 10.53
CA LEU A 63 -2.96 -4.20 11.24
C LEU A 63 -3.64 -3.81 12.57
N TYR A 64 -4.07 -2.53 12.67
CA TYR A 64 -4.51 -2.00 13.94
C TYR A 64 -5.61 -0.97 13.71
N GLY A 65 -6.03 -0.39 14.86
CA GLY A 65 -6.94 0.74 14.86
C GLY A 65 -6.19 2.07 14.76
N GLN A 66 -5.09 2.01 13.98
CA GLN A 66 -4.30 3.22 13.72
C GLN A 66 -3.90 3.26 12.23
N GLY A 67 -4.62 2.41 11.46
CA GLY A 67 -4.50 2.40 10.01
C GLY A 67 -5.32 3.54 9.40
N GLU A 68 -6.36 3.88 10.17
CA GLU A 68 -7.27 4.96 9.82
C GLU A 68 -6.59 6.32 10.08
N ILE A 69 -5.72 6.27 11.10
CA ILE A 69 -5.18 7.49 11.68
C ILE A 69 -3.87 7.90 10.98
N ASP A 70 -3.02 6.87 10.79
CA ASP A 70 -1.73 7.07 10.14
C ASP A 70 -1.85 7.21 8.62
N CYS A 71 -2.48 6.16 8.03
CA CYS A 71 -2.29 5.87 6.60
C CYS A 71 -2.96 6.90 5.68
N LYS A 72 -4.01 7.54 6.23
CA LYS A 72 -4.68 8.60 5.49
C LYS A 72 -3.77 9.84 5.37
N GLY A 73 -3.69 10.32 4.11
CA GLY A 73 -2.85 11.44 3.73
C GLY A 73 -1.49 11.02 3.24
N LEU A 74 -1.39 9.73 2.85
CA LEU A 74 -0.35 9.28 1.94
C LEU A 74 -0.64 9.70 0.51
N ARG A 75 -1.95 9.89 0.22
CA ARG A 75 -2.32 10.46 -1.07
C ARG A 75 -1.67 11.83 -1.23
N GLU A 76 -1.91 12.64 -0.17
CA GLU A 76 -1.37 13.98 -0.02
C GLU A 76 0.04 14.13 0.41
N LYS A 77 0.54 13.13 1.12
CA LYS A 77 1.97 13.03 1.39
C LYS A 77 2.78 12.55 0.20
N CYS A 78 2.11 11.75 -0.65
CA CYS A 78 2.75 11.34 -1.90
C CYS A 78 2.70 12.47 -2.90
N ASP A 79 1.56 13.15 -2.78
CA ASP A 79 1.33 14.39 -3.49
C ASP A 79 2.35 15.42 -3.06
N GLU A 80 2.51 15.40 -1.73
CA GLU A 80 3.40 16.41 -1.13
C GLU A 80 4.87 16.10 -1.39
N ALA A 81 5.11 14.79 -1.52
CA ALA A 81 6.46 14.28 -1.71
C ALA A 81 6.99 14.55 -3.14
N GLY A 82 6.14 15.21 -3.95
CA GLY A 82 6.48 15.48 -5.34
C GLY A 82 6.35 14.20 -6.18
N LEU A 83 5.32 13.44 -5.76
CA LEU A 83 5.04 12.10 -6.26
C LEU A 83 3.52 11.95 -6.41
N LYS A 84 2.97 12.93 -7.15
CA LYS A 84 1.58 12.91 -7.56
C LYS A 84 1.49 12.30 -8.96
N GLY A 85 0.80 11.13 -8.96
CA GLY A 85 0.81 10.24 -10.11
C GLY A 85 0.79 8.80 -9.58
N ILE A 86 1.26 8.72 -8.32
CA ILE A 86 1.11 7.52 -7.52
C ILE A 86 -0.38 7.33 -7.16
N LYS A 87 -0.81 6.11 -7.54
CA LYS A 87 -1.99 5.45 -6.99
C LYS A 87 -1.56 4.64 -5.76
N LEU A 88 -2.51 4.54 -4.81
CA LEU A 88 -2.18 3.98 -3.49
C LEU A 88 -3.10 2.82 -3.16
N PHE A 89 -2.43 1.76 -2.63
CA PHE A 89 -3.14 0.61 -2.10
C PHE A 89 -3.01 0.68 -0.56
N VAL A 90 -4.02 0.08 0.12
CA VAL A 90 -3.95 -0.02 1.57
C VAL A 90 -4.40 -1.44 2.01
N GLY A 91 -3.49 -2.12 2.75
CA GLY A 91 -3.64 -3.55 3.04
C GLY A 91 -3.89 -3.86 4.52
N GLY A 92 -4.59 -4.99 4.71
CA GLY A 92 -4.69 -5.60 6.04
C GLY A 92 -5.97 -5.18 6.77
N ASN A 93 -5.80 -5.06 8.11
CA ASN A 93 -6.81 -4.45 8.98
C ASN A 93 -6.57 -2.94 8.98
N ILE A 94 -7.01 -2.35 7.84
CA ILE A 94 -6.86 -0.92 7.59
C ILE A 94 -7.77 -0.09 8.52
N VAL A 95 -8.85 -0.78 8.96
CA VAL A 95 -9.75 -0.28 9.99
C VAL A 95 -9.41 -1.08 11.24
N VAL A 96 -9.98 -0.62 12.37
CA VAL A 96 -9.74 -1.25 13.65
C VAL A 96 -10.30 -2.69 13.68
N GLY A 97 -9.34 -3.62 13.47
CA GLY A 97 -9.66 -5.03 13.37
C GLY A 97 -10.69 -5.32 12.28
N LYS A 98 -10.42 -4.69 11.10
CA LYS A 98 -11.28 -4.74 9.94
C LYS A 98 -12.63 -4.05 10.21
N GLN A 99 -13.37 -3.86 9.08
CA GLN A 99 -14.73 -3.38 9.12
C GLN A 99 -15.48 -3.94 7.89
N ASN A 100 -16.09 -3.03 7.11
CA ASN A 100 -17.03 -3.45 6.06
C ASN A 100 -16.90 -2.54 4.82
N TRP A 101 -16.18 -3.12 3.83
CA TRP A 101 -15.96 -2.67 2.45
C TRP A 101 -16.83 -1.53 1.88
N PRO A 102 -18.19 -1.63 1.88
CA PRO A 102 -18.98 -0.51 1.34
C PRO A 102 -18.69 0.86 2.00
N ASP A 103 -18.49 0.75 3.33
CA ASP A 103 -18.17 1.88 4.19
C ASP A 103 -16.68 2.25 4.12
N VAL A 104 -15.84 1.19 4.05
CA VAL A 104 -14.39 1.35 4.21
C VAL A 104 -13.75 1.91 2.94
N GLU A 105 -14.15 1.33 1.78
CA GLU A 105 -13.71 1.86 0.51
C GLU A 105 -14.38 3.21 0.21
N GLN A 106 -15.59 3.44 0.76
CA GLN A 106 -16.14 4.80 0.69
C GLN A 106 -15.23 5.81 1.44
N ARG A 107 -14.77 5.35 2.62
CA ARG A 107 -14.09 6.22 3.59
C ARG A 107 -12.67 6.59 3.12
N PHE A 108 -11.93 5.51 2.77
CA PHE A 108 -10.52 5.60 2.45
C PHE A 108 -10.29 6.21 1.06
N LYS A 109 -11.26 5.93 0.17
CA LYS A 109 -11.19 6.50 -1.19
C LYS A 109 -11.63 7.96 -1.22
N ALA A 110 -12.52 8.31 -0.26
CA ALA A 110 -12.93 9.70 -0.09
C ALA A 110 -11.75 10.54 0.43
N MET A 111 -10.87 9.84 1.17
CA MET A 111 -9.65 10.46 1.68
C MET A 111 -8.62 10.66 0.54
N GLY A 112 -8.51 9.61 -0.30
CA GLY A 112 -7.54 9.66 -1.38
C GLY A 112 -7.31 8.31 -2.06
N PHE A 113 -7.23 7.25 -1.20
CA PHE A 113 -6.82 5.90 -1.61
C PHE A 113 -7.58 5.40 -2.85
N ASP A 114 -6.84 4.60 -3.64
CA ASP A 114 -7.42 3.94 -4.79
C ASP A 114 -8.21 2.69 -4.33
N ARG A 115 -7.52 1.86 -3.52
CA ARG A 115 -7.99 0.49 -3.27
C ARG A 115 -7.66 0.04 -1.83
N VAL A 116 -8.55 -0.87 -1.35
CA VAL A 116 -8.42 -1.50 -0.03
C VAL A 116 -8.39 -3.05 -0.19
N TYR A 117 -7.30 -3.68 0.33
CA TYR A 117 -7.27 -5.13 0.55
C TYR A 117 -7.57 -5.47 2.02
N PRO A 118 -8.24 -6.65 2.23
CA PRO A 118 -8.43 -7.22 3.56
C PRO A 118 -7.12 -7.68 4.24
N PRO A 119 -7.26 -8.27 5.46
CA PRO A 119 -6.19 -9.05 6.10
C PRO A 119 -6.25 -10.51 5.66
N GLY A 120 -5.10 -10.97 5.14
CA GLY A 120 -4.97 -12.34 4.67
C GLY A 120 -5.58 -12.50 3.27
N THR A 121 -5.14 -11.54 2.43
CA THR A 121 -5.57 -11.44 1.05
C THR A 121 -4.67 -12.32 0.19
N SER A 122 -5.34 -13.02 -0.75
CA SER A 122 -4.62 -13.52 -1.91
C SER A 122 -3.79 -12.38 -2.54
N PRO A 123 -2.61 -12.72 -3.10
CA PRO A 123 -1.81 -11.74 -3.80
C PRO A 123 -2.25 -11.50 -5.24
N GLU A 124 -3.10 -12.42 -5.75
CA GLU A 124 -3.57 -12.30 -7.13
C GLU A 124 -4.46 -11.07 -7.30
N THR A 125 -5.14 -10.72 -6.19
CA THR A 125 -5.97 -9.53 -6.14
C THR A 125 -5.18 -8.26 -6.26
N THR A 126 -4.02 -8.30 -5.58
CA THR A 126 -3.25 -7.08 -5.42
C THR A 126 -2.47 -6.81 -6.71
N ILE A 127 -2.05 -7.95 -7.28
CA ILE A 127 -1.24 -8.03 -8.47
C ILE A 127 -2.08 -7.68 -9.71
N ALA A 128 -3.31 -8.22 -9.69
CA ALA A 128 -4.31 -7.94 -10.71
C ALA A 128 -4.88 -6.56 -10.54
N ASP A 129 -4.92 -6.16 -9.26
CA ASP A 129 -5.30 -4.78 -9.00
C ASP A 129 -4.27 -3.76 -9.58
N MET A 130 -2.95 -3.97 -9.33
CA MET A 130 -1.93 -3.08 -9.92
C MET A 130 -1.83 -3.24 -11.45
N LYS A 131 -2.15 -4.46 -11.92
CA LYS A 131 -2.12 -4.72 -13.35
C LYS A 131 -3.15 -3.82 -14.06
N GLU A 132 -4.38 -3.94 -13.53
CA GLU A 132 -5.51 -3.14 -14.01
C GLU A 132 -5.30 -1.62 -13.91
N VAL A 133 -4.92 -1.22 -12.68
CA VAL A 133 -4.78 0.19 -12.28
C VAL A 133 -3.69 0.91 -13.10
N LEU A 134 -2.59 0.17 -13.36
CA LEU A 134 -1.46 0.75 -14.07
C LEU A 134 -1.62 0.64 -15.60
N GLY A 135 -2.71 -0.05 -16.00
CA GLY A 135 -3.04 -0.21 -17.41
C GLY A 135 -2.08 -1.18 -18.09
N VAL A 136 -2.30 -2.46 -17.72
CA VAL A 136 -1.39 -3.53 -18.11
C VAL A 136 -2.24 -4.74 -18.52
N GLU A 137 -1.57 -5.54 -19.38
CA GLU A 137 -2.22 -6.62 -20.13
C GLU A 137 -1.29 -7.85 -20.13
N MET A 1 11.14 9.90 -14.59
CA MET A 1 11.44 8.61 -13.98
C MET A 1 11.45 7.51 -15.05
N GLU A 2 12.44 6.61 -14.87
CA GLU A 2 12.71 5.55 -15.84
C GLU A 2 11.70 4.40 -15.71
N LYS A 3 11.80 3.72 -14.55
CA LYS A 3 11.05 2.49 -14.28
C LYS A 3 9.91 2.80 -13.29
N LYS A 4 8.99 1.82 -13.22
CA LYS A 4 7.92 1.93 -12.25
C LYS A 4 8.35 1.23 -10.94
N THR A 5 8.57 2.12 -9.95
CA THR A 5 8.92 1.77 -8.58
C THR A 5 7.61 1.70 -7.79
N ILE A 6 7.66 0.69 -6.91
CA ILE A 6 6.72 0.35 -5.89
C ILE A 6 7.55 0.32 -4.64
N VAL A 7 6.80 0.67 -3.62
CA VAL A 7 7.22 0.68 -2.26
C VAL A 7 6.11 -0.09 -1.56
N LEU A 8 6.51 -1.14 -0.83
CA LEU A 8 5.58 -1.67 0.16
C LEU A 8 6.29 -1.57 1.49
N GLY A 9 5.55 -0.97 2.44
CA GLY A 9 5.91 -1.03 3.83
C GLY A 9 4.75 -1.63 4.59
N VAL A 10 5.12 -2.40 5.62
CA VAL A 10 4.11 -2.93 6.53
C VAL A 10 4.09 -2.00 7.75
N ILE A 11 2.88 -1.45 7.93
CA ILE A 11 2.64 -0.38 8.87
C ILE A 11 2.11 -0.95 10.19
N GLY A 12 2.65 -0.28 11.24
CA GLY A 12 2.46 -0.64 12.62
C GLY A 12 3.79 -1.11 13.17
N SER A 13 3.66 -2.21 13.94
CA SER A 13 4.76 -2.63 14.79
C SER A 13 4.41 -3.95 15.49
N ASP A 14 3.44 -4.68 14.89
CA ASP A 14 2.79 -5.79 15.54
C ASP A 14 2.58 -6.92 14.53
N CYS A 15 3.06 -8.10 14.97
CA CYS A 15 2.93 -9.36 14.23
C CYS A 15 3.60 -9.30 12.84
N HIS A 16 4.62 -8.42 12.78
CA HIS A 16 5.48 -8.22 11.61
C HIS A 16 4.66 -7.99 10.32
N ALA A 17 4.68 -9.03 9.45
CA ALA A 17 4.04 -8.94 8.15
C ALA A 17 3.37 -10.27 7.79
N VAL A 18 2.56 -10.71 8.78
CA VAL A 18 1.72 -11.90 8.59
C VAL A 18 0.50 -11.49 7.75
N GLY A 19 0.51 -12.04 6.51
CA GLY A 19 -0.48 -11.70 5.48
C GLY A 19 0.24 -11.13 4.27
N ASN A 20 0.98 -10.04 4.58
CA ASN A 20 1.90 -9.40 3.64
C ASN A 20 3.21 -10.20 3.61
N LYS A 21 3.11 -11.36 2.90
CA LYS A 21 4.20 -12.31 2.86
C LYS A 21 4.10 -13.08 1.54
N ILE A 22 2.86 -13.59 1.33
CA ILE A 22 2.44 -14.10 0.03
C ILE A 22 2.24 -12.89 -0.90
N LEU A 23 1.68 -11.84 -0.24
CA LEU A 23 1.52 -10.52 -0.84
C LEU A 23 2.69 -9.64 -0.37
N ASP A 24 3.87 -10.03 -0.87
CA ASP A 24 5.09 -9.27 -0.58
C ASP A 24 6.13 -9.55 -1.66
N HIS A 25 6.62 -10.82 -1.60
CA HIS A 25 7.65 -11.29 -2.51
C HIS A 25 7.15 -11.42 -3.95
N SER A 26 5.80 -11.40 -4.06
CA SER A 26 5.07 -11.48 -5.32
C SER A 26 5.34 -10.30 -6.24
N PHE A 27 5.28 -9.09 -5.63
CA PHE A 27 5.42 -7.86 -6.41
C PHE A 27 6.88 -7.69 -6.85
N THR A 28 7.73 -8.05 -5.87
CA THR A 28 9.18 -8.03 -6.02
C THR A 28 9.66 -9.06 -7.07
N ASN A 29 8.81 -10.11 -7.25
CA ASN A 29 9.00 -11.18 -8.20
C ASN A 29 7.92 -11.14 -9.30
N ALA A 30 7.38 -9.91 -9.50
CA ALA A 30 6.47 -9.66 -10.62
C ALA A 30 7.26 -9.06 -11.80
N GLY A 31 8.61 -9.02 -11.59
CA GLY A 31 9.49 -8.34 -12.50
C GLY A 31 9.34 -6.82 -12.39
N PHE A 32 8.89 -6.37 -11.18
CA PHE A 32 8.65 -4.94 -10.99
C PHE A 32 9.87 -4.38 -10.24
N ASN A 33 10.03 -3.04 -10.32
CA ASN A 33 10.88 -2.42 -9.32
C ASN A 33 10.01 -2.28 -8.08
N VAL A 34 10.31 -3.15 -7.08
CA VAL A 34 9.62 -3.07 -5.81
C VAL A 34 10.67 -2.98 -4.70
N VAL A 35 10.31 -2.11 -3.75
CA VAL A 35 11.21 -1.69 -2.71
C VAL A 35 10.51 -1.98 -1.38
N ASN A 36 11.08 -2.98 -0.68
CA ASN A 36 10.59 -3.28 0.66
C ASN A 36 11.32 -2.35 1.63
N ILE A 37 10.60 -1.25 1.95
CA ILE A 37 11.12 -0.20 2.76
C ILE A 37 11.29 -0.64 4.21
N GLY A 38 10.27 -1.38 4.72
CA GLY A 38 10.32 -1.65 6.15
C GLY A 38 9.03 -2.28 6.67
N VAL A 39 9.27 -3.38 7.40
CA VAL A 39 8.28 -4.02 8.25
C VAL A 39 8.61 -3.62 9.70
N LEU A 40 7.51 -3.38 10.46
CA LEU A 40 7.61 -2.85 11.82
C LEU A 40 8.03 -1.36 11.71
N SER A 41 7.17 -0.66 10.93
CA SER A 41 7.52 0.64 10.38
C SER A 41 6.20 1.37 10.08
N SER A 42 6.29 2.53 9.36
CA SER A 42 5.07 3.25 9.03
C SER A 42 5.28 4.24 7.87
N GLN A 43 4.10 4.76 7.45
CA GLN A 43 3.83 5.57 6.25
C GLN A 43 4.72 6.78 6.03
N GLU A 44 5.22 7.35 7.13
CA GLU A 44 6.11 8.52 7.02
C GLU A 44 7.41 8.16 6.27
N ASP A 45 7.87 6.92 6.55
CA ASP A 45 9.07 6.41 5.93
C ASP A 45 8.78 5.80 4.54
N PHE A 46 7.50 5.38 4.32
CA PHE A 46 7.14 4.80 3.01
C PHE A 46 6.97 5.85 1.93
N ILE A 47 6.49 6.98 2.45
CA ILE A 47 6.61 8.26 1.80
C ILE A 47 8.07 8.48 1.34
N ASN A 48 8.99 8.23 2.30
CA ASN A 48 10.42 8.52 2.07
C ASN A 48 11.05 7.60 1.00
N ALA A 49 10.51 6.37 0.87
CA ALA A 49 10.89 5.45 -0.21
C ALA A 49 10.31 5.89 -1.53
N ALA A 50 9.16 6.56 -1.50
CA ALA A 50 8.77 7.19 -2.75
C ALA A 50 9.64 8.42 -3.08
N ILE A 51 10.12 9.12 -2.03
CA ILE A 51 11.05 10.21 -2.29
C ILE A 51 12.37 9.66 -2.87
N GLU A 52 12.79 8.53 -2.28
CA GLU A 52 14.12 7.99 -2.54
C GLU A 52 14.22 7.29 -3.88
N THR A 53 13.23 6.38 -4.09
CA THR A 53 13.33 5.50 -5.24
C THR A 53 12.49 5.95 -6.45
N LYS A 54 11.40 6.64 -6.09
CA LYS A 54 10.51 7.37 -6.99
C LYS A 54 9.34 6.49 -7.42
N ALA A 55 8.57 6.17 -6.35
CA ALA A 55 7.47 5.23 -6.38
C ALA A 55 6.16 5.93 -6.76
N ASP A 56 5.45 5.24 -7.68
CA ASP A 56 4.06 5.57 -8.01
C ASP A 56 3.13 4.77 -7.09
N LEU A 57 3.61 3.56 -6.72
CA LEU A 57 2.98 2.77 -5.69
C LEU A 57 3.60 3.06 -4.32
N ILE A 58 2.63 3.18 -3.40
CA ILE A 58 2.91 2.96 -1.98
C ILE A 58 1.81 2.02 -1.40
N CYS A 59 2.30 0.91 -0.82
CA CYS A 59 1.45 -0.14 -0.24
C CYS A 59 1.70 -0.18 1.26
N VAL A 60 0.62 0.17 1.97
CA VAL A 60 0.57 0.16 3.42
C VAL A 60 -0.19 -1.10 3.80
N SER A 61 0.53 -1.93 4.59
CA SER A 61 0.04 -3.26 4.94
C SER A 61 -0.21 -3.30 6.45
N SER A 62 -1.50 -3.42 6.79
CA SER A 62 -1.95 -3.15 8.15
C SER A 62 -2.17 -4.46 8.92
N LEU A 63 -1.60 -4.46 10.15
CA LEU A 63 -1.85 -5.54 11.09
C LEU A 63 -1.41 -5.13 12.51
N TYR A 64 -2.02 -4.00 12.93
CA TYR A 64 -1.91 -3.55 14.32
C TYR A 64 -3.17 -2.81 14.81
N GLY A 65 -4.21 -2.83 13.94
CA GLY A 65 -5.53 -2.34 14.33
C GLY A 65 -5.71 -0.82 14.20
N GLN A 66 -4.63 -0.13 13.77
CA GLN A 66 -4.65 1.33 13.64
C GLN A 66 -4.00 1.76 12.31
N GLY A 67 -4.22 0.88 11.32
CA GLY A 67 -3.81 1.16 9.95
C GLY A 67 -4.83 2.08 9.28
N GLU A 68 -6.07 1.93 9.80
CA GLU A 68 -7.16 2.84 9.48
C GLU A 68 -6.87 4.28 9.94
N ILE A 69 -6.04 4.36 11.01
CA ILE A 69 -5.80 5.64 11.65
C ILE A 69 -4.64 6.38 10.95
N ASP A 70 -3.57 5.60 10.67
CA ASP A 70 -2.39 6.19 10.04
C ASP A 70 -2.62 6.43 8.55
N CYS A 71 -2.96 5.30 7.88
CA CYS A 71 -2.93 5.21 6.43
C CYS A 71 -3.83 6.25 5.75
N LYS A 72 -4.87 6.67 6.50
CA LYS A 72 -5.88 7.58 5.98
C LYS A 72 -5.25 8.92 5.52
N GLY A 73 -5.32 9.08 4.18
CA GLY A 73 -4.81 10.26 3.50
C GLY A 73 -3.32 10.21 3.32
N LEU A 74 -2.83 8.97 3.14
CA LEU A 74 -1.48 8.72 2.62
C LEU A 74 -1.37 8.96 1.13
N ARG A 75 -2.47 8.68 0.40
CA ARG A 75 -2.47 9.00 -1.02
C ARG A 75 -2.22 10.51 -1.19
N GLU A 76 -3.00 11.26 -0.39
CA GLU A 76 -2.90 12.71 -0.27
C GLU A 76 -1.79 13.31 0.53
N LYS A 77 -1.32 12.54 1.49
CA LYS A 77 -0.10 12.87 2.22
C LYS A 77 1.16 12.60 1.42
N CYS A 78 1.05 11.61 0.52
CA CYS A 78 2.14 11.31 -0.40
C CYS A 78 2.17 12.30 -1.53
N ASP A 79 0.93 12.57 -1.96
CA ASP A 79 0.65 13.62 -2.91
C ASP A 79 1.15 14.94 -2.34
N GLU A 80 0.78 15.07 -1.05
CA GLU A 80 1.12 16.31 -0.34
C GLU A 80 2.60 16.42 -0.01
N ALA A 81 3.20 15.22 0.17
CA ALA A 81 4.61 15.14 0.53
C ALA A 81 5.55 15.47 -0.66
N GLY A 82 4.91 15.87 -1.79
CA GLY A 82 5.64 16.39 -2.92
C GLY A 82 6.16 15.26 -3.82
N LEU A 83 5.30 14.21 -3.87
CA LEU A 83 5.57 13.05 -4.70
C LEU A 83 4.73 13.20 -5.98
N LYS A 84 3.80 12.24 -6.17
CA LYS A 84 2.99 12.20 -7.38
C LYS A 84 1.55 12.60 -7.08
N GLY A 85 0.72 12.10 -8.01
CA GLY A 85 -0.66 11.80 -7.79
C GLY A 85 -0.63 10.30 -7.56
N ILE A 86 0.27 10.01 -6.59
CA ILE A 86 0.74 8.68 -6.31
C ILE A 86 -0.40 7.78 -5.87
N LYS A 87 -0.46 6.70 -6.65
CA LYS A 87 -1.54 5.73 -6.52
C LYS A 87 -1.12 4.70 -5.48
N LEU A 88 -1.95 4.71 -4.41
CA LEU A 88 -1.63 3.89 -3.26
C LEU A 88 -2.70 2.81 -3.13
N PHE A 89 -2.16 1.66 -2.72
CA PHE A 89 -2.97 0.52 -2.30
C PHE A 89 -2.83 0.45 -0.78
N VAL A 90 -3.96 0.09 -0.14
CA VAL A 90 -3.93 -0.18 1.28
C VAL A 90 -4.76 -1.45 1.49
N GLY A 91 -4.09 -2.45 2.10
CA GLY A 91 -4.64 -3.80 2.05
C GLY A 91 -4.45 -4.58 3.35
N GLY A 92 -5.42 -5.50 3.50
CA GLY A 92 -5.36 -6.56 4.50
C GLY A 92 -5.66 -6.04 5.91
N ASN A 93 -6.97 -6.11 6.25
CA ASN A 93 -7.46 -5.89 7.60
C ASN A 93 -6.94 -4.56 8.18
N ILE A 94 -7.50 -3.47 7.61
CA ILE A 94 -6.97 -2.13 7.83
C ILE A 94 -7.86 -1.37 8.83
N VAL A 95 -9.20 -1.47 8.58
CA VAL A 95 -10.22 -0.94 9.51
C VAL A 95 -10.95 -2.04 10.29
N VAL A 96 -10.34 -3.23 10.18
CA VAL A 96 -10.73 -4.47 10.84
C VAL A 96 -11.20 -4.23 12.29
N GLY A 97 -12.43 -4.73 12.53
CA GLY A 97 -13.11 -4.52 13.79
C GLY A 97 -14.00 -3.27 13.70
N LYS A 98 -15.32 -3.58 13.61
CA LYS A 98 -16.39 -2.58 13.59
C LYS A 98 -16.35 -1.73 12.30
N GLN A 99 -15.97 -2.42 11.21
CA GLN A 99 -16.01 -1.86 9.87
C GLN A 99 -15.67 -2.96 8.87
N ASN A 100 -16.28 -2.82 7.68
CA ASN A 100 -15.99 -3.72 6.58
C ASN A 100 -16.13 -2.97 5.25
N TRP A 101 -15.15 -3.33 4.39
CA TRP A 101 -15.00 -3.08 2.97
C TRP A 101 -15.95 -2.13 2.23
N PRO A 102 -17.27 -2.41 2.09
CA PRO A 102 -18.15 -1.44 1.41
C PRO A 102 -18.05 0.02 1.94
N ASP A 103 -17.76 0.08 3.25
CA ASP A 103 -17.53 1.32 3.97
C ASP A 103 -16.09 1.85 3.75
N VAL A 104 -15.13 0.90 3.86
CA VAL A 104 -13.71 1.24 3.81
C VAL A 104 -13.34 1.80 2.43
N GLU A 105 -13.64 0.99 1.39
CA GLU A 105 -13.45 1.38 0.00
C GLU A 105 -14.14 2.71 -0.34
N GLN A 106 -15.42 2.85 0.11
CA GLN A 106 -16.14 4.08 -0.17
C GLN A 106 -15.38 5.33 0.34
N ARG A 107 -14.96 5.22 1.61
CA ARG A 107 -14.45 6.35 2.37
C ARG A 107 -13.00 6.69 1.99
N PHE A 108 -12.16 5.64 2.07
CA PHE A 108 -10.71 5.72 1.86
C PHE A 108 -10.38 6.15 0.43
N LYS A 109 -11.08 5.50 -0.51
CA LYS A 109 -10.78 5.75 -1.92
C LYS A 109 -11.26 7.13 -2.38
N ALA A 110 -12.39 7.56 -1.78
CA ALA A 110 -12.96 8.87 -2.13
C ALA A 110 -12.03 10.03 -1.73
N MET A 111 -11.43 9.88 -0.53
CA MET A 111 -10.61 10.95 0.04
C MET A 111 -9.13 10.86 -0.38
N GLY A 112 -8.81 9.82 -1.17
CA GLY A 112 -7.43 9.67 -1.60
C GLY A 112 -7.22 8.38 -2.41
N PHE A 113 -7.19 7.26 -1.65
CA PHE A 113 -6.66 5.97 -2.11
C PHE A 113 -7.22 5.54 -3.49
N ASP A 114 -6.30 4.86 -4.19
CA ASP A 114 -6.61 4.31 -5.51
C ASP A 114 -7.54 3.10 -5.35
N ARG A 115 -7.02 2.11 -4.59
CA ARG A 115 -7.75 0.86 -4.34
C ARG A 115 -7.44 0.35 -2.91
N VAL A 116 -8.42 -0.43 -2.41
CA VAL A 116 -8.28 -1.17 -1.15
C VAL A 116 -8.54 -2.67 -1.43
N TYR A 117 -7.67 -3.53 -0.83
CA TYR A 117 -7.86 -4.98 -0.96
C TYR A 117 -8.66 -5.57 0.22
N PRO A 118 -9.87 -6.14 -0.07
CA PRO A 118 -10.55 -6.99 0.90
C PRO A 118 -9.68 -8.20 1.33
N PRO A 119 -9.50 -8.40 2.66
CA PRO A 119 -8.54 -9.38 3.17
C PRO A 119 -8.92 -10.81 2.74
N GLY A 120 -8.03 -11.32 1.87
CA GLY A 120 -8.28 -12.56 1.14
C GLY A 120 -7.85 -12.46 -0.32
N THR A 121 -7.45 -11.23 -0.74
CA THR A 121 -7.04 -11.00 -2.11
C THR A 121 -5.63 -11.57 -2.33
N SER A 122 -5.52 -12.24 -3.50
CA SER A 122 -4.26 -12.70 -4.02
C SER A 122 -3.41 -11.49 -4.45
N PRO A 123 -2.07 -11.70 -4.62
CA PRO A 123 -1.23 -10.66 -5.19
C PRO A 123 -1.27 -10.58 -6.72
N GLU A 124 -1.92 -11.59 -7.35
CA GLU A 124 -2.11 -11.56 -8.79
C GLU A 124 -3.09 -10.42 -9.17
N THR A 125 -4.01 -10.15 -8.22
CA THR A 125 -4.97 -9.07 -8.32
C THR A 125 -4.34 -7.72 -8.14
N THR A 126 -3.33 -7.72 -7.26
CA THR A 126 -2.70 -6.50 -6.82
C THR A 126 -1.69 -6.04 -7.89
N ILE A 127 -1.12 -7.08 -8.53
CA ILE A 127 -0.20 -6.94 -9.64
C ILE A 127 -0.96 -6.56 -10.92
N ALA A 128 -2.17 -7.16 -11.04
CA ALA A 128 -3.08 -6.83 -12.13
C ALA A 128 -3.72 -5.47 -11.91
N ASP A 129 -3.89 -5.18 -10.60
CA ASP A 129 -4.38 -3.85 -10.25
C ASP A 129 -3.41 -2.74 -10.71
N MET A 130 -2.13 -2.86 -10.26
CA MET A 130 -1.12 -1.84 -10.56
C MET A 130 -0.85 -1.73 -12.07
N LYS A 131 -0.82 -2.91 -12.71
CA LYS A 131 -0.54 -2.96 -14.14
C LYS A 131 -1.64 -2.24 -14.94
N GLU A 132 -2.89 -2.70 -14.70
CA GLU A 132 -4.04 -2.08 -15.36
C GLU A 132 -4.17 -0.56 -15.10
N VAL A 133 -3.75 -0.18 -13.88
CA VAL A 133 -3.76 1.22 -13.44
C VAL A 133 -2.66 2.07 -14.14
N LEU A 134 -1.48 1.44 -14.34
CA LEU A 134 -0.29 2.18 -14.78
C LEU A 134 -0.16 2.19 -16.31
N GLY A 135 -1.21 1.67 -16.99
CA GLY A 135 -1.21 1.64 -18.44
C GLY A 135 -0.43 0.42 -18.98
N VAL A 136 -0.86 -0.73 -18.43
CA VAL A 136 -0.23 -2.02 -18.70
C VAL A 136 -1.37 -3.06 -18.68
N GLU A 137 -1.04 -4.26 -19.22
CA GLU A 137 -1.95 -5.40 -19.17
C GLU A 137 -3.19 -5.15 -20.06
N MET A 1 12.22 9.09 -15.26
CA MET A 1 11.52 7.83 -15.06
C MET A 1 11.75 6.89 -16.26
N GLU A 2 11.94 5.61 -15.89
CA GLU A 2 12.10 4.54 -16.87
C GLU A 2 11.41 3.26 -16.38
N LYS A 3 11.20 3.22 -15.04
CA LYS A 3 10.60 2.09 -14.35
C LYS A 3 9.47 2.63 -13.46
N LYS A 4 8.64 1.66 -13.02
CA LYS A 4 7.66 1.93 -12.00
C LYS A 4 8.18 1.33 -10.67
N THR A 5 8.40 2.27 -9.72
CA THR A 5 8.75 1.93 -8.35
C THR A 5 7.41 1.84 -7.56
N ILE A 6 7.37 0.75 -6.77
CA ILE A 6 6.42 0.39 -5.76
C ILE A 6 7.28 0.05 -4.56
N VAL A 7 6.61 0.32 -3.47
CA VAL A 7 7.08 0.23 -2.13
C VAL A 7 6.07 -0.67 -1.45
N LEU A 8 6.57 -1.54 -0.53
CA LEU A 8 5.62 -2.00 0.46
C LEU A 8 6.22 -1.88 1.86
N GLY A 9 5.38 -1.23 2.70
CA GLY A 9 5.74 -0.99 4.08
C GLY A 9 4.66 -1.57 4.98
N VAL A 10 5.07 -2.14 6.14
CA VAL A 10 4.04 -2.77 6.96
C VAL A 10 3.65 -1.75 8.04
N ILE A 11 2.34 -1.45 7.99
CA ILE A 11 1.76 -0.36 8.74
C ILE A 11 0.98 -0.92 9.94
N GLY A 12 1.34 -0.36 11.10
CA GLY A 12 0.68 -0.78 12.34
C GLY A 12 1.15 -2.18 12.71
N SER A 13 2.47 -2.20 12.99
CA SER A 13 3.20 -3.44 13.10
C SER A 13 4.39 -3.26 14.06
N ASP A 14 5.59 -3.25 13.45
CA ASP A 14 6.86 -3.03 14.11
C ASP A 14 7.22 -4.23 15.02
N CYS A 15 7.13 -5.43 14.39
CA CYS A 15 7.43 -6.66 15.11
C CYS A 15 7.55 -7.82 14.11
N HIS A 16 6.42 -8.06 13.43
CA HIS A 16 6.31 -9.16 12.48
C HIS A 16 5.08 -8.91 11.61
N ALA A 17 5.35 -8.91 10.29
CA ALA A 17 4.34 -8.65 9.29
C ALA A 17 3.57 -9.94 8.97
N VAL A 18 2.52 -10.16 9.79
CA VAL A 18 1.64 -11.30 9.60
C VAL A 18 0.76 -11.09 8.35
N GLY A 19 1.03 -11.95 7.36
CA GLY A 19 0.45 -11.84 6.03
C GLY A 19 1.56 -11.59 5.02
N ASN A 20 2.22 -10.42 5.22
CA ASN A 20 3.37 -10.00 4.43
C ASN A 20 4.67 -10.50 5.10
N LYS A 21 4.67 -11.84 5.34
CA LYS A 21 5.82 -12.48 5.97
C LYS A 21 6.94 -12.65 4.92
N ILE A 22 6.57 -13.46 3.91
CA ILE A 22 7.46 -13.86 2.83
C ILE A 22 6.63 -14.24 1.60
N LEU A 23 6.20 -13.15 0.92
CA LEU A 23 5.60 -13.30 -0.40
C LEU A 23 5.95 -12.08 -1.27
N ASP A 24 7.23 -11.67 -1.12
CA ASP A 24 7.83 -10.69 -2.02
C ASP A 24 8.49 -11.46 -3.20
N HIS A 25 7.63 -12.31 -3.79
CA HIS A 25 7.86 -12.98 -5.05
C HIS A 25 6.51 -13.08 -5.77
N SER A 26 5.71 -12.02 -5.51
CA SER A 26 4.38 -11.88 -6.08
C SER A 26 3.96 -10.40 -6.09
N PHE A 27 5.00 -9.54 -5.97
CA PHE A 27 4.96 -8.17 -6.47
C PHE A 27 6.19 -7.98 -7.37
N THR A 28 7.33 -8.49 -6.82
CA THR A 28 8.63 -8.41 -7.46
C THR A 28 8.66 -9.26 -8.75
N ASN A 29 7.88 -10.35 -8.66
CA ASN A 29 7.74 -11.34 -9.71
C ASN A 29 6.85 -10.86 -10.88
N ALA A 30 6.53 -9.54 -10.84
CA ALA A 30 5.88 -8.89 -11.96
C ALA A 30 6.91 -8.20 -12.86
N GLY A 31 8.18 -8.34 -12.43
CA GLY A 31 9.28 -7.58 -12.99
C GLY A 31 9.20 -6.11 -12.57
N PHE A 32 8.63 -5.88 -11.36
CA PHE A 32 8.46 -4.51 -10.91
C PHE A 32 9.69 -4.15 -10.07
N ASN A 33 9.97 -2.81 -10.05
CA ASN A 33 10.90 -2.33 -9.04
C ASN A 33 10.09 -2.22 -7.74
N VAL A 34 10.36 -3.22 -6.88
CA VAL A 34 9.62 -3.36 -5.64
C VAL A 34 10.62 -3.25 -4.49
N VAL A 35 10.24 -2.36 -3.55
CA VAL A 35 11.15 -1.86 -2.54
C VAL A 35 10.56 -2.18 -1.15
N ASN A 36 11.27 -3.12 -0.49
CA ASN A 36 10.84 -3.60 0.82
C ASN A 36 11.42 -2.66 1.89
N ILE A 37 10.43 -2.05 2.58
CA ILE A 37 10.63 -0.99 3.55
C ILE A 37 11.04 -1.59 4.90
N GLY A 38 10.38 -2.74 5.17
CA GLY A 38 10.47 -3.40 6.47
C GLY A 38 9.13 -3.27 7.19
N VAL A 39 9.18 -3.70 8.47
CA VAL A 39 8.02 -3.70 9.36
C VAL A 39 8.21 -2.60 10.43
N LEU A 40 7.13 -1.81 10.59
CA LEU A 40 7.23 -0.57 11.36
C LEU A 40 5.82 -0.08 11.74
N SER A 41 5.57 1.21 11.50
CA SER A 41 4.21 1.74 11.38
C SER A 41 4.31 3.23 11.10
N SER A 42 4.65 3.50 9.83
CA SER A 42 4.72 4.90 9.43
C SER A 42 4.81 5.00 7.92
N GLN A 43 3.65 5.39 7.38
CA GLN A 43 3.48 5.71 5.97
C GLN A 43 4.31 6.88 5.48
N GLU A 44 4.60 7.83 6.39
CA GLU A 44 5.54 8.90 6.04
C GLU A 44 6.99 8.36 5.79
N ASP A 45 7.27 7.11 6.26
CA ASP A 45 8.54 6.45 5.92
C ASP A 45 8.45 5.76 4.55
N PHE A 46 7.25 5.16 4.22
CA PHE A 46 7.15 4.47 2.94
C PHE A 46 7.00 5.42 1.75
N ILE A 47 6.41 6.56 2.13
CA ILE A 47 6.51 7.82 1.41
C ILE A 47 7.97 8.26 1.20
N ASN A 48 8.82 8.07 2.24
CA ASN A 48 10.21 8.49 2.14
C ASN A 48 10.99 7.61 1.14
N ALA A 49 10.51 6.35 1.04
CA ALA A 49 10.90 5.42 -0.02
C ALA A 49 10.27 5.84 -1.34
N ALA A 50 9.11 6.49 -1.28
CA ALA A 50 8.66 7.10 -2.53
C ALA A 50 9.52 8.30 -2.98
N ILE A 51 10.08 9.03 -1.99
CA ILE A 51 11.04 10.07 -2.35
C ILE A 51 12.33 9.43 -2.93
N GLU A 52 12.76 8.34 -2.25
CA GLU A 52 14.08 7.78 -2.50
C GLU A 52 14.14 6.98 -3.79
N THR A 53 13.16 6.06 -3.88
CA THR A 53 13.19 5.09 -4.96
C THR A 53 12.39 5.51 -6.18
N LYS A 54 11.39 6.35 -5.87
CA LYS A 54 10.60 7.15 -6.81
C LYS A 54 9.25 6.48 -7.08
N ALA A 55 8.69 6.04 -5.93
CA ALA A 55 7.46 5.26 -5.93
C ALA A 55 6.30 6.08 -6.46
N ASP A 56 5.71 5.49 -7.52
CA ASP A 56 4.45 5.94 -8.08
C ASP A 56 3.29 5.36 -7.26
N LEU A 57 3.61 4.24 -6.56
CA LEU A 57 2.65 3.57 -5.71
C LEU A 57 3.27 3.06 -4.40
N ILE A 58 2.39 3.17 -3.39
CA ILE A 58 2.67 2.76 -2.02
C ILE A 58 1.60 1.75 -1.59
N CYS A 59 2.07 0.49 -1.40
CA CYS A 59 1.22 -0.63 -1.01
C CYS A 59 1.60 -1.12 0.39
N VAL A 60 0.65 -0.96 1.33
CA VAL A 60 0.94 -1.33 2.71
C VAL A 60 0.29 -2.68 3.03
N SER A 61 1.00 -3.39 3.93
CA SER A 61 0.39 -4.53 4.62
C SER A 61 0.06 -4.06 6.03
N SER A 62 -1.26 -4.01 6.26
CA SER A 62 -1.80 -3.57 7.54
C SER A 62 -2.19 -4.81 8.32
N LEU A 63 -1.58 -4.92 9.50
CA LEU A 63 -1.86 -6.04 10.39
C LEU A 63 -3.08 -5.73 11.27
N TYR A 64 -3.23 -4.41 11.49
CA TYR A 64 -4.22 -3.83 12.38
C TYR A 64 -3.63 -3.79 13.79
N GLY A 65 -4.20 -2.81 14.51
CA GLY A 65 -3.52 -2.12 15.59
C GLY A 65 -3.54 -0.65 15.21
N GLN A 66 -3.23 -0.44 13.91
CA GLN A 66 -3.37 0.87 13.30
C GLN A 66 -3.48 0.72 11.77
N GLY A 67 -4.45 -0.12 11.31
CA GLY A 67 -4.51 -0.30 9.87
C GLY A 67 -5.24 0.88 9.21
N GLU A 68 -6.37 1.22 9.85
CA GLU A 68 -7.19 2.37 9.46
C GLU A 68 -6.60 3.67 10.02
N ILE A 69 -5.97 3.50 11.21
CA ILE A 69 -5.61 4.62 12.05
C ILE A 69 -4.48 5.44 11.39
N ASP A 70 -3.51 4.70 10.84
CA ASP A 70 -2.45 5.33 10.06
C ASP A 70 -2.96 5.71 8.65
N CYS A 71 -3.54 4.68 7.97
CA CYS A 71 -3.86 4.75 6.54
C CYS A 71 -4.75 5.94 6.15
N LYS A 72 -5.57 6.42 7.12
CA LYS A 72 -6.40 7.59 6.86
C LYS A 72 -5.51 8.80 6.49
N GLY A 73 -5.63 9.19 5.21
CA GLY A 73 -4.82 10.28 4.67
C GLY A 73 -3.37 9.85 4.44
N LEU A 74 -3.21 8.64 3.86
CA LEU A 74 -2.00 8.26 3.14
C LEU A 74 -1.95 8.93 1.77
N ARG A 75 -3.15 9.09 1.19
CA ARG A 75 -3.24 9.95 0.01
C ARG A 75 -2.80 11.37 0.37
N GLU A 76 -3.23 11.77 1.59
CA GLU A 76 -2.95 13.06 2.20
C GLU A 76 -1.60 13.27 2.82
N LYS A 77 -1.02 12.15 3.22
CA LYS A 77 0.39 12.06 3.57
C LYS A 77 1.29 12.03 2.36
N CYS A 78 0.72 11.48 1.27
CA CYS A 78 1.40 11.48 -0.01
C CYS A 78 1.29 12.84 -0.67
N ASP A 79 0.11 13.38 -0.42
CA ASP A 79 -0.22 14.72 -0.81
C ASP A 79 0.62 15.69 -0.03
N GLU A 80 0.68 15.31 1.26
CA GLU A 80 1.42 16.16 2.19
C GLU A 80 2.93 16.07 2.02
N ALA A 81 3.35 14.88 1.57
CA ALA A 81 4.77 14.62 1.37
C ALA A 81 5.35 15.34 0.14
N GLY A 82 4.46 16.04 -0.59
CA GLY A 82 4.87 16.70 -1.83
C GLY A 82 5.01 15.65 -2.93
N LEU A 83 4.05 14.71 -2.87
CA LEU A 83 4.07 13.50 -3.67
C LEU A 83 2.65 13.14 -4.16
N LYS A 84 1.85 14.21 -4.40
CA LYS A 84 0.52 14.02 -4.95
C LYS A 84 0.62 13.69 -6.45
N GLY A 85 0.19 12.44 -6.72
CA GLY A 85 0.32 11.86 -8.05
C GLY A 85 0.44 10.35 -7.88
N ILE A 86 1.01 10.01 -6.70
CA ILE A 86 1.06 8.65 -6.23
C ILE A 86 -0.36 8.12 -5.94
N LYS A 87 -0.56 6.99 -6.63
CA LYS A 87 -1.70 6.10 -6.51
C LYS A 87 -1.37 5.09 -5.39
N LEU A 88 -2.41 4.83 -4.58
CA LEU A 88 -2.18 4.14 -3.33
C LEU A 88 -3.02 2.86 -3.23
N PHE A 89 -2.25 1.85 -2.80
CA PHE A 89 -2.75 0.53 -2.47
C PHE A 89 -2.68 0.38 -0.94
N VAL A 90 -3.79 -0.21 -0.43
CA VAL A 90 -3.90 -0.50 0.99
C VAL A 90 -4.49 -1.91 1.13
N GLY A 91 -3.73 -2.76 1.86
CA GLY A 91 -3.99 -4.19 1.77
C GLY A 91 -4.03 -4.89 3.13
N GLY A 92 -4.85 -5.96 3.09
CA GLY A 92 -4.98 -6.91 4.18
C GLY A 92 -6.00 -6.39 5.22
N ASN A 93 -5.53 -6.43 6.48
CA ASN A 93 -6.37 -6.10 7.64
C ASN A 93 -6.31 -4.58 7.90
N ILE A 94 -7.11 -3.89 7.07
CA ILE A 94 -7.24 -2.44 7.13
C ILE A 94 -8.18 -2.01 8.27
N VAL A 95 -9.21 -2.86 8.48
CA VAL A 95 -10.22 -2.60 9.49
C VAL A 95 -10.57 -3.95 10.13
N VAL A 96 -11.22 -3.80 11.30
CA VAL A 96 -11.53 -4.85 12.24
C VAL A 96 -13.04 -5.11 12.30
N GLY A 97 -13.64 -5.07 11.10
CA GLY A 97 -15.06 -5.35 10.95
C GLY A 97 -15.96 -4.15 11.33
N LYS A 98 -15.30 -2.97 11.48
CA LYS A 98 -16.01 -1.70 11.62
C LYS A 98 -16.61 -1.31 10.26
N GLN A 99 -17.78 -1.91 10.02
CA GLN A 99 -18.44 -1.92 8.71
C GLN A 99 -17.61 -2.76 7.71
N ASN A 100 -18.22 -2.93 6.51
CA ASN A 100 -17.62 -3.78 5.47
C ASN A 100 -17.85 -3.15 4.09
N TRP A 101 -16.78 -3.31 3.29
CA TRP A 101 -16.62 -3.10 1.85
C TRP A 101 -17.37 -1.95 1.15
N PRO A 102 -18.70 -2.03 0.91
CA PRO A 102 -19.42 -0.83 0.48
C PRO A 102 -19.13 0.43 1.34
N ASP A 103 -19.01 0.15 2.66
CA ASP A 103 -18.68 1.14 3.68
C ASP A 103 -17.18 1.46 3.74
N VAL A 104 -16.37 0.38 3.71
CA VAL A 104 -14.94 0.51 3.99
C VAL A 104 -14.18 1.14 2.81
N GLU A 105 -14.65 0.79 1.60
CA GLU A 105 -14.15 1.41 0.38
C GLU A 105 -14.69 2.84 0.23
N GLN A 106 -15.94 3.05 0.67
CA GLN A 106 -16.45 4.43 0.73
C GLN A 106 -15.56 5.31 1.62
N ARG A 107 -15.11 4.69 2.73
CA ARG A 107 -14.35 5.39 3.77
C ARG A 107 -12.92 5.71 3.29
N PHE A 108 -12.26 4.63 2.82
CA PHE A 108 -10.82 4.63 2.53
C PHE A 108 -10.52 5.39 1.23
N LYS A 109 -11.38 5.08 0.24
CA LYS A 109 -11.23 5.66 -1.08
C LYS A 109 -11.61 7.16 -1.07
N ALA A 110 -12.53 7.52 -0.14
CA ALA A 110 -12.80 8.94 0.12
C ALA A 110 -11.57 9.68 0.69
N MET A 111 -10.72 8.93 1.45
CA MET A 111 -9.44 9.52 1.85
C MET A 111 -8.54 9.72 0.61
N GLY A 112 -8.61 8.69 -0.27
CA GLY A 112 -8.02 8.85 -1.59
C GLY A 112 -7.65 7.53 -2.27
N PHE A 113 -7.60 6.43 -1.46
CA PHE A 113 -7.07 5.15 -1.93
C PHE A 113 -7.69 4.70 -3.26
N ASP A 114 -6.73 4.35 -4.16
CA ASP A 114 -7.04 3.92 -5.52
C ASP A 114 -7.73 2.55 -5.51
N ARG A 115 -7.17 1.68 -4.64
CA ARG A 115 -7.60 0.29 -4.53
C ARG A 115 -7.49 -0.14 -3.06
N VAL A 116 -8.54 -0.86 -2.60
CA VAL A 116 -8.61 -1.37 -1.23
C VAL A 116 -8.78 -2.90 -1.23
N TYR A 117 -7.73 -3.60 -0.74
CA TYR A 117 -7.81 -5.08 -0.61
C TYR A 117 -8.18 -5.53 0.80
N PRO A 118 -9.15 -6.50 0.89
CA PRO A 118 -9.45 -7.17 2.15
C PRO A 118 -8.30 -8.03 2.73
N PRO A 119 -8.55 -8.62 3.92
CA PRO A 119 -7.64 -9.64 4.49
C PRO A 119 -7.47 -10.88 3.60
N GLY A 120 -6.20 -11.11 3.24
CA GLY A 120 -5.83 -12.33 2.54
C GLY A 120 -6.17 -12.27 1.04
N THR A 121 -5.67 -11.18 0.43
CA THR A 121 -5.78 -10.96 -1.01
C THR A 121 -4.43 -11.30 -1.65
N SER A 122 -4.54 -12.01 -2.79
CA SER A 122 -3.34 -12.41 -3.52
C SER A 122 -2.60 -11.15 -4.01
N PRO A 123 -1.26 -11.11 -3.83
CA PRO A 123 -0.44 -10.04 -4.39
C PRO A 123 -0.31 -10.03 -5.93
N GLU A 124 -0.79 -11.13 -6.54
CA GLU A 124 -1.07 -11.17 -7.99
C GLU A 124 -2.18 -10.17 -8.42
N THR A 125 -3.13 -9.91 -7.50
CA THR A 125 -4.11 -8.84 -7.66
C THR A 125 -3.48 -7.48 -7.66
N THR A 126 -2.37 -7.39 -6.91
CA THR A 126 -1.72 -6.11 -6.70
C THR A 126 -0.89 -5.79 -7.91
N ILE A 127 -0.40 -6.87 -8.53
CA ILE A 127 0.29 -6.76 -9.80
C ILE A 127 -0.71 -6.41 -10.91
N ALA A 128 -1.91 -7.01 -10.81
CA ALA A 128 -2.96 -6.76 -11.77
C ALA A 128 -3.53 -5.36 -11.58
N ASP A 129 -3.47 -4.94 -10.31
CA ASP A 129 -3.84 -3.54 -10.08
C ASP A 129 -2.87 -2.54 -10.74
N MET A 130 -1.56 -2.68 -10.39
CA MET A 130 -0.56 -1.68 -10.78
C MET A 130 -0.23 -1.74 -12.27
N LYS A 131 -0.35 -2.96 -12.81
CA LYS A 131 -0.12 -3.13 -14.24
C LYS A 131 -1.24 -2.42 -15.01
N GLU A 132 -2.48 -2.85 -14.70
CA GLU A 132 -3.60 -2.37 -15.51
C GLU A 132 -3.88 -0.86 -15.38
N VAL A 133 -3.68 -0.36 -14.14
CA VAL A 133 -3.95 1.05 -13.85
C VAL A 133 -2.89 1.98 -14.47
N LEU A 134 -1.61 1.54 -14.42
CA LEU A 134 -0.50 2.36 -14.92
C LEU A 134 -0.27 2.19 -16.43
N GLY A 135 -1.17 1.42 -17.08
CA GLY A 135 -1.09 1.22 -18.53
C GLY A 135 0.04 0.26 -18.90
N VAL A 136 -0.14 -0.97 -18.37
CA VAL A 136 0.84 -2.03 -18.46
C VAL A 136 0.08 -3.36 -18.43
N GLU A 137 0.79 -4.41 -18.90
CA GLU A 137 0.26 -5.77 -18.88
C GLU A 137 1.26 -6.70 -18.15
N MET A 1 11.16 5.25 -21.18
CA MET A 1 10.21 4.24 -20.71
C MET A 1 10.73 3.63 -19.39
N GLU A 2 10.50 4.44 -18.33
CA GLU A 2 10.91 4.07 -16.97
C GLU A 2 9.87 3.12 -16.36
N LYS A 3 10.25 2.62 -15.17
CA LYS A 3 9.47 1.60 -14.48
C LYS A 3 8.72 2.19 -13.28
N LYS A 4 7.78 1.31 -12.88
CA LYS A 4 6.86 1.62 -11.80
C LYS A 4 7.46 1.13 -10.47
N THR A 5 7.82 2.15 -9.67
CA THR A 5 8.23 1.92 -8.29
C THR A 5 6.95 1.81 -7.43
N ILE A 6 6.82 0.59 -6.89
CA ILE A 6 6.00 0.23 -5.78
C ILE A 6 6.97 0.05 -4.62
N VAL A 7 6.44 0.62 -3.55
CA VAL A 7 7.11 0.89 -2.33
C VAL A 7 6.16 0.31 -1.29
N LEU A 8 6.63 -0.72 -0.55
CA LEU A 8 5.70 -1.35 0.38
C LEU A 8 6.35 -1.47 1.74
N GLY A 9 5.56 -0.98 2.73
CA GLY A 9 5.98 -1.00 4.12
C GLY A 9 4.94 -1.75 4.93
N VAL A 10 5.45 -2.46 5.94
CA VAL A 10 4.54 -3.11 6.87
C VAL A 10 4.41 -2.18 8.07
N ILE A 11 3.14 -1.85 8.35
CA ILE A 11 2.83 -1.02 9.49
C ILE A 11 2.46 -1.97 10.64
N GLY A 12 3.33 -1.83 11.65
CA GLY A 12 3.29 -2.71 12.81
C GLY A 12 4.00 -2.05 13.98
N SER A 13 3.12 -1.65 14.93
CA SER A 13 3.50 -0.90 16.11
C SER A 13 4.00 -1.89 17.18
N ASP A 14 5.23 -2.36 16.90
CA ASP A 14 5.85 -3.49 17.60
C ASP A 14 4.97 -4.75 17.52
N CYS A 15 4.40 -4.92 16.30
CA CYS A 15 3.45 -5.99 16.02
C CYS A 15 4.10 -7.17 15.26
N HIS A 16 5.22 -6.85 14.57
CA HIS A 16 5.98 -7.81 13.78
C HIS A 16 5.22 -8.22 12.51
N ALA A 17 5.98 -8.15 11.39
CA ALA A 17 5.44 -8.40 10.06
C ALA A 17 5.15 -9.90 9.84
N VAL A 18 3.89 -10.22 10.19
CA VAL A 18 3.28 -11.50 9.88
C VAL A 18 2.30 -11.28 8.71
N GLY A 19 2.57 -12.05 7.64
CA GLY A 19 1.87 -11.90 6.38
C GLY A 19 2.85 -11.40 5.32
N ASN A 20 2.77 -10.08 5.06
CA ASN A 20 3.66 -9.42 4.13
C ASN A 20 5.08 -9.36 4.72
N LYS A 21 5.89 -10.29 4.19
CA LYS A 21 7.29 -10.41 4.58
C LYS A 21 7.94 -11.37 3.57
N ILE A 22 7.30 -12.57 3.52
CA ILE A 22 7.65 -13.61 2.58
C ILE A 22 6.53 -13.70 1.51
N LEU A 23 6.18 -12.48 1.05
CA LEU A 23 5.27 -12.28 -0.07
C LEU A 23 5.85 -11.31 -1.10
N ASP A 24 7.02 -10.71 -0.73
CA ASP A 24 7.66 -9.69 -1.54
C ASP A 24 8.69 -10.36 -2.46
N HIS A 25 8.09 -11.24 -3.27
CA HIS A 25 8.76 -12.15 -4.19
C HIS A 25 7.81 -12.32 -5.38
N SER A 26 6.54 -12.56 -4.98
CA SER A 26 5.37 -12.52 -5.85
C SER A 26 4.86 -11.08 -5.90
N PHE A 27 5.76 -10.23 -6.44
CA PHE A 27 5.55 -8.79 -6.49
C PHE A 27 6.75 -8.21 -7.26
N THR A 28 7.93 -8.55 -6.71
CA THR A 28 9.22 -8.21 -7.31
C THR A 28 9.36 -8.89 -8.68
N ASN A 29 8.99 -10.19 -8.64
CA ASN A 29 8.97 -11.05 -9.81
C ASN A 29 7.61 -10.99 -10.53
N ALA A 30 6.91 -9.84 -10.34
CA ALA A 30 5.76 -9.52 -11.17
C ALA A 30 6.19 -8.58 -12.31
N GLY A 31 7.54 -8.42 -12.41
CA GLY A 31 8.13 -7.49 -13.35
C GLY A 31 8.00 -6.04 -12.87
N PHE A 32 7.89 -5.88 -11.52
CA PHE A 32 7.77 -4.54 -10.96
C PHE A 32 9.09 -4.18 -10.29
N ASN A 33 9.36 -2.85 -10.31
CA ASN A 33 10.38 -2.34 -9.41
C ASN A 33 9.69 -2.27 -8.05
N VAL A 34 10.07 -3.26 -7.22
CA VAL A 34 9.45 -3.43 -5.92
C VAL A 34 10.56 -3.34 -4.88
N VAL A 35 10.19 -2.55 -3.85
CA VAL A 35 11.12 -2.13 -2.82
C VAL A 35 10.42 -2.41 -1.48
N ASN A 36 11.23 -2.99 -0.58
CA ASN A 36 10.80 -3.16 0.80
C ASN A 36 11.52 -2.10 1.62
N ILE A 37 10.71 -1.10 2.01
CA ILE A 37 11.14 -0.03 2.87
C ILE A 37 11.40 -0.54 4.30
N GLY A 38 10.73 -1.69 4.60
CA GLY A 38 10.95 -2.40 5.84
C GLY A 38 9.75 -2.23 6.76
N VAL A 39 9.91 -2.90 7.92
CA VAL A 39 8.86 -2.98 8.92
C VAL A 39 9.03 -1.82 9.92
N LEU A 40 7.99 -0.97 9.92
CA LEU A 40 7.93 0.18 10.82
C LEU A 40 6.49 0.69 10.78
N SER A 41 5.99 1.07 11.97
CA SER A 41 4.71 1.75 12.06
C SER A 41 4.83 3.25 11.70
N SER A 42 5.00 3.52 10.38
CA SER A 42 4.98 4.92 9.96
C SER A 42 4.95 5.13 8.43
N GLN A 43 3.87 5.84 8.07
CA GLN A 43 3.61 6.51 6.80
C GLN A 43 4.75 7.36 6.27
N GLU A 44 5.26 8.33 7.07
CA GLU A 44 6.25 9.26 6.50
C GLU A 44 7.56 8.54 6.10
N ASP A 45 7.73 7.32 6.68
CA ASP A 45 8.86 6.48 6.34
C ASP A 45 8.63 5.75 4.99
N PHE A 46 7.36 5.33 4.76
CA PHE A 46 7.06 4.56 3.54
C PHE A 46 6.99 5.45 2.31
N ILE A 47 6.42 6.60 2.63
CA ILE A 47 6.58 7.78 1.82
C ILE A 47 8.06 8.06 1.47
N ASN A 48 8.97 7.78 2.45
CA ASN A 48 10.39 8.04 2.24
C ASN A 48 11.00 7.12 1.16
N ALA A 49 10.42 5.92 1.01
CA ALA A 49 10.71 5.07 -0.15
C ALA A 49 10.07 5.57 -1.44
N ALA A 50 8.93 6.26 -1.31
CA ALA A 50 8.52 7.07 -2.46
C ALA A 50 9.46 8.28 -2.73
N ILE A 51 10.08 8.83 -1.66
CA ILE A 51 11.05 9.90 -1.87
C ILE A 51 12.31 9.36 -2.59
N GLU A 52 12.76 8.16 -2.13
CA GLU A 52 14.02 7.64 -2.58
C GLU A 52 13.86 7.07 -3.96
N THR A 53 12.83 6.22 -4.06
CA THR A 53 12.74 5.41 -5.23
C THR A 53 11.73 5.93 -6.28
N LYS A 54 10.90 6.88 -5.82
CA LYS A 54 10.06 7.68 -6.72
C LYS A 54 8.85 6.85 -7.18
N ALA A 55 7.97 6.67 -6.18
CA ALA A 55 6.81 5.82 -6.29
C ALA A 55 5.79 6.34 -7.30
N ASP A 56 5.18 5.36 -7.97
CA ASP A 56 3.83 5.49 -8.51
C ASP A 56 2.82 5.02 -7.46
N LEU A 57 3.24 4.01 -6.67
CA LEU A 57 2.40 3.44 -5.63
C LEU A 57 3.14 3.11 -4.33
N ILE A 58 2.36 3.32 -3.26
CA ILE A 58 2.74 3.04 -1.87
C ILE A 58 1.66 2.08 -1.30
N CYS A 59 2.12 0.82 -1.07
CA CYS A 59 1.27 -0.30 -0.68
C CYS A 59 1.66 -0.76 0.74
N VAL A 60 0.71 -0.56 1.65
CA VAL A 60 0.91 -0.82 3.06
C VAL A 60 0.35 -2.21 3.41
N SER A 61 1.03 -2.81 4.40
CA SER A 61 0.63 -4.10 4.95
C SER A 61 0.18 -3.89 6.40
N SER A 62 -1.13 -4.10 6.59
CA SER A 62 -1.75 -3.83 7.88
C SER A 62 -1.95 -5.16 8.63
N LEU A 63 -1.27 -5.18 9.80
CA LEU A 63 -1.35 -6.29 10.75
C LEU A 63 -2.59 -6.07 11.64
N TYR A 64 -2.68 -4.77 12.03
CA TYR A 64 -3.83 -4.10 12.62
C TYR A 64 -3.53 -3.63 14.05
N GLY A 65 -2.37 -2.93 14.10
CA GLY A 65 -2.13 -1.99 15.18
C GLY A 65 -2.63 -0.60 14.74
N GLN A 66 -2.38 -0.36 13.44
CA GLN A 66 -2.79 0.87 12.76
C GLN A 66 -3.05 0.55 11.28
N GLY A 67 -4.15 -0.20 11.01
CA GLY A 67 -4.45 -0.40 9.59
C GLY A 67 -5.17 0.83 9.00
N GLU A 68 -6.14 1.26 9.83
CA GLU A 68 -7.04 2.36 9.52
C GLU A 68 -6.38 3.72 9.75
N ILE A 69 -5.44 3.70 10.73
CA ILE A 69 -4.72 4.88 11.15
C ILE A 69 -3.61 5.21 10.11
N ASP A 70 -2.98 4.11 9.65
CA ASP A 70 -1.93 4.19 8.63
C ASP A 70 -2.46 4.80 7.33
N CYS A 71 -3.56 4.19 6.87
CA CYS A 71 -4.04 4.52 5.54
C CYS A 71 -4.64 5.93 5.51
N LYS A 72 -5.30 6.30 6.64
CA LYS A 72 -5.87 7.63 6.74
C LYS A 72 -4.77 8.69 6.83
N GLY A 73 -4.70 9.47 5.74
CA GLY A 73 -3.77 10.58 5.62
C GLY A 73 -2.38 10.15 5.17
N LEU A 74 -2.25 8.91 4.66
CA LEU A 74 -1.11 8.55 3.81
C LEU A 74 -1.24 9.11 2.41
N ARG A 75 -2.49 9.27 1.94
CA ARG A 75 -2.65 9.96 0.66
C ARG A 75 -2.20 11.42 0.81
N GLU A 76 -2.60 11.99 1.97
CA GLU A 76 -2.26 13.34 2.41
C GLU A 76 -0.89 13.59 2.96
N LYS A 77 -0.32 12.54 3.52
CA LYS A 77 1.09 12.52 3.84
C LYS A 77 1.97 12.31 2.62
N CYS A 78 1.40 11.58 1.65
CA CYS A 78 2.04 11.40 0.35
C CYS A 78 1.89 12.62 -0.54
N ASP A 79 0.77 13.28 -0.26
CA ASP A 79 0.47 14.58 -0.81
C ASP A 79 1.36 15.61 -0.19
N GLU A 80 1.41 15.41 1.13
CA GLU A 80 2.13 16.39 1.95
C GLU A 80 3.64 16.29 1.80
N ALA A 81 4.06 15.05 1.51
CA ALA A 81 5.47 14.75 1.34
C ALA A 81 6.04 15.29 0.01
N GLY A 82 5.16 15.95 -0.77
CA GLY A 82 5.55 16.50 -2.07
C GLY A 82 5.67 15.38 -3.10
N LEU A 83 4.70 14.46 -2.97
CA LEU A 83 4.68 13.22 -3.74
C LEU A 83 3.25 12.92 -4.22
N LYS A 84 2.50 14.01 -4.47
CA LYS A 84 1.16 13.86 -5.03
C LYS A 84 1.27 13.50 -6.52
N GLY A 85 0.83 12.25 -6.77
CA GLY A 85 1.03 11.60 -8.05
C GLY A 85 0.99 10.09 -7.83
N ILE A 86 1.41 9.76 -6.59
CA ILE A 86 1.23 8.43 -6.03
C ILE A 86 -0.29 8.16 -5.84
N LYS A 87 -0.62 7.00 -6.43
CA LYS A 87 -1.81 6.20 -6.15
C LYS A 87 -1.49 5.24 -4.99
N LEU A 88 -2.46 5.12 -4.05
CA LEU A 88 -2.22 4.28 -2.88
C LEU A 88 -3.07 3.01 -2.92
N PHE A 89 -2.35 1.93 -2.56
CA PHE A 89 -2.96 0.64 -2.26
C PHE A 89 -2.88 0.42 -0.75
N VAL A 90 -3.91 -0.30 -0.26
CA VAL A 90 -3.97 -0.72 1.13
C VAL A 90 -4.43 -2.19 1.16
N GLY A 91 -3.63 -3.02 1.88
CA GLY A 91 -3.91 -4.45 1.89
C GLY A 91 -3.68 -5.09 3.27
N GLY A 92 -4.57 -6.07 3.54
CA GLY A 92 -4.47 -6.93 4.72
C GLY A 92 -5.67 -6.74 5.64
N ASN A 93 -5.34 -6.80 6.95
CA ASN A 93 -6.30 -6.49 8.01
C ASN A 93 -6.19 -4.99 8.32
N ILE A 94 -6.88 -4.23 7.45
CA ILE A 94 -6.67 -2.79 7.37
C ILE A 94 -7.75 -2.04 8.20
N VAL A 95 -8.89 -2.73 8.37
CA VAL A 95 -9.93 -2.36 9.32
C VAL A 95 -10.41 -3.67 9.94
N VAL A 96 -11.27 -3.46 10.94
CA VAL A 96 -12.03 -4.52 11.59
C VAL A 96 -12.80 -5.30 10.51
N GLY A 97 -13.03 -6.58 10.88
CA GLY A 97 -13.93 -7.45 10.13
C GLY A 97 -15.32 -6.79 9.93
N LYS A 98 -15.77 -6.17 11.05
CA LYS A 98 -16.88 -5.24 11.04
C LYS A 98 -16.52 -4.02 10.17
N GLN A 99 -17.53 -3.61 9.35
CA GLN A 99 -17.29 -2.79 8.17
C GLN A 99 -16.54 -3.66 7.15
N ASN A 100 -17.34 -4.58 6.56
CA ASN A 100 -16.84 -5.52 5.58
C ASN A 100 -16.98 -4.90 4.18
N TRP A 101 -16.17 -3.84 3.98
CA TRP A 101 -16.03 -3.18 2.69
C TRP A 101 -17.12 -2.19 2.19
N PRO A 102 -18.12 -1.73 3.03
CA PRO A 102 -18.91 -0.57 2.62
C PRO A 102 -18.16 0.74 2.96
N ASP A 103 -17.77 0.80 4.25
CA ASP A 103 -17.18 1.98 4.86
C ASP A 103 -15.68 2.12 4.51
N VAL A 104 -15.04 0.94 4.31
CA VAL A 104 -13.58 0.92 4.19
C VAL A 104 -13.13 1.53 2.85
N GLU A 105 -13.85 1.07 1.80
CA GLU A 105 -13.65 1.61 0.45
C GLU A 105 -14.16 3.05 0.34
N GLN A 106 -15.32 3.30 0.97
CA GLN A 106 -15.94 4.62 0.91
C GLN A 106 -15.00 5.71 1.48
N ARG A 107 -14.44 5.37 2.64
CA ARG A 107 -13.68 6.35 3.41
C ARG A 107 -12.30 6.57 2.80
N PHE A 108 -11.60 5.43 2.62
CA PHE A 108 -10.18 5.47 2.29
C PHE A 108 -9.95 6.00 0.86
N LYS A 109 -10.82 5.50 -0.04
CA LYS A 109 -10.69 5.84 -1.46
C LYS A 109 -11.18 7.25 -1.79
N ALA A 110 -12.29 7.66 -1.13
CA ALA A 110 -12.84 8.99 -1.38
C ALA A 110 -11.87 10.11 -0.99
N MET A 111 -11.01 9.77 0.01
CA MET A 111 -9.94 10.66 0.42
C MET A 111 -8.85 10.71 -0.66
N GLY A 112 -8.33 9.51 -1.03
CA GLY A 112 -7.38 9.49 -2.15
C GLY A 112 -6.67 8.15 -2.37
N PHE A 113 -7.23 7.06 -1.80
CA PHE A 113 -6.75 5.73 -2.15
C PHE A 113 -7.38 5.30 -3.47
N ASP A 114 -6.55 4.55 -4.21
CA ASP A 114 -6.94 4.02 -5.50
C ASP A 114 -7.82 2.79 -5.30
N ARG A 115 -7.24 1.80 -4.58
CA ARG A 115 -7.90 0.51 -4.38
C ARG A 115 -7.58 -0.06 -2.97
N VAL A 116 -8.57 -0.86 -2.51
CA VAL A 116 -8.54 -1.52 -1.21
C VAL A 116 -8.67 -3.05 -1.36
N TYR A 117 -7.63 -3.77 -0.86
CA TYR A 117 -7.66 -5.24 -0.73
C TYR A 117 -8.09 -5.64 0.71
N PRO A 118 -9.26 -6.34 0.84
CA PRO A 118 -9.60 -6.99 2.10
C PRO A 118 -8.56 -8.01 2.62
N PRO A 119 -8.75 -8.47 3.89
CA PRO A 119 -7.85 -9.48 4.46
C PRO A 119 -8.15 -10.86 3.86
N GLY A 120 -7.10 -11.38 3.18
CA GLY A 120 -7.16 -12.68 2.53
C GLY A 120 -7.04 -12.59 1.01
N THR A 121 -6.67 -11.38 0.54
CA THR A 121 -6.48 -11.15 -0.89
C THR A 121 -5.09 -11.66 -1.31
N SER A 122 -5.14 -12.33 -2.47
CA SER A 122 -3.95 -12.75 -3.19
C SER A 122 -3.09 -11.52 -3.56
N PRO A 123 -1.82 -11.77 -3.95
CA PRO A 123 -0.98 -10.73 -4.51
C PRO A 123 -1.21 -10.51 -6.02
N GLU A 124 -1.97 -11.46 -6.63
CA GLU A 124 -2.19 -11.46 -8.08
C GLU A 124 -3.19 -10.37 -8.49
N THR A 125 -4.10 -10.09 -7.51
CA THR A 125 -5.07 -9.00 -7.61
C THR A 125 -4.39 -7.66 -7.53
N THR A 126 -3.35 -7.66 -6.70
CA THR A 126 -2.67 -6.45 -6.34
C THR A 126 -1.74 -6.04 -7.47
N ILE A 127 -1.24 -7.11 -8.13
CA ILE A 127 -0.36 -7.05 -9.28
C ILE A 127 -1.14 -6.65 -10.54
N ALA A 128 -2.34 -7.26 -10.63
CA ALA A 128 -3.27 -6.97 -11.72
C ALA A 128 -3.89 -5.60 -11.54
N ASP A 129 -4.02 -5.27 -10.25
CA ASP A 129 -4.44 -3.91 -9.91
C ASP A 129 -3.38 -2.85 -10.31
N MET A 130 -2.09 -3.06 -9.94
CA MET A 130 -1.07 -2.08 -10.33
C MET A 130 -0.81 -2.08 -11.84
N LYS A 131 -1.03 -3.26 -12.46
CA LYS A 131 -0.78 -3.34 -13.90
C LYS A 131 -1.84 -2.52 -14.66
N GLU A 132 -3.12 -2.90 -14.42
CA GLU A 132 -4.23 -2.27 -15.14
C GLU A 132 -4.20 -0.73 -15.06
N VAL A 133 -4.09 -0.32 -13.79
CA VAL A 133 -4.04 1.08 -13.37
C VAL A 133 -2.89 1.85 -14.06
N LEU A 134 -1.68 1.24 -14.04
CA LEU A 134 -0.48 1.97 -14.46
C LEU A 134 -0.16 1.73 -15.96
N GLY A 135 -1.16 1.16 -16.68
CA GLY A 135 -1.04 0.99 -18.12
C GLY A 135 -0.08 -0.14 -18.50
N VAL A 136 -0.45 -1.33 -17.96
CA VAL A 136 0.36 -2.55 -18.11
C VAL A 136 -0.49 -3.82 -18.29
N GLU A 137 -1.81 -3.57 -18.33
CA GLU A 137 -2.87 -4.55 -18.48
C GLU A 137 -2.89 -5.55 -17.30
N MET A 1 14.33 4.03 -20.18
CA MET A 1 13.22 4.46 -19.34
C MET A 1 13.45 4.01 -17.89
N GLU A 2 12.85 4.83 -17.00
CA GLU A 2 12.90 4.59 -15.56
C GLU A 2 11.93 3.47 -15.16
N LYS A 3 11.91 3.24 -13.83
CA LYS A 3 11.11 2.19 -13.23
C LYS A 3 9.90 2.75 -12.51
N LYS A 4 9.01 1.77 -12.26
CA LYS A 4 7.88 1.96 -11.37
C LYS A 4 8.21 1.28 -10.05
N THR A 5 8.41 2.18 -9.07
CA THR A 5 8.75 1.83 -7.71
C THR A 5 7.43 1.80 -6.91
N ILE A 6 7.19 0.60 -6.40
CA ILE A 6 6.20 0.21 -5.44
C ILE A 6 7.00 -0.20 -4.22
N VAL A 7 6.32 0.15 -3.13
CA VAL A 7 6.81 0.10 -1.79
C VAL A 7 5.73 -0.65 -1.02
N LEU A 8 6.13 -1.66 -0.22
CA LEU A 8 5.15 -2.30 0.66
C LEU A 8 5.74 -2.42 2.06
N GLY A 9 4.93 -1.94 3.03
CA GLY A 9 5.34 -1.95 4.43
C GLY A 9 4.33 -2.69 5.30
N VAL A 10 4.81 -3.41 6.35
CA VAL A 10 3.87 -4.04 7.27
C VAL A 10 3.76 -3.15 8.51
N ILE A 11 2.51 -2.71 8.74
CA ILE A 11 2.31 -1.50 9.53
C ILE A 11 2.02 -1.88 11.00
N GLY A 12 2.98 -1.40 11.84
CA GLY A 12 2.88 -1.46 13.29
C GLY A 12 2.67 -2.88 13.81
N SER A 13 3.43 -3.78 13.15
CA SER A 13 3.17 -5.21 13.28
C SER A 13 4.03 -5.84 14.38
N ASP A 14 5.32 -5.91 14.04
CA ASP A 14 6.33 -6.60 14.81
C ASP A 14 7.70 -6.31 14.18
N CYS A 15 8.66 -7.18 14.52
CA CYS A 15 9.89 -7.30 13.76
C CYS A 15 9.67 -8.25 12.56
N HIS A 16 8.82 -9.27 12.83
CA HIS A 16 8.38 -10.21 11.81
C HIS A 16 7.29 -9.55 10.95
N ALA A 17 7.33 -9.95 9.65
CA ALA A 17 6.48 -9.35 8.63
C ALA A 17 5.15 -10.11 8.50
N VAL A 18 4.48 -10.24 9.67
CA VAL A 18 3.19 -10.91 9.74
C VAL A 18 2.15 -10.15 8.89
N GLY A 19 1.50 -10.95 8.02
CA GLY A 19 0.52 -10.42 7.09
C GLY A 19 1.17 -9.81 5.83
N ASN A 20 2.31 -10.43 5.46
CA ASN A 20 3.10 -9.96 4.33
C ASN A 20 4.21 -10.98 3.95
N LYS A 21 4.58 -11.78 4.97
CA LYS A 21 5.73 -12.68 4.90
C LYS A 21 5.47 -13.79 3.88
N ILE A 22 6.53 -13.97 3.05
CA ILE A 22 6.61 -14.87 1.90
C ILE A 22 6.16 -14.14 0.63
N LEU A 23 5.15 -13.26 0.84
CA LEU A 23 4.29 -12.85 -0.25
C LEU A 23 4.96 -11.86 -1.22
N ASP A 24 6.14 -11.36 -0.81
CA ASP A 24 6.96 -10.54 -1.71
C ASP A 24 7.89 -11.47 -2.51
N HIS A 25 7.19 -12.14 -3.44
CA HIS A 25 7.80 -13.06 -4.41
C HIS A 25 6.90 -13.14 -5.65
N SER A 26 6.06 -12.09 -5.74
CA SER A 26 4.96 -12.01 -6.67
C SER A 26 4.97 -10.61 -7.26
N PHE A 27 5.04 -9.65 -6.31
CA PHE A 27 5.14 -8.24 -6.64
C PHE A 27 6.51 -7.97 -7.28
N THR A 28 7.54 -8.52 -6.58
CA THR A 28 8.91 -8.48 -7.07
C THR A 28 9.02 -9.24 -8.41
N ASN A 29 8.35 -10.41 -8.39
CA ASN A 29 8.30 -11.33 -9.50
C ASN A 29 7.20 -10.94 -10.53
N ALA A 30 6.85 -9.63 -10.54
CA ALA A 30 5.97 -9.08 -11.57
C ALA A 30 6.79 -8.21 -12.54
N GLY A 31 8.12 -8.25 -12.31
CA GLY A 31 9.03 -7.39 -13.04
C GLY A 31 8.91 -5.93 -12.58
N PHE A 32 8.49 -5.76 -11.30
CA PHE A 32 8.37 -4.42 -10.74
C PHE A 32 9.63 -4.16 -9.92
N ASN A 33 9.94 -2.84 -9.82
CA ASN A 33 10.88 -2.43 -8.79
C ASN A 33 10.08 -2.42 -7.49
N VAL A 34 10.36 -3.47 -6.68
CA VAL A 34 9.62 -3.67 -5.45
C VAL A 34 10.61 -3.71 -4.30
N VAL A 35 10.33 -2.77 -3.37
CA VAL A 35 11.16 -2.49 -2.22
C VAL A 35 10.28 -2.60 -0.98
N ASN A 36 10.64 -3.60 -0.17
CA ASN A 36 9.96 -3.80 1.09
C ASN A 36 10.64 -2.90 2.12
N ILE A 37 9.91 -1.81 2.42
CA ILE A 37 10.24 -0.98 3.54
C ILE A 37 9.96 -1.77 4.83
N GLY A 38 8.88 -2.58 4.71
CA GLY A 38 8.62 -3.66 5.63
C GLY A 38 8.15 -3.16 6.99
N VAL A 39 8.52 -4.00 7.97
CA VAL A 39 8.01 -3.87 9.33
C VAL A 39 8.88 -2.87 10.10
N LEU A 40 8.34 -2.54 11.31
CA LEU A 40 9.01 -1.65 12.27
C LEU A 40 8.93 -0.20 11.79
N SER A 41 7.72 0.07 11.25
CA SER A 41 7.49 1.31 10.52
C SER A 41 6.04 1.33 10.04
N SER A 42 5.65 2.55 9.62
CA SER A 42 4.30 2.80 9.16
C SER A 42 4.36 3.80 8.00
N GLN A 43 3.17 4.32 7.65
CA GLN A 43 2.95 5.05 6.40
C GLN A 43 3.80 6.28 6.19
N GLU A 44 4.20 6.90 7.31
CA GLU A 44 5.10 8.05 7.26
C GLU A 44 6.50 7.65 6.73
N ASP A 45 6.89 6.42 7.11
CA ASP A 45 8.18 5.88 6.69
C ASP A 45 8.06 5.11 5.35
N PHE A 46 6.81 4.75 4.97
CA PHE A 46 6.59 4.11 3.66
C PHE A 46 6.63 5.11 2.53
N ILE A 47 6.08 6.25 2.93
CA ILE A 47 6.34 7.51 2.29
C ILE A 47 7.85 7.78 2.14
N ASN A 48 8.62 7.42 3.20
CA ASN A 48 10.06 7.64 3.16
C ASN A 48 10.78 6.74 2.12
N ALA A 49 10.18 5.56 1.86
CA ALA A 49 10.60 4.73 0.72
C ALA A 49 10.13 5.34 -0.58
N ALA A 50 9.01 6.08 -0.55
CA ALA A 50 8.75 6.88 -1.74
C ALA A 50 9.73 8.06 -1.91
N ILE A 51 10.23 8.61 -0.78
CA ILE A 51 11.24 9.65 -0.88
C ILE A 51 12.56 9.06 -1.40
N GLU A 52 12.84 7.82 -0.93
CA GLU A 52 14.13 7.20 -1.17
C GLU A 52 14.24 6.66 -2.59
N THR A 53 13.20 5.88 -2.95
CA THR A 53 13.26 5.17 -4.22
C THR A 53 12.50 5.85 -5.37
N LYS A 54 11.48 6.61 -4.96
CA LYS A 54 10.64 7.44 -5.82
C LYS A 54 9.44 6.64 -6.31
N ALA A 55 8.65 6.27 -5.27
CA ALA A 55 7.53 5.37 -5.44
C ALA A 55 6.27 6.15 -5.78
N ASP A 56 5.71 5.77 -6.96
CA ASP A 56 4.47 6.31 -7.48
C ASP A 56 3.27 5.53 -6.92
N LEU A 57 3.60 4.35 -6.34
CA LEU A 57 2.65 3.69 -5.47
C LEU A 57 3.31 3.17 -4.20
N ILE A 58 2.45 3.30 -3.18
CA ILE A 58 2.78 2.96 -1.80
C ILE A 58 1.65 2.10 -1.23
N CYS A 59 2.13 0.94 -0.74
CA CYS A 59 1.33 -0.15 -0.20
C CYS A 59 1.60 -0.30 1.29
N VAL A 60 0.48 -0.58 1.98
CA VAL A 60 0.50 -1.12 3.34
C VAL A 60 -0.02 -2.56 3.26
N SER A 61 0.65 -3.40 4.06
CA SER A 61 0.22 -4.76 4.31
C SER A 61 -0.12 -4.79 5.79
N SER A 62 -1.43 -4.97 6.10
CA SER A 62 -1.90 -4.56 7.41
C SER A 62 -2.76 -5.62 8.06
N LEU A 63 -2.88 -5.36 9.38
CA LEU A 63 -3.40 -6.28 10.38
C LEU A 63 -4.70 -5.75 11.02
N TYR A 64 -4.78 -4.40 11.03
CA TYR A 64 -5.68 -3.69 11.93
C TYR A 64 -5.06 -3.62 13.33
N GLY A 65 -3.73 -3.41 13.25
CA GLY A 65 -3.02 -2.72 14.31
C GLY A 65 -3.49 -1.26 14.31
N GLN A 66 -3.43 -0.69 13.07
CA GLN A 66 -3.94 0.66 12.86
C GLN A 66 -4.22 0.81 11.36
N GLY A 67 -5.26 0.08 10.90
CA GLY A 67 -5.50 0.10 9.46
C GLY A 67 -6.25 1.37 9.03
N GLU A 68 -7.30 1.67 9.84
CA GLU A 68 -8.15 2.82 9.54
C GLU A 68 -7.51 4.14 10.03
N ILE A 69 -6.69 3.98 11.09
CA ILE A 69 -6.18 5.14 11.82
C ILE A 69 -4.95 5.75 11.13
N ASP A 70 -4.02 4.86 10.71
CA ASP A 70 -2.80 5.32 10.06
C ASP A 70 -3.05 5.73 8.60
N CYS A 71 -3.91 4.92 7.93
CA CYS A 71 -4.11 5.10 6.49
C CYS A 71 -4.62 6.48 6.09
N LYS A 72 -5.33 7.14 7.04
CA LYS A 72 -6.08 8.34 6.72
C LYS A 72 -5.18 9.49 6.21
N GLY A 73 -5.38 9.77 4.90
CA GLY A 73 -4.67 10.84 4.21
C GLY A 73 -3.23 10.46 3.92
N LEU A 74 -3.06 9.22 3.40
CA LEU A 74 -1.78 8.78 2.85
C LEU A 74 -1.49 9.37 1.47
N ARG A 75 -2.55 9.62 0.67
CA ARG A 75 -2.27 10.27 -0.62
C ARG A 75 -1.76 11.69 -0.36
N GLU A 76 -2.47 12.33 0.59
CA GLU A 76 -2.17 13.67 1.09
C GLU A 76 -1.05 13.83 2.05
N LYS A 77 -0.77 12.76 2.77
CA LYS A 77 0.45 12.64 3.56
C LYS A 77 1.67 12.36 2.71
N CYS A 78 1.42 11.68 1.58
CA CYS A 78 2.48 11.53 0.59
C CYS A 78 2.76 12.86 -0.07
N ASP A 79 1.60 13.40 -0.42
CA ASP A 79 1.51 14.71 -1.02
C ASP A 79 2.13 15.76 -0.11
N GLU A 80 1.83 15.51 1.17
CA GLU A 80 2.37 16.41 2.21
C GLU A 80 3.87 16.23 2.42
N ALA A 81 4.23 14.94 2.29
CA ALA A 81 5.61 14.51 2.53
C ALA A 81 6.57 14.90 1.39
N GLY A 82 6.02 15.71 0.45
CA GLY A 82 6.84 16.22 -0.64
C GLY A 82 7.00 15.15 -1.74
N LEU A 83 5.86 14.46 -1.96
CA LEU A 83 5.72 13.46 -3.00
C LEU A 83 4.46 13.85 -3.79
N LYS A 84 4.06 12.88 -4.62
CA LYS A 84 2.89 13.00 -5.47
C LYS A 84 1.57 13.02 -4.71
N GLY A 85 0.55 12.98 -5.57
CA GLY A 85 -0.79 12.57 -5.23
C GLY A 85 -0.81 11.09 -5.61
N ILE A 86 0.29 10.50 -5.10
CA ILE A 86 0.84 9.23 -5.41
C ILE A 86 -0.18 8.19 -5.00
N LYS A 87 -0.27 7.26 -5.96
CA LYS A 87 -1.43 6.38 -6.08
C LYS A 87 -1.23 5.15 -5.21
N LEU A 88 -2.22 4.95 -4.32
CA LEU A 88 -1.97 4.11 -3.16
C LEU A 88 -2.85 2.87 -3.15
N PHE A 89 -2.16 1.80 -2.73
CA PHE A 89 -2.76 0.50 -2.49
C PHE A 89 -2.79 0.29 -0.97
N VAL A 90 -3.90 -0.32 -0.53
CA VAL A 90 -4.09 -0.65 0.88
C VAL A 90 -4.66 -2.06 0.95
N GLY A 91 -3.93 -2.91 1.70
CA GLY A 91 -4.19 -4.34 1.66
C GLY A 91 -4.17 -4.98 3.05
N GLY A 92 -4.96 -6.08 3.10
CA GLY A 92 -5.05 -6.92 4.28
C GLY A 92 -6.27 -6.55 5.12
N ASN A 93 -6.08 -6.78 6.43
CA ASN A 93 -7.04 -6.36 7.45
C ASN A 93 -6.78 -4.89 7.76
N ILE A 94 -7.80 -4.07 7.42
CA ILE A 94 -7.58 -2.63 7.30
C ILE A 94 -8.72 -1.83 7.94
N VAL A 95 -9.90 -2.48 8.07
CA VAL A 95 -10.96 -1.93 8.90
C VAL A 95 -11.69 -3.09 9.58
N VAL A 96 -12.18 -2.69 10.76
CA VAL A 96 -13.10 -3.40 11.61
C VAL A 96 -13.78 -2.34 12.49
N GLY A 97 -15.04 -2.01 12.12
CA GLY A 97 -15.77 -1.05 12.96
C GLY A 97 -17.06 -0.58 12.27
N LYS A 98 -17.93 -1.58 12.05
CA LYS A 98 -19.23 -1.37 11.40
C LYS A 98 -19.08 -0.58 10.08
N GLN A 99 -18.14 -1.13 9.27
CA GLN A 99 -17.65 -0.45 8.10
C GLN A 99 -16.98 -1.50 7.21
N ASN A 100 -17.74 -1.85 6.15
CA ASN A 100 -17.31 -2.84 5.16
C ASN A 100 -17.62 -2.29 3.76
N TRP A 101 -16.58 -2.44 2.91
CA TRP A 101 -16.51 -2.20 1.47
C TRP A 101 -17.24 -0.98 0.89
N PRO A 102 -18.58 -1.01 0.68
CA PRO A 102 -19.29 0.24 0.38
C PRO A 102 -18.95 1.42 1.33
N ASP A 103 -18.80 1.03 2.62
CA ASP A 103 -18.44 1.95 3.69
C ASP A 103 -16.92 2.22 3.72
N VAL A 104 -16.14 1.13 3.58
CA VAL A 104 -14.67 1.23 3.69
C VAL A 104 -14.13 2.08 2.54
N GLU A 105 -14.41 1.60 1.31
CA GLU A 105 -13.92 2.25 0.10
C GLU A 105 -14.46 3.68 -0.07
N GLN A 106 -15.67 3.97 0.48
CA GLN A 106 -16.11 5.37 0.48
C GLN A 106 -15.09 6.29 1.21
N ARG A 107 -14.75 5.83 2.42
CA ARG A 107 -13.84 6.55 3.30
C ARG A 107 -12.40 6.60 2.74
N PHE A 108 -11.95 5.41 2.28
CA PHE A 108 -10.55 5.17 1.92
C PHE A 108 -10.21 5.82 0.56
N LYS A 109 -11.25 5.91 -0.28
CA LYS A 109 -11.10 6.65 -1.54
C LYS A 109 -10.95 8.15 -1.27
N ALA A 110 -11.62 8.60 -0.19
CA ALA A 110 -11.47 9.99 0.26
C ALA A 110 -10.08 10.26 0.88
N MET A 111 -9.48 9.18 1.43
CA MET A 111 -8.09 9.26 1.92
C MET A 111 -7.10 9.35 0.75
N GLY A 112 -7.52 8.70 -0.36
CA GLY A 112 -6.78 8.74 -1.62
C GLY A 112 -6.13 7.39 -1.96
N PHE A 113 -6.72 6.32 -1.38
CA PHE A 113 -6.43 4.98 -1.87
C PHE A 113 -7.31 4.75 -3.09
N ASP A 114 -6.58 4.59 -4.21
CA ASP A 114 -7.23 4.32 -5.49
C ASP A 114 -7.87 2.92 -5.49
N ARG A 115 -7.21 2.04 -4.71
CA ARG A 115 -7.57 0.63 -4.72
C ARG A 115 -7.40 0.05 -3.31
N VAL A 116 -8.44 -0.75 -2.94
CA VAL A 116 -8.49 -1.39 -1.63
C VAL A 116 -8.63 -2.93 -1.83
N TYR A 117 -7.56 -3.65 -1.41
CA TYR A 117 -7.60 -5.11 -1.33
C TYR A 117 -8.10 -5.55 0.07
N PRO A 118 -9.28 -6.25 0.14
CA PRO A 118 -9.68 -6.91 1.38
C PRO A 118 -8.65 -7.93 1.94
N PRO A 119 -8.90 -8.43 3.17
CA PRO A 119 -8.06 -9.46 3.74
C PRO A 119 -8.34 -10.82 3.07
N GLY A 120 -7.27 -11.32 2.42
CA GLY A 120 -7.31 -12.59 1.71
C GLY A 120 -7.44 -12.40 0.19
N THR A 121 -6.71 -11.36 -0.28
CA THR A 121 -6.61 -11.08 -1.70
C THR A 121 -5.29 -11.67 -2.22
N SER A 122 -5.44 -12.30 -3.40
CA SER A 122 -4.30 -12.78 -4.16
C SER A 122 -3.38 -11.59 -4.52
N PRO A 123 -2.10 -11.90 -4.86
CA PRO A 123 -1.20 -10.88 -5.38
C PRO A 123 -1.36 -10.61 -6.88
N GLU A 124 -2.08 -11.52 -7.56
CA GLU A 124 -2.28 -11.37 -9.01
C GLU A 124 -3.16 -10.15 -9.31
N THR A 125 -4.05 -9.89 -8.32
CA THR A 125 -4.92 -8.73 -8.33
C THR A 125 -4.16 -7.45 -8.17
N THR A 126 -3.13 -7.55 -7.32
CA THR A 126 -2.42 -6.37 -6.88
C THR A 126 -1.44 -5.93 -7.95
N ILE A 127 -0.92 -6.98 -8.62
CA ILE A 127 0.04 -6.87 -9.70
C ILE A 127 -0.65 -6.40 -10.97
N ALA A 128 -1.84 -6.99 -11.18
CA ALA A 128 -2.70 -6.64 -12.31
C ALA A 128 -3.33 -5.28 -12.10
N ASP A 129 -3.53 -5.02 -10.80
CA ASP A 129 -3.91 -3.66 -10.44
C ASP A 129 -2.81 -2.61 -10.81
N MET A 130 -1.56 -2.80 -10.34
CA MET A 130 -0.51 -1.81 -10.65
C MET A 130 -0.14 -1.79 -12.14
N LYS A 131 -0.31 -2.97 -12.76
CA LYS A 131 -0.01 -3.10 -14.18
C LYS A 131 -0.96 -2.20 -14.99
N GLU A 132 -2.26 -2.49 -14.77
CA GLU A 132 -3.31 -1.79 -15.51
C GLU A 132 -3.33 -0.27 -15.25
N VAL A 133 -3.31 0.04 -13.94
CA VAL A 133 -3.40 1.42 -13.45
C VAL A 133 -2.27 2.32 -14.01
N LEU A 134 -1.04 1.78 -13.93
CA LEU A 134 0.14 2.59 -14.24
C LEU A 134 0.48 2.55 -15.75
N GLY A 135 -0.33 1.77 -16.49
CA GLY A 135 -0.17 1.68 -17.93
C GLY A 135 1.00 0.77 -18.30
N VAL A 136 0.72 -0.54 -18.10
CA VAL A 136 1.74 -1.58 -18.23
C VAL A 136 1.04 -2.82 -18.81
N GLU A 137 1.89 -3.77 -19.26
CA GLU A 137 1.44 -5.02 -19.84
C GLU A 137 2.28 -6.19 -19.31
N MET A 1 11.17 1.70 -21.70
CA MET A 1 11.65 2.78 -20.86
C MET A 1 10.60 3.12 -19.80
N GLU A 2 11.14 3.66 -18.67
CA GLU A 2 10.35 4.13 -17.54
C GLU A 2 9.68 2.94 -16.82
N LYS A 3 10.28 2.64 -15.63
CA LYS A 3 9.81 1.57 -14.76
C LYS A 3 9.08 2.16 -13.55
N LYS A 4 8.39 1.20 -12.92
CA LYS A 4 7.45 1.49 -11.85
C LYS A 4 7.94 0.84 -10.54
N THR A 5 8.26 1.77 -9.62
CA THR A 5 8.60 1.46 -8.24
C THR A 5 7.28 1.33 -7.46
N ILE A 6 7.31 0.30 -6.60
CA ILE A 6 6.38 -0.01 -5.58
C ILE A 6 7.21 -0.27 -4.33
N VAL A 7 6.48 0.10 -3.29
CA VAL A 7 6.88 0.17 -1.93
C VAL A 7 5.87 -0.71 -1.21
N LEU A 8 6.39 -1.59 -0.33
CA LEU A 8 5.47 -2.18 0.63
C LEU A 8 6.08 -2.08 2.02
N GLY A 9 5.22 -1.55 2.89
CA GLY A 9 5.38 -1.55 4.34
C GLY A 9 4.16 -2.18 4.95
N VAL A 10 4.43 -2.87 6.05
CA VAL A 10 3.33 -3.24 6.90
C VAL A 10 3.31 -2.16 7.97
N ILE A 11 2.15 -1.48 8.01
CA ILE A 11 1.93 -0.37 8.92
C ILE A 11 1.13 -0.88 10.12
N GLY A 12 1.65 -0.48 11.29
CA GLY A 12 0.98 -0.83 12.53
C GLY A 12 1.99 -1.16 13.64
N SER A 13 1.92 -2.46 14.01
CA SER A 13 2.35 -2.86 15.35
C SER A 13 2.78 -4.34 15.34
N ASP A 14 2.63 -4.93 16.56
CA ASP A 14 2.73 -6.35 16.82
C ASP A 14 4.15 -6.90 16.61
N CYS A 15 4.29 -8.16 17.06
CA CYS A 15 5.42 -9.00 16.68
C CYS A 15 5.25 -9.48 15.22
N HIS A 16 3.99 -9.38 14.74
CA HIS A 16 3.66 -9.68 13.35
C HIS A 16 4.34 -8.67 12.42
N ALA A 17 4.66 -9.23 11.22
CA ALA A 17 5.36 -8.52 10.17
C ALA A 17 6.86 -8.39 10.51
N VAL A 18 7.59 -9.29 9.83
CA VAL A 18 9.05 -9.32 9.86
C VAL A 18 9.53 -9.45 8.40
N GLY A 19 10.10 -8.32 7.93
CA GLY A 19 10.49 -8.19 6.53
C GLY A 19 9.37 -7.53 5.71
N ASN A 20 8.19 -8.21 5.78
CA ASN A 20 6.99 -7.76 5.08
C ASN A 20 5.76 -8.61 5.42
N LYS A 21 6.01 -9.74 6.10
CA LYS A 21 5.06 -10.85 6.30
C LYS A 21 5.36 -11.92 5.23
N ILE A 22 4.56 -11.86 4.14
CA ILE A 22 4.63 -12.83 3.06
C ILE A 22 4.44 -12.13 1.71
N LEU A 23 3.69 -11.01 1.78
CA LEU A 23 2.97 -10.51 0.61
C LEU A 23 3.86 -9.80 -0.44
N ASP A 24 5.16 -9.67 -0.10
CA ASP A 24 6.16 -9.19 -1.06
C ASP A 24 6.27 -10.11 -2.27
N HIS A 25 6.37 -11.42 -1.91
CA HIS A 25 6.92 -12.45 -2.79
C HIS A 25 5.87 -12.94 -3.81
N SER A 26 5.73 -12.06 -4.82
CA SER A 26 5.11 -12.34 -6.10
C SER A 26 5.12 -11.06 -6.93
N PHE A 27 5.00 -9.92 -6.19
CA PHE A 27 5.21 -8.61 -6.81
C PHE A 27 6.67 -8.49 -7.28
N THR A 28 7.55 -8.93 -6.34
CA THR A 28 8.99 -8.96 -6.56
C THR A 28 9.29 -9.90 -7.74
N ASN A 29 8.60 -11.05 -7.67
CA ASN A 29 8.71 -12.11 -8.66
C ASN A 29 7.69 -11.93 -9.80
N ALA A 30 7.47 -10.64 -10.17
CA ALA A 30 6.67 -10.32 -11.35
C ALA A 30 7.38 -9.23 -12.16
N GLY A 31 8.70 -9.15 -11.89
CA GLY A 31 9.57 -8.22 -12.60
C GLY A 31 9.22 -6.75 -12.31
N PHE A 32 8.70 -6.52 -11.07
CA PHE A 32 8.35 -5.15 -10.68
C PHE A 32 9.49 -4.65 -9.80
N ASN A 33 9.68 -3.30 -9.80
CA ASN A 33 10.63 -2.76 -8.85
C ASN A 33 9.90 -2.69 -7.51
N VAL A 34 10.27 -3.64 -6.63
CA VAL A 34 9.55 -3.82 -5.37
C VAL A 34 10.55 -3.75 -4.22
N VAL A 35 10.11 -2.98 -3.21
CA VAL A 35 10.98 -2.46 -2.18
C VAL A 35 10.32 -2.71 -0.81
N ASN A 36 11.03 -3.49 0.02
CA ASN A 36 10.58 -3.73 1.39
C ASN A 36 11.10 -2.58 2.28
N ILE A 37 10.13 -1.76 2.69
CA ILE A 37 10.41 -0.44 3.25
C ILE A 37 10.55 -0.50 4.78
N GLY A 38 9.63 -1.27 5.39
CA GLY A 38 9.55 -1.24 6.84
C GLY A 38 8.25 -1.84 7.34
N VAL A 39 8.46 -2.88 8.17
CA VAL A 39 7.38 -3.44 8.98
C VAL A 39 7.22 -2.57 10.23
N LEU A 40 5.94 -2.55 10.67
CA LEU A 40 5.45 -1.53 11.58
C LEU A 40 5.63 -0.15 10.92
N SER A 41 6.41 0.72 11.60
CA SER A 41 6.75 2.02 11.04
C SER A 41 5.48 2.84 10.73
N SER A 42 5.66 3.83 9.82
CA SER A 42 4.52 4.62 9.37
C SER A 42 4.91 5.31 8.06
N GLN A 43 4.05 6.30 7.71
CA GLN A 43 4.12 7.10 6.48
C GLN A 43 5.48 7.71 6.21
N GLU A 44 6.19 8.13 7.27
CA GLU A 44 7.50 8.74 7.03
C GLU A 44 8.51 7.73 6.43
N ASP A 45 8.21 6.43 6.64
CA ASP A 45 9.00 5.31 6.12
C ASP A 45 8.64 5.00 4.64
N PHE A 46 7.33 5.02 4.34
CA PHE A 46 6.89 4.69 2.97
C PHE A 46 7.15 5.82 1.99
N ILE A 47 7.07 7.01 2.59
CA ILE A 47 7.51 8.23 1.96
C ILE A 47 9.05 8.25 1.83
N ASN A 48 9.74 7.62 2.80
CA ASN A 48 11.19 7.53 2.66
C ASN A 48 11.54 6.68 1.42
N ALA A 49 10.77 5.59 1.26
CA ALA A 49 10.96 4.70 0.11
C ALA A 49 10.41 5.34 -1.15
N ALA A 50 9.39 6.19 -1.02
CA ALA A 50 8.90 6.81 -2.26
C ALA A 50 9.81 7.94 -2.74
N ILE A 51 10.48 8.61 -1.79
CA ILE A 51 11.49 9.58 -2.17
C ILE A 51 12.73 8.84 -2.74
N GLU A 52 13.05 7.70 -2.09
CA GLU A 52 14.29 7.02 -2.39
C GLU A 52 14.24 6.25 -3.70
N THR A 53 13.18 5.43 -3.83
CA THR A 53 13.12 4.52 -4.96
C THR A 53 12.28 5.03 -6.13
N LYS A 54 11.30 5.85 -5.74
CA LYS A 54 10.48 6.69 -6.63
C LYS A 54 9.13 6.03 -6.92
N ALA A 55 8.47 5.75 -5.78
CA ALA A 55 7.23 4.98 -5.76
C ALA A 55 6.11 5.71 -6.52
N ASP A 56 5.60 4.96 -7.50
CA ASP A 56 4.40 5.33 -8.24
C ASP A 56 3.16 4.82 -7.49
N LEU A 57 3.42 3.72 -6.74
CA LEU A 57 2.45 3.14 -5.83
C LEU A 57 3.12 2.69 -4.54
N ILE A 58 2.33 2.87 -3.48
CA ILE A 58 2.75 2.62 -2.11
C ILE A 58 1.67 1.73 -1.47
N CYS A 59 2.18 0.60 -0.93
CA CYS A 59 1.33 -0.50 -0.45
C CYS A 59 1.51 -0.66 1.07
N VAL A 60 0.38 -0.38 1.73
CA VAL A 60 0.22 -0.37 3.17
C VAL A 60 -0.61 -1.61 3.57
N SER A 61 0.03 -2.43 4.44
CA SER A 61 -0.61 -3.61 5.01
C SER A 61 -0.91 -3.34 6.48
N SER A 62 -2.22 -3.44 6.78
CA SER A 62 -2.67 -3.18 8.14
C SER A 62 -2.88 -4.52 8.85
N LEU A 63 -2.10 -4.62 9.95
CA LEU A 63 -2.17 -5.76 10.86
C LEU A 63 -3.46 -5.73 11.70
N TYR A 64 -3.95 -4.48 11.88
CA TYR A 64 -5.23 -4.13 12.49
C TYR A 64 -5.04 -3.60 13.92
N GLY A 65 -3.83 -3.08 14.16
CA GLY A 65 -3.58 -2.31 15.37
C GLY A 65 -4.09 -0.88 15.20
N GLN A 66 -3.69 -0.35 14.03
CA GLN A 66 -3.97 1.04 13.66
C GLN A 66 -4.01 1.11 12.12
N GLY A 67 -5.07 0.47 11.57
CA GLY A 67 -5.10 0.34 10.11
C GLY A 67 -5.59 1.63 9.45
N GLU A 68 -6.68 2.19 10.03
CA GLU A 68 -7.22 3.45 9.54
C GLU A 68 -6.38 4.65 10.02
N ILE A 69 -5.83 4.48 11.24
CA ILE A 69 -5.28 5.63 11.95
C ILE A 69 -3.91 6.02 11.35
N ASP A 70 -3.11 4.96 11.11
CA ASP A 70 -1.78 5.17 10.52
C ASP A 70 -1.86 5.43 9.01
N CYS A 71 -2.73 4.64 8.33
CA CYS A 71 -2.63 4.54 6.88
C CYS A 71 -3.24 5.75 6.15
N LYS A 72 -4.39 6.20 6.68
CA LYS A 72 -5.18 7.20 5.95
C LYS A 72 -4.46 8.57 5.93
N GLY A 73 -4.46 9.12 4.70
CA GLY A 73 -3.74 10.36 4.43
C GLY A 73 -2.24 10.13 4.30
N LEU A 74 -1.88 8.89 3.91
CA LEU A 74 -0.59 8.57 3.30
C LEU A 74 -0.54 9.02 1.85
N ARG A 75 -1.73 9.09 1.23
CA ARG A 75 -1.81 9.64 -0.11
C ARG A 75 -1.62 11.15 -0.03
N GLU A 76 -2.17 11.71 1.07
CA GLU A 76 -1.98 13.08 1.50
C GLU A 76 -0.69 13.45 2.17
N LYS A 77 -0.11 12.44 2.79
CA LYS A 77 1.26 12.49 3.29
C LYS A 77 2.28 12.34 2.18
N CYS A 78 1.85 11.60 1.14
CA CYS A 78 2.65 11.50 -0.07
C CYS A 78 2.51 12.75 -0.89
N ASP A 79 1.25 13.18 -0.90
CA ASP A 79 0.88 14.44 -1.49
C ASP A 79 1.61 15.57 -0.81
N GLU A 80 1.61 15.37 0.53
CA GLU A 80 2.28 16.37 1.37
C GLU A 80 3.80 16.31 1.28
N ALA A 81 4.26 15.08 1.02
CA ALA A 81 5.70 14.84 0.90
C ALA A 81 6.30 15.39 -0.41
N GLY A 82 5.42 15.96 -1.26
CA GLY A 82 5.86 16.43 -2.57
C GLY A 82 6.01 15.24 -3.53
N LEU A 83 5.00 14.37 -3.41
CA LEU A 83 4.91 13.10 -4.11
C LEU A 83 3.43 12.84 -4.43
N LYS A 84 2.88 13.82 -5.18
CA LYS A 84 1.54 13.69 -5.74
C LYS A 84 1.66 13.15 -7.18
N GLY A 85 1.08 11.94 -7.32
CA GLY A 85 1.34 11.09 -8.46
C GLY A 85 1.37 9.63 -7.98
N ILE A 86 1.67 9.55 -6.66
CA ILE A 86 1.49 8.35 -5.88
C ILE A 86 -0.03 8.05 -5.82
N LYS A 87 -0.28 6.81 -6.26
CA LYS A 87 -1.57 6.12 -6.14
C LYS A 87 -1.38 5.00 -5.11
N LEU A 88 -2.36 4.93 -4.18
CA LEU A 88 -2.19 4.05 -3.03
C LEU A 88 -3.13 2.86 -3.12
N PHE A 89 -2.46 1.73 -2.84
CA PHE A 89 -3.15 0.48 -2.58
C PHE A 89 -2.99 0.21 -1.09
N VAL A 90 -4.13 -0.22 -0.49
CA VAL A 90 -4.14 -0.59 0.92
C VAL A 90 -4.93 -1.89 1.06
N GLY A 91 -4.23 -2.88 1.65
CA GLY A 91 -4.74 -4.23 1.74
C GLY A 91 -4.62 -4.79 3.15
N GLY A 92 -5.55 -5.71 3.44
CA GLY A 92 -5.48 -6.51 4.66
C GLY A 92 -6.67 -6.21 5.57
N ASN A 93 -6.31 -6.18 6.87
CA ASN A 93 -7.27 -6.00 7.96
C ASN A 93 -7.15 -4.55 8.45
N ILE A 94 -7.86 -3.67 7.71
CA ILE A 94 -7.58 -2.25 7.78
C ILE A 94 -8.57 -1.58 8.75
N VAL A 95 -9.85 -2.01 8.62
CA VAL A 95 -10.83 -1.79 9.68
C VAL A 95 -11.83 -2.98 9.81
N VAL A 96 -11.42 -4.07 9.18
CA VAL A 96 -12.23 -5.26 8.96
C VAL A 96 -12.93 -5.76 10.25
N GLY A 97 -14.28 -5.70 10.21
CA GLY A 97 -15.07 -6.19 11.33
C GLY A 97 -15.84 -5.04 11.99
N LYS A 98 -15.05 -4.01 12.36
CA LYS A 98 -15.61 -2.78 12.92
C LYS A 98 -15.95 -1.74 11.84
N GLN A 99 -16.10 -2.30 10.62
CA GLN A 99 -16.29 -1.64 9.34
C GLN A 99 -15.90 -2.68 8.28
N ASN A 100 -16.81 -2.91 7.32
CA ASN A 100 -16.56 -3.95 6.32
C ASN A 100 -16.89 -3.45 4.91
N TRP A 101 -15.82 -3.53 4.09
CA TRP A 101 -15.74 -3.49 2.63
C TRP A 101 -16.65 -2.54 1.84
N PRO A 102 -17.97 -2.82 1.69
CA PRO A 102 -18.86 -1.77 1.20
C PRO A 102 -18.69 -0.39 1.91
N ASP A 103 -18.47 -0.52 3.24
CA ASP A 103 -18.22 0.60 4.12
C ASP A 103 -16.74 1.07 4.06
N VAL A 104 -15.82 0.08 4.16
CA VAL A 104 -14.38 0.40 4.26
C VAL A 104 -13.88 1.08 2.99
N GLU A 105 -14.25 0.45 1.85
CA GLU A 105 -13.84 0.95 0.54
C GLU A 105 -14.52 2.29 0.20
N GLN A 106 -15.79 2.44 0.65
CA GLN A 106 -16.45 3.73 0.44
C GLN A 106 -15.69 4.88 1.15
N ARG A 107 -15.21 4.55 2.38
CA ARG A 107 -14.54 5.54 3.20
C ARG A 107 -13.14 5.89 2.67
N PHE A 108 -12.36 4.80 2.47
CA PHE A 108 -10.94 4.92 2.18
C PHE A 108 -10.72 5.52 0.78
N LYS A 109 -11.43 4.88 -0.17
CA LYS A 109 -11.28 5.26 -1.57
C LYS A 109 -11.79 6.68 -1.86
N ALA A 110 -12.92 7.03 -1.21
CA ALA A 110 -13.50 8.36 -1.42
C ALA A 110 -12.61 9.47 -0.85
N MET A 111 -11.93 9.11 0.27
CA MET A 111 -11.07 10.06 0.97
C MET A 111 -9.70 10.22 0.28
N GLY A 112 -9.32 9.21 -0.55
CA GLY A 112 -8.08 9.41 -1.30
C GLY A 112 -7.52 8.14 -1.96
N PHE A 113 -7.70 6.98 -1.29
CA PHE A 113 -7.08 5.73 -1.78
C PHE A 113 -7.59 5.38 -3.20
N ASP A 114 -6.63 4.83 -3.97
CA ASP A 114 -6.92 4.43 -5.34
C ASP A 114 -7.79 3.16 -5.33
N ARG A 115 -7.22 2.13 -4.65
CA ARG A 115 -7.84 0.81 -4.59
C ARG A 115 -7.56 0.19 -3.21
N VAL A 116 -8.53 -0.67 -2.81
CA VAL A 116 -8.45 -1.43 -1.56
C VAL A 116 -8.57 -2.93 -1.88
N TYR A 117 -7.64 -3.72 -1.29
CA TYR A 117 -7.74 -5.18 -1.36
C TYR A 117 -8.49 -5.74 -0.14
N PRO A 118 -9.68 -6.40 -0.41
CA PRO A 118 -10.25 -7.32 0.57
C PRO A 118 -9.25 -8.44 0.96
N PRO A 119 -9.10 -8.71 2.29
CA PRO A 119 -8.07 -9.65 2.74
C PRO A 119 -8.38 -11.08 2.25
N GLY A 120 -7.48 -11.50 1.32
CA GLY A 120 -7.65 -12.76 0.61
C GLY A 120 -7.37 -12.61 -0.90
N THR A 121 -7.03 -11.37 -1.32
CA THR A 121 -6.73 -11.10 -2.73
C THR A 121 -5.36 -11.67 -3.08
N SER A 122 -5.38 -12.30 -4.28
CA SER A 122 -4.16 -12.72 -4.96
C SER A 122 -3.24 -11.51 -5.19
N PRO A 123 -1.96 -11.79 -5.54
CA PRO A 123 -1.05 -10.73 -5.95
C PRO A 123 -1.19 -10.31 -7.42
N GLU A 124 -1.88 -11.19 -8.20
CA GLU A 124 -2.00 -11.00 -9.65
C GLU A 124 -2.93 -9.81 -9.98
N THR A 125 -3.89 -9.60 -9.04
CA THR A 125 -4.82 -8.49 -9.07
C THR A 125 -4.15 -7.17 -8.77
N THR A 126 -3.13 -7.30 -7.92
CA THR A 126 -2.43 -6.13 -7.42
C THR A 126 -1.45 -5.64 -8.49
N ILE A 127 -0.96 -6.66 -9.22
CA ILE A 127 -0.04 -6.51 -10.32
C ILE A 127 -0.78 -5.98 -11.57
N ALA A 128 -2.00 -6.54 -11.73
CA ALA A 128 -2.90 -6.10 -12.80
C ALA A 128 -3.50 -4.74 -12.48
N ASP A 129 -3.65 -4.53 -11.17
CA ASP A 129 -4.03 -3.17 -10.75
C ASP A 129 -2.94 -2.13 -11.12
N MET A 130 -1.70 -2.38 -10.65
CA MET A 130 -0.64 -1.37 -10.77
C MET A 130 -0.23 -1.14 -12.24
N LYS A 131 -0.39 -2.23 -13.03
CA LYS A 131 -0.07 -2.16 -14.44
C LYS A 131 -1.11 -1.31 -15.17
N GLU A 132 -2.38 -1.76 -15.03
CA GLU A 132 -3.48 -1.07 -15.72
C GLU A 132 -3.64 0.42 -15.31
N VAL A 133 -3.28 0.68 -14.05
CA VAL A 133 -3.34 2.03 -13.46
C VAL A 133 -2.23 2.92 -14.05
N LEU A 134 -1.00 2.37 -14.09
CA LEU A 134 0.19 3.16 -14.43
C LEU A 134 0.56 3.05 -15.93
N GLY A 135 -0.46 2.66 -16.74
CA GLY A 135 -0.28 2.65 -18.18
C GLY A 135 0.65 1.53 -18.66
N VAL A 136 0.20 0.31 -18.31
CA VAL A 136 0.96 -0.90 -18.57
C VAL A 136 -0.05 -2.04 -18.80
N GLU A 137 0.44 -3.05 -19.53
CA GLU A 137 -0.38 -4.22 -19.85
C GLU A 137 -0.23 -5.27 -18.73
N MET A 1 10.14 8.43 -14.80
CA MET A 1 11.51 8.07 -14.45
C MET A 1 12.04 6.98 -15.42
N GLU A 2 11.61 5.74 -15.09
CA GLU A 2 12.11 4.55 -15.77
C GLU A 2 11.25 3.36 -15.36
N LYS A 3 11.05 3.29 -14.03
CA LYS A 3 10.32 2.22 -13.38
C LYS A 3 8.94 2.68 -12.94
N LYS A 4 8.18 1.60 -12.65
CA LYS A 4 7.02 1.73 -11.77
C LYS A 4 7.40 0.95 -10.50
N THR A 5 7.61 1.78 -9.45
CA THR A 5 7.99 1.25 -8.15
C THR A 5 6.72 1.15 -7.29
N ILE A 6 6.68 0.01 -6.58
CA ILE A 6 5.75 -0.33 -5.56
C ILE A 6 6.59 -0.52 -4.29
N VAL A 7 6.15 0.31 -3.35
CA VAL A 7 6.81 0.63 -2.12
C VAL A 7 5.97 -0.09 -1.06
N LEU A 8 6.56 -1.08 -0.32
CA LEU A 8 5.75 -1.74 0.71
C LEU A 8 6.44 -1.72 2.07
N GLY A 9 5.62 -1.24 3.02
CA GLY A 9 5.91 -1.20 4.44
C GLY A 9 4.83 -1.91 5.21
N VAL A 10 5.25 -2.56 6.31
CA VAL A 10 4.23 -2.94 7.28
C VAL A 10 4.23 -1.86 8.36
N ILE A 11 3.03 -1.26 8.45
CA ILE A 11 2.86 -0.03 9.21
C ILE A 11 2.31 -0.36 10.60
N GLY A 12 2.96 0.27 11.60
CA GLY A 12 2.58 0.06 12.99
C GLY A 12 2.70 -1.43 13.38
N SER A 13 3.83 -2.01 12.93
CA SER A 13 4.01 -3.46 12.95
C SER A 13 3.88 -4.04 14.35
N ASP A 14 4.65 -3.37 15.23
CA ASP A 14 4.65 -3.60 16.67
C ASP A 14 4.90 -5.09 17.03
N CYS A 15 5.70 -5.71 16.12
CA CYS A 15 5.86 -7.16 16.11
C CYS A 15 6.93 -7.57 15.09
N HIS A 16 6.88 -6.86 13.94
CA HIS A 16 7.90 -6.93 12.90
C HIS A 16 7.80 -8.23 12.08
N ALA A 17 7.55 -7.98 10.77
CA ALA A 17 7.39 -9.01 9.75
C ALA A 17 6.11 -9.85 9.94
N VAL A 18 5.20 -9.31 10.79
CA VAL A 18 3.92 -9.94 11.06
C VAL A 18 2.98 -9.78 9.85
N GLY A 19 3.12 -8.57 9.26
CA GLY A 19 2.44 -8.18 8.04
C GLY A 19 3.49 -8.04 6.94
N ASN A 20 3.13 -8.66 5.80
CA ASN A 20 3.92 -8.54 4.57
C ASN A 20 5.34 -9.09 4.75
N LYS A 21 5.43 -10.39 4.39
CA LYS A 21 6.68 -11.12 4.29
C LYS A 21 6.68 -11.86 2.94
N ILE A 22 5.54 -12.55 2.75
CA ILE A 22 5.22 -13.21 1.49
C ILE A 22 4.73 -12.16 0.49
N LEU A 23 4.16 -11.07 1.05
CA LEU A 23 3.46 -10.08 0.22
C LEU A 23 4.45 -9.09 -0.46
N ASP A 24 5.76 -9.40 -0.35
CA ASP A 24 6.76 -8.81 -1.23
C ASP A 24 6.88 -9.69 -2.49
N HIS A 25 6.97 -11.01 -2.18
CA HIS A 25 7.21 -12.03 -3.19
C HIS A 25 5.95 -12.27 -4.02
N SER A 26 6.25 -12.47 -5.33
CA SER A 26 5.34 -12.57 -6.47
C SER A 26 5.08 -11.19 -7.10
N PHE A 27 5.32 -10.13 -6.28
CA PHE A 27 5.25 -8.76 -6.78
C PHE A 27 6.63 -8.40 -7.35
N THR A 28 7.64 -8.75 -6.53
CA THR A 28 9.04 -8.66 -6.93
C THR A 28 9.26 -9.60 -8.13
N ASN A 29 8.67 -10.81 -7.95
CA ASN A 29 8.67 -11.88 -8.92
C ASN A 29 7.39 -11.85 -9.76
N ALA A 30 7.13 -10.64 -10.30
CA ALA A 30 6.23 -10.47 -11.44
C ALA A 30 6.86 -9.44 -12.40
N GLY A 31 8.16 -9.20 -12.17
CA GLY A 31 8.91 -8.23 -12.95
C GLY A 31 8.42 -6.80 -12.72
N PHE A 32 8.03 -6.53 -11.44
CA PHE A 32 7.68 -5.16 -11.08
C PHE A 32 8.91 -4.60 -10.35
N ASN A 33 9.08 -3.25 -10.45
CA ASN A 33 10.13 -2.68 -9.61
C ASN A 33 9.50 -2.62 -8.23
N VAL A 34 10.09 -3.42 -7.31
CA VAL A 34 9.49 -3.52 -6.00
C VAL A 34 10.57 -3.23 -4.94
N VAL A 35 10.37 -2.03 -4.36
CA VAL A 35 11.17 -1.50 -3.26
C VAL A 35 10.45 -1.82 -1.95
N ASN A 36 11.27 -2.26 -0.98
CA ASN A 36 10.80 -2.47 0.37
C ASN A 36 11.20 -1.24 1.21
N ILE A 37 10.15 -0.66 1.83
CA ILE A 37 10.29 0.48 2.72
C ILE A 37 11.00 0.06 4.00
N GLY A 38 10.56 -1.13 4.46
CA GLY A 38 11.01 -1.72 5.70
C GLY A 38 9.80 -2.05 6.57
N VAL A 39 10.13 -2.15 7.87
CA VAL A 39 9.17 -2.55 8.89
C VAL A 39 8.82 -1.32 9.76
N LEU A 40 7.63 -1.42 10.39
CA LEU A 40 7.13 -0.40 11.31
C LEU A 40 6.87 0.92 10.53
N SER A 41 7.26 2.05 11.16
CA SER A 41 7.03 3.41 10.67
C SER A 41 5.54 3.70 10.43
N SER A 42 5.32 4.95 9.97
CA SER A 42 4.07 5.40 9.40
C SER A 42 4.36 5.85 7.95
N GLN A 43 3.42 6.67 7.46
CA GLN A 43 3.54 7.30 6.16
C GLN A 43 4.89 7.98 5.91
N GLU A 44 5.57 8.45 6.99
CA GLU A 44 6.79 9.23 6.78
C GLU A 44 7.91 8.46 6.03
N ASP A 45 8.08 7.15 6.34
CA ASP A 45 9.14 6.40 5.65
C ASP A 45 8.63 5.80 4.33
N PHE A 46 7.28 5.64 4.25
CA PHE A 46 6.69 5.06 3.03
C PHE A 46 6.64 6.03 1.87
N ILE A 47 6.43 7.26 2.32
CA ILE A 47 6.80 8.45 1.58
C ILE A 47 8.26 8.32 1.11
N ASN A 48 9.16 7.96 2.06
CA ASN A 48 10.59 8.06 1.82
C ASN A 48 11.11 7.07 0.77
N ALA A 49 10.43 5.90 0.63
CA ALA A 49 10.73 5.01 -0.50
C ALA A 49 10.17 5.56 -1.78
N ALA A 50 9.08 6.33 -1.70
CA ALA A 50 8.63 7.01 -2.92
C ALA A 50 9.49 8.22 -3.28
N ILE A 51 10.08 8.89 -2.26
CA ILE A 51 11.07 9.91 -2.55
C ILE A 51 12.31 9.24 -3.18
N GLU A 52 12.60 8.03 -2.64
CA GLU A 52 13.84 7.36 -2.97
C GLU A 52 13.84 6.84 -4.40
N THR A 53 12.73 6.13 -4.65
CA THR A 53 12.64 5.39 -5.91
C THR A 53 11.97 6.20 -7.03
N LYS A 54 10.91 6.88 -6.56
CA LYS A 54 9.83 7.46 -7.35
C LYS A 54 8.75 6.39 -7.60
N ALA A 55 7.93 6.23 -6.52
CA ALA A 55 6.81 5.31 -6.50
C ALA A 55 5.74 5.74 -7.51
N ASP A 56 5.22 4.73 -8.26
CA ASP A 56 3.98 4.93 -9.01
C ASP A 56 2.76 4.55 -8.13
N LEU A 57 3.03 3.55 -7.25
CA LEU A 57 2.07 3.08 -6.26
C LEU A 57 2.81 2.78 -4.95
N ILE A 58 2.06 3.08 -3.88
CA ILE A 58 2.52 2.91 -2.51
C ILE A 58 1.53 1.95 -1.83
N CYS A 59 2.19 0.97 -1.17
CA CYS A 59 1.58 -0.17 -0.52
C CYS A 59 1.83 -0.08 0.98
N VAL A 60 0.75 -0.41 1.70
CA VAL A 60 0.71 -0.38 3.15
C VAL A 60 0.15 -1.72 3.64
N SER A 61 0.82 -2.22 4.69
CA SER A 61 0.42 -3.48 5.32
C SER A 61 -0.04 -3.18 6.76
N SER A 62 -1.36 -3.37 6.97
CA SER A 62 -1.99 -3.05 8.25
C SER A 62 -2.26 -4.35 9.03
N LEU A 63 -2.52 -4.11 10.34
CA LEU A 63 -2.78 -5.16 11.32
C LEU A 63 -4.06 -4.86 12.12
N TYR A 64 -4.48 -3.58 12.07
CA TYR A 64 -5.65 -3.05 12.78
C TYR A 64 -5.28 -2.80 14.24
N GLY A 65 -5.78 -1.63 14.69
CA GLY A 65 -5.33 -1.00 15.91
C GLY A 65 -4.69 0.33 15.55
N GLN A 66 -3.90 0.26 14.45
CA GLN A 66 -3.29 1.46 13.86
C GLN A 66 -3.22 1.28 12.34
N GLY A 67 -4.13 0.42 11.81
CA GLY A 67 -4.02 0.08 10.40
C GLY A 67 -4.51 1.24 9.53
N GLU A 68 -5.68 1.78 9.95
CA GLU A 68 -6.24 2.96 9.32
C GLU A 68 -5.59 4.26 9.80
N ILE A 69 -5.10 4.21 11.06
CA ILE A 69 -4.61 5.43 11.69
C ILE A 69 -3.33 5.89 10.99
N ASP A 70 -2.46 4.88 10.74
CA ASP A 70 -1.22 5.11 10.00
C ASP A 70 -1.48 5.22 8.48
N CYS A 71 -2.18 4.20 7.93
CA CYS A 71 -2.26 4.09 6.47
C CYS A 71 -2.98 5.29 5.83
N LYS A 72 -4.18 5.57 6.39
CA LYS A 72 -5.07 6.54 5.76
C LYS A 72 -4.51 7.98 5.91
N GLY A 73 -4.16 8.51 4.72
CA GLY A 73 -3.53 9.82 4.57
C GLY A 73 -2.03 9.73 4.30
N LEU A 74 -1.59 8.51 3.90
CA LEU A 74 -0.36 8.31 3.14
C LEU A 74 -0.52 8.70 1.69
N ARG A 75 -1.79 8.62 1.24
CA ARG A 75 -2.08 9.19 -0.06
C ARG A 75 -1.73 10.68 -0.06
N GLU A 76 -2.33 11.34 0.94
CA GLU A 76 -2.21 12.77 1.18
C GLU A 76 -0.96 13.26 1.84
N LYS A 77 -0.35 12.38 2.61
CA LYS A 77 0.99 12.63 3.10
C LYS A 77 2.04 12.42 2.03
N CYS A 78 1.73 11.51 1.07
CA CYS A 78 2.66 11.37 -0.05
C CYS A 78 2.49 12.50 -1.02
N ASP A 79 1.20 12.79 -1.18
CA ASP A 79 0.73 13.88 -1.99
C ASP A 79 1.21 15.20 -1.42
N GLU A 80 1.16 15.18 -0.08
CA GLU A 80 1.70 16.35 0.64
C GLU A 80 3.22 16.42 0.62
N ALA A 81 3.81 15.21 0.56
CA ALA A 81 5.27 15.09 0.48
C ALA A 81 5.83 15.45 -0.91
N GLY A 82 4.91 15.82 -1.83
CA GLY A 82 5.31 16.18 -3.19
C GLY A 82 5.55 14.92 -4.03
N LEU A 83 4.58 14.00 -3.85
CA LEU A 83 4.55 12.72 -4.54
C LEU A 83 3.10 12.46 -4.94
N LYS A 84 2.64 13.38 -5.82
CA LYS A 84 1.36 13.24 -6.47
C LYS A 84 1.56 12.52 -7.81
N GLY A 85 0.93 11.34 -7.85
CA GLY A 85 1.15 10.40 -8.94
C GLY A 85 1.10 8.98 -8.38
N ILE A 86 1.39 8.96 -7.05
CA ILE A 86 1.15 7.78 -6.25
C ILE A 86 -0.38 7.56 -6.19
N LYS A 87 -0.68 6.33 -6.61
CA LYS A 87 -1.97 5.67 -6.51
C LYS A 87 -1.81 4.57 -5.46
N LEU A 88 -2.75 4.54 -4.50
CA LEU A 88 -2.52 3.76 -3.31
C LEU A 88 -3.42 2.53 -3.26
N PHE A 89 -2.67 1.45 -2.95
CA PHE A 89 -3.24 0.16 -2.55
C PHE A 89 -2.93 0.00 -1.05
N VAL A 90 -4.01 -0.33 -0.31
CA VAL A 90 -3.87 -0.53 1.14
C VAL A 90 -4.52 -1.86 1.51
N GLY A 91 -3.67 -2.70 2.15
CA GLY A 91 -4.01 -4.10 2.34
C GLY A 91 -3.61 -4.59 3.73
N GLY A 92 -4.39 -5.61 4.13
CA GLY A 92 -4.21 -6.26 5.42
C GLY A 92 -5.51 -6.16 6.20
N ASN A 93 -5.31 -6.10 7.54
CA ASN A 93 -6.41 -5.74 8.44
C ASN A 93 -6.36 -4.23 8.63
N ILE A 94 -6.98 -3.56 7.62
CA ILE A 94 -6.86 -2.11 7.49
C ILE A 94 -7.81 -1.41 8.48
N VAL A 95 -8.99 -2.05 8.63
CA VAL A 95 -9.92 -1.75 9.71
C VAL A 95 -10.52 -3.04 10.31
N VAL A 96 -10.04 -4.14 9.73
CA VAL A 96 -10.67 -5.44 9.84
C VAL A 96 -10.49 -6.02 11.24
N GLY A 97 -11.67 -6.25 11.87
CA GLY A 97 -11.71 -6.81 13.21
C GLY A 97 -13.17 -6.92 13.68
N LYS A 98 -13.92 -5.87 13.31
CA LYS A 98 -15.33 -5.75 13.64
C LYS A 98 -15.99 -4.70 12.73
N GLN A 99 -15.48 -4.70 11.48
CA GLN A 99 -15.87 -3.79 10.42
C GLN A 99 -15.82 -4.56 9.09
N ASN A 100 -16.43 -3.92 8.07
CA ASN A 100 -16.58 -4.57 6.77
C ASN A 100 -16.70 -3.52 5.65
N TRP A 101 -16.04 -3.91 4.54
CA TRP A 101 -16.02 -3.32 3.20
C TRP A 101 -16.94 -2.15 2.86
N PRO A 102 -18.29 -2.24 3.01
CA PRO A 102 -19.12 -1.06 2.80
C PRO A 102 -18.62 0.22 3.52
N ASP A 103 -18.39 0.02 4.84
CA ASP A 103 -17.90 1.06 5.73
C ASP A 103 -16.41 1.38 5.49
N VAL A 104 -15.63 0.27 5.42
CA VAL A 104 -14.18 0.33 5.39
C VAL A 104 -13.67 1.00 4.11
N GLU A 105 -14.18 0.47 2.99
CA GLU A 105 -13.66 0.83 1.68
C GLU A 105 -14.12 2.23 1.30
N GLN A 106 -15.40 2.53 1.63
CA GLN A 106 -15.97 3.83 1.30
C GLN A 106 -15.25 4.99 2.01
N ARG A 107 -14.73 4.65 3.21
CA ARG A 107 -13.98 5.59 4.05
C ARG A 107 -12.63 5.95 3.41
N PHE A 108 -11.90 4.88 3.03
CA PHE A 108 -10.56 5.03 2.47
C PHE A 108 -10.59 5.69 1.08
N LYS A 109 -11.67 5.36 0.36
CA LYS A 109 -11.90 5.84 -0.99
C LYS A 109 -12.40 7.29 -0.98
N ALA A 110 -13.11 7.64 0.13
CA ALA A 110 -13.56 9.01 0.34
C ALA A 110 -12.37 9.97 0.51
N MET A 111 -11.26 9.39 1.02
CA MET A 111 -9.98 10.10 0.96
C MET A 111 -9.50 10.14 -0.50
N GLY A 112 -9.23 8.91 -1.01
CA GLY A 112 -8.83 8.77 -2.41
C GLY A 112 -8.03 7.47 -2.68
N PHE A 113 -7.85 6.64 -1.62
CA PHE A 113 -7.21 5.33 -1.80
C PHE A 113 -8.04 4.51 -2.79
N ASP A 114 -7.37 4.23 -3.93
CA ASP A 114 -8.12 3.84 -5.12
C ASP A 114 -8.72 2.43 -4.99
N ARG A 115 -7.92 1.55 -4.34
CA ARG A 115 -8.40 0.19 -4.09
C ARG A 115 -8.05 -0.25 -2.66
N VAL A 116 -8.99 -1.08 -2.18
CA VAL A 116 -9.08 -1.50 -0.79
C VAL A 116 -9.02 -3.04 -0.73
N TYR A 117 -7.91 -3.51 -0.12
CA TYR A 117 -7.53 -4.93 -0.13
C TYR A 117 -7.78 -5.62 1.23
N PRO A 118 -8.68 -6.66 1.24
CA PRO A 118 -8.80 -7.51 2.42
C PRO A 118 -7.49 -8.21 2.90
N PRO A 119 -7.54 -8.79 4.14
CA PRO A 119 -6.35 -9.33 4.79
C PRO A 119 -5.67 -10.56 4.16
N GLY A 120 -6.29 -11.05 3.06
CA GLY A 120 -5.82 -12.26 2.42
C GLY A 120 -6.19 -12.25 0.94
N THR A 121 -5.51 -11.33 0.25
CA THR A 121 -5.63 -11.16 -1.20
C THR A 121 -4.43 -11.80 -1.86
N SER A 122 -4.76 -12.51 -2.97
CA SER A 122 -3.74 -12.94 -3.91
C SER A 122 -2.89 -11.72 -4.37
N PRO A 123 -1.68 -12.01 -4.89
CA PRO A 123 -0.84 -10.96 -5.44
C PRO A 123 -1.22 -10.61 -6.89
N GLU A 124 -1.95 -11.54 -7.53
CA GLU A 124 -2.20 -11.50 -8.97
C GLU A 124 -3.20 -10.41 -9.32
N THR A 125 -4.09 -10.16 -8.33
CA THR A 125 -5.10 -9.11 -8.40
C THR A 125 -4.48 -7.74 -8.27
N THR A 126 -3.40 -7.72 -7.49
CA THR A 126 -2.78 -6.47 -7.11
C THR A 126 -1.94 -5.98 -8.29
N ILE A 127 -1.34 -7.01 -8.91
CA ILE A 127 -0.47 -6.88 -10.05
C ILE A 127 -1.30 -6.59 -11.31
N ALA A 128 -2.48 -7.24 -11.36
CA ALA A 128 -3.48 -6.98 -12.40
C ALA A 128 -4.17 -5.64 -12.20
N ASP A 129 -4.27 -5.28 -10.91
CA ASP A 129 -4.74 -3.91 -10.67
C ASP A 129 -3.77 -2.85 -11.23
N MET A 130 -2.49 -2.93 -10.81
CA MET A 130 -1.53 -1.88 -11.15
C MET A 130 -1.22 -1.85 -12.64
N LYS A 131 -1.34 -3.04 -13.26
CA LYS A 131 -1.15 -3.12 -14.70
C LYS A 131 -2.31 -2.42 -15.43
N GLU A 132 -3.54 -2.85 -15.09
CA GLU A 132 -4.72 -2.25 -15.72
C GLU A 132 -4.83 -0.71 -15.49
N VAL A 133 -4.72 -0.36 -14.20
CA VAL A 133 -4.78 1.01 -13.68
C VAL A 133 -3.73 1.94 -14.33
N LEU A 134 -2.46 1.45 -14.40
CA LEU A 134 -1.39 2.31 -14.90
C LEU A 134 -1.37 2.36 -16.45
N GLY A 135 -2.31 1.60 -17.03
CA GLY A 135 -2.61 1.72 -18.46
C GLY A 135 -1.60 0.97 -19.31
N VAL A 136 -1.64 -0.36 -19.07
CA VAL A 136 -0.66 -1.25 -19.65
C VAL A 136 -1.18 -2.69 -19.62
N GLU A 137 -0.67 -3.37 -20.65
CA GLU A 137 -1.07 -4.72 -21.05
C GLU A 137 -2.56 -4.78 -21.44
N MET A 1 -7.59 16.01 8.55
CA MET A 1 -7.86 14.60 8.75
C MET A 1 -8.81 14.41 9.94
N GLU A 2 -10.10 14.21 9.60
CA GLU A 2 -11.08 13.80 10.59
C GLU A 2 -10.91 12.31 10.91
N LYS A 3 -10.45 11.58 9.86
CA LYS A 3 -9.99 10.21 9.98
C LYS A 3 -8.67 10.08 9.22
N LYS A 4 -7.98 8.96 9.51
CA LYS A 4 -6.92 8.50 8.62
C LYS A 4 -7.50 7.34 7.79
N THR A 5 -7.68 7.66 6.49
CA THR A 5 -8.02 6.64 5.50
C THR A 5 -6.70 5.98 5.06
N ILE A 6 -6.73 4.65 5.23
CA ILE A 6 -5.95 3.67 4.54
C ILE A 6 -6.91 3.02 3.56
N VAL A 7 -6.24 2.69 2.47
CA VAL A 7 -6.80 2.30 1.21
C VAL A 7 -6.05 1.01 0.88
N LEU A 8 -6.80 -0.09 0.61
CA LEU A 8 -6.07 -1.30 0.22
C LEU A 8 -6.73 -1.91 -1.02
N GLY A 9 -5.82 -2.17 -1.99
CA GLY A 9 -6.09 -2.91 -3.19
C GLY A 9 -5.11 -4.07 -3.31
N VAL A 10 -5.63 -5.17 -3.88
CA VAL A 10 -4.74 -6.27 -4.20
C VAL A 10 -4.36 -6.13 -5.67
N ILE A 11 -3.04 -5.99 -5.84
CA ILE A 11 -2.47 -5.60 -7.11
C ILE A 11 -2.03 -6.85 -7.88
N GLY A 12 -2.71 -6.98 -9.04
CA GLY A 12 -2.32 -7.99 -10.01
C GLY A 12 -3.45 -8.40 -10.97
N SER A 13 -4.68 -7.85 -10.72
CA SER A 13 -5.91 -8.31 -11.33
C SER A 13 -6.13 -9.81 -11.02
N ASP A 14 -7.10 -10.05 -10.12
CA ASP A 14 -7.32 -11.40 -9.61
C ASP A 14 -8.72 -11.47 -8.96
N CYS A 15 -9.21 -12.72 -8.91
CA CYS A 15 -10.48 -13.02 -8.27
C CYS A 15 -10.32 -13.08 -6.74
N HIS A 16 -9.10 -13.52 -6.33
CA HIS A 16 -8.77 -13.55 -4.91
C HIS A 16 -8.33 -12.15 -4.46
N ALA A 17 -8.94 -11.75 -3.34
CA ALA A 17 -8.61 -10.48 -2.69
C ALA A 17 -7.67 -10.76 -1.51
N VAL A 18 -6.55 -11.45 -1.87
CA VAL A 18 -5.50 -11.76 -0.90
C VAL A 18 -4.78 -10.48 -0.47
N GLY A 19 -5.01 -10.16 0.82
CA GLY A 19 -4.52 -8.92 1.41
C GLY A 19 -5.60 -7.82 1.36
N ASN A 20 -6.85 -8.33 1.51
CA ASN A 20 -8.09 -7.58 1.31
C ASN A 20 -9.27 -8.55 1.57
N LYS A 21 -9.01 -9.44 2.54
CA LYS A 21 -9.85 -10.60 2.81
C LYS A 21 -9.29 -11.29 4.05
N ILE A 22 -7.96 -11.53 3.94
CA ILE A 22 -7.15 -12.07 5.03
C ILE A 22 -6.67 -10.87 5.85
N LEU A 23 -6.08 -9.90 5.10
CA LEU A 23 -5.70 -8.62 5.68
C LEU A 23 -6.66 -7.52 5.20
N ASP A 24 -7.88 -7.67 5.74
CA ASP A 24 -8.71 -6.52 6.02
C ASP A 24 -9.54 -6.88 7.26
N HIS A 25 -8.77 -7.02 8.35
CA HIS A 25 -9.32 -7.36 9.66
C HIS A 25 -8.40 -6.76 10.72
N SER A 26 -7.09 -6.88 10.44
CA SER A 26 -6.06 -6.26 11.26
C SER A 26 -6.12 -4.74 11.18
N PHE A 27 -6.25 -4.30 9.92
CA PHE A 27 -6.26 -2.87 9.61
C PHE A 27 -7.57 -2.23 10.10
N THR A 28 -8.66 -2.96 9.84
CA THR A 28 -9.99 -2.50 10.22
C THR A 28 -10.11 -2.36 11.75
N ASN A 29 -9.55 -3.41 12.41
CA ASN A 29 -9.51 -3.51 13.85
C ASN A 29 -8.22 -2.89 14.43
N ALA A 30 -7.58 -2.02 13.61
CA ALA A 30 -6.54 -1.12 14.13
C ALA A 30 -7.17 0.22 14.54
N GLY A 31 -8.52 0.25 14.39
CA GLY A 31 -9.30 1.46 14.59
C GLY A 31 -9.10 2.43 13.42
N PHE A 32 -8.74 1.85 12.23
CA PHE A 32 -8.47 2.72 11.10
C PHE A 32 -9.73 2.78 10.23
N ASN A 33 -9.85 3.92 9.51
CA ASN A 33 -10.81 3.98 8.43
C ASN A 33 -10.17 3.24 7.26
N VAL A 34 -10.69 2.01 7.05
CA VAL A 34 -10.07 1.13 6.09
C VAL A 34 -11.10 0.79 5.00
N VAL A 35 -10.80 1.39 3.83
CA VAL A 35 -11.61 1.34 2.62
C VAL A 35 -10.93 0.39 1.63
N ASN A 36 -11.70 -0.66 1.29
CA ASN A 36 -11.24 -1.68 0.36
C ASN A 36 -11.57 -1.20 -1.06
N ILE A 37 -10.48 -0.84 -1.75
CA ILE A 37 -10.57 -0.25 -3.08
C ILE A 37 -10.82 -1.34 -4.14
N GLY A 38 -10.38 -2.58 -3.79
CA GLY A 38 -10.61 -3.74 -4.62
C GLY A 38 -9.33 -4.19 -5.33
N VAL A 39 -9.50 -5.33 -6.04
CA VAL A 39 -8.38 -5.99 -6.69
C VAL A 39 -8.16 -5.38 -8.08
N LEU A 40 -6.95 -4.79 -8.26
CA LEU A 40 -6.55 -4.29 -9.57
C LEU A 40 -5.03 -4.03 -9.59
N SER A 41 -4.36 -4.39 -10.71
CA SER A 41 -3.01 -3.86 -10.97
C SER A 41 -3.09 -2.48 -11.66
N SER A 42 -3.12 -1.42 -10.82
CA SER A 42 -3.04 -0.06 -11.37
C SER A 42 -3.05 1.02 -10.28
N GLN A 43 -2.04 1.89 -10.42
CA GLN A 43 -1.92 3.14 -9.66
C GLN A 43 -3.21 3.96 -9.68
N GLU A 44 -3.73 4.25 -10.89
CA GLU A 44 -4.75 5.30 -11.00
C GLU A 44 -6.05 4.97 -10.24
N ASP A 45 -6.24 3.65 -9.96
CA ASP A 45 -7.38 3.21 -9.15
C ASP A 45 -7.14 3.49 -7.65
N PHE A 46 -5.92 3.15 -7.19
CA PHE A 46 -5.61 3.28 -5.75
C PHE A 46 -5.38 4.71 -5.30
N ILE A 47 -4.77 5.40 -6.26
CA ILE A 47 -4.78 6.83 -6.29
C ILE A 47 -6.21 7.37 -6.10
N ASN A 48 -7.17 6.75 -6.84
CA ASN A 48 -8.54 7.27 -6.90
C ASN A 48 -9.27 7.11 -5.56
N ALA A 49 -8.88 6.07 -4.80
CA ALA A 49 -9.36 5.91 -3.42
C ALA A 49 -8.73 6.92 -2.48
N ALA A 50 -7.50 7.33 -2.83
CA ALA A 50 -6.96 8.51 -2.15
C ALA A 50 -7.60 9.83 -2.60
N ILE A 51 -8.05 9.90 -3.88
CA ILE A 51 -8.78 11.08 -4.33
C ILE A 51 -10.15 11.15 -3.61
N GLU A 52 -10.79 9.95 -3.55
CA GLU A 52 -12.17 9.86 -3.14
C GLU A 52 -12.26 10.00 -1.65
N THR A 53 -11.40 9.17 -1.04
CA THR A 53 -11.54 8.93 0.35
C THR A 53 -10.48 9.65 1.22
N LYS A 54 -9.48 10.21 0.51
CA LYS A 54 -8.53 11.15 1.12
C LYS A 54 -7.56 10.39 2.02
N ALA A 55 -6.86 9.47 1.33
CA ALA A 55 -6.03 8.49 2.00
C ALA A 55 -4.66 9.06 2.33
N ASP A 56 -4.37 9.01 3.63
CA ASP A 56 -3.04 9.38 4.11
C ASP A 56 -2.03 8.29 3.73
N LEU A 57 -2.57 7.06 3.62
CA LEU A 57 -1.81 5.91 3.18
C LEU A 57 -2.59 5.00 2.25
N ILE A 58 -1.76 4.49 1.33
CA ILE A 58 -2.21 3.61 0.25
C ILE A 58 -1.36 2.32 0.29
N CYS A 59 -2.12 1.21 0.29
CA CYS A 59 -1.61 -0.16 0.42
C CYS A 59 -1.89 -0.92 -0.87
N VAL A 60 -0.83 -1.66 -1.25
CA VAL A 60 -0.79 -2.50 -2.42
C VAL A 60 -0.25 -3.86 -1.96
N SER A 61 -1.07 -4.91 -2.20
CA SER A 61 -0.67 -6.28 -1.90
C SER A 61 -0.58 -7.06 -3.20
N SER A 62 0.68 -7.42 -3.53
CA SER A 62 0.94 -8.13 -4.77
C SER A 62 1.11 -9.61 -4.46
N LEU A 63 0.84 -10.36 -5.54
CA LEU A 63 0.64 -11.79 -5.47
C LEU A 63 0.96 -12.44 -6.82
N TYR A 64 1.67 -11.67 -7.66
CA TYR A 64 1.86 -12.03 -9.06
C TYR A 64 3.30 -11.69 -9.56
N GLY A 65 4.12 -11.17 -8.61
CA GLY A 65 5.55 -11.02 -8.84
C GLY A 65 5.94 -9.83 -9.73
N GLN A 66 4.99 -8.88 -9.88
CA GLN A 66 5.26 -7.65 -10.62
C GLN A 66 4.66 -6.45 -9.88
N GLY A 67 4.68 -6.61 -8.55
CA GLY A 67 4.10 -5.61 -7.68
C GLY A 67 4.91 -4.33 -7.73
N GLU A 68 6.25 -4.56 -7.77
CA GLU A 68 7.19 -3.46 -7.88
C GLU A 68 7.09 -2.72 -9.22
N ILE A 69 6.65 -3.49 -10.24
CA ILE A 69 6.71 -2.96 -11.60
C ILE A 69 5.72 -1.79 -11.77
N ASP A 70 4.51 -2.01 -11.24
CA ASP A 70 3.52 -0.93 -11.13
C ASP A 70 3.79 0.03 -9.95
N CYS A 71 3.88 -0.60 -8.75
CA CYS A 71 3.79 0.09 -7.46
C CYS A 71 4.94 1.08 -7.17
N LYS A 72 6.12 0.82 -7.81
CA LYS A 72 7.28 1.66 -7.57
C LYS A 72 6.96 3.13 -7.89
N GLY A 73 6.93 3.93 -6.80
CA GLY A 73 6.65 5.36 -7.00
C GLY A 73 5.18 5.58 -7.30
N LEU A 74 4.36 4.82 -6.55
CA LEU A 74 2.94 5.08 -6.36
C LEU A 74 2.75 6.22 -5.38
N ARG A 75 3.75 6.42 -4.49
CA ARG A 75 3.68 7.60 -3.65
C ARG A 75 3.99 8.84 -4.48
N GLU A 76 4.87 8.60 -5.48
CA GLU A 76 5.20 9.53 -6.56
C GLU A 76 4.22 9.66 -7.69
N LYS A 77 3.48 8.58 -7.87
CA LYS A 77 2.29 8.54 -8.70
C LYS A 77 1.09 9.19 -8.04
N CYS A 78 1.12 9.13 -6.70
CA CYS A 78 0.16 9.84 -5.87
C CYS A 78 0.52 11.30 -5.79
N ASP A 79 1.83 11.46 -5.65
CA ASP A 79 2.48 12.75 -5.71
C ASP A 79 2.18 13.41 -7.03
N GLU A 80 2.30 12.50 -8.01
CA GLU A 80 2.02 12.94 -9.38
C GLU A 80 0.53 13.16 -9.63
N ALA A 81 -0.26 12.37 -8.88
CA ALA A 81 -1.71 12.50 -8.94
C ALA A 81 -2.24 13.75 -8.20
N GLY A 82 -1.30 14.50 -7.57
CA GLY A 82 -1.67 15.68 -6.81
C GLY A 82 -2.20 15.29 -5.43
N LEU A 83 -1.42 14.38 -4.84
CA LEU A 83 -1.72 13.74 -3.55
C LEU A 83 -0.36 13.43 -2.89
N LYS A 84 0.27 14.55 -2.47
CA LYS A 84 1.62 14.57 -1.92
C LYS A 84 1.59 14.95 -0.44
N GLY A 85 2.23 14.06 0.36
CA GLY A 85 2.20 14.15 1.81
C GLY A 85 1.68 12.82 2.33
N ILE A 86 0.87 12.24 1.41
CA ILE A 86 0.45 10.87 1.43
C ILE A 86 1.66 9.95 1.24
N LYS A 87 1.75 9.06 2.24
CA LYS A 87 2.79 8.05 2.43
C LYS A 87 2.21 6.66 2.14
N LEU A 88 2.95 5.90 1.30
CA LEU A 88 2.40 4.64 0.85
C LEU A 88 3.32 3.48 1.24
N PHE A 89 2.59 2.36 1.44
CA PHE A 89 3.09 1.05 1.84
C PHE A 89 2.84 0.03 0.71
N VAL A 90 3.92 -0.73 0.38
CA VAL A 90 3.92 -1.76 -0.65
C VAL A 90 4.41 -3.09 -0.05
N GLY A 91 3.54 -4.11 -0.20
CA GLY A 91 3.80 -5.40 0.42
C GLY A 91 3.55 -6.57 -0.53
N GLY A 92 4.32 -7.65 -0.22
CA GLY A 92 4.04 -8.98 -0.75
C GLY A 92 5.03 -9.38 -1.85
N ASN A 93 4.44 -9.69 -3.03
CA ASN A 93 5.21 -10.19 -4.16
C ASN A 93 5.57 -9.01 -5.08
N ILE A 94 6.52 -8.23 -4.52
CA ILE A 94 6.92 -6.96 -5.12
C ILE A 94 8.02 -7.28 -6.15
N VAL A 95 9.23 -7.49 -5.60
CA VAL A 95 10.45 -7.75 -6.37
C VAL A 95 10.91 -9.21 -6.25
N VAL A 96 10.06 -9.97 -5.55
CA VAL A 96 10.35 -11.31 -5.06
C VAL A 96 10.83 -12.23 -6.20
N GLY A 97 12.17 -12.43 -6.15
CA GLY A 97 12.86 -13.18 -7.19
C GLY A 97 14.36 -12.87 -7.12
N LYS A 98 14.95 -13.36 -6.00
CA LYS A 98 16.37 -13.24 -5.71
C LYS A 98 16.80 -11.75 -5.61
N GLN A 99 15.91 -11.00 -4.92
CA GLN A 99 16.06 -9.56 -4.76
C GLN A 99 15.38 -9.17 -3.44
N ASN A 100 16.24 -8.66 -2.54
CA ASN A 100 15.84 -8.32 -1.18
C ASN A 100 16.41 -6.93 -0.82
N TRP A 101 15.76 -6.37 0.22
CA TRP A 101 16.02 -5.10 0.91
C TRP A 101 17.04 -4.11 0.31
N PRO A 102 18.36 -4.43 0.26
CA PRO A 102 19.30 -3.56 -0.45
C PRO A 102 18.86 -3.12 -1.86
N ASP A 103 18.47 -4.14 -2.65
CA ASP A 103 17.90 -3.96 -3.98
C ASP A 103 16.52 -3.29 -3.93
N VAL A 104 15.69 -3.86 -3.03
CA VAL A 104 14.26 -3.56 -3.00
C VAL A 104 14.00 -2.11 -2.58
N GLU A 105 14.48 -1.78 -1.36
CA GLU A 105 14.31 -0.43 -0.84
C GLU A 105 15.04 0.64 -1.65
N GLN A 106 16.15 0.23 -2.33
CA GLN A 106 16.79 1.18 -3.24
C GLN A 106 15.80 1.65 -4.34
N ARG A 107 14.98 0.69 -4.80
CA ARG A 107 14.01 0.98 -5.85
C ARG A 107 12.88 1.89 -5.34
N PHE A 108 12.27 1.43 -4.22
CA PHE A 108 11.01 1.99 -3.74
C PHE A 108 11.23 3.38 -3.13
N LYS A 109 12.14 3.39 -2.15
CA LYS A 109 12.52 4.64 -1.47
C LYS A 109 13.18 5.67 -2.40
N ALA A 110 13.87 5.20 -3.48
CA ALA A 110 14.42 6.17 -4.44
C ALA A 110 13.32 7.02 -5.11
N MET A 111 12.15 6.38 -5.35
CA MET A 111 11.02 7.14 -5.87
C MET A 111 10.51 8.20 -4.85
N GLY A 112 10.70 7.83 -3.56
CA GLY A 112 10.36 8.70 -2.43
C GLY A 112 9.17 8.16 -1.64
N PHE A 113 8.82 6.90 -1.97
CA PHE A 113 7.70 6.18 -1.45
C PHE A 113 8.15 5.61 -0.07
N ASP A 114 7.18 5.53 0.88
CA ASP A 114 7.57 5.49 2.29
C ASP A 114 8.35 4.21 2.68
N ARG A 115 7.63 3.06 2.74
CA ARG A 115 8.14 1.87 3.43
C ARG A 115 7.70 0.59 2.69
N VAL A 116 8.58 -0.45 2.79
CA VAL A 116 8.38 -1.71 2.08
C VAL A 116 8.32 -2.90 3.06
N TYR A 117 7.34 -3.78 2.73
CA TYR A 117 7.03 -4.98 3.52
C TYR A 117 7.23 -6.27 2.68
N PRO A 118 7.65 -7.36 3.39
CA PRO A 118 7.68 -8.70 2.79
C PRO A 118 6.28 -9.28 2.51
N PRO A 119 6.26 -10.50 1.92
CA PRO A 119 5.09 -11.36 1.93
C PRO A 119 5.05 -12.17 3.23
N GLY A 120 3.92 -11.97 3.94
CA GLY A 120 3.71 -12.64 5.22
C GLY A 120 4.28 -11.80 6.37
N THR A 121 3.76 -10.56 6.40
CA THR A 121 4.12 -9.57 7.40
C THR A 121 3.04 -9.58 8.47
N SER A 122 3.53 -9.52 9.73
CA SER A 122 2.67 -9.16 10.83
C SER A 122 2.13 -7.74 10.56
N PRO A 123 0.78 -7.59 10.40
CA PRO A 123 0.20 -6.27 10.14
C PRO A 123 0.37 -5.29 11.30
N GLU A 124 0.83 -5.85 12.44
CA GLU A 124 1.29 -5.12 13.61
C GLU A 124 2.28 -4.00 13.26
N THR A 125 3.13 -4.33 12.27
CA THR A 125 4.19 -3.44 11.80
C THR A 125 3.68 -2.34 10.90
N THR A 126 2.63 -2.72 10.16
CA THR A 126 2.07 -1.85 9.17
C THR A 126 1.18 -0.81 9.86
N ILE A 127 0.55 -1.33 10.92
CA ILE A 127 -0.36 -0.63 11.79
C ILE A 127 0.42 0.31 12.73
N ALA A 128 1.57 -0.22 13.17
CA ALA A 128 2.52 0.56 13.98
C ALA A 128 3.25 1.58 13.13
N ASP A 129 3.43 1.21 11.86
CA ASP A 129 3.94 2.23 10.95
C ASP A 129 2.97 3.42 10.76
N MET A 130 1.73 3.09 10.35
CA MET A 130 0.76 4.14 10.02
C MET A 130 0.40 4.97 11.25
N LYS A 131 0.50 4.28 12.40
CA LYS A 131 0.25 4.94 13.66
C LYS A 131 1.34 5.98 13.95
N GLU A 132 2.60 5.49 13.96
CA GLU A 132 3.69 6.43 14.29
C GLU A 132 3.91 7.52 13.22
N VAL A 133 4.16 7.01 12.01
CA VAL A 133 4.61 7.81 10.87
C VAL A 133 3.64 8.94 10.47
N LEU A 134 2.32 8.66 10.63
CA LEU A 134 1.30 9.65 10.27
C LEU A 134 0.98 10.57 11.46
N GLY A 135 1.35 10.08 12.67
CA GLY A 135 1.15 10.83 13.90
C GLY A 135 -0.23 10.52 14.48
N VAL A 136 -0.25 9.34 15.14
CA VAL A 136 -1.48 8.75 15.65
C VAL A 136 -1.11 7.96 16.92
N GLU A 137 -2.16 7.67 17.72
CA GLU A 137 -2.02 6.85 18.92
C GLU A 137 -3.15 5.80 18.96
N MET A 1 9.05 6.48 -14.41
CA MET A 1 9.41 6.76 -15.79
C MET A 1 10.15 5.57 -16.41
N GLU A 2 11.25 5.21 -15.71
CA GLU A 2 12.08 4.08 -16.12
C GLU A 2 11.38 2.76 -15.74
N LYS A 3 11.01 2.71 -14.44
CA LYS A 3 10.28 1.60 -13.87
C LYS A 3 9.18 2.19 -12.97
N LYS A 4 8.24 1.28 -12.63
CA LYS A 4 7.28 1.57 -11.57
C LYS A 4 7.82 0.95 -10.26
N THR A 5 8.22 1.89 -9.37
CA THR A 5 8.59 1.58 -7.99
C THR A 5 7.29 1.62 -7.16
N ILE A 6 7.25 0.64 -6.23
CA ILE A 6 6.27 0.37 -5.25
C ILE A 6 7.07 0.10 -3.99
N VAL A 7 6.34 0.48 -2.95
CA VAL A 7 6.68 0.36 -1.58
C VAL A 7 5.51 -0.42 -0.98
N LEU A 8 5.83 -1.40 -0.10
CA LEU A 8 4.79 -1.75 0.86
C LEU A 8 5.49 -1.80 2.22
N GLY A 9 4.86 -1.04 3.14
CA GLY A 9 5.40 -0.91 4.49
C GLY A 9 4.32 -1.33 5.49
N VAL A 10 4.69 -1.96 6.63
CA VAL A 10 3.64 -2.40 7.54
C VAL A 10 3.49 -1.33 8.63
N ILE A 11 2.25 -0.83 8.65
CA ILE A 11 1.94 0.48 9.19
C ILE A 11 1.39 0.36 10.61
N GLY A 12 1.78 1.38 11.42
CA GLY A 12 1.14 1.61 12.69
C GLY A 12 2.06 1.26 13.86
N SER A 13 2.31 -0.07 13.92
CA SER A 13 2.84 -0.65 15.14
C SER A 13 3.42 -2.03 14.84
N ASP A 14 3.80 -2.70 15.95
CA ASP A 14 4.13 -4.12 15.95
C ASP A 14 5.55 -4.36 15.39
N CYS A 15 6.01 -5.62 15.58
CA CYS A 15 7.35 -6.02 15.17
C CYS A 15 7.34 -7.47 14.66
N HIS A 16 6.37 -7.69 13.74
CA HIS A 16 6.18 -8.99 13.09
C HIS A 16 6.43 -8.85 11.58
N ALA A 17 5.59 -7.97 10.98
CA ALA A 17 5.51 -7.79 9.53
C ALA A 17 4.97 -9.04 8.84
N VAL A 18 4.17 -9.80 9.62
CA VAL A 18 3.75 -11.14 9.22
C VAL A 18 2.80 -11.10 8.01
N GLY A 19 3.27 -11.79 6.95
CA GLY A 19 2.53 -11.86 5.70
C GLY A 19 2.52 -10.53 4.94
N ASN A 20 3.57 -9.72 5.23
CA ASN A 20 3.78 -8.40 4.65
C ASN A 20 5.30 -8.12 4.64
N LYS A 21 6.01 -9.22 4.33
CA LYS A 21 7.46 -9.32 4.45
C LYS A 21 7.89 -10.56 3.67
N ILE A 22 7.09 -11.61 3.94
CA ILE A 22 7.08 -12.84 3.15
C ILE A 22 6.35 -12.53 1.84
N LEU A 23 5.36 -11.61 1.99
CA LEU A 23 4.67 -11.03 0.85
C LEU A 23 5.47 -9.80 0.34
N ASP A 24 6.74 -10.09 0.02
CA ASP A 24 7.58 -9.22 -0.78
C ASP A 24 8.46 -10.14 -1.65
N HIS A 25 7.73 -10.98 -2.41
CA HIS A 25 8.37 -12.09 -3.11
C HIS A 25 7.80 -12.24 -4.51
N SER A 26 6.43 -12.28 -4.54
CA SER A 26 5.72 -12.51 -5.79
C SER A 26 5.54 -11.22 -6.58
N PHE A 27 5.57 -10.10 -5.81
CA PHE A 27 5.50 -8.77 -6.40
C PHE A 27 6.83 -8.45 -7.07
N THR A 28 7.90 -8.81 -6.32
CA THR A 28 9.26 -8.69 -6.81
C THR A 28 9.47 -9.62 -8.02
N ASN A 29 8.90 -10.84 -7.84
CA ASN A 29 8.89 -11.87 -8.88
C ASN A 29 7.64 -11.73 -9.77
N ALA A 30 7.30 -10.45 -10.04
CA ALA A 30 6.35 -10.12 -11.10
C ALA A 30 6.93 -8.96 -11.92
N GLY A 31 8.28 -8.86 -11.81
CA GLY A 31 9.05 -7.87 -12.54
C GLY A 31 8.73 -6.45 -12.11
N PHE A 32 8.41 -6.28 -10.80
CA PHE A 32 8.12 -4.94 -10.30
C PHE A 32 9.32 -4.51 -9.45
N ASN A 33 9.55 -3.17 -9.47
CA ASN A 33 10.49 -2.61 -8.51
C ASN A 33 9.71 -2.49 -7.20
N VAL A 34 10.04 -3.43 -6.30
CA VAL A 34 9.30 -3.59 -5.05
C VAL A 34 10.28 -3.42 -3.89
N VAL A 35 9.82 -2.57 -2.95
CA VAL A 35 10.66 -2.07 -1.88
C VAL A 35 9.96 -2.36 -0.55
N ASN A 36 10.58 -3.31 0.19
CA ASN A 36 10.04 -3.74 1.47
C ASN A 36 10.55 -2.79 2.56
N ILE A 37 9.58 -2.03 3.10
CA ILE A 37 9.86 -1.09 4.17
C ILE A 37 9.97 -1.85 5.50
N GLY A 38 9.05 -2.84 5.61
CA GLY A 38 8.93 -3.60 6.84
C GLY A 38 8.06 -2.85 7.85
N VAL A 39 7.83 -3.56 8.98
CA VAL A 39 6.95 -3.06 10.02
C VAL A 39 7.67 -2.04 10.92
N LEU A 40 6.81 -1.29 11.64
CA LEU A 40 7.25 -0.34 12.66
C LEU A 40 7.90 0.86 11.99
N SER A 41 6.95 1.67 11.49
CA SER A 41 7.17 2.70 10.48
C SER A 41 5.82 2.82 9.78
N SER A 42 5.59 4.03 9.24
CA SER A 42 4.26 4.35 8.75
C SER A 42 4.41 5.36 7.61
N GLN A 43 3.36 6.19 7.47
CA GLN A 43 3.14 7.09 6.33
C GLN A 43 4.36 7.92 5.97
N GLU A 44 4.99 8.54 6.98
CA GLU A 44 6.08 9.47 6.70
C GLU A 44 7.31 8.76 6.09
N ASP A 45 7.43 7.46 6.45
CA ASP A 45 8.56 6.66 6.02
C ASP A 45 8.30 6.08 4.61
N PHE A 46 7.02 5.74 4.35
CA PHE A 46 6.64 5.12 3.08
C PHE A 46 6.58 6.10 1.93
N ILE A 47 6.15 7.28 2.37
CA ILE A 47 6.44 8.53 1.67
C ILE A 47 7.94 8.66 1.33
N ASN A 48 8.78 8.37 2.35
CA ASN A 48 10.22 8.61 2.25
C ASN A 48 10.90 7.60 1.29
N ALA A 49 10.28 6.41 1.22
CA ALA A 49 10.61 5.39 0.22
C ALA A 49 10.06 5.82 -1.12
N ALA A 50 8.97 6.58 -1.12
CA ALA A 50 8.61 7.21 -2.40
C ALA A 50 9.55 8.34 -2.82
N ILE A 51 10.14 9.05 -1.83
CA ILE A 51 11.16 10.03 -2.17
C ILE A 51 12.43 9.30 -2.69
N GLU A 52 12.76 8.20 -1.99
CA GLU A 52 14.05 7.55 -2.17
C GLU A 52 14.12 6.71 -3.43
N THR A 53 13.07 5.86 -3.56
CA THR A 53 13.09 4.88 -4.62
C THR A 53 12.34 5.34 -5.88
N LYS A 54 11.35 6.21 -5.58
CA LYS A 54 10.61 7.00 -6.56
C LYS A 54 9.36 6.25 -6.99
N ALA A 55 8.59 5.97 -5.90
CA ALA A 55 7.41 5.15 -5.94
C ALA A 55 6.22 5.90 -6.54
N ASP A 56 5.68 5.26 -7.60
CA ASP A 56 4.42 5.69 -8.21
C ASP A 56 3.22 5.17 -7.39
N LEU A 57 3.51 4.15 -6.55
CA LEU A 57 2.53 3.65 -5.61
C LEU A 57 3.16 3.32 -4.25
N ILE A 58 2.32 3.59 -3.25
CA ILE A 58 2.65 3.37 -1.85
C ILE A 58 1.53 2.51 -1.24
N CYS A 59 1.99 1.36 -0.72
CA CYS A 59 1.17 0.38 -0.06
C CYS A 59 1.49 0.40 1.44
N VAL A 60 0.38 0.24 2.16
CA VAL A 60 0.36 0.08 3.61
C VAL A 60 -0.23 -1.31 3.86
N SER A 61 0.61 -2.10 4.55
CA SER A 61 0.35 -3.49 4.83
C SER A 61 -0.22 -3.54 6.25
N SER A 62 -1.36 -4.23 6.33
CA SER A 62 -2.22 -4.08 7.48
C SER A 62 -2.46 -5.46 8.12
N LEU A 63 -2.42 -5.40 9.46
CA LEU A 63 -2.35 -6.59 10.31
C LEU A 63 -3.51 -6.58 11.34
N TYR A 64 -3.96 -5.35 11.67
CA TYR A 64 -4.80 -5.09 12.82
C TYR A 64 -5.80 -4.02 12.39
N GLY A 65 -6.69 -3.70 13.35
CA GLY A 65 -7.66 -2.64 13.13
C GLY A 65 -7.08 -1.27 13.48
N GLN A 66 -5.80 -1.05 13.06
CA GLN A 66 -5.20 0.26 13.30
C GLN A 66 -4.22 0.68 12.18
N GLY A 67 -4.05 -0.22 11.18
CA GLY A 67 -3.02 0.08 10.18
C GLY A 67 -3.47 1.20 9.25
N GLU A 68 -4.74 1.01 8.84
CA GLU A 68 -5.48 1.90 7.98
C GLU A 68 -6.09 3.11 8.68
N ILE A 69 -6.37 2.91 9.99
CA ILE A 69 -6.80 4.02 10.83
C ILE A 69 -5.67 5.06 10.94
N ASP A 70 -4.43 4.51 10.96
CA ASP A 70 -3.21 5.32 10.95
C ASP A 70 -2.92 5.87 9.54
N CYS A 71 -3.35 5.09 8.52
CA CYS A 71 -3.04 5.40 7.13
C CYS A 71 -3.78 6.63 6.58
N LYS A 72 -4.95 6.94 7.18
CA LYS A 72 -5.84 7.98 6.63
C LYS A 72 -5.08 9.29 6.31
N GLY A 73 -5.10 9.61 4.99
CA GLY A 73 -4.38 10.76 4.48
C GLY A 73 -2.88 10.51 4.36
N LEU A 74 -2.56 9.26 3.96
CA LEU A 74 -1.31 8.96 3.25
C LEU A 74 -1.42 9.41 1.82
N ARG A 75 -2.67 9.47 1.31
CA ARG A 75 -2.85 10.07 0.00
C ARG A 75 -2.49 11.56 0.08
N GLU A 76 -2.99 12.17 1.18
CA GLU A 76 -2.73 13.56 1.53
C GLU A 76 -1.41 13.89 2.14
N LYS A 77 -0.83 12.90 2.78
CA LYS A 77 0.56 12.96 3.18
C LYS A 77 1.53 12.72 2.03
N CYS A 78 1.06 11.93 1.06
CA CYS A 78 1.82 11.70 -0.16
C CYS A 78 1.71 12.87 -1.11
N ASP A 79 0.53 13.46 -1.01
CA ASP A 79 0.21 14.68 -1.71
C ASP A 79 0.82 15.88 -1.01
N GLU A 80 0.84 15.72 0.32
CA GLU A 80 1.51 16.75 1.13
C GLU A 80 3.03 16.69 1.01
N ALA A 81 3.51 15.46 0.77
CA ALA A 81 4.95 15.22 0.70
C ALA A 81 5.57 15.76 -0.62
N GLY A 82 4.70 16.39 -1.44
CA GLY A 82 5.15 16.94 -2.72
C GLY A 82 5.35 15.80 -3.72
N LEU A 83 4.41 14.85 -3.61
CA LEU A 83 4.52 13.57 -4.29
C LEU A 83 3.12 13.15 -4.78
N LYS A 84 2.33 14.18 -5.17
CA LYS A 84 1.00 13.96 -5.70
C LYS A 84 1.09 13.50 -7.17
N GLY A 85 0.51 12.30 -7.38
CA GLY A 85 0.65 11.58 -8.63
C GLY A 85 0.62 10.08 -8.31
N ILE A 86 1.11 9.83 -7.06
CA ILE A 86 1.02 8.53 -6.45
C ILE A 86 -0.45 8.14 -6.18
N LYS A 87 -0.71 6.95 -6.74
CA LYS A 87 -1.86 6.10 -6.45
C LYS A 87 -1.52 5.21 -5.25
N LEU A 88 -2.52 5.06 -4.34
CA LEU A 88 -2.28 4.33 -3.10
C LEU A 88 -3.09 3.04 -3.02
N PHE A 89 -2.33 2.03 -2.55
CA PHE A 89 -2.90 0.74 -2.23
C PHE A 89 -2.95 0.58 -0.71
N VAL A 90 -4.01 -0.14 -0.32
CA VAL A 90 -4.24 -0.52 1.06
C VAL A 90 -4.68 -2.00 1.04
N GLY A 91 -3.91 -2.80 1.81
CA GLY A 91 -4.13 -4.26 1.76
C GLY A 91 -4.06 -4.90 3.15
N GLY A 92 -4.87 -5.99 3.24
CA GLY A 92 -4.76 -6.95 4.34
C GLY A 92 -5.89 -6.76 5.36
N ASN A 93 -5.49 -6.98 6.63
CA ASN A 93 -6.34 -6.73 7.79
C ASN A 93 -6.28 -5.23 8.11
N ILE A 94 -7.11 -4.53 7.30
CA ILE A 94 -7.14 -3.08 7.21
C ILE A 94 -7.88 -2.49 8.40
N VAL A 95 -9.08 -3.09 8.59
CA VAL A 95 -9.97 -2.86 9.70
C VAL A 95 -10.34 -4.23 10.35
N VAL A 96 -9.44 -5.16 10.03
CA VAL A 96 -9.34 -6.52 10.54
C VAL A 96 -10.64 -7.31 10.42
N GLY A 97 -10.97 -7.57 9.14
CA GLY A 97 -12.16 -8.36 8.82
C GLY A 97 -13.45 -7.69 9.30
N LYS A 98 -13.45 -6.35 9.13
CA LYS A 98 -14.56 -5.52 9.54
C LYS A 98 -14.58 -4.25 8.69
N GLN A 99 -15.71 -3.55 8.86
CA GLN A 99 -16.21 -2.54 7.92
C GLN A 99 -16.39 -3.19 6.53
N ASN A 100 -17.68 -3.21 6.11
CA ASN A 100 -18.05 -3.95 4.90
C ASN A 100 -17.93 -3.03 3.67
N TRP A 101 -16.96 -3.45 2.81
CA TRP A 101 -16.65 -2.95 1.47
C TRP A 101 -17.27 -1.64 0.96
N PRO A 102 -18.60 -1.58 0.67
CA PRO A 102 -19.19 -0.31 0.21
C PRO A 102 -18.89 0.93 1.10
N ASP A 103 -18.69 0.63 2.40
CA ASP A 103 -18.30 1.60 3.41
C ASP A 103 -16.79 1.90 3.36
N VAL A 104 -16.01 0.80 3.19
CA VAL A 104 -14.55 0.88 3.23
C VAL A 104 -14.01 1.73 2.07
N GLU A 105 -14.42 1.31 0.86
CA GLU A 105 -13.94 1.94 -0.35
C GLU A 105 -14.58 3.32 -0.56
N GLN A 106 -15.81 3.51 -0.02
CA GLN A 106 -16.36 4.87 0.01
C GLN A 106 -15.48 5.83 0.83
N ARG A 107 -14.97 5.29 1.97
CA ARG A 107 -14.21 6.10 2.93
C ARG A 107 -12.82 6.46 2.39
N PHE A 108 -12.09 5.40 1.98
CA PHE A 108 -10.68 5.52 1.66
C PHE A 108 -10.47 6.22 0.32
N LYS A 109 -11.30 5.80 -0.64
CA LYS A 109 -11.24 6.39 -1.98
C LYS A 109 -11.73 7.84 -1.99
N ALA A 110 -12.65 8.16 -1.06
CA ALA A 110 -13.11 9.55 -0.91
C ALA A 110 -11.96 10.49 -0.50
N MET A 111 -10.99 9.92 0.26
CA MET A 111 -9.74 10.65 0.46
C MET A 111 -9.01 10.80 -0.89
N GLY A 112 -8.66 9.60 -1.43
CA GLY A 112 -8.08 9.49 -2.76
C GLY A 112 -7.10 8.31 -2.86
N PHE A 113 -7.50 7.22 -2.16
CA PHE A 113 -6.83 5.93 -2.32
C PHE A 113 -7.39 5.25 -3.57
N ASP A 114 -6.46 4.51 -4.23
CA ASP A 114 -6.79 3.81 -5.47
C ASP A 114 -7.76 2.63 -5.21
N ARG A 115 -7.22 1.54 -4.58
CA ARG A 115 -8.07 0.37 -4.30
C ARG A 115 -7.67 -0.30 -2.97
N VAL A 116 -8.69 -1.01 -2.42
CA VAL A 116 -8.61 -1.71 -1.15
C VAL A 116 -8.69 -3.24 -1.37
N TYR A 117 -7.57 -3.93 -1.03
CA TYR A 117 -7.61 -5.40 -0.93
C TYR A 117 -8.07 -5.84 0.48
N PRO A 118 -8.93 -6.91 0.51
CA PRO A 118 -9.35 -7.53 1.77
C PRO A 118 -8.19 -8.16 2.59
N PRO A 119 -8.55 -8.76 3.76
CA PRO A 119 -7.61 -9.63 4.48
C PRO A 119 -7.57 -11.02 3.83
N GLY A 120 -6.33 -11.38 3.43
CA GLY A 120 -6.07 -12.68 2.84
C GLY A 120 -6.26 -12.64 1.32
N THR A 121 -5.54 -11.66 0.73
CA THR A 121 -5.54 -11.43 -0.70
C THR A 121 -4.25 -12.01 -1.30
N SER A 122 -4.47 -12.67 -2.46
CA SER A 122 -3.38 -12.97 -3.36
C SER A 122 -2.52 -11.71 -3.66
N PRO A 123 -1.28 -11.94 -4.13
CA PRO A 123 -0.45 -10.83 -4.60
C PRO A 123 -0.78 -10.40 -6.04
N GLU A 124 -1.48 -11.31 -6.75
CA GLU A 124 -1.70 -11.20 -8.20
C GLU A 124 -2.71 -10.09 -8.52
N THR A 125 -3.62 -9.89 -7.54
CA THR A 125 -4.63 -8.83 -7.60
C THR A 125 -4.04 -7.45 -7.50
N THR A 126 -2.99 -7.39 -6.67
CA THR A 126 -2.36 -6.15 -6.32
C THR A 126 -1.41 -5.74 -7.46
N ILE A 127 -0.88 -6.81 -8.08
CA ILE A 127 0.02 -6.71 -9.21
C ILE A 127 -0.75 -6.34 -10.48
N ALA A 128 -1.94 -6.96 -10.59
CA ALA A 128 -2.89 -6.65 -11.65
C ALA A 128 -3.53 -5.30 -11.42
N ASP A 129 -3.65 -4.99 -10.11
CA ASP A 129 -4.07 -3.62 -9.79
C ASP A 129 -3.09 -2.55 -10.36
N MET A 130 -1.79 -2.69 -10.00
CA MET A 130 -0.78 -1.68 -10.36
C MET A 130 -0.47 -1.71 -11.85
N LYS A 131 -0.63 -2.90 -12.45
CA LYS A 131 -0.43 -3.01 -13.89
C LYS A 131 -1.51 -2.19 -14.62
N GLU A 132 -2.77 -2.55 -14.31
CA GLU A 132 -3.90 -1.88 -14.94
C GLU A 132 -3.92 -0.33 -14.74
N VAL A 133 -3.62 0.05 -13.49
CA VAL A 133 -3.58 1.46 -13.08
C VAL A 133 -2.48 2.24 -13.83
N LEU A 134 -1.28 1.63 -13.88
CA LEU A 134 -0.08 2.34 -14.34
C LEU A 134 0.18 2.14 -15.84
N GLY A 135 -0.84 1.58 -16.53
CA GLY A 135 -0.76 1.40 -17.98
C GLY A 135 0.25 0.32 -18.37
N VAL A 136 -0.13 -0.90 -17.96
CA VAL A 136 0.73 -2.08 -18.12
C VAL A 136 -0.19 -3.29 -18.30
N GLU A 137 0.41 -4.31 -18.96
CA GLU A 137 -0.27 -5.57 -19.20
C GLU A 137 -0.14 -6.47 -17.96
N MET A 1 14.17 0.80 -17.24
CA MET A 1 14.45 2.17 -16.82
C MET A 1 13.16 2.88 -16.41
N GLU A 2 12.16 2.74 -17.31
CA GLU A 2 10.86 3.35 -17.14
C GLU A 2 9.94 2.38 -16.39
N LYS A 3 10.02 2.51 -15.04
CA LYS A 3 9.40 1.58 -14.12
C LYS A 3 8.15 2.14 -13.47
N LYS A 4 7.45 1.14 -12.90
CA LYS A 4 6.47 1.38 -11.86
C LYS A 4 7.05 0.77 -10.57
N THR A 5 7.41 1.72 -9.68
CA THR A 5 8.06 1.40 -8.42
C THR A 5 6.96 1.35 -7.34
N ILE A 6 6.82 0.13 -6.80
CA ILE A 6 6.02 -0.24 -5.67
C ILE A 6 6.99 -0.49 -4.52
N VAL A 7 6.47 0.06 -3.43
CA VAL A 7 7.14 0.34 -2.21
C VAL A 7 6.24 -0.27 -1.15
N LEU A 8 6.81 -1.14 -0.29
CA LEU A 8 5.97 -1.69 0.77
C LEU A 8 6.66 -1.61 2.13
N GLY A 9 5.90 -1.05 3.09
CA GLY A 9 6.23 -1.15 4.50
C GLY A 9 5.05 -1.78 5.23
N VAL A 10 5.38 -2.58 6.26
CA VAL A 10 4.33 -3.06 7.14
C VAL A 10 4.33 -2.16 8.36
N ILE A 11 3.16 -1.53 8.54
CA ILE A 11 3.06 -0.41 9.46
C ILE A 11 2.54 -0.92 10.80
N GLY A 12 3.10 -0.27 11.84
CA GLY A 12 2.85 -0.68 13.21
C GLY A 12 4.02 -1.49 13.73
N SER A 13 4.56 -0.97 14.84
CA SER A 13 5.81 -1.48 15.40
C SER A 13 5.64 -2.87 16.04
N ASP A 14 6.81 -3.51 16.17
CA ASP A 14 7.00 -4.84 16.74
C ASP A 14 6.37 -5.94 15.88
N CYS A 15 7.07 -7.09 15.95
CA CYS A 15 6.76 -8.30 15.18
C CYS A 15 7.32 -8.24 13.74
N HIS A 16 7.98 -7.09 13.44
CA HIS A 16 8.84 -6.95 12.27
C HIS A 16 8.07 -7.09 10.94
N ALA A 17 8.42 -8.17 10.21
CA ALA A 17 7.94 -8.38 8.83
C ALA A 17 6.72 -9.31 8.81
N VAL A 18 5.88 -9.16 9.86
CA VAL A 18 4.66 -9.94 9.97
C VAL A 18 3.66 -9.51 8.88
N GLY A 19 3.38 -10.48 7.99
CA GLY A 19 2.55 -10.17 6.82
C GLY A 19 3.26 -9.18 5.89
N ASN A 20 4.54 -9.54 5.62
CA ASN A 20 5.44 -8.71 4.83
C ASN A 20 6.64 -9.58 4.40
N LYS A 21 6.29 -10.84 4.06
CA LYS A 21 7.24 -11.85 3.64
C LYS A 21 6.92 -12.27 2.21
N ILE A 22 5.63 -12.62 2.05
CA ILE A 22 5.05 -12.93 0.75
C ILE A 22 4.18 -11.76 0.22
N LEU A 23 4.59 -10.55 0.67
CA LEU A 23 4.24 -9.33 -0.06
C LEU A 23 5.40 -9.01 -1.04
N ASP A 24 5.85 -10.10 -1.66
CA ASP A 24 6.94 -10.11 -2.63
C ASP A 24 6.94 -11.51 -3.24
N HIS A 25 7.75 -11.65 -4.31
CA HIS A 25 7.79 -12.88 -5.11
C HIS A 25 6.42 -13.17 -5.74
N SER A 26 5.74 -12.03 -6.06
CA SER A 26 4.41 -12.05 -6.62
C SER A 26 4.25 -10.79 -7.45
N PHE A 27 4.52 -9.68 -6.75
CA PHE A 27 4.48 -8.35 -7.34
C PHE A 27 5.64 -8.22 -8.33
N THR A 28 6.81 -8.63 -7.80
CA THR A 28 8.09 -8.48 -8.48
C THR A 28 8.21 -9.54 -9.59
N ASN A 29 7.60 -10.69 -9.22
CA ASN A 29 7.34 -11.80 -10.12
C ASN A 29 6.06 -11.56 -10.96
N ALA A 30 5.67 -10.27 -11.05
CA ALA A 30 4.71 -9.82 -12.07
C ALA A 30 5.37 -8.70 -12.89
N GLY A 31 6.73 -8.74 -12.84
CA GLY A 31 7.57 -7.82 -13.56
C GLY A 31 7.46 -6.38 -13.05
N PHE A 32 7.35 -6.24 -11.69
CA PHE A 32 7.38 -4.88 -11.15
C PHE A 32 8.77 -4.59 -10.60
N ASN A 33 9.04 -3.27 -10.56
CA ASN A 33 10.12 -2.78 -9.73
C ASN A 33 9.54 -2.75 -8.31
N VAL A 34 9.99 -3.74 -7.52
CA VAL A 34 9.43 -3.94 -6.20
C VAL A 34 10.58 -3.86 -5.20
N VAL A 35 10.49 -2.71 -4.48
CA VAL A 35 11.43 -2.33 -3.44
C VAL A 35 10.70 -2.49 -2.10
N ASN A 36 11.21 -3.49 -1.37
CA ASN A 36 10.70 -3.79 -0.04
C ASN A 36 11.46 -2.87 0.92
N ILE A 37 10.71 -1.86 1.41
CA ILE A 37 11.28 -0.92 2.37
C ILE A 37 11.52 -1.63 3.71
N GLY A 38 10.71 -2.71 3.86
CA GLY A 38 10.89 -3.68 4.93
C GLY A 38 9.75 -3.51 5.93
N VAL A 39 10.21 -3.29 7.17
CA VAL A 39 9.35 -3.29 8.33
C VAL A 39 8.97 -1.86 8.70
N LEU A 40 8.00 -1.86 9.64
CA LEU A 40 7.59 -0.76 10.49
C LEU A 40 8.58 0.40 10.59
N SER A 41 7.97 1.57 10.36
CA SER A 41 8.69 2.82 10.39
C SER A 41 7.66 3.93 10.56
N SER A 42 6.78 3.99 9.53
CA SER A 42 5.69 4.95 9.35
C SER A 42 5.67 5.38 7.87
N GLN A 43 4.55 6.05 7.56
CA GLN A 43 4.25 6.65 6.27
C GLN A 43 5.41 7.47 5.72
N GLU A 44 5.97 8.40 6.55
CA GLU A 44 6.97 9.32 6.00
C GLU A 44 8.25 8.61 5.49
N ASP A 45 8.47 7.37 5.99
CA ASP A 45 9.60 6.58 5.54
C ASP A 45 9.25 5.74 4.29
N PHE A 46 7.95 5.36 4.16
CA PHE A 46 7.56 4.59 2.97
C PHE A 46 7.44 5.47 1.74
N ILE A 47 6.90 6.64 2.07
CA ILE A 47 7.05 7.83 1.27
C ILE A 47 8.52 8.09 0.89
N ASN A 48 9.45 7.82 1.84
CA ASN A 48 10.87 8.07 1.59
C ASN A 48 11.43 7.13 0.51
N ALA A 49 10.84 5.92 0.43
CA ALA A 49 11.13 5.05 -0.72
C ALA A 49 10.44 5.57 -1.97
N ALA A 50 9.31 6.26 -1.80
CA ALA A 50 8.83 7.00 -2.97
C ALA A 50 9.70 8.20 -3.36
N ILE A 51 10.36 8.84 -2.37
CA ILE A 51 11.29 9.91 -2.71
C ILE A 51 12.53 9.33 -3.40
N GLU A 52 12.95 8.15 -2.89
CA GLU A 52 14.22 7.57 -3.27
C GLU A 52 14.16 6.92 -4.64
N THR A 53 13.12 6.08 -4.78
CA THR A 53 13.03 5.29 -5.99
C THR A 53 12.11 5.89 -7.06
N LYS A 54 11.11 6.61 -6.53
CA LYS A 54 10.12 7.33 -7.32
C LYS A 54 8.97 6.40 -7.69
N ALA A 55 8.18 6.22 -6.61
CA ALA A 55 7.05 5.31 -6.61
C ALA A 55 5.97 5.79 -7.57
N ASP A 56 5.28 4.79 -8.16
CA ASP A 56 3.92 5.00 -8.65
C ASP A 56 2.92 4.65 -7.54
N LEU A 57 3.31 3.66 -6.72
CA LEU A 57 2.46 3.15 -5.66
C LEU A 57 3.25 2.83 -4.38
N ILE A 58 2.51 3.11 -3.30
CA ILE A 58 2.99 2.93 -1.92
C ILE A 58 1.96 2.05 -1.18
N CYS A 59 2.55 1.04 -0.49
CA CYS A 59 1.83 0.02 0.26
C CYS A 59 2.12 0.14 1.76
N VAL A 60 1.01 -0.10 2.47
CA VAL A 60 0.90 -0.05 3.93
C VAL A 60 0.17 -1.32 4.34
N SER A 61 0.88 -2.10 5.19
CA SER A 61 0.42 -3.44 5.55
C SER A 61 0.09 -3.46 7.05
N SER A 62 -1.23 -3.64 7.31
CA SER A 62 -1.77 -3.47 8.65
C SER A 62 -2.22 -4.83 9.20
N LEU A 63 -1.62 -5.16 10.36
CA LEU A 63 -1.83 -6.45 11.01
C LEU A 63 -2.70 -6.26 12.27
N TYR A 64 -3.52 -5.19 12.25
CA TYR A 64 -4.38 -4.86 13.36
C TYR A 64 -5.61 -4.13 12.83
N GLY A 65 -6.49 -3.78 13.78
CA GLY A 65 -7.61 -2.91 13.46
C GLY A 65 -7.23 -1.44 13.64
N GLN A 66 -5.95 -1.15 13.35
CA GLN A 66 -5.42 0.22 13.44
C GLN A 66 -4.86 0.63 12.06
N GLY A 67 -5.22 -0.18 11.05
CA GLY A 67 -4.72 0.01 9.69
C GLY A 67 -5.44 1.13 8.94
N GLU A 68 -6.63 1.45 9.49
CA GLU A 68 -7.47 2.54 8.99
C GLU A 68 -6.91 3.92 9.39
N ILE A 69 -6.19 3.88 10.52
CA ILE A 69 -5.54 5.06 11.10
C ILE A 69 -4.16 5.26 10.45
N ASP A 70 -3.46 4.11 10.34
CA ASP A 70 -2.06 4.10 9.92
C ASP A 70 -1.89 4.30 8.41
N CYS A 71 -2.91 3.85 7.65
CA CYS A 71 -2.88 4.09 6.21
C CYS A 71 -3.30 5.53 5.88
N LYS A 72 -4.32 5.98 6.66
CA LYS A 72 -4.99 7.26 6.40
C LYS A 72 -4.03 8.44 6.57
N GLY A 73 -3.99 9.23 5.47
CA GLY A 73 -3.13 10.40 5.40
C GLY A 73 -1.72 10.07 4.93
N LEU A 74 -1.55 8.83 4.42
CA LEU A 74 -0.50 8.53 3.46
C LEU A 74 -0.86 9.06 2.09
N ARG A 75 -2.18 9.10 1.84
CA ARG A 75 -2.69 9.83 0.69
C ARG A 75 -2.14 11.27 0.69
N GLU A 76 -2.38 11.91 1.86
CA GLU A 76 -1.96 13.28 2.14
C GLU A 76 -0.53 13.52 2.49
N LYS A 77 0.10 12.50 3.04
CA LYS A 77 1.54 12.50 3.23
C LYS A 77 2.31 12.26 1.95
N CYS A 78 1.68 11.50 1.04
CA CYS A 78 2.22 11.30 -0.30
C CYS A 78 1.98 12.51 -1.18
N ASP A 79 0.82 13.08 -0.87
CA ASP A 79 0.43 14.34 -1.44
C ASP A 79 1.34 15.44 -0.94
N GLU A 80 1.54 15.29 0.37
CA GLU A 80 2.34 16.30 1.08
C GLU A 80 3.84 16.20 0.77
N ALA A 81 4.23 14.95 0.48
CA ALA A 81 5.64 14.67 0.21
C ALA A 81 6.10 15.19 -1.16
N GLY A 82 5.14 15.82 -1.89
CA GLY A 82 5.41 16.33 -3.22
C GLY A 82 5.45 15.17 -4.23
N LEU A 83 4.58 14.19 -3.91
CA LEU A 83 4.56 12.91 -4.60
C LEU A 83 3.09 12.55 -4.88
N LYS A 84 2.37 13.58 -5.37
CA LYS A 84 0.98 13.45 -5.73
C LYS A 84 0.86 12.96 -7.19
N GLY A 85 0.16 11.83 -7.30
CA GLY A 85 0.05 11.14 -8.58
C GLY A 85 0.12 9.64 -8.29
N ILE A 86 0.88 9.38 -7.20
CA ILE A 86 0.92 8.08 -6.59
C ILE A 86 -0.44 7.72 -6.00
N LYS A 87 -0.85 6.54 -6.52
CA LYS A 87 -1.98 5.76 -6.05
C LYS A 87 -1.49 4.83 -4.94
N LEU A 88 -2.40 4.66 -3.97
CA LEU A 88 -2.03 3.99 -2.74
C LEU A 88 -2.91 2.77 -2.53
N PHE A 89 -2.17 1.68 -2.24
CA PHE A 89 -2.76 0.40 -1.90
C PHE A 89 -2.53 0.18 -0.41
N VAL A 90 -3.62 -0.31 0.21
CA VAL A 90 -3.59 -0.65 1.63
C VAL A 90 -4.29 -2.00 1.79
N GLY A 91 -3.53 -2.93 2.39
CA GLY A 91 -4.08 -4.27 2.60
C GLY A 91 -3.71 -4.82 3.98
N GLY A 92 -4.64 -5.70 4.42
CA GLY A 92 -4.54 -6.34 5.73
C GLY A 92 -5.95 -6.53 6.28
N ASN A 93 -5.98 -6.58 7.64
CA ASN A 93 -7.24 -6.58 8.38
C ASN A 93 -7.55 -5.15 8.83
N ILE A 94 -7.69 -4.31 7.79
CA ILE A 94 -7.88 -2.88 7.94
C ILE A 94 -9.36 -2.68 8.26
N VAL A 95 -9.58 -1.57 8.98
CA VAL A 95 -10.83 -1.16 9.56
C VAL A 95 -11.09 -1.88 10.86
N VAL A 96 -12.21 -1.40 11.43
CA VAL A 96 -12.61 -1.71 12.78
C VAL A 96 -13.55 -2.94 12.82
N GLY A 97 -13.42 -3.74 11.75
CA GLY A 97 -14.35 -4.83 11.48
C GLY A 97 -15.78 -4.30 11.25
N LYS A 98 -16.71 -5.28 11.21
CA LYS A 98 -18.15 -5.04 11.12
C LYS A 98 -18.53 -4.22 9.87
N GLN A 99 -17.68 -4.41 8.84
CA GLN A 99 -17.72 -3.64 7.62
C GLN A 99 -17.06 -4.49 6.52
N ASN A 100 -17.96 -5.10 5.71
CA ASN A 100 -17.55 -6.00 4.65
C ASN A 100 -17.48 -5.22 3.32
N TRP A 101 -16.67 -4.14 3.39
CA TRP A 101 -16.33 -3.33 2.21
C TRP A 101 -17.37 -2.32 1.63
N PRO A 102 -18.51 -1.98 2.30
CA PRO A 102 -19.26 -0.79 1.87
C PRO A 102 -18.65 0.50 2.46
N ASP A 103 -18.49 0.43 3.80
CA ASP A 103 -18.08 1.55 4.63
C ASP A 103 -16.56 1.75 4.59
N VAL A 104 -15.85 0.62 4.38
CA VAL A 104 -14.39 0.65 4.42
C VAL A 104 -13.82 1.47 3.26
N GLU A 105 -14.37 1.18 2.06
CA GLU A 105 -13.95 1.93 0.88
C GLU A 105 -14.52 3.36 0.88
N GLN A 106 -15.69 3.50 1.55
CA GLN A 106 -16.28 4.83 1.69
C GLN A 106 -15.35 5.78 2.47
N ARG A 107 -14.77 5.21 3.55
CA ARG A 107 -13.93 5.99 4.46
C ARG A 107 -12.55 6.27 3.84
N PHE A 108 -11.93 5.15 3.41
CA PHE A 108 -10.52 5.16 2.98
C PHE A 108 -10.34 6.03 1.74
N LYS A 109 -11.23 5.73 0.78
CA LYS A 109 -11.23 6.40 -0.52
C LYS A 109 -11.67 7.87 -0.42
N ALA A 110 -12.52 8.18 0.60
CA ALA A 110 -12.87 9.57 0.88
C ALA A 110 -11.63 10.42 1.27
N MET A 111 -10.63 9.73 1.87
CA MET A 111 -9.33 10.38 2.07
C MET A 111 -8.66 10.69 0.71
N GLY A 112 -8.75 9.64 -0.14
CA GLY A 112 -8.31 9.72 -1.53
C GLY A 112 -7.66 8.40 -2.01
N PHE A 113 -7.63 7.40 -1.09
CA PHE A 113 -7.05 6.09 -1.39
C PHE A 113 -7.67 5.47 -2.65
N ASP A 114 -6.77 4.75 -3.36
CA ASP A 114 -7.13 4.18 -4.65
C ASP A 114 -7.98 2.91 -4.43
N ARG A 115 -7.34 1.94 -3.76
CA ARG A 115 -7.93 0.62 -3.54
C ARG A 115 -7.52 0.06 -2.16
N VAL A 116 -8.47 -0.75 -1.64
CA VAL A 116 -8.34 -1.44 -0.35
C VAL A 116 -8.50 -2.96 -0.57
N TYR A 117 -7.46 -3.71 -0.15
CA TYR A 117 -7.57 -5.18 -0.09
C TYR A 117 -8.04 -5.62 1.31
N PRO A 118 -9.24 -6.27 1.40
CA PRO A 118 -9.64 -6.93 2.65
C PRO A 118 -8.64 -8.00 3.14
N PRO A 119 -8.86 -8.51 4.39
CA PRO A 119 -8.00 -9.56 4.91
C PRO A 119 -8.29 -10.91 4.23
N GLY A 120 -7.21 -11.41 3.57
CA GLY A 120 -7.24 -12.69 2.89
C GLY A 120 -7.32 -12.52 1.36
N THR A 121 -6.79 -11.37 0.89
CA THR A 121 -6.69 -11.12 -0.54
C THR A 121 -5.35 -11.67 -1.05
N SER A 122 -5.48 -12.32 -2.21
CA SER A 122 -4.35 -12.75 -3.02
C SER A 122 -3.51 -11.53 -3.44
N PRO A 123 -2.29 -11.79 -3.97
CA PRO A 123 -1.54 -10.76 -4.65
C PRO A 123 -1.94 -10.58 -6.12
N GLU A 124 -2.72 -11.55 -6.66
CA GLU A 124 -3.10 -11.50 -8.08
C GLU A 124 -4.04 -10.32 -8.37
N THR A 125 -4.81 -9.99 -7.31
CA THR A 125 -5.72 -8.86 -7.31
C THR A 125 -5.00 -7.54 -7.29
N THR A 126 -3.88 -7.59 -6.55
CA THR A 126 -3.09 -6.43 -6.22
C THR A 126 -2.20 -6.07 -7.42
N ILE A 127 -1.84 -7.17 -8.12
CA ILE A 127 -1.02 -7.14 -9.33
C ILE A 127 -1.87 -6.65 -10.50
N ALA A 128 -3.11 -7.16 -10.51
CA ALA A 128 -4.11 -6.77 -11.50
C ALA A 128 -4.61 -5.37 -11.19
N ASP A 129 -4.59 -5.09 -9.88
CA ASP A 129 -4.86 -3.71 -9.48
C ASP A 129 -3.85 -2.70 -10.08
N MET A 130 -2.53 -2.96 -9.82
CA MET A 130 -1.47 -2.01 -10.19
C MET A 130 -1.30 -1.92 -11.71
N LYS A 131 -1.60 -3.05 -12.37
CA LYS A 131 -1.54 -3.08 -13.82
C LYS A 131 -2.68 -2.23 -14.41
N GLU A 132 -3.91 -2.62 -14.02
CA GLU A 132 -5.10 -1.92 -14.51
C GLU A 132 -5.10 -0.39 -14.25
N VAL A 133 -4.50 -0.05 -13.10
CA VAL A 133 -4.41 1.34 -12.65
C VAL A 133 -3.34 2.13 -13.44
N LEU A 134 -2.15 1.49 -13.58
CA LEU A 134 -0.97 2.21 -14.07
C LEU A 134 -0.74 2.01 -15.58
N GLY A 135 -1.87 2.02 -16.31
CA GLY A 135 -1.82 2.02 -17.78
C GLY A 135 -1.41 0.66 -18.35
N VAL A 136 -2.04 -0.37 -17.75
CA VAL A 136 -1.77 -1.76 -18.12
C VAL A 136 -3.10 -2.52 -17.92
N GLU A 137 -2.97 -3.85 -17.80
CA GLU A 137 -4.10 -4.69 -17.42
C GLU A 137 -3.58 -6.01 -16.82
N MET A 1 11.52 5.76 -19.64
CA MET A 1 12.78 5.86 -18.93
C MET A 1 12.67 5.32 -17.50
N GLU A 2 11.65 5.88 -16.80
CA GLU A 2 11.37 5.48 -15.43
C GLU A 2 10.60 4.15 -15.42
N LYS A 3 10.74 3.51 -14.24
CA LYS A 3 10.10 2.24 -13.93
C LYS A 3 8.95 2.52 -12.94
N LYS A 4 8.09 1.49 -12.82
CA LYS A 4 7.05 1.52 -11.80
C LYS A 4 7.60 0.79 -10.58
N THR A 5 7.86 1.62 -9.55
CA THR A 5 8.20 1.10 -8.24
C THR A 5 6.91 1.08 -7.40
N ILE A 6 6.79 -0.08 -6.74
CA ILE A 6 5.91 -0.37 -5.66
C ILE A 6 6.84 -0.52 -4.48
N VAL A 7 6.49 0.33 -3.55
CA VAL A 7 7.09 0.49 -2.27
C VAL A 7 6.12 -0.23 -1.35
N LEU A 8 6.62 -1.21 -0.57
CA LEU A 8 5.74 -1.82 0.40
C LEU A 8 6.47 -1.88 1.75
N GLY A 9 5.71 -1.37 2.75
CA GLY A 9 6.09 -1.37 4.16
C GLY A 9 5.01 -2.07 4.98
N VAL A 10 5.42 -2.79 6.05
CA VAL A 10 4.33 -3.39 6.81
C VAL A 10 4.06 -2.47 7.99
N ILE A 11 2.81 -1.98 8.01
CA ILE A 11 2.47 -0.83 8.83
C ILE A 11 1.77 -1.28 10.11
N GLY A 12 2.16 -0.52 11.14
CA GLY A 12 1.63 -0.68 12.48
C GLY A 12 2.77 -0.67 13.49
N SER A 13 3.04 -1.89 13.99
CA SER A 13 4.04 -2.03 15.05
C SER A 13 4.34 -3.53 15.18
N ASP A 14 4.52 -3.95 16.46
CA ASP A 14 4.60 -5.34 16.87
C ASP A 14 5.90 -6.00 16.34
N CYS A 15 6.12 -7.21 16.90
CA CYS A 15 7.14 -8.12 16.41
C CYS A 15 6.45 -9.13 15.47
N HIS A 16 5.72 -8.53 14.51
CA HIS A 16 4.80 -9.28 13.66
C HIS A 16 4.52 -8.43 12.42
N ALA A 17 4.79 -9.06 11.26
CA ALA A 17 4.68 -8.36 9.99
C ALA A 17 4.27 -9.35 8.88
N VAL A 18 2.94 -9.54 8.82
CA VAL A 18 2.32 -10.35 7.77
C VAL A 18 2.29 -9.55 6.46
N GLY A 19 2.63 -10.32 5.41
CA GLY A 19 2.53 -9.84 4.04
C GLY A 19 3.55 -8.75 3.73
N ASN A 20 3.81 -8.65 2.42
CA ASN A 20 4.50 -7.51 1.83
C ASN A 20 5.92 -7.28 2.41
N LYS A 21 6.49 -8.41 2.87
CA LYS A 21 7.84 -8.42 3.45
C LYS A 21 8.22 -9.88 3.73
N ILE A 22 7.19 -10.59 4.26
CA ILE A 22 7.19 -12.05 4.28
C ILE A 22 6.56 -12.60 2.98
N LEU A 23 5.74 -11.72 2.35
CA LEU A 23 5.16 -12.00 1.03
C LEU A 23 5.30 -10.74 0.17
N ASP A 24 6.58 -10.44 -0.11
CA ASP A 24 6.95 -9.40 -1.08
C ASP A 24 7.38 -10.04 -2.41
N HIS A 25 7.84 -11.30 -2.26
CA HIS A 25 8.46 -12.12 -3.30
C HIS A 25 7.66 -12.16 -4.60
N SER A 26 6.32 -12.19 -4.40
CA SER A 26 5.35 -12.25 -5.49
C SER A 26 5.44 -11.04 -6.42
N PHE A 27 5.53 -9.86 -5.76
CA PHE A 27 5.55 -8.60 -6.47
C PHE A 27 6.91 -8.41 -7.17
N THR A 28 7.95 -8.90 -6.47
CA THR A 28 9.32 -8.81 -6.96
C THR A 28 9.50 -9.68 -8.22
N ASN A 29 8.73 -10.80 -8.20
CA ASN A 29 8.65 -11.77 -9.26
C ASN A 29 7.34 -11.59 -10.07
N ALA A 30 6.77 -10.37 -9.96
CA ALA A 30 5.71 -9.95 -10.86
C ALA A 30 6.31 -9.15 -12.03
N GLY A 31 7.67 -9.05 -11.97
CA GLY A 31 8.40 -8.21 -12.89
C GLY A 31 8.28 -6.74 -12.52
N PHE A 32 8.03 -6.47 -11.21
CA PHE A 32 7.93 -5.08 -10.79
C PHE A 32 9.28 -4.68 -10.21
N ASN A 33 9.50 -3.34 -10.24
CA ASN A 33 10.51 -2.78 -9.36
C ASN A 33 9.82 -2.75 -8.00
N VAL A 34 10.38 -3.54 -7.08
CA VAL A 34 9.76 -3.64 -5.77
C VAL A 34 10.82 -3.34 -4.70
N VAL A 35 10.60 -2.15 -4.10
CA VAL A 35 11.41 -1.61 -3.02
C VAL A 35 10.72 -1.98 -1.70
N ASN A 36 11.39 -2.89 -0.96
CA ASN A 36 10.92 -3.23 0.38
C ASN A 36 11.53 -2.26 1.38
N ILE A 37 10.69 -1.26 1.71
CA ILE A 37 10.92 -0.38 2.82
C ILE A 37 10.63 -1.18 4.12
N GLY A 38 9.53 -1.94 4.02
CA GLY A 38 9.35 -3.19 4.75
C GLY A 38 8.69 -3.03 6.13
N VAL A 39 8.79 -1.79 6.68
CA VAL A 39 8.64 -1.56 8.12
C VAL A 39 7.36 -0.85 8.54
N LEU A 40 7.21 -0.88 9.90
CA LEU A 40 6.12 -0.47 10.80
C LEU A 40 5.39 0.83 10.40
N SER A 41 4.76 1.43 11.43
CA SER A 41 4.06 2.71 11.26
C SER A 41 5.06 3.83 10.94
N SER A 42 5.07 4.14 9.62
CA SER A 42 6.06 5.04 9.06
C SER A 42 5.81 5.23 7.55
N GLN A 43 4.63 5.85 7.30
CA GLN A 43 4.22 6.34 5.98
C GLN A 43 5.17 7.39 5.43
N GLU A 44 5.81 8.14 6.37
CA GLU A 44 6.80 9.14 5.97
C GLU A 44 8.01 8.48 5.31
N ASP A 45 8.25 7.22 5.74
CA ASP A 45 9.38 6.45 5.26
C ASP A 45 9.05 5.70 3.95
N PHE A 46 7.74 5.39 3.76
CA PHE A 46 7.31 4.74 2.50
C PHE A 46 7.25 5.72 1.36
N ILE A 47 6.76 6.88 1.79
CA ILE A 47 6.94 8.10 1.04
C ILE A 47 8.42 8.30 0.65
N ASN A 48 9.33 7.98 1.60
CA ASN A 48 10.75 8.24 1.40
C ASN A 48 11.37 7.28 0.37
N ALA A 49 10.78 6.06 0.30
CA ALA A 49 11.03 5.11 -0.78
C ALA A 49 10.41 5.57 -2.07
N ALA A 50 9.30 6.33 -2.01
CA ALA A 50 8.80 6.94 -3.24
C ALA A 50 9.65 8.15 -3.69
N ILE A 51 10.24 8.86 -2.71
CA ILE A 51 11.19 9.90 -3.04
C ILE A 51 12.46 9.25 -3.64
N GLU A 52 12.78 8.06 -3.07
CA GLU A 52 14.03 7.41 -3.41
C GLU A 52 14.00 6.85 -4.82
N THR A 53 12.90 6.10 -5.01
CA THR A 53 12.82 5.27 -6.21
C THR A 53 12.15 6.01 -7.38
N LYS A 54 11.10 6.74 -6.96
CA LYS A 54 10.05 7.33 -7.80
C LYS A 54 8.95 6.28 -8.01
N ALA A 55 8.13 6.17 -6.93
CA ALA A 55 7.01 5.24 -6.87
C ALA A 55 5.93 5.63 -7.89
N ASP A 56 5.35 4.58 -8.51
CA ASP A 56 4.02 4.70 -9.08
C ASP A 56 2.96 4.31 -8.04
N LEU A 57 3.36 3.39 -7.13
CA LEU A 57 2.50 2.95 -6.04
C LEU A 57 3.24 2.77 -4.71
N ILE A 58 2.45 3.11 -3.68
CA ILE A 58 2.86 2.99 -2.27
C ILE A 58 1.82 2.11 -1.56
N CYS A 59 2.41 1.06 -0.95
CA CYS A 59 1.71 -0.02 -0.27
C CYS A 59 2.02 0.00 1.24
N VAL A 60 0.91 -0.21 1.95
CA VAL A 60 0.78 -0.30 3.40
C VAL A 60 0.08 -1.64 3.69
N SER A 61 0.79 -2.48 4.49
CA SER A 61 0.36 -3.85 4.78
C SER A 61 0.05 -3.95 6.29
N SER A 62 -1.25 -4.14 6.59
CA SER A 62 -1.80 -3.73 7.89
C SER A 62 -2.13 -4.96 8.75
N LEU A 63 -1.73 -4.83 10.04
CA LEU A 63 -2.03 -5.87 11.02
C LEU A 63 -1.70 -5.41 12.45
N TYR A 64 -2.56 -4.48 12.92
CA TYR A 64 -2.53 -4.12 14.33
C TYR A 64 -3.89 -3.54 14.79
N GLY A 65 -4.93 -3.88 13.98
CA GLY A 65 -6.32 -3.55 14.31
C GLY A 65 -6.63 -2.05 14.30
N GLN A 66 -5.73 -1.30 13.62
CA GLN A 66 -5.74 0.16 13.65
C GLN A 66 -5.21 0.66 12.29
N GLY A 67 -5.70 -0.05 11.26
CA GLY A 67 -5.24 0.16 9.89
C GLY A 67 -5.73 1.48 9.29
N GLU A 68 -6.79 2.02 9.93
CA GLU A 68 -7.31 3.33 9.55
C GLU A 68 -6.45 4.45 10.15
N ILE A 69 -5.88 4.10 11.33
CA ILE A 69 -5.20 5.06 12.17
C ILE A 69 -3.88 5.50 11.51
N ASP A 70 -3.14 4.51 10.98
CA ASP A 70 -1.97 4.91 10.19
C ASP A 70 -2.39 5.40 8.80
N CYS A 71 -3.10 4.48 8.10
CA CYS A 71 -3.01 4.49 6.65
C CYS A 71 -3.73 5.69 6.01
N LYS A 72 -4.89 6.04 6.59
CA LYS A 72 -5.72 7.08 5.99
C LYS A 72 -5.03 8.45 6.03
N GLY A 73 -4.79 8.93 4.79
CA GLY A 73 -4.07 10.17 4.51
C GLY A 73 -2.65 9.90 4.05
N LEU A 74 -2.41 8.67 3.56
CA LEU A 74 -1.24 8.38 2.73
C LEU A 74 -1.43 8.91 1.32
N ARG A 75 -2.71 9.01 0.90
CA ARG A 75 -3.00 9.73 -0.33
C ARG A 75 -2.46 11.15 -0.23
N GLU A 76 -2.90 11.81 0.85
CA GLU A 76 -2.55 13.20 1.15
C GLU A 76 -1.21 13.45 1.70
N LYS A 77 -0.67 12.44 2.36
CA LYS A 77 0.73 12.45 2.76
C LYS A 77 1.69 12.17 1.61
N CYS A 78 1.18 11.39 0.63
CA CYS A 78 1.95 11.15 -0.58
C CYS A 78 1.88 12.34 -1.52
N ASP A 79 0.69 12.94 -1.42
CA ASP A 79 0.42 14.19 -2.10
C ASP A 79 1.14 15.32 -1.42
N GLU A 80 1.21 15.15 -0.08
CA GLU A 80 1.95 16.16 0.70
C GLU A 80 3.46 16.05 0.51
N ALA A 81 3.84 14.78 0.24
CA ALA A 81 5.25 14.47 0.07
C ALA A 81 5.81 14.97 -1.27
N GLY A 82 4.92 15.64 -2.04
CA GLY A 82 5.31 16.18 -3.34
C GLY A 82 5.39 15.05 -4.37
N LEU A 83 4.46 14.09 -4.16
CA LEU A 83 4.46 12.83 -4.89
C LEU A 83 3.02 12.45 -5.21
N LYS A 84 2.27 13.49 -5.65
CA LYS A 84 0.95 13.27 -6.20
C LYS A 84 1.08 12.83 -7.67
N GLY A 85 0.70 11.55 -7.85
CA GLY A 85 0.92 10.87 -9.11
C GLY A 85 0.95 9.37 -8.84
N ILE A 86 1.40 9.09 -7.59
CA ILE A 86 1.26 7.79 -6.96
C ILE A 86 -0.24 7.49 -6.73
N LYS A 87 -0.57 6.29 -7.23
CA LYS A 87 -1.76 5.51 -6.89
C LYS A 87 -1.41 4.65 -5.66
N LEU A 88 -2.43 4.45 -4.80
CA LEU A 88 -2.16 3.82 -3.50
C LEU A 88 -3.04 2.59 -3.27
N PHE A 89 -2.31 1.55 -2.81
CA PHE A 89 -2.95 0.34 -2.30
C PHE A 89 -2.78 0.32 -0.78
N VAL A 90 -3.94 0.11 -0.12
CA VAL A 90 -3.96 -0.23 1.29
C VAL A 90 -4.51 -1.65 1.41
N GLY A 91 -3.66 -2.46 2.06
CA GLY A 91 -3.85 -3.90 2.15
C GLY A 91 -3.62 -4.33 3.59
N GLY A 92 -4.29 -5.42 3.94
CA GLY A 92 -4.17 -6.02 5.26
C GLY A 92 -5.55 -6.37 5.78
N ASN A 93 -5.66 -6.20 7.11
CA ASN A 93 -6.94 -6.33 7.78
C ASN A 93 -7.78 -5.07 7.60
N ILE A 94 -7.01 -3.95 7.60
CA ILE A 94 -7.47 -2.58 7.43
C ILE A 94 -8.69 -2.25 8.29
N VAL A 95 -8.60 -2.83 9.52
CA VAL A 95 -9.50 -2.63 10.63
C VAL A 95 -10.88 -3.03 10.19
N VAL A 96 -11.82 -2.34 10.84
CA VAL A 96 -13.10 -2.10 10.26
C VAL A 96 -13.36 -0.59 10.40
N GLY A 97 -13.49 0.01 9.21
CA GLY A 97 -13.83 1.42 9.08
C GLY A 97 -15.35 1.58 8.98
N LYS A 98 -15.98 1.15 10.10
CA LYS A 98 -17.43 1.09 10.25
C LYS A 98 -18.01 -0.07 9.41
N GLN A 99 -18.70 -0.97 10.15
CA GLN A 99 -19.48 -2.05 9.56
C GLN A 99 -18.57 -3.17 8.98
N ASN A 100 -18.43 -3.09 7.65
CA ASN A 100 -17.79 -4.09 6.82
C ASN A 100 -17.78 -3.54 5.39
N TRP A 101 -16.71 -3.94 4.67
CA TRP A 101 -16.49 -3.81 3.23
C TRP A 101 -17.23 -2.70 2.44
N PRO A 102 -18.55 -2.84 2.13
CA PRO A 102 -19.25 -1.75 1.45
C PRO A 102 -19.05 -0.34 2.06
N ASP A 103 -19.14 -0.33 3.41
CA ASP A 103 -18.95 0.87 4.22
C ASP A 103 -17.46 1.20 4.43
N VAL A 104 -16.67 0.13 4.65
CA VAL A 104 -15.26 0.30 5.04
C VAL A 104 -14.46 0.86 3.87
N GLU A 105 -14.60 0.19 2.71
CA GLU A 105 -14.00 0.64 1.46
C GLU A 105 -14.53 2.02 1.02
N GLN A 106 -15.82 2.28 1.33
CA GLN A 106 -16.36 3.60 1.04
C GLN A 106 -15.59 4.71 1.80
N ARG A 107 -15.21 4.37 3.05
CA ARG A 107 -14.54 5.33 3.92
C ARG A 107 -13.05 5.50 3.56
N PHE A 108 -12.41 4.34 3.28
CA PHE A 108 -10.98 4.26 3.00
C PHE A 108 -10.64 4.91 1.66
N LYS A 109 -11.36 4.42 0.65
CA LYS A 109 -11.10 4.84 -0.71
C LYS A 109 -11.53 6.30 -0.99
N ALA A 110 -12.60 6.72 -0.27
CA ALA A 110 -13.10 8.08 -0.47
C ALA A 110 -12.16 9.14 0.14
N MET A 111 -11.43 8.71 1.20
CA MET A 111 -10.43 9.62 1.78
C MET A 111 -9.28 9.86 0.79
N GLY A 112 -8.99 8.79 0.00
CA GLY A 112 -7.98 8.94 -1.03
C GLY A 112 -7.66 7.64 -1.75
N PHE A 113 -7.63 6.52 -0.97
CA PHE A 113 -7.05 5.28 -1.46
C PHE A 113 -7.76 4.76 -2.73
N ASP A 114 -6.91 4.14 -3.57
CA ASP A 114 -7.39 3.56 -4.82
C ASP A 114 -8.15 2.26 -4.54
N ARG A 115 -7.48 1.40 -3.72
CA ARG A 115 -7.90 0.00 -3.60
C ARG A 115 -7.68 -0.51 -2.17
N VAL A 116 -8.58 -1.45 -1.80
CA VAL A 116 -8.57 -2.11 -0.50
C VAL A 116 -8.47 -3.65 -0.68
N TYR A 117 -7.33 -4.23 -0.24
CA TYR A 117 -7.23 -5.69 -0.12
C TYR A 117 -7.69 -6.15 1.28
N PRO A 118 -8.79 -6.96 1.37
CA PRO A 118 -9.17 -7.64 2.61
C PRO A 118 -8.11 -8.58 3.24
N PRO A 119 -8.46 -9.15 4.43
CA PRO A 119 -7.56 -10.10 5.11
C PRO A 119 -7.26 -11.37 4.27
N GLY A 120 -5.94 -11.53 4.02
CA GLY A 120 -5.45 -12.75 3.37
C GLY A 120 -5.79 -12.81 1.88
N THR A 121 -5.58 -11.64 1.23
CA THR A 121 -5.70 -11.55 -0.22
C THR A 121 -4.40 -12.05 -0.85
N SER A 122 -4.63 -12.85 -1.91
CA SER A 122 -3.56 -13.28 -2.79
C SER A 122 -2.80 -12.06 -3.33
N PRO A 123 -1.55 -12.30 -3.81
CA PRO A 123 -0.81 -11.26 -4.50
C PRO A 123 -1.18 -11.13 -5.98
N GLU A 124 -1.93 -12.14 -6.50
CA GLU A 124 -2.27 -12.17 -7.92
C GLU A 124 -3.28 -11.05 -8.25
N THR A 125 -4.08 -10.74 -7.22
CA THR A 125 -5.02 -9.65 -7.23
C THR A 125 -4.35 -8.31 -7.22
N THR A 126 -3.26 -8.28 -6.46
CA THR A 126 -2.61 -7.03 -6.14
C THR A 126 -1.74 -6.60 -7.33
N ILE A 127 -1.22 -7.67 -7.99
CA ILE A 127 -0.35 -7.59 -9.15
C ILE A 127 -1.18 -7.23 -10.39
N ALA A 128 -2.36 -7.87 -10.46
CA ALA A 128 -3.33 -7.61 -11.51
C ALA A 128 -4.02 -6.28 -11.28
N ASP A 129 -4.12 -5.97 -9.98
CA ASP A 129 -4.60 -4.63 -9.63
C ASP A 129 -3.60 -3.51 -10.07
N MET A 130 -2.29 -3.65 -9.78
CA MET A 130 -1.33 -2.60 -10.20
C MET A 130 -1.14 -2.54 -11.71
N LYS A 131 -1.33 -3.72 -12.35
CA LYS A 131 -1.24 -3.76 -13.80
C LYS A 131 -2.42 -2.98 -14.40
N GLU A 132 -3.63 -3.44 -14.03
CA GLU A 132 -4.85 -2.83 -14.56
C GLU A 132 -4.99 -1.31 -14.27
N VAL A 133 -4.56 -0.94 -13.06
CA VAL A 133 -4.61 0.46 -12.60
C VAL A 133 -3.65 1.36 -13.39
N LEU A 134 -2.40 0.86 -13.55
CA LEU A 134 -1.33 1.73 -14.04
C LEU A 134 -1.22 1.71 -15.58
N GLY A 135 -2.17 0.97 -16.21
CA GLY A 135 -2.24 0.94 -17.67
C GLY A 135 -1.36 -0.18 -18.23
N VAL A 136 -1.74 -1.40 -17.81
CA VAL A 136 -1.01 -2.61 -18.12
C VAL A 136 -2.02 -3.77 -18.15
N GLU A 137 -1.60 -4.83 -18.88
CA GLU A 137 -2.37 -6.06 -18.95
C GLU A 137 -2.00 -6.95 -17.75
N MET A 1 13.50 1.06 -20.93
CA MET A 1 12.31 0.64 -20.20
C MET A 1 12.12 1.50 -18.94
N GLU A 2 11.15 2.44 -19.07
CA GLU A 2 10.74 3.27 -17.95
C GLU A 2 9.82 2.47 -17.02
N LYS A 3 10.29 2.38 -15.76
CA LYS A 3 9.64 1.56 -14.74
C LYS A 3 8.89 2.43 -13.74
N LYS A 4 8.05 1.67 -13.03
CA LYS A 4 7.16 2.21 -12.00
C LYS A 4 7.60 1.64 -10.65
N THR A 5 7.63 2.60 -9.71
CA THR A 5 8.04 2.36 -8.33
C THR A 5 6.76 2.28 -7.47
N ILE A 6 6.70 1.11 -6.80
CA ILE A 6 5.82 0.69 -5.77
C ILE A 6 6.73 0.34 -4.61
N VAL A 7 6.11 0.62 -3.48
CA VAL A 7 6.66 0.53 -2.18
C VAL A 7 5.63 -0.27 -1.41
N LEU A 8 6.08 -1.32 -0.67
CA LEU A 8 5.16 -1.90 0.30
C LEU A 8 5.85 -2.07 1.65
N GLY A 9 5.12 -1.53 2.64
CA GLY A 9 5.44 -1.63 4.06
C GLY A 9 4.27 -2.25 4.80
N VAL A 10 4.61 -3.03 5.84
CA VAL A 10 3.55 -3.45 6.74
C VAL A 10 3.60 -2.49 7.92
N ILE A 11 2.46 -1.80 8.11
CA ILE A 11 2.41 -0.66 9.03
C ILE A 11 1.59 -1.03 10.27
N GLY A 12 2.17 -0.61 11.41
CA GLY A 12 1.58 -0.96 12.71
C GLY A 12 1.75 -2.46 12.94
N SER A 13 3.04 -2.81 13.02
CA SER A 13 3.48 -4.16 12.75
C SER A 13 4.81 -4.41 13.46
N ASP A 14 4.80 -3.98 14.74
CA ASP A 14 5.97 -3.99 15.60
C ASP A 14 6.26 -5.42 16.08
N CYS A 15 6.94 -6.12 15.16
CA CYS A 15 7.28 -7.53 15.27
C CYS A 15 7.97 -7.92 13.97
N HIS A 16 7.13 -7.92 12.90
CA HIS A 16 7.58 -8.29 11.57
C HIS A 16 6.42 -8.05 10.59
N ALA A 17 6.75 -8.24 9.29
CA ALA A 17 5.80 -8.22 8.19
C ALA A 17 5.11 -9.60 8.11
N VAL A 18 4.16 -9.78 9.05
CA VAL A 18 3.57 -11.11 9.25
C VAL A 18 2.62 -11.44 8.08
N GLY A 19 3.07 -12.48 7.33
CA GLY A 19 2.32 -12.98 6.17
C GLY A 19 2.84 -12.33 4.87
N ASN A 20 2.98 -10.99 4.96
CA ASN A 20 3.46 -10.17 3.86
C ASN A 20 4.93 -10.47 3.49
N LYS A 21 5.63 -11.06 4.49
CA LYS A 21 7.04 -11.46 4.37
C LYS A 21 7.23 -12.50 3.25
N ILE A 22 6.25 -13.44 3.21
CA ILE A 22 6.20 -14.46 2.18
C ILE A 22 5.80 -13.81 0.85
N LEU A 23 4.91 -12.81 1.01
CA LEU A 23 4.23 -12.23 -0.13
C LEU A 23 5.12 -11.29 -0.96
N ASP A 24 6.28 -10.95 -0.34
CA ASP A 24 7.31 -10.22 -1.06
C ASP A 24 7.94 -11.19 -2.08
N HIS A 25 8.31 -10.58 -3.22
CA HIS A 25 8.75 -11.33 -4.39
C HIS A 25 7.55 -12.00 -5.07
N SER A 26 6.47 -11.19 -5.09
CA SER A 26 5.32 -11.36 -5.96
C SER A 26 5.15 -10.06 -6.74
N PHE A 27 5.20 -8.97 -5.92
CA PHE A 27 5.17 -7.60 -6.44
C PHE A 27 6.52 -7.26 -7.06
N THR A 28 7.57 -7.70 -6.32
CA THR A 28 8.95 -7.60 -6.77
C THR A 28 9.15 -8.48 -8.02
N ASN A 29 8.47 -9.64 -7.98
CA ASN A 29 8.46 -10.62 -9.05
C ASN A 29 7.34 -10.35 -10.08
N ALA A 30 6.82 -9.10 -10.07
CA ALA A 30 5.81 -8.69 -11.05
C ALA A 30 6.49 -7.97 -12.23
N GLY A 31 7.84 -7.94 -12.16
CA GLY A 31 8.62 -7.14 -13.09
C GLY A 31 8.53 -5.66 -12.75
N PHE A 32 8.22 -5.38 -11.45
CA PHE A 32 8.13 -4.01 -11.00
C PHE A 32 9.42 -3.66 -10.28
N ASN A 33 9.72 -2.34 -10.32
CA ASN A 33 10.74 -1.83 -9.42
C ASN A 33 10.07 -1.69 -8.06
N VAL A 34 10.42 -2.66 -7.18
CA VAL A 34 9.77 -2.73 -5.88
C VAL A 34 10.80 -2.75 -4.77
N VAL A 35 10.72 -1.63 -4.02
CA VAL A 35 11.36 -1.50 -2.73
C VAL A 35 10.35 -1.95 -1.66
N ASN A 36 10.72 -3.10 -1.07
CA ASN A 36 9.97 -3.59 0.08
C ASN A 36 10.59 -2.93 1.33
N ILE A 37 9.91 -1.84 1.76
CA ILE A 37 10.26 -1.10 2.96
C ILE A 37 9.98 -1.98 4.20
N GLY A 38 9.06 -2.94 3.98
CA GLY A 38 9.08 -4.18 4.73
C GLY A 38 8.15 -4.14 5.93
N VAL A 39 8.74 -3.63 7.03
CA VAL A 39 8.10 -3.58 8.34
C VAL A 39 7.76 -2.14 8.69
N LEU A 40 6.99 -2.09 9.79
CA LEU A 40 6.42 -0.88 10.35
C LEU A 40 7.43 0.24 10.50
N SER A 41 6.88 1.44 10.26
CA SER A 41 7.70 2.63 10.36
C SER A 41 6.78 3.83 10.61
N SER A 42 6.16 4.31 9.52
CA SER A 42 5.28 5.48 9.53
C SER A 42 4.97 5.85 8.08
N GLN A 43 3.82 6.54 7.88
CA GLN A 43 3.47 7.14 6.60
C GLN A 43 4.62 7.94 6.02
N GLU A 44 5.16 8.91 6.80
CA GLU A 44 6.22 9.78 6.28
C GLU A 44 7.50 8.99 5.88
N ASP A 45 7.58 7.74 6.38
CA ASP A 45 8.75 6.90 6.13
C ASP A 45 8.55 6.04 4.86
N PHE A 46 7.28 5.66 4.60
CA PHE A 46 6.93 4.91 3.40
C PHE A 46 6.90 5.79 2.18
N ILE A 47 6.34 6.95 2.48
CA ILE A 47 6.55 8.15 1.70
C ILE A 47 8.05 8.41 1.43
N ASN A 48 8.91 8.11 2.43
CA ASN A 48 10.34 8.37 2.24
C ASN A 48 10.94 7.41 1.19
N ALA A 49 10.32 6.21 1.09
CA ALA A 49 10.56 5.38 -0.10
C ALA A 49 10.09 6.13 -1.35
N ALA A 50 8.86 6.66 -1.32
CA ALA A 50 8.41 7.44 -2.48
C ALA A 50 9.29 8.67 -2.82
N ILE A 51 9.93 9.27 -1.79
CA ILE A 51 10.86 10.35 -2.07
C ILE A 51 12.13 9.79 -2.74
N GLU A 52 12.50 8.58 -2.28
CA GLU A 52 13.75 7.97 -2.66
C GLU A 52 13.76 7.45 -4.10
N THR A 53 12.71 6.67 -4.40
CA THR A 53 12.63 5.92 -5.60
C THR A 53 11.66 6.53 -6.63
N LYS A 54 10.70 7.29 -6.07
CA LYS A 54 9.71 8.06 -6.82
C LYS A 54 8.49 7.20 -7.14
N ALA A 55 7.88 6.80 -6.00
CA ALA A 55 6.77 5.87 -6.02
C ALA A 55 5.46 6.61 -6.24
N ASP A 56 4.78 6.18 -7.32
CA ASP A 56 3.43 6.61 -7.69
C ASP A 56 2.41 5.75 -6.91
N LEU A 57 2.90 4.62 -6.35
CA LEU A 57 2.07 3.90 -5.40
C LEU A 57 2.88 3.44 -4.17
N ILE A 58 2.08 3.53 -3.09
CA ILE A 58 2.51 3.23 -1.73
C ILE A 58 1.46 2.30 -1.09
N CYS A 59 1.97 1.12 -0.69
CA CYS A 59 1.19 0.12 0.01
C CYS A 59 1.56 0.13 1.51
N VAL A 60 0.47 -0.05 2.28
CA VAL A 60 0.48 -0.09 3.73
C VAL A 60 -0.38 -1.30 4.10
N SER A 61 0.27 -2.22 4.84
CA SER A 61 -0.33 -3.51 5.17
C SER A 61 -0.52 -3.59 6.68
N SER A 62 -1.80 -3.61 7.09
CA SER A 62 -2.10 -3.57 8.52
C SER A 62 -2.43 -5.01 8.98
N LEU A 63 -1.69 -5.43 10.02
CA LEU A 63 -1.80 -6.80 10.52
C LEU A 63 -3.06 -6.98 11.36
N TYR A 64 -3.31 -5.91 12.17
CA TYR A 64 -4.60 -5.70 12.81
C TYR A 64 -5.41 -4.88 11.78
N GLY A 65 -6.60 -4.40 12.20
CA GLY A 65 -7.27 -3.32 11.49
C GLY A 65 -6.65 -1.95 11.83
N GLN A 66 -5.30 -1.92 11.73
CA GLN A 66 -4.46 -0.84 12.24
C GLN A 66 -4.41 0.34 11.24
N GLY A 67 -5.14 0.14 10.13
CA GLY A 67 -5.13 1.00 8.96
C GLY A 67 -5.98 2.26 9.11
N GLU A 68 -6.91 2.23 10.09
CA GLU A 68 -7.69 3.45 10.33
C GLU A 68 -6.78 4.56 10.89
N ILE A 69 -5.78 4.07 11.63
CA ILE A 69 -4.80 4.92 12.29
C ILE A 69 -3.57 5.15 11.39
N ASP A 70 -3.12 4.04 10.79
CA ASP A 70 -1.88 4.04 10.02
C ASP A 70 -2.04 4.67 8.64
N CYS A 71 -3.01 4.08 7.92
CA CYS A 71 -3.09 4.27 6.48
C CYS A 71 -3.71 5.63 6.12
N LYS A 72 -4.70 6.01 6.96
CA LYS A 72 -5.59 7.13 6.67
C LYS A 72 -4.81 8.47 6.58
N GLY A 73 -4.89 9.03 5.36
CA GLY A 73 -4.22 10.28 5.01
C GLY A 73 -2.76 10.08 4.68
N LEU A 74 -2.46 8.91 4.10
CA LEU A 74 -1.21 8.68 3.38
C LEU A 74 -1.19 9.33 2.01
N ARG A 75 -2.39 9.50 1.40
CA ARG A 75 -2.38 10.22 0.13
C ARG A 75 -2.13 11.71 0.39
N GLU A 76 -2.74 12.17 1.50
CA GLU A 76 -2.53 13.51 2.04
C GLU A 76 -1.27 13.77 2.80
N LYS A 77 -0.74 12.70 3.38
CA LYS A 77 0.60 12.74 3.91
C LYS A 77 1.65 12.66 2.82
N CYS A 78 1.30 11.99 1.71
CA CYS A 78 2.24 11.93 0.59
C CYS A 78 2.22 13.24 -0.16
N ASP A 79 0.96 13.64 -0.31
CA ASP A 79 0.64 14.91 -0.93
C ASP A 79 1.21 16.03 -0.07
N GLU A 80 1.10 15.76 1.26
CA GLU A 80 1.70 16.74 2.20
C GLU A 80 3.23 16.69 2.23
N ALA A 81 3.73 15.47 1.97
CA ALA A 81 5.17 15.22 2.01
C ALA A 81 5.92 15.82 0.80
N GLY A 82 5.14 16.47 -0.09
CA GLY A 82 5.73 17.03 -1.30
C GLY A 82 5.93 15.94 -2.37
N LEU A 83 4.91 15.05 -2.37
CA LEU A 83 4.75 14.02 -3.39
C LEU A 83 3.36 14.25 -4.00
N LYS A 84 2.94 13.19 -4.72
CA LYS A 84 1.71 13.19 -5.48
C LYS A 84 0.45 13.15 -4.61
N GLY A 85 -0.62 12.99 -5.41
CA GLY A 85 -1.90 12.49 -4.98
C GLY A 85 -1.82 11.02 -5.39
N ILE A 86 -0.66 10.50 -4.93
CA ILE A 86 -0.06 9.27 -5.28
C ILE A 86 -1.00 8.17 -4.83
N LYS A 87 -1.04 7.20 -5.73
CA LYS A 87 -2.13 6.24 -5.79
C LYS A 87 -1.82 5.08 -4.85
N LEU A 88 -2.70 4.96 -3.85
CA LEU A 88 -2.33 4.15 -2.69
C LEU A 88 -3.17 2.88 -2.63
N PHE A 89 -2.40 1.84 -2.25
CA PHE A 89 -2.98 0.54 -1.95
C PHE A 89 -2.92 0.36 -0.43
N VAL A 90 -3.95 -0.32 0.10
CA VAL A 90 -3.94 -0.74 1.50
C VAL A 90 -4.45 -2.19 1.57
N GLY A 91 -3.60 -3.05 2.16
CA GLY A 91 -3.76 -4.49 2.02
C GLY A 91 -3.97 -5.21 3.35
N GLY A 92 -4.70 -6.33 3.18
CA GLY A 92 -4.96 -7.27 4.25
C GLY A 92 -6.13 -6.78 5.12
N ASN A 93 -5.87 -6.90 6.45
CA ASN A 93 -6.70 -6.19 7.42
C ASN A 93 -6.29 -4.72 7.37
N ILE A 94 -7.30 -3.86 7.59
CA ILE A 94 -7.11 -2.41 7.48
C ILE A 94 -8.04 -1.70 8.48
N VAL A 95 -9.25 -2.29 8.62
CA VAL A 95 -10.31 -1.75 9.44
C VAL A 95 -10.58 -2.70 10.58
N VAL A 96 -11.26 -2.06 11.53
CA VAL A 96 -11.73 -2.67 12.75
C VAL A 96 -13.18 -3.13 12.54
N GLY A 97 -13.31 -3.95 11.49
CA GLY A 97 -14.62 -4.32 10.99
C GLY A 97 -15.29 -3.10 10.33
N LYS A 98 -16.04 -2.37 11.19
CA LYS A 98 -16.82 -1.20 10.81
C LYS A 98 -17.68 -1.51 9.58
N GLN A 99 -18.39 -2.65 9.79
CA GLN A 99 -19.13 -3.35 8.74
C GLN A 99 -18.11 -4.12 7.88
N ASN A 100 -18.27 -3.98 6.54
CA ASN A 100 -17.42 -4.66 5.58
C ASN A 100 -17.41 -3.85 4.29
N TRP A 101 -16.27 -4.05 3.58
CA TRP A 101 -15.96 -3.78 2.18
C TRP A 101 -16.79 -2.74 1.40
N PRO A 102 -18.10 -2.97 1.13
CA PRO A 102 -18.93 -1.88 0.61
C PRO A 102 -18.81 -0.53 1.36
N ASP A 103 -18.96 -0.65 2.70
CA ASP A 103 -18.85 0.49 3.62
C ASP A 103 -17.38 0.84 3.93
N VAL A 104 -16.52 -0.21 4.01
CA VAL A 104 -15.14 0.02 4.47
C VAL A 104 -14.35 0.77 3.39
N GLU A 105 -14.54 0.32 2.14
CA GLU A 105 -13.89 0.94 0.99
C GLU A 105 -14.51 2.32 0.70
N GLN A 106 -15.81 2.48 1.05
CA GLN A 106 -16.43 3.79 0.95
C GLN A 106 -15.66 4.82 1.81
N ARG A 107 -15.31 4.36 3.02
CA ARG A 107 -14.64 5.21 4.01
C ARG A 107 -13.17 5.49 3.64
N PHE A 108 -12.47 4.37 3.32
CA PHE A 108 -11.02 4.38 3.13
C PHE A 108 -10.64 5.08 1.83
N LYS A 109 -11.38 4.70 0.78
CA LYS A 109 -11.08 5.18 -0.56
C LYS A 109 -11.54 6.64 -0.77
N ALA A 110 -12.61 7.02 -0.01
CA ALA A 110 -13.06 8.41 -0.05
C ALA A 110 -12.05 9.35 0.61
N MET A 111 -11.30 8.76 1.57
CA MET A 111 -10.20 9.49 2.20
C MET A 111 -9.12 9.83 1.16
N GLY A 112 -8.82 8.81 0.32
CA GLY A 112 -7.84 9.03 -0.73
C GLY A 112 -7.29 7.74 -1.36
N PHE A 113 -7.59 6.59 -0.72
CA PHE A 113 -7.03 5.33 -1.23
C PHE A 113 -7.64 4.96 -2.59
N ASP A 114 -6.70 4.55 -3.47
CA ASP A 114 -7.01 4.19 -4.84
C ASP A 114 -7.83 2.88 -4.86
N ARG A 115 -7.21 1.85 -4.25
CA ARG A 115 -7.80 0.52 -4.17
C ARG A 115 -7.42 -0.15 -2.82
N VAL A 116 -8.30 -1.09 -2.44
CA VAL A 116 -8.18 -1.86 -1.20
C VAL A 116 -8.16 -3.38 -1.52
N TYR A 117 -7.26 -4.10 -0.80
CA TYR A 117 -7.33 -5.57 -0.71
C TYR A 117 -7.83 -5.98 0.68
N PRO A 118 -8.91 -6.82 0.73
CA PRO A 118 -9.31 -7.49 1.98
C PRO A 118 -8.22 -8.43 2.55
N PRO A 119 -8.51 -9.03 3.75
CA PRO A 119 -7.64 -10.04 4.31
C PRO A 119 -7.82 -11.39 3.59
N GLY A 120 -6.68 -11.82 2.99
CA GLY A 120 -6.63 -13.10 2.29
C GLY A 120 -6.76 -12.91 0.77
N THR A 121 -6.08 -11.85 0.29
CA THR A 121 -6.05 -11.53 -1.13
C THR A 121 -4.72 -11.98 -1.73
N SER A 122 -4.89 -12.57 -2.93
CA SER A 122 -3.78 -12.90 -3.78
C SER A 122 -2.99 -11.62 -4.16
N PRO A 123 -1.72 -11.81 -4.59
CA PRO A 123 -0.97 -10.71 -5.17
C PRO A 123 -1.24 -10.45 -6.65
N GLU A 124 -1.91 -11.42 -7.33
CA GLU A 124 -2.22 -11.20 -8.75
C GLU A 124 -3.19 -10.01 -8.93
N THR A 125 -4.01 -9.84 -7.88
CA THR A 125 -4.96 -8.75 -7.78
C THR A 125 -4.29 -7.41 -7.65
N THR A 126 -3.21 -7.42 -6.88
CA THR A 126 -2.50 -6.23 -6.46
C THR A 126 -1.59 -5.74 -7.59
N ILE A 127 -1.09 -6.79 -8.28
CA ILE A 127 -0.19 -6.64 -9.40
C ILE A 127 -0.97 -6.18 -10.64
N ALA A 128 -2.17 -6.77 -10.76
CA ALA A 128 -3.13 -6.40 -11.80
C ALA A 128 -3.75 -5.07 -11.47
N ASP A 129 -3.84 -4.84 -10.15
CA ASP A 129 -4.26 -3.51 -9.72
C ASP A 129 -3.32 -2.40 -10.28
N MET A 130 -2.00 -2.56 -10.00
CA MET A 130 -1.04 -1.51 -10.34
C MET A 130 -0.80 -1.42 -11.84
N LYS A 131 -0.85 -2.61 -12.48
CA LYS A 131 -0.66 -2.67 -13.93
C LYS A 131 -1.75 -1.85 -14.64
N GLU A 132 -3.00 -2.22 -14.34
CA GLU A 132 -4.12 -1.56 -15.02
C GLU A 132 -4.30 -0.07 -14.64
N VAL A 133 -3.93 0.22 -13.37
CA VAL A 133 -3.98 1.58 -12.83
C VAL A 133 -2.96 2.49 -13.53
N LEU A 134 -1.77 1.90 -13.79
CA LEU A 134 -0.67 2.63 -14.41
C LEU A 134 -0.79 2.57 -15.94
N GLY A 135 -1.79 1.78 -16.40
CA GLY A 135 -2.19 1.71 -17.80
C GLY A 135 -1.05 1.23 -18.69
N VAL A 136 -0.61 0.00 -18.34
CA VAL A 136 0.58 -0.59 -18.90
C VAL A 136 0.24 -1.27 -20.23
N GLU A 137 1.15 -1.01 -21.21
CA GLU A 137 0.98 -1.48 -22.58
C GLU A 137 2.35 -1.90 -23.14
N MET A 1 11.77 5.31 -21.36
CA MET A 1 10.55 4.96 -20.63
C MET A 1 10.81 4.90 -19.13
N GLU A 2 9.70 5.11 -18.40
CA GLU A 2 9.72 5.04 -16.93
C GLU A 2 9.57 3.59 -16.47
N LYS A 3 9.99 3.40 -15.20
CA LYS A 3 9.84 2.15 -14.50
C LYS A 3 8.71 2.34 -13.47
N LYS A 4 8.24 1.21 -12.94
CA LYS A 4 7.23 1.25 -11.88
C LYS A 4 7.84 0.74 -10.57
N THR A 5 8.00 1.76 -9.69
CA THR A 5 8.47 1.60 -8.33
C THR A 5 7.23 1.37 -7.45
N ILE A 6 7.20 0.16 -6.88
CA ILE A 6 6.35 -0.21 -5.80
C ILE A 6 7.24 -0.26 -4.57
N VAL A 7 6.53 0.07 -3.52
CA VAL A 7 7.02 0.27 -2.20
C VAL A 7 6.10 -0.58 -1.33
N LEU A 8 6.69 -1.42 -0.45
CA LEU A 8 5.83 -2.01 0.58
C LEU A 8 6.51 -1.87 1.94
N GLY A 9 5.69 -1.32 2.85
CA GLY A 9 6.00 -1.18 4.26
C GLY A 9 4.93 -1.87 5.08
N VAL A 10 5.38 -2.44 6.22
CA VAL A 10 4.41 -3.03 7.12
C VAL A 10 4.10 -2.01 8.22
N ILE A 11 2.80 -1.69 8.26
CA ILE A 11 2.28 -0.56 9.01
C ILE A 11 1.48 -1.04 10.22
N GLY A 12 1.66 -0.21 11.27
CA GLY A 12 0.72 -0.18 12.37
C GLY A 12 1.16 -1.10 13.52
N SER A 13 1.80 -0.40 14.48
CA SER A 13 2.27 -0.93 15.75
C SER A 13 2.97 -2.29 15.59
N ASP A 14 4.11 -2.18 14.88
CA ASP A 14 4.79 -3.36 14.37
C ASP A 14 5.50 -4.14 15.49
N CYS A 15 4.89 -5.32 15.76
CA CYS A 15 5.46 -6.32 16.67
C CYS A 15 6.08 -7.43 15.80
N HIS A 16 5.16 -8.25 15.25
CA HIS A 16 5.51 -9.14 14.14
C HIS A 16 5.29 -8.34 12.84
N ALA A 17 6.44 -7.95 12.27
CA ALA A 17 6.46 -6.97 11.18
C ALA A 17 6.43 -7.66 9.81
N VAL A 18 5.33 -8.43 9.61
CA VAL A 18 5.13 -9.16 8.37
C VAL A 18 4.49 -8.27 7.29
N GLY A 19 5.27 -8.13 6.20
CA GLY A 19 4.88 -7.33 5.05
C GLY A 19 6.12 -7.11 4.18
N ASN A 20 6.97 -6.22 4.73
CA ASN A 20 8.28 -5.93 4.15
C ASN A 20 9.19 -7.19 4.02
N LYS A 21 8.91 -8.15 4.93
CA LYS A 21 9.75 -9.35 5.06
C LYS A 21 9.17 -10.53 4.26
N ILE A 22 7.84 -10.76 4.43
CA ILE A 22 7.15 -11.82 3.70
C ILE A 22 5.86 -11.18 3.15
N LEU A 23 6.11 -10.56 1.99
CA LEU A 23 5.06 -10.17 1.04
C LEU A 23 5.79 -9.80 -0.28
N ASP A 24 6.85 -10.60 -0.52
CA ASP A 24 7.90 -10.26 -1.46
C ASP A 24 7.80 -11.16 -2.71
N HIS A 25 7.35 -12.41 -2.45
CA HIS A 25 7.42 -13.46 -3.44
C HIS A 25 6.18 -13.47 -4.36
N SER A 26 5.76 -12.23 -4.70
CA SER A 26 4.71 -11.99 -5.67
C SER A 26 5.16 -10.86 -6.58
N PHE A 27 5.55 -9.76 -5.90
CA PHE A 27 5.90 -8.53 -6.58
C PHE A 27 7.28 -8.64 -7.24
N THR A 28 8.24 -9.16 -6.43
CA THR A 28 9.57 -9.44 -6.95
C THR A 28 9.50 -10.59 -7.97
N ASN A 29 8.55 -11.48 -7.67
CA ASN A 29 8.20 -12.63 -8.49
C ASN A 29 7.30 -12.25 -9.69
N ALA A 30 7.12 -10.91 -9.91
CA ALA A 30 6.42 -10.43 -11.11
C ALA A 30 7.38 -9.57 -11.93
N GLY A 31 8.62 -9.48 -11.41
CA GLY A 31 9.65 -8.69 -12.04
C GLY A 31 9.33 -7.19 -11.95
N PHE A 32 8.65 -6.80 -10.83
CA PHE A 32 8.46 -5.35 -10.66
C PHE A 32 9.78 -4.78 -10.16
N ASN A 33 9.96 -3.42 -10.30
CA ASN A 33 11.00 -2.86 -9.43
C ASN A 33 10.25 -2.45 -8.17
N VAL A 34 10.48 -3.32 -7.16
CA VAL A 34 9.75 -3.31 -5.92
C VAL A 34 10.75 -3.24 -4.78
N VAL A 35 10.33 -2.45 -3.79
CA VAL A 35 11.20 -1.94 -2.76
C VAL A 35 10.55 -2.27 -1.41
N ASN A 36 11.26 -3.14 -0.66
CA ASN A 36 10.83 -3.43 0.69
C ASN A 36 11.44 -2.36 1.59
N ILE A 37 10.56 -1.37 1.86
CA ILE A 37 10.98 -0.11 2.44
C ILE A 37 11.42 -0.27 3.91
N GLY A 38 10.82 -1.30 4.53
CA GLY A 38 11.13 -1.67 5.89
C GLY A 38 9.85 -1.73 6.73
N VAL A 39 10.13 -1.97 8.02
CA VAL A 39 9.10 -1.95 9.04
C VAL A 39 8.94 -0.53 9.57
N LEU A 40 7.68 -0.07 9.48
CA LEU A 40 7.32 1.14 10.21
C LEU A 40 5.82 1.38 10.12
N SER A 41 5.34 2.02 11.20
CA SER A 41 3.96 2.43 11.32
C SER A 41 3.92 3.95 11.10
N SER A 42 4.35 4.29 9.86
CA SER A 42 4.63 5.69 9.54
C SER A 42 4.65 5.90 8.02
N GLN A 43 3.63 6.68 7.60
CA GLN A 43 3.54 7.25 6.27
C GLN A 43 4.83 7.92 5.81
N GLU A 44 5.37 8.82 6.65
CA GLU A 44 6.51 9.65 6.22
C GLU A 44 7.73 8.81 5.77
N ASP A 45 7.80 7.56 6.29
CA ASP A 45 8.87 6.64 5.91
C ASP A 45 8.60 6.00 4.53
N PHE A 46 7.31 5.65 4.28
CA PHE A 46 6.94 4.95 3.04
C PHE A 46 6.93 5.88 1.85
N ILE A 47 6.43 7.06 2.19
CA ILE A 47 6.64 8.27 1.44
C ILE A 47 8.12 8.49 1.10
N ASN A 48 9.01 8.18 2.08
CA ASN A 48 10.43 8.45 1.90
C ASN A 48 11.05 7.48 0.88
N ALA A 49 10.46 6.27 0.80
CA ALA A 49 10.79 5.34 -0.28
C ALA A 49 10.18 5.80 -1.58
N ALA A 50 9.04 6.50 -1.49
CA ALA A 50 8.60 7.17 -2.71
C ALA A 50 9.49 8.35 -3.13
N ILE A 51 10.12 9.02 -2.14
CA ILE A 51 11.09 10.05 -2.48
C ILE A 51 12.34 9.41 -3.13
N GLU A 52 12.74 8.27 -2.52
CA GLU A 52 14.02 7.65 -2.83
C GLU A 52 14.00 6.90 -4.14
N THR A 53 12.97 6.04 -4.26
CA THR A 53 12.94 5.10 -5.36
C THR A 53 12.04 5.53 -6.53
N LYS A 54 11.03 6.33 -6.12
CA LYS A 54 10.16 7.11 -7.01
C LYS A 54 8.91 6.32 -7.37
N ALA A 55 8.11 6.16 -6.28
CA ALA A 55 6.92 5.34 -6.28
C ALA A 55 5.88 5.80 -7.32
N ASP A 56 5.39 4.79 -8.04
CA ASP A 56 4.12 4.86 -8.76
C ASP A 56 2.99 4.39 -7.83
N LEU A 57 3.35 3.41 -6.97
CA LEU A 57 2.47 2.86 -5.96
C LEU A 57 3.20 2.59 -4.65
N ILE A 58 2.41 2.83 -3.59
CA ILE A 58 2.85 2.64 -2.21
C ILE A 58 1.81 1.70 -1.54
N CYS A 59 2.38 0.64 -0.91
CA CYS A 59 1.65 -0.42 -0.25
C CYS A 59 1.92 -0.37 1.25
N VAL A 60 0.80 -0.65 1.94
CA VAL A 60 0.71 -0.66 3.39
C VAL A 60 0.04 -1.99 3.77
N SER A 61 0.78 -2.76 4.60
CA SER A 61 0.30 -4.04 5.11
C SER A 61 -0.01 -3.86 6.59
N SER A 62 -1.32 -3.94 6.93
CA SER A 62 -1.70 -3.62 8.30
C SER A 62 -1.91 -4.93 9.08
N LEU A 63 -1.03 -5.03 10.09
CA LEU A 63 -0.93 -6.17 10.99
C LEU A 63 -2.23 -6.32 11.79
N TYR A 64 -2.74 -5.13 12.14
CA TYR A 64 -4.15 -4.89 12.35
C TYR A 64 -4.52 -4.89 13.83
N GLY A 65 -3.87 -3.91 14.48
CA GLY A 65 -4.43 -3.30 15.67
C GLY A 65 -5.26 -2.07 15.26
N GLN A 66 -4.87 -1.50 14.08
CA GLN A 66 -5.36 -0.18 13.71
C GLN A 66 -4.96 0.14 12.24
N GLY A 67 -5.73 -0.49 11.33
CA GLY A 67 -5.36 -0.50 9.92
C GLY A 67 -5.75 0.81 9.22
N GLU A 68 -6.98 1.22 9.58
CA GLU A 68 -7.59 2.43 9.05
C GLU A 68 -6.86 3.69 9.55
N ILE A 69 -6.33 3.55 10.79
CA ILE A 69 -5.82 4.71 11.51
C ILE A 69 -4.47 5.16 10.93
N ASP A 70 -3.61 4.16 10.68
CA ASP A 70 -2.27 4.48 10.19
C ASP A 70 -2.26 4.85 8.69
N CYS A 71 -3.19 4.24 7.92
CA CYS A 71 -3.16 4.44 6.47
C CYS A 71 -3.74 5.81 6.04
N LYS A 72 -4.65 6.34 6.90
CA LYS A 72 -5.56 7.41 6.49
C LYS A 72 -4.82 8.64 5.91
N GLY A 73 -5.04 8.81 4.59
CA GLY A 73 -4.51 9.98 3.88
C GLY A 73 -3.02 9.87 3.65
N LEU A 74 -2.57 8.64 3.34
CA LEU A 74 -1.24 8.41 2.78
C LEU A 74 -1.16 8.78 1.31
N ARG A 75 -2.32 8.72 0.61
CA ARG A 75 -2.25 9.11 -0.80
C ARG A 75 -2.08 10.61 -0.87
N GLU A 76 -2.85 11.26 0.03
CA GLU A 76 -2.81 12.69 0.28
C GLU A 76 -1.68 13.21 1.10
N LYS A 77 -1.16 12.34 1.94
CA LYS A 77 0.12 12.59 2.60
C LYS A 77 1.31 12.37 1.68
N CYS A 78 1.12 11.46 0.70
CA CYS A 78 2.15 11.26 -0.30
C CYS A 78 2.14 12.37 -1.32
N ASP A 79 0.89 12.71 -1.62
CA ASP A 79 0.57 13.81 -2.50
C ASP A 79 0.85 15.14 -1.83
N GLU A 80 0.68 15.09 -0.50
CA GLU A 80 1.14 16.25 0.29
C GLU A 80 2.66 16.31 0.41
N ALA A 81 3.26 15.11 0.38
CA ALA A 81 4.71 14.98 0.45
C ALA A 81 5.41 15.37 -0.87
N GLY A 82 4.60 15.82 -1.83
CA GLY A 82 5.13 16.29 -3.11
C GLY A 82 5.46 15.12 -4.03
N LEU A 83 4.54 14.14 -3.94
CA LEU A 83 4.62 12.89 -4.69
C LEU A 83 3.20 12.54 -5.12
N LYS A 84 2.74 13.38 -6.08
CA LYS A 84 1.46 13.19 -6.72
C LYS A 84 1.67 12.52 -8.09
N GLY A 85 1.07 11.31 -8.13
CA GLY A 85 1.37 10.34 -9.16
C GLY A 85 1.34 8.95 -8.52
N ILE A 86 1.50 8.98 -7.18
CA ILE A 86 1.28 7.83 -6.35
C ILE A 86 -0.25 7.57 -6.24
N LYS A 87 -0.52 6.31 -6.62
CA LYS A 87 -1.77 5.61 -6.38
C LYS A 87 -1.50 4.52 -5.33
N LEU A 88 -2.46 4.41 -4.39
CA LEU A 88 -2.20 3.60 -3.20
C LEU A 88 -3.07 2.35 -3.14
N PHE A 89 -2.32 1.30 -2.76
CA PHE A 89 -2.93 0.07 -2.31
C PHE A 89 -2.74 -0.06 -0.80
N VAL A 90 -3.85 -0.49 -0.17
CA VAL A 90 -3.85 -0.79 1.25
C VAL A 90 -4.62 -2.10 1.45
N GLY A 91 -3.90 -3.06 2.09
CA GLY A 91 -4.51 -4.38 2.29
C GLY A 91 -4.09 -5.00 3.63
N GLY A 92 -5.03 -5.85 4.11
CA GLY A 92 -4.80 -6.70 5.27
C GLY A 92 -5.68 -6.27 6.45
N ASN A 93 -6.98 -6.02 6.10
CA ASN A 93 -8.00 -5.62 7.07
C ASN A 93 -7.72 -4.20 7.58
N ILE A 94 -8.77 -3.37 7.55
CA ILE A 94 -8.54 -1.93 7.65
C ILE A 94 -9.55 -1.25 8.59
N VAL A 95 -10.86 -1.41 8.32
CA VAL A 95 -11.86 -0.79 9.20
C VAL A 95 -12.54 -1.89 10.03
N VAL A 96 -12.83 -1.40 11.24
CA VAL A 96 -13.03 -2.18 12.43
C VAL A 96 -14.53 -2.24 12.76
N GLY A 97 -14.86 -3.40 13.36
CA GLY A 97 -16.24 -3.74 13.72
C GLY A 97 -16.91 -4.53 12.59
N LYS A 98 -16.04 -5.27 11.86
CA LYS A 98 -16.42 -6.03 10.68
C LYS A 98 -17.02 -5.10 9.58
N GLN A 99 -16.43 -3.89 9.56
CA GLN A 99 -16.83 -2.85 8.64
C GLN A 99 -16.19 -3.12 7.27
N ASN A 100 -17.08 -3.16 6.26
CA ASN A 100 -16.71 -3.73 4.97
C ASN A 100 -17.03 -2.76 3.82
N TRP A 101 -16.11 -2.91 2.85
CA TRP A 101 -16.09 -2.60 1.43
C TRP A 101 -16.98 -1.45 0.92
N PRO A 102 -18.33 -1.59 0.92
CA PRO A 102 -19.18 -0.42 0.64
C PRO A 102 -18.80 0.84 1.44
N ASP A 103 -18.63 0.60 2.76
CA ASP A 103 -18.15 1.64 3.67
C ASP A 103 -16.66 1.92 3.45
N VAL A 104 -15.87 0.83 3.50
CA VAL A 104 -14.41 0.96 3.57
C VAL A 104 -13.86 1.71 2.35
N GLU A 105 -14.14 1.13 1.16
CA GLU A 105 -13.64 1.70 -0.08
C GLU A 105 -14.28 3.06 -0.40
N GLN A 106 -15.54 3.29 0.07
CA GLN A 106 -16.11 4.63 -0.12
C GLN A 106 -15.24 5.71 0.54
N ARG A 107 -14.90 5.45 1.82
CA ARG A 107 -14.17 6.44 2.61
C ARG A 107 -12.68 6.54 2.18
N PHE A 108 -12.12 5.36 1.84
CA PHE A 108 -10.69 5.24 1.61
C PHE A 108 -10.31 5.87 0.28
N LYS A 109 -11.16 5.51 -0.71
CA LYS A 109 -10.96 6.02 -2.06
C LYS A 109 -11.33 7.51 -2.17
N ALA A 110 -12.29 7.92 -1.30
CA ALA A 110 -12.67 9.33 -1.23
C ALA A 110 -11.51 10.20 -0.74
N MET A 111 -10.76 9.66 0.25
CA MET A 111 -9.60 10.39 0.77
C MET A 111 -8.38 10.26 -0.15
N GLY A 112 -8.37 9.20 -0.99
CA GLY A 112 -7.32 9.14 -2.00
C GLY A 112 -7.07 7.76 -2.62
N PHE A 113 -7.15 6.72 -1.76
CA PHE A 113 -6.72 5.36 -2.10
C PHE A 113 -7.31 4.84 -3.44
N ASP A 114 -6.46 4.03 -4.10
CA ASP A 114 -6.82 3.39 -5.35
C ASP A 114 -7.79 2.22 -5.09
N ARG A 115 -7.23 1.11 -4.54
CA ARG A 115 -8.06 -0.06 -4.21
C ARG A 115 -7.54 -0.75 -2.94
N VAL A 116 -8.50 -1.48 -2.30
CA VAL A 116 -8.30 -2.10 -0.99
C VAL A 116 -8.49 -3.64 -1.12
N TYR A 117 -7.46 -4.39 -0.66
CA TYR A 117 -7.51 -5.87 -0.68
C TYR A 117 -8.08 -6.45 0.63
N PRO A 118 -9.22 -7.18 0.55
CA PRO A 118 -9.75 -7.94 1.69
C PRO A 118 -8.80 -9.03 2.26
N PRO A 119 -9.22 -9.70 3.37
CA PRO A 119 -8.48 -10.83 3.91
C PRO A 119 -8.67 -12.08 3.05
N GLY A 120 -7.51 -12.59 2.60
CA GLY A 120 -7.48 -13.83 1.82
C GLY A 120 -7.43 -13.55 0.31
N THR A 121 -6.86 -12.36 -0.01
CA THR A 121 -6.60 -12.00 -1.39
C THR A 121 -5.25 -12.61 -1.79
N SER A 122 -5.28 -13.22 -3.00
CA SER A 122 -4.06 -13.59 -3.66
C SER A 122 -3.27 -12.29 -3.93
N PRO A 123 -1.94 -12.27 -3.66
CA PRO A 123 -1.15 -11.10 -4.02
C PRO A 123 -1.12 -10.79 -5.53
N GLU A 124 -1.59 -11.76 -6.34
CA GLU A 124 -1.57 -11.68 -7.80
C GLU A 124 -2.59 -10.64 -8.31
N THR A 125 -3.67 -10.49 -7.51
CA THR A 125 -4.68 -9.46 -7.71
C THR A 125 -4.13 -8.06 -7.67
N THR A 126 -3.08 -7.93 -6.84
CA THR A 126 -2.46 -6.66 -6.54
C THR A 126 -1.53 -6.28 -7.70
N ILE A 127 -1.01 -7.36 -8.32
CA ILE A 127 -0.13 -7.24 -9.47
C ILE A 127 -0.93 -6.88 -10.74
N ALA A 128 -2.11 -7.53 -10.81
CA ALA A 128 -3.11 -7.24 -11.84
C ALA A 128 -3.77 -5.91 -11.57
N ASP A 129 -3.85 -5.61 -10.27
CA ASP A 129 -4.30 -4.27 -9.90
C ASP A 129 -3.37 -3.16 -10.47
N MET A 130 -2.05 -3.28 -10.16
CA MET A 130 -1.09 -2.22 -10.52
C MET A 130 -0.85 -2.15 -12.02
N LYS A 131 -1.01 -3.32 -12.67
CA LYS A 131 -0.92 -3.34 -14.12
C LYS A 131 -2.11 -2.55 -14.71
N GLU A 132 -3.32 -3.01 -14.32
CA GLU A 132 -4.54 -2.36 -14.82
C GLU A 132 -4.63 -0.84 -14.55
N VAL A 133 -4.08 -0.46 -13.38
CA VAL A 133 -4.03 0.94 -12.95
C VAL A 133 -3.03 1.76 -13.78
N LEU A 134 -1.83 1.17 -13.97
CA LEU A 134 -0.71 1.89 -14.57
C LEU A 134 -0.66 1.75 -16.11
N GLY A 135 -1.80 1.29 -16.68
CA GLY A 135 -1.92 1.20 -18.14
C GLY A 135 -1.10 0.02 -18.69
N VAL A 136 -1.46 -1.16 -18.14
CA VAL A 136 -0.75 -2.41 -18.40
C VAL A 136 -1.79 -3.54 -18.22
N GLU A 137 -1.39 -4.74 -18.69
CA GLU A 137 -2.21 -5.93 -18.48
C GLU A 137 -1.33 -7.19 -18.60
N MET A 1 10.32 7.28 -17.29
CA MET A 1 10.79 6.07 -16.64
C MET A 1 10.71 4.87 -17.59
N GLU A 2 11.36 3.78 -17.12
CA GLU A 2 11.32 2.49 -17.78
C GLU A 2 10.63 1.45 -16.87
N LYS A 3 10.73 1.73 -15.56
CA LYS A 3 10.23 0.85 -14.51
C LYS A 3 9.49 1.64 -13.45
N LYS A 4 8.79 0.82 -12.67
CA LYS A 4 7.88 1.28 -11.62
C LYS A 4 8.41 0.77 -10.27
N THR A 5 8.55 1.77 -9.36
CA THR A 5 8.91 1.55 -7.97
C THR A 5 7.59 1.50 -7.16
N ILE A 6 7.55 0.44 -6.34
CA ILE A 6 6.63 0.17 -5.28
C ILE A 6 7.48 0.09 -4.04
N VAL A 7 6.74 0.50 -3.01
CA VAL A 7 7.21 0.74 -1.70
C VAL A 7 6.24 -0.01 -0.82
N LEU A 8 6.82 -0.74 0.15
CA LEU A 8 5.96 -1.36 1.14
C LEU A 8 6.53 -1.07 2.53
N GLY A 9 5.62 -0.59 3.39
CA GLY A 9 5.94 -0.50 4.80
C GLY A 9 4.90 -1.28 5.56
N VAL A 10 5.40 -1.90 6.66
CA VAL A 10 4.46 -2.65 7.48
C VAL A 10 4.11 -1.69 8.62
N ILE A 11 2.78 -1.42 8.68
CA ILE A 11 2.27 -0.30 9.46
C ILE A 11 1.49 -0.83 10.66
N GLY A 12 1.79 -0.13 11.78
CA GLY A 12 1.28 -0.51 13.09
C GLY A 12 2.22 -1.52 13.77
N SER A 13 3.52 -1.29 13.49
CA SER A 13 4.61 -2.10 14.01
C SER A 13 5.85 -1.20 14.13
N ASP A 14 6.94 -1.89 14.52
CA ASP A 14 8.31 -1.44 14.28
C ASP A 14 9.27 -2.60 14.63
N CYS A 15 8.74 -3.82 14.37
CA CYS A 15 9.41 -5.06 14.77
C CYS A 15 8.80 -6.23 13.96
N HIS A 16 7.47 -6.37 14.17
CA HIS A 16 6.71 -7.48 13.62
C HIS A 16 6.23 -7.11 12.21
N ALA A 17 6.55 -8.04 11.28
CA ALA A 17 6.24 -7.83 9.86
C ALA A 17 4.95 -8.56 9.43
N VAL A 18 4.38 -9.33 10.38
CA VAL A 18 3.17 -10.14 10.17
C VAL A 18 3.23 -10.93 8.84
N GLY A 19 4.39 -11.58 8.69
CA GLY A 19 4.77 -12.15 7.40
C GLY A 19 5.52 -11.10 6.58
N ASN A 20 4.78 -10.58 5.57
CA ASN A 20 5.32 -9.63 4.60
C ASN A 20 6.42 -10.32 3.76
N LYS A 21 6.02 -11.53 3.29
CA LYS A 21 6.90 -12.45 2.56
C LYS A 21 6.12 -13.11 1.42
N ILE A 22 4.83 -13.35 1.72
CA ILE A 22 3.83 -13.63 0.67
C ILE A 22 3.63 -12.32 -0.11
N LEU A 23 3.68 -11.26 0.72
CA LEU A 23 3.53 -9.89 0.28
C LEU A 23 4.79 -9.40 -0.49
N ASP A 24 5.83 -10.27 -0.48
CA ASP A 24 7.10 -9.96 -1.14
C ASP A 24 7.75 -11.24 -1.66
N HIS A 25 7.29 -11.62 -2.88
CA HIS A 25 7.92 -12.75 -3.56
C HIS A 25 7.40 -12.82 -4.99
N SER A 26 6.06 -12.81 -5.07
CA SER A 26 5.36 -12.85 -6.35
C SER A 26 5.29 -11.44 -6.96
N PHE A 27 5.47 -10.45 -6.06
CA PHE A 27 5.60 -9.06 -6.45
C PHE A 27 6.98 -8.82 -7.09
N THR A 28 7.96 -9.43 -6.40
CA THR A 28 9.34 -9.42 -6.86
C THR A 28 9.46 -10.20 -8.18
N ASN A 29 8.67 -11.29 -8.22
CA ASN A 29 8.51 -12.12 -9.40
C ASN A 29 7.28 -11.66 -10.21
N ALA A 30 7.09 -10.32 -10.23
CA ALA A 30 6.19 -9.69 -11.19
C ALA A 30 6.96 -8.59 -11.93
N GLY A 31 8.32 -8.73 -11.82
CA GLY A 31 9.25 -7.84 -12.46
C GLY A 31 9.16 -6.41 -11.94
N PHE A 32 8.79 -6.28 -10.63
CA PHE A 32 8.68 -4.93 -10.09
C PHE A 32 9.98 -4.62 -9.35
N ASN A 33 10.26 -3.30 -9.32
CA ASN A 33 11.13 -2.79 -8.27
C ASN A 33 10.25 -2.70 -7.01
N VAL A 34 10.50 -3.69 -6.14
CA VAL A 34 9.69 -3.86 -4.95
C VAL A 34 10.63 -3.61 -3.76
N VAL A 35 10.36 -2.44 -3.14
CA VAL A 35 11.25 -1.87 -2.14
C VAL A 35 10.68 -2.18 -0.75
N ASN A 36 11.42 -3.07 -0.06
CA ASN A 36 11.10 -3.44 1.30
C ASN A 36 11.74 -2.41 2.24
N ILE A 37 10.88 -1.45 2.64
CA ILE A 37 11.35 -0.28 3.36
C ILE A 37 11.72 -0.65 4.81
N GLY A 38 10.92 -1.60 5.36
CA GLY A 38 11.10 -2.11 6.72
C GLY A 38 9.80 -1.99 7.51
N VAL A 39 9.86 -2.63 8.71
CA VAL A 39 8.78 -2.57 9.68
C VAL A 39 8.86 -1.26 10.46
N LEU A 40 7.77 -0.48 10.29
CA LEU A 40 7.66 0.81 10.96
C LEU A 40 6.25 1.34 10.74
N SER A 41 5.67 1.83 11.83
CA SER A 41 4.31 2.37 11.84
C SER A 41 4.28 3.86 11.47
N SER A 42 4.39 4.13 10.14
CA SER A 42 4.17 5.50 9.69
C SER A 42 4.26 5.67 8.17
N GLN A 43 3.23 6.37 7.69
CA GLN A 43 3.11 6.94 6.37
C GLN A 43 4.31 7.75 5.91
N GLU A 44 4.72 8.79 6.68
CA GLU A 44 5.75 9.70 6.17
C GLU A 44 7.10 8.98 5.95
N ASP A 45 7.23 7.80 6.61
CA ASP A 45 8.39 6.94 6.40
C ASP A 45 8.33 6.23 5.03
N PHE A 46 7.13 5.71 4.68
CA PHE A 46 7.02 4.93 3.43
C PHE A 46 7.00 5.80 2.20
N ILE A 47 6.29 6.89 2.42
CA ILE A 47 6.41 8.06 1.58
C ILE A 47 7.87 8.49 1.38
N ASN A 48 8.73 8.29 2.42
CA ASN A 48 10.13 8.68 2.31
C ASN A 48 10.90 7.77 1.33
N ALA A 49 10.43 6.50 1.23
CA ALA A 49 10.84 5.59 0.15
C ALA A 49 10.22 5.99 -1.17
N ALA A 50 9.05 6.64 -1.13
CA ALA A 50 8.61 7.25 -2.38
C ALA A 50 9.46 8.48 -2.77
N ILE A 51 9.98 9.20 -1.76
CA ILE A 51 10.93 10.25 -2.08
C ILE A 51 12.25 9.63 -2.60
N GLU A 52 12.62 8.49 -1.97
CA GLU A 52 13.95 7.95 -2.15
C GLU A 52 14.10 7.24 -3.50
N THR A 53 13.12 6.36 -3.74
CA THR A 53 13.19 5.49 -4.90
C THR A 53 12.33 5.98 -6.09
N LYS A 54 11.27 6.70 -5.71
CA LYS A 54 10.35 7.39 -6.62
C LYS A 54 9.20 6.45 -7.00
N ALA A 55 8.47 6.14 -5.91
CA ALA A 55 7.43 5.15 -5.93
C ALA A 55 6.13 5.71 -6.49
N ASP A 56 5.69 5.02 -7.56
CA ASP A 56 4.42 5.26 -8.23
C ASP A 56 3.26 4.77 -7.34
N LEU A 57 3.59 3.74 -6.53
CA LEU A 57 2.65 3.18 -5.58
C LEU A 57 3.35 2.84 -4.25
N ILE A 58 2.52 3.07 -3.24
CA ILE A 58 2.91 2.94 -1.82
C ILE A 58 1.90 2.01 -1.13
N CYS A 59 2.49 0.95 -0.53
CA CYS A 59 1.76 -0.21 -0.02
C CYS A 59 1.91 -0.30 1.51
N VAL A 60 0.75 -0.12 2.16
CA VAL A 60 0.62 -0.26 3.60
C VAL A 60 0.10 -1.67 3.91
N SER A 61 0.93 -2.36 4.70
CA SER A 61 0.73 -3.75 5.07
C SER A 61 0.46 -3.78 6.57
N SER A 62 -0.79 -4.16 6.89
CA SER A 62 -1.26 -3.92 8.25
C SER A 62 -1.18 -5.22 9.06
N LEU A 63 -1.07 -4.95 10.39
CA LEU A 63 -1.06 -5.98 11.41
C LEU A 63 -2.51 -6.17 11.91
N TYR A 64 -2.93 -5.17 12.70
CA TYR A 64 -4.27 -4.99 13.27
C TYR A 64 -4.14 -4.15 14.53
N GLY A 65 -5.27 -3.48 14.82
CA GLY A 65 -5.33 -2.50 15.89
C GLY A 65 -5.35 -1.09 15.31
N GLN A 66 -4.40 -0.89 14.36
CA GLN A 66 -4.31 0.38 13.66
C GLN A 66 -3.74 0.13 12.25
N GLY A 67 -4.35 -0.89 11.61
CA GLY A 67 -4.04 -1.11 10.21
C GLY A 67 -4.78 -0.09 9.34
N GLU A 68 -6.08 0.00 9.72
CA GLU A 68 -7.11 0.81 9.13
C GLU A 68 -7.01 2.28 9.57
N ILE A 69 -6.47 2.46 10.81
CA ILE A 69 -6.40 3.80 11.38
C ILE A 69 -5.18 4.56 10.85
N ASP A 70 -4.05 3.82 10.82
CA ASP A 70 -2.76 4.44 10.52
C ASP A 70 -2.58 4.71 9.00
N CYS A 71 -3.12 3.77 8.20
CA CYS A 71 -2.89 3.76 6.76
C CYS A 71 -3.72 4.80 5.98
N LYS A 72 -4.88 5.14 6.58
CA LYS A 72 -5.94 5.84 5.85
C LYS A 72 -5.54 7.29 5.53
N GLY A 73 -5.35 7.53 4.22
CA GLY A 73 -4.93 8.87 3.77
C GLY A 73 -3.43 9.02 3.86
N LEU A 74 -2.81 7.89 3.47
CA LEU A 74 -1.43 7.84 3.02
C LEU A 74 -1.32 8.38 1.61
N ARG A 75 -2.44 8.31 0.84
CA ARG A 75 -2.42 8.95 -0.47
C ARG A 75 -2.48 10.46 -0.28
N GLU A 76 -3.21 10.85 0.78
CA GLU A 76 -3.26 12.23 1.26
C GLU A 76 -2.08 12.70 2.06
N LYS A 77 -1.43 11.73 2.68
CA LYS A 77 -0.11 11.94 3.23
C LYS A 77 0.98 11.98 2.17
N CYS A 78 0.72 11.24 1.09
CA CYS A 78 1.62 11.18 -0.06
C CYS A 78 1.50 12.42 -0.91
N ASP A 79 0.23 12.79 -1.00
CA ASP A 79 -0.22 14.00 -1.63
C ASP A 79 0.21 15.17 -0.79
N GLU A 80 0.11 14.91 0.54
CA GLU A 80 0.58 15.97 1.44
C GLU A 80 2.10 16.08 1.47
N ALA A 81 2.73 14.92 1.24
CA ALA A 81 4.18 14.84 1.20
C ALA A 81 4.79 15.46 -0.09
N GLY A 82 3.88 15.93 -0.97
CA GLY A 82 4.30 16.56 -2.22
C GLY A 82 4.71 15.50 -3.24
N LEU A 83 3.84 14.47 -3.27
CA LEU A 83 4.02 13.30 -4.13
C LEU A 83 2.64 12.81 -4.56
N LYS A 84 1.98 13.71 -5.32
CA LYS A 84 0.62 13.51 -5.78
C LYS A 84 0.62 13.09 -7.26
N GLY A 85 -0.03 11.93 -7.49
CA GLY A 85 -0.08 11.31 -8.80
C GLY A 85 0.09 9.80 -8.60
N ILE A 86 0.80 9.55 -7.49
CA ILE A 86 0.99 8.27 -6.85
C ILE A 86 -0.35 7.75 -6.27
N LYS A 87 -0.63 6.52 -6.75
CA LYS A 87 -1.78 5.69 -6.36
C LYS A 87 -1.34 4.71 -5.26
N LEU A 88 -2.23 4.60 -4.25
CA LEU A 88 -1.85 3.90 -3.02
C LEU A 88 -2.79 2.75 -2.73
N PHE A 89 -2.08 1.68 -2.36
CA PHE A 89 -2.67 0.40 -2.01
C PHE A 89 -2.53 0.16 -0.50
N VAL A 90 -3.63 -0.37 0.07
CA VAL A 90 -3.66 -0.85 1.45
C VAL A 90 -4.22 -2.27 1.44
N GLY A 91 -3.40 -3.18 2.02
CA GLY A 91 -3.65 -4.61 1.87
C GLY A 91 -3.46 -5.36 3.18
N GLY A 92 -4.25 -6.45 3.23
CA GLY A 92 -4.05 -7.48 4.23
C GLY A 92 -4.96 -7.25 5.44
N ASN A 93 -4.28 -7.33 6.61
CA ASN A 93 -4.97 -7.46 7.89
C ASN A 93 -5.27 -6.08 8.47
N ILE A 94 -6.20 -5.38 7.78
CA ILE A 94 -6.29 -3.93 7.91
C ILE A 94 -7.39 -3.51 8.91
N VAL A 95 -8.65 -3.90 8.58
CA VAL A 95 -9.82 -3.31 9.21
C VAL A 95 -10.82 -4.33 9.71
N VAL A 96 -11.42 -3.80 10.77
CA VAL A 96 -12.22 -4.53 11.71
C VAL A 96 -13.56 -4.88 11.04
N GLY A 97 -14.32 -5.72 11.78
CA GLY A 97 -15.71 -6.01 11.44
C GLY A 97 -16.54 -4.73 11.27
N LYS A 98 -16.16 -3.75 12.13
CA LYS A 98 -16.55 -2.36 11.96
C LYS A 98 -15.80 -1.81 10.73
N GLN A 99 -16.63 -1.50 9.71
CA GLN A 99 -16.18 -1.14 8.37
C GLN A 99 -15.70 -2.41 7.64
N ASN A 100 -16.61 -2.92 6.78
CA ASN A 100 -16.29 -4.03 5.88
C ASN A 100 -16.60 -3.61 4.43
N TRP A 101 -15.56 -3.88 3.61
CA TRP A 101 -15.39 -3.63 2.17
C TRP A 101 -16.25 -2.56 1.47
N PRO A 102 -17.57 -2.79 1.24
CA PRO A 102 -18.40 -1.69 0.74
C PRO A 102 -18.27 -0.35 1.50
N ASP A 103 -18.01 -0.50 2.81
CA ASP A 103 -17.73 0.61 3.72
C ASP A 103 -16.27 1.08 3.60
N VAL A 104 -15.35 0.09 3.62
CA VAL A 104 -13.92 0.37 3.72
C VAL A 104 -13.43 1.10 2.47
N GLU A 105 -13.72 0.45 1.32
CA GLU A 105 -13.42 1.04 0.03
C GLU A 105 -14.20 2.34 -0.22
N GLN A 106 -15.43 2.45 0.32
CA GLN A 106 -16.12 3.74 0.19
C GLN A 106 -15.31 4.89 0.84
N ARG A 107 -14.88 4.63 2.10
CA ARG A 107 -14.32 5.66 2.96
C ARG A 107 -12.87 6.03 2.57
N PHE A 108 -12.05 4.96 2.43
CA PHE A 108 -10.62 5.08 2.22
C PHE A 108 -10.35 5.75 0.85
N LYS A 109 -11.21 5.34 -0.09
CA LYS A 109 -11.23 5.92 -1.44
C LYS A 109 -11.86 7.32 -1.47
N ALA A 110 -12.81 7.57 -0.53
CA ALA A 110 -13.51 8.86 -0.50
C ALA A 110 -12.55 10.05 -0.32
N MET A 111 -11.45 9.80 0.43
CA MET A 111 -10.40 10.82 0.46
C MET A 111 -9.75 10.95 -0.93
N GLY A 112 -9.28 9.78 -1.41
CA GLY A 112 -8.77 9.67 -2.77
C GLY A 112 -7.63 8.65 -2.89
N PHE A 113 -7.56 7.74 -1.89
CA PHE A 113 -6.54 6.72 -1.87
C PHE A 113 -7.06 5.61 -2.82
N ASP A 114 -6.13 4.92 -3.54
CA ASP A 114 -6.55 4.12 -4.68
C ASP A 114 -7.50 2.95 -4.31
N ARG A 115 -6.92 1.79 -3.91
CA ARG A 115 -7.71 0.56 -3.79
C ARG A 115 -7.23 -0.30 -2.61
N VAL A 116 -8.19 -1.15 -2.14
CA VAL A 116 -8.07 -1.89 -0.88
C VAL A 116 -8.21 -3.40 -1.11
N TYR A 117 -7.22 -4.17 -0.58
CA TYR A 117 -7.33 -5.64 -0.50
C TYR A 117 -7.71 -6.15 0.91
N PRO A 118 -8.53 -7.25 0.94
CA PRO A 118 -8.92 -7.94 2.18
C PRO A 118 -7.76 -8.49 3.03
N PRO A 119 -8.10 -9.06 4.22
CA PRO A 119 -7.18 -9.93 4.95
C PRO A 119 -7.08 -11.30 4.28
N GLY A 120 -5.82 -11.58 3.85
CA GLY A 120 -5.49 -12.85 3.22
C GLY A 120 -5.77 -12.83 1.71
N THR A 121 -5.06 -11.88 1.06
CA THR A 121 -5.16 -11.65 -0.37
C THR A 121 -3.95 -12.28 -1.08
N SER A 122 -4.31 -12.93 -2.21
CA SER A 122 -3.33 -13.22 -3.26
C SER A 122 -2.53 -11.95 -3.63
N PRO A 123 -1.36 -12.16 -4.27
CA PRO A 123 -0.58 -11.04 -4.81
C PRO A 123 -1.07 -10.58 -6.19
N GLU A 124 -1.83 -11.49 -6.83
CA GLU A 124 -2.26 -11.32 -8.22
C GLU A 124 -3.29 -10.20 -8.35
N THR A 125 -4.06 -10.02 -7.26
CA THR A 125 -5.08 -8.99 -7.16
C THR A 125 -4.50 -7.60 -7.15
N THR A 126 -3.35 -7.51 -6.48
CA THR A 126 -2.66 -6.26 -6.24
C THR A 126 -1.89 -5.86 -7.51
N ILE A 127 -1.42 -6.92 -8.17
CA ILE A 127 -0.71 -6.83 -9.43
C ILE A 127 -1.66 -6.52 -10.60
N ALA A 128 -2.87 -7.10 -10.51
CA ALA A 128 -4.00 -6.79 -11.39
C ALA A 128 -4.58 -5.44 -11.05
N ASP A 129 -4.46 -5.14 -9.75
CA ASP A 129 -4.80 -3.78 -9.34
C ASP A 129 -3.94 -2.72 -10.06
N MET A 130 -2.59 -2.86 -9.95
CA MET A 130 -1.66 -1.91 -10.56
C MET A 130 -1.69 -1.98 -12.08
N LYS A 131 -2.01 -3.19 -12.57
CA LYS A 131 -2.10 -3.42 -14.00
C LYS A 131 -3.13 -2.45 -14.59
N GLU A 132 -4.35 -2.58 -14.03
CA GLU A 132 -5.44 -1.77 -14.56
C GLU A 132 -5.41 -0.29 -14.14
N VAL A 133 -4.96 -0.07 -12.89
CA VAL A 133 -4.93 1.27 -12.27
C VAL A 133 -3.91 2.18 -12.97
N LEU A 134 -2.70 1.63 -13.18
CA LEU A 134 -1.67 2.34 -13.92
C LEU A 134 -2.00 2.32 -15.43
N GLY A 135 -2.91 1.38 -15.79
CA GLY A 135 -3.48 1.30 -17.13
C GLY A 135 -2.41 0.90 -18.14
N VAL A 136 -1.93 -0.34 -17.92
CA VAL A 136 -0.68 -0.77 -18.52
C VAL A 136 -0.95 -1.48 -19.85
N GLU A 137 0.04 -1.31 -20.74
CA GLU A 137 -0.01 -1.92 -22.07
C GLU A 137 0.35 -3.42 -21.99
N MET A 1 7.56 5.30 -20.60
CA MET A 1 8.97 5.46 -20.91
C MET A 1 9.84 4.95 -19.75
N GLU A 2 9.51 5.51 -18.56
CA GLU A 2 10.19 5.15 -17.33
C GLU A 2 9.61 3.85 -16.76
N LYS A 3 10.18 3.49 -15.59
CA LYS A 3 9.73 2.38 -14.78
C LYS A 3 9.01 2.91 -13.54
N LYS A 4 8.32 1.92 -12.95
CA LYS A 4 7.36 2.16 -11.89
C LYS A 4 7.88 1.57 -10.57
N THR A 5 8.02 2.51 -9.62
CA THR A 5 8.36 2.21 -8.25
C THR A 5 7.05 2.10 -7.44
N ILE A 6 6.88 0.87 -6.92
CA ILE A 6 5.99 0.48 -5.87
C ILE A 6 6.88 0.22 -4.67
N VAL A 7 6.23 0.50 -3.55
CA VAL A 7 6.81 0.52 -2.24
C VAL A 7 5.88 -0.34 -1.38
N LEU A 8 6.43 -1.17 -0.47
CA LEU A 8 5.51 -1.82 0.47
C LEU A 8 6.04 -1.72 1.90
N GLY A 9 5.14 -1.24 2.80
CA GLY A 9 5.41 -1.35 4.22
C GLY A 9 4.28 -2.10 4.90
N VAL A 10 4.66 -2.88 5.93
CA VAL A 10 3.64 -3.45 6.78
C VAL A 10 3.56 -2.51 7.99
N ILE A 11 2.35 -1.98 8.15
CA ILE A 11 2.17 -0.76 8.93
C ILE A 11 1.47 -1.10 10.26
N GLY A 12 2.25 -0.81 11.32
CA GLY A 12 1.78 -1.05 12.67
C GLY A 12 1.78 -2.55 12.98
N SER A 13 3.03 -3.04 13.19
CA SER A 13 3.23 -4.41 13.64
C SER A 13 3.05 -4.45 15.17
N ASP A 14 1.75 -4.53 15.51
CA ASP A 14 1.27 -4.53 16.88
C ASP A 14 1.56 -5.91 17.52
N CYS A 15 2.75 -5.95 18.16
CA CYS A 15 3.33 -7.13 18.79
C CYS A 15 4.13 -7.96 17.78
N HIS A 16 3.42 -8.32 16.69
CA HIS A 16 3.99 -9.11 15.61
C HIS A 16 3.66 -8.45 14.27
N ALA A 17 4.59 -8.70 13.31
CA ALA A 17 4.43 -8.26 11.93
C ALA A 17 3.77 -9.34 11.06
N VAL A 18 3.54 -10.51 11.71
CA VAL A 18 2.96 -11.70 11.09
C VAL A 18 3.75 -12.07 9.82
N GLY A 19 5.09 -12.16 10.06
CA GLY A 19 6.02 -12.27 8.95
C GLY A 19 6.05 -10.95 8.17
N ASN A 20 5.86 -11.11 6.85
CA ASN A 20 5.69 -10.00 5.90
C ASN A 20 6.92 -9.06 5.86
N LYS A 21 8.05 -9.58 6.39
CA LYS A 21 9.26 -8.80 6.62
C LYS A 21 10.21 -8.90 5.42
N ILE A 22 10.41 -10.17 5.00
CA ILE A 22 11.04 -10.48 3.72
C ILE A 22 9.98 -11.25 2.93
N LEU A 23 9.05 -10.42 2.39
CA LEU A 23 8.00 -10.92 1.51
C LEU A 23 7.91 -9.95 0.32
N ASP A 24 9.13 -9.65 -0.18
CA ASP A 24 9.31 -8.91 -1.41
C ASP A 24 9.54 -9.92 -2.54
N HIS A 25 8.53 -10.80 -2.64
CA HIS A 25 8.52 -11.88 -3.61
C HIS A 25 7.38 -11.64 -4.59
N SER A 26 6.22 -11.33 -3.96
CA SER A 26 5.07 -10.82 -4.67
C SER A 26 5.30 -9.37 -5.02
N PHE A 27 4.72 -9.03 -6.18
CA PHE A 27 4.79 -7.71 -6.80
C PHE A 27 6.08 -7.60 -7.64
N THR A 28 7.14 -8.16 -7.02
CA THR A 28 8.38 -8.55 -7.67
C THR A 28 8.12 -9.71 -8.65
N ASN A 29 7.04 -10.44 -8.29
CA ASN A 29 6.45 -11.47 -9.11
C ASN A 29 5.81 -10.88 -10.40
N ALA A 30 5.78 -9.52 -10.49
CA ALA A 30 5.23 -8.85 -11.65
C ALA A 30 6.33 -8.04 -12.35
N GLY A 31 7.57 -8.31 -11.89
CA GLY A 31 8.76 -7.67 -12.40
C GLY A 31 8.78 -6.17 -12.13
N PHE A 32 8.11 -5.76 -11.02
CA PHE A 32 8.11 -4.31 -10.75
C PHE A 32 9.47 -3.90 -10.17
N ASN A 33 9.75 -2.56 -10.26
CA ASN A 33 10.68 -2.07 -9.24
C ASN A 33 9.83 -1.91 -7.99
N VAL A 34 10.04 -2.89 -7.09
CA VAL A 34 9.31 -2.93 -5.84
C VAL A 34 10.27 -3.07 -4.66
N VAL A 35 9.93 -2.26 -3.64
CA VAL A 35 10.88 -1.94 -2.59
C VAL A 35 10.18 -2.10 -1.23
N ASN A 36 10.63 -3.15 -0.49
CA ASN A 36 10.09 -3.36 0.85
C ASN A 36 10.87 -2.50 1.85
N ILE A 37 10.06 -1.68 2.54
CA ILE A 37 10.51 -0.49 3.23
C ILE A 37 10.72 -0.77 4.73
N GLY A 38 9.84 -1.64 5.26
CA GLY A 38 9.88 -1.93 6.68
C GLY A 38 8.58 -2.55 7.17
N VAL A 39 8.78 -3.55 8.06
CA VAL A 39 7.75 -4.00 8.98
C VAL A 39 7.87 -3.13 10.24
N LEU A 40 6.70 -2.60 10.66
CA LEU A 40 6.65 -1.65 11.78
C LEU A 40 7.36 -0.35 11.40
N SER A 41 6.51 0.51 10.83
CA SER A 41 6.98 1.76 10.25
C SER A 41 5.78 2.70 10.12
N SER A 42 6.14 4.00 10.07
CA SER A 42 5.15 5.08 9.96
C SER A 42 5.27 5.73 8.58
N GLN A 43 4.33 6.65 8.36
CA GLN A 43 4.18 7.41 7.11
C GLN A 43 5.50 7.99 6.63
N GLU A 44 6.28 8.55 7.57
CA GLU A 44 7.51 9.26 7.17
C GLU A 44 8.53 8.33 6.47
N ASP A 45 8.38 7.02 6.76
CA ASP A 45 9.25 6.00 6.18
C ASP A 45 8.81 5.59 4.77
N PHE A 46 7.47 5.46 4.58
CA PHE A 46 6.91 5.01 3.29
C PHE A 46 6.94 6.09 2.25
N ILE A 47 6.73 7.27 2.83
CA ILE A 47 7.13 8.51 2.21
C ILE A 47 8.60 8.43 1.73
N ASN A 48 9.48 7.98 2.65
CA ASN A 48 10.93 8.06 2.40
C ASN A 48 11.39 7.08 1.31
N ALA A 49 10.66 5.96 1.19
CA ALA A 49 10.86 5.01 0.10
C ALA A 49 10.30 5.54 -1.21
N ALA A 50 9.27 6.38 -1.11
CA ALA A 50 8.85 7.05 -2.33
C ALA A 50 9.79 8.18 -2.73
N ILE A 51 10.42 8.82 -1.73
CA ILE A 51 11.41 9.84 -2.02
C ILE A 51 12.67 9.15 -2.59
N GLU A 52 12.95 7.96 -2.02
CA GLU A 52 14.19 7.28 -2.30
C GLU A 52 14.17 6.60 -3.67
N THR A 53 13.09 5.84 -3.87
CA THR A 53 13.02 5.00 -5.05
C THR A 53 12.12 5.53 -6.19
N LYS A 54 11.22 6.42 -5.79
CA LYS A 54 10.43 7.31 -6.68
C LYS A 54 9.04 6.74 -6.94
N ALA A 55 8.37 6.46 -5.80
CA ALA A 55 7.12 5.71 -5.79
C ALA A 55 5.91 6.57 -6.14
N ASP A 56 5.23 6.10 -7.21
CA ASP A 56 3.90 6.59 -7.56
C ASP A 56 2.84 5.75 -6.83
N LEU A 57 3.28 4.57 -6.30
CA LEU A 57 2.39 3.81 -5.44
C LEU A 57 3.10 3.19 -4.24
N ILE A 58 2.26 3.21 -3.20
CA ILE A 58 2.61 2.76 -1.85
C ILE A 58 1.50 1.81 -1.38
N CYS A 59 1.90 0.52 -1.33
CA CYS A 59 1.03 -0.57 -0.92
C CYS A 59 1.40 -1.03 0.49
N VAL A 60 0.43 -0.78 1.39
CA VAL A 60 0.56 -1.14 2.78
C VAL A 60 -0.31 -2.36 3.11
N SER A 61 0.20 -3.15 4.07
CA SER A 61 -0.63 -4.15 4.73
C SER A 61 -0.93 -3.66 6.15
N SER A 62 -2.24 -3.68 6.46
CA SER A 62 -2.69 -3.40 7.82
C SER A 62 -2.98 -4.76 8.49
N LEU A 63 -2.20 -4.99 9.56
CA LEU A 63 -2.36 -6.16 10.41
C LEU A 63 -3.56 -5.95 11.35
N TYR A 64 -3.70 -4.66 11.72
CA TYR A 64 -4.82 -4.12 12.46
C TYR A 64 -4.51 -4.09 13.96
N GLY A 65 -5.22 -3.14 14.58
CA GLY A 65 -4.80 -2.53 15.83
C GLY A 65 -4.53 -1.05 15.55
N GLN A 66 -3.91 -0.84 14.36
CA GLN A 66 -3.67 0.53 13.87
C GLN A 66 -3.66 0.53 12.33
N GLY A 67 -4.69 -0.10 11.73
CA GLY A 67 -4.73 -0.11 10.28
C GLY A 67 -5.27 1.22 9.73
N GLU A 68 -6.37 1.66 10.37
CA GLU A 68 -6.99 2.93 9.99
C GLU A 68 -6.24 4.11 10.61
N ILE A 69 -5.61 3.80 11.77
CA ILE A 69 -4.96 4.84 12.56
C ILE A 69 -3.69 5.31 11.84
N ASP A 70 -2.94 4.31 11.34
CA ASP A 70 -1.71 4.61 10.59
C ASP A 70 -2.04 5.07 9.16
N CYS A 71 -2.78 4.20 8.45
CA CYS A 71 -2.89 4.31 6.99
C CYS A 71 -3.62 5.57 6.50
N LYS A 72 -4.59 6.03 7.33
CA LYS A 72 -5.46 7.15 6.96
C LYS A 72 -4.65 8.42 6.62
N GLY A 73 -4.75 8.78 5.31
CA GLY A 73 -4.10 9.99 4.80
C GLY A 73 -2.60 9.84 4.65
N LEU A 74 -2.18 8.60 4.35
CA LEU A 74 -0.87 8.35 3.77
C LEU A 74 -0.83 8.71 2.31
N ARG A 75 -2.01 8.66 1.64
CA ARG A 75 -2.03 9.12 0.27
C ARG A 75 -1.72 10.61 0.24
N GLU A 76 -2.43 11.30 1.17
CA GLU A 76 -2.32 12.73 1.38
C GLU A 76 -1.14 13.24 2.14
N LYS A 77 -0.63 12.38 3.00
CA LYS A 77 0.67 12.62 3.62
C LYS A 77 1.84 12.36 2.69
N CYS A 78 1.61 11.42 1.75
CA CYS A 78 2.63 11.15 0.73
C CYS A 78 2.62 12.21 -0.35
N ASP A 79 1.38 12.56 -0.65
CA ASP A 79 1.06 13.66 -1.55
C ASP A 79 1.56 14.95 -0.90
N GLU A 80 1.31 14.99 0.43
CA GLU A 80 1.70 16.20 1.17
C GLU A 80 3.22 16.29 1.38
N ALA A 81 3.83 15.09 1.46
CA ALA A 81 5.26 14.99 1.71
C ALA A 81 6.11 15.39 0.48
N GLY A 82 5.40 15.86 -0.57
CA GLY A 82 6.08 16.42 -1.72
C GLY A 82 6.52 15.33 -2.69
N LEU A 83 5.58 14.37 -2.85
CA LEU A 83 5.75 13.30 -3.82
C LEU A 83 4.68 13.54 -4.90
N LYS A 84 3.93 12.45 -5.17
CA LYS A 84 2.98 12.43 -6.24
C LYS A 84 1.64 13.01 -5.80
N GLY A 85 0.72 12.78 -6.76
CA GLY A 85 -0.68 12.61 -6.49
C GLY A 85 -0.81 11.09 -6.39
N ILE A 86 0.04 10.63 -5.43
CA ILE A 86 0.45 9.27 -5.30
C ILE A 86 -0.73 8.37 -5.00
N LYS A 87 -0.77 7.35 -5.89
CA LYS A 87 -1.85 6.39 -5.91
C LYS A 87 -1.47 5.28 -4.93
N LEU A 88 -2.31 5.18 -3.90
CA LEU A 88 -1.95 4.28 -2.81
C LEU A 88 -2.91 3.11 -2.81
N PHE A 89 -2.25 2.00 -2.48
CA PHE A 89 -2.88 0.72 -2.27
C PHE A 89 -2.85 0.49 -0.76
N VAL A 90 -4.01 0.05 -0.27
CA VAL A 90 -4.14 -0.25 1.16
C VAL A 90 -4.90 -1.58 1.24
N GLY A 91 -4.24 -2.54 1.92
CA GLY A 91 -4.65 -3.94 1.81
C GLY A 91 -4.74 -4.63 3.17
N GLY A 92 -5.63 -5.64 3.17
CA GLY A 92 -5.88 -6.45 4.36
C GLY A 92 -7.18 -6.01 5.02
N ASN A 93 -7.19 -6.15 6.36
CA ASN A 93 -8.25 -5.57 7.18
C ASN A 93 -7.73 -4.24 7.72
N ILE A 94 -8.18 -3.17 7.01
CA ILE A 94 -7.55 -1.86 7.13
C ILE A 94 -8.38 -0.90 7.98
N VAL A 95 -9.67 -1.27 8.11
CA VAL A 95 -10.52 -0.74 9.17
C VAL A 95 -11.08 -1.97 9.86
N VAL A 96 -12.22 -1.73 10.51
CA VAL A 96 -12.89 -2.71 11.33
C VAL A 96 -13.20 -3.99 10.52
N GLY A 97 -13.07 -5.10 11.27
CA GLY A 97 -13.31 -6.45 10.78
C GLY A 97 -14.66 -6.60 10.06
N LYS A 98 -14.68 -7.64 9.20
CA LYS A 98 -15.79 -7.89 8.27
C LYS A 98 -15.75 -6.83 7.15
N GLN A 99 -16.93 -6.68 6.53
CA GLN A 99 -17.19 -5.70 5.47
C GLN A 99 -16.60 -6.20 4.15
N ASN A 100 -17.51 -6.27 3.14
CA ASN A 100 -17.16 -6.70 1.79
C ASN A 100 -17.00 -5.47 0.90
N TRP A 101 -16.19 -4.54 1.46
CA TRP A 101 -15.88 -3.23 0.88
C TRP A 101 -17.04 -2.42 0.26
N PRO A 102 -18.12 -2.15 1.04
CA PRO A 102 -18.91 -0.94 0.77
C PRO A 102 -18.23 0.30 1.41
N ASP A 103 -17.98 0.11 2.72
CA ASP A 103 -17.66 1.19 3.64
C ASP A 103 -16.20 1.62 3.55
N VAL A 104 -15.34 0.60 3.37
CA VAL A 104 -13.94 0.75 3.73
C VAL A 104 -13.19 1.55 2.66
N GLU A 105 -13.47 1.16 1.40
CA GLU A 105 -13.00 1.94 0.26
C GLU A 105 -13.81 3.24 0.07
N GLN A 106 -15.11 3.22 0.44
CA GLN A 106 -15.84 4.49 0.43
C GLN A 106 -15.13 5.58 1.26
N ARG A 107 -14.65 5.15 2.44
CA ARG A 107 -14.02 6.05 3.40
C ARG A 107 -12.56 6.38 2.98
N PHE A 108 -11.82 5.29 2.69
CA PHE A 108 -10.38 5.40 2.44
C PHE A 108 -10.10 6.05 1.09
N LYS A 109 -10.88 5.60 0.09
CA LYS A 109 -10.76 6.21 -1.24
C LYS A 109 -11.23 7.69 -1.24
N ALA A 110 -12.18 8.01 -0.33
CA ALA A 110 -12.58 9.41 -0.16
C ALA A 110 -11.43 10.31 0.33
N MET A 111 -10.47 9.71 1.08
CA MET A 111 -9.22 10.42 1.40
C MET A 111 -8.42 10.68 0.11
N GLY A 112 -8.41 9.63 -0.72
CA GLY A 112 -7.86 9.70 -2.07
C GLY A 112 -7.09 8.42 -2.47
N PHE A 113 -7.26 7.36 -1.63
CA PHE A 113 -6.64 6.07 -1.93
C PHE A 113 -7.24 5.51 -3.23
N ASP A 114 -6.30 4.92 -3.99
CA ASP A 114 -6.61 4.43 -5.32
C ASP A 114 -7.58 3.23 -5.24
N ARG A 115 -7.07 2.19 -4.55
CA ARG A 115 -7.78 0.90 -4.45
C ARG A 115 -7.52 0.29 -3.05
N VAL A 116 -8.48 -0.58 -2.68
CA VAL A 116 -8.40 -1.34 -1.44
C VAL A 116 -8.50 -2.85 -1.74
N TYR A 117 -7.51 -3.60 -1.19
CA TYR A 117 -7.57 -5.07 -1.22
C TYR A 117 -8.31 -5.62 0.01
N PRO A 118 -9.05 -6.76 -0.20
CA PRO A 118 -9.77 -7.45 0.88
C PRO A 118 -8.85 -7.89 2.04
N PRO A 119 -9.47 -8.53 3.09
CA PRO A 119 -8.68 -9.21 4.12
C PRO A 119 -8.23 -10.59 3.61
N GLY A 120 -6.89 -10.72 3.51
CA GLY A 120 -6.28 -11.97 3.06
C GLY A 120 -6.40 -12.13 1.54
N THR A 121 -5.63 -11.25 0.87
CA THR A 121 -5.65 -11.09 -0.57
C THR A 121 -4.45 -11.78 -1.22
N SER A 122 -4.80 -12.46 -2.35
CA SER A 122 -3.81 -12.86 -3.33
C SER A 122 -2.90 -11.66 -3.73
N PRO A 123 -1.69 -11.97 -4.24
CA PRO A 123 -0.82 -10.94 -4.79
C PRO A 123 -1.16 -10.55 -6.24
N GLU A 124 -1.97 -11.44 -6.87
CA GLU A 124 -2.31 -11.31 -8.29
C GLU A 124 -3.25 -10.11 -8.53
N THR A 125 -4.06 -9.83 -7.48
CA THR A 125 -4.98 -8.70 -7.49
C THR A 125 -4.27 -7.37 -7.47
N THR A 126 -3.18 -7.40 -6.71
CA THR A 126 -2.45 -6.18 -6.42
C THR A 126 -1.58 -5.81 -7.61
N ILE A 127 -1.16 -6.90 -8.26
CA ILE A 127 -0.33 -6.84 -9.45
C ILE A 127 -1.17 -6.39 -10.65
N ALA A 128 -2.37 -6.98 -10.70
CA ALA A 128 -3.33 -6.70 -11.77
C ALA A 128 -3.93 -5.32 -11.55
N ASP A 129 -4.00 -4.99 -10.26
CA ASP A 129 -4.35 -3.62 -9.91
C ASP A 129 -3.30 -2.56 -10.35
N MET A 130 -1.99 -2.79 -10.03
CA MET A 130 -0.97 -1.82 -10.44
C MET A 130 -0.75 -1.80 -11.95
N LYS A 131 -0.98 -2.98 -12.56
CA LYS A 131 -0.76 -3.09 -14.00
C LYS A 131 -1.83 -2.30 -14.76
N GLU A 132 -3.11 -2.58 -14.43
CA GLU A 132 -4.17 -1.83 -15.11
C GLU A 132 -4.07 -0.30 -14.90
N VAL A 133 -4.09 0.04 -13.61
CA VAL A 133 -4.25 1.43 -13.17
C VAL A 133 -3.09 2.36 -13.58
N LEU A 134 -1.87 1.78 -13.68
CA LEU A 134 -0.68 2.59 -14.01
C LEU A 134 -0.42 2.57 -15.53
N GLY A 135 -1.12 1.65 -16.22
CA GLY A 135 -1.02 1.54 -17.67
C GLY A 135 0.08 0.56 -18.06
N VAL A 136 -0.31 -0.72 -17.97
CA VAL A 136 0.61 -1.84 -18.19
C VAL A 136 -0.22 -2.99 -18.78
N GLU A 137 0.52 -3.86 -19.48
CA GLU A 137 -0.08 -5.01 -20.16
C GLU A 137 -0.03 -6.23 -19.22
N MET A 1 10.89 7.38 -13.05
CA MET A 1 9.65 6.62 -13.21
C MET A 1 9.50 6.11 -14.64
N GLU A 2 10.64 5.60 -15.16
CA GLU A 2 10.65 4.92 -16.46
C GLU A 2 9.89 3.58 -16.33
N LYS A 3 10.17 2.96 -15.16
CA LYS A 3 9.51 1.78 -14.67
C LYS A 3 8.57 2.21 -13.53
N LYS A 4 7.66 1.28 -13.19
CA LYS A 4 6.77 1.53 -12.05
C LYS A 4 7.42 0.94 -10.78
N THR A 5 7.84 1.92 -9.95
CA THR A 5 8.36 1.70 -8.61
C THR A 5 7.15 1.49 -7.69
N ILE A 6 7.29 0.50 -6.80
CA ILE A 6 6.45 0.24 -5.68
C ILE A 6 7.39 0.11 -4.50
N VAL A 7 6.73 0.52 -3.43
CA VAL A 7 7.27 0.64 -2.13
C VAL A 7 6.25 -0.07 -1.24
N LEU A 8 6.65 -1.18 -0.57
CA LEU A 8 5.66 -1.81 0.32
C LEU A 8 6.27 -2.02 1.71
N GLY A 9 5.47 -1.53 2.68
CA GLY A 9 5.76 -1.64 4.09
C GLY A 9 4.61 -2.31 4.81
N VAL A 10 4.97 -3.10 5.84
CA VAL A 10 3.94 -3.63 6.72
C VAL A 10 3.87 -2.75 7.97
N ILE A 11 2.64 -2.21 8.13
CA ILE A 11 2.35 -1.04 8.94
C ILE A 11 1.50 -1.40 10.16
N GLY A 12 1.96 -0.80 11.27
CA GLY A 12 1.32 -0.98 12.56
C GLY A 12 1.86 -2.21 13.30
N SER A 13 2.88 -2.81 12.66
CA SER A 13 3.24 -4.19 12.91
C SER A 13 4.57 -4.32 13.64
N ASP A 14 5.01 -3.19 14.26
CA ASP A 14 6.12 -3.23 15.20
C ASP A 14 7.44 -3.52 14.46
N CYS A 15 8.03 -4.64 14.89
CA CYS A 15 9.15 -5.30 14.23
C CYS A 15 8.79 -6.77 13.95
N HIS A 16 7.60 -6.91 13.32
CA HIS A 16 7.02 -8.20 12.97
C HIS A 16 6.29 -8.06 11.62
N ALA A 17 6.96 -8.60 10.58
CA ALA A 17 6.43 -8.51 9.22
C ALA A 17 5.45 -9.67 8.96
N VAL A 18 4.18 -9.38 9.28
CA VAL A 18 3.10 -10.37 9.20
C VAL A 18 2.27 -10.16 7.92
N GLY A 19 1.83 -8.89 7.83
CA GLY A 19 0.93 -8.42 6.77
C GLY A 19 1.60 -8.44 5.38
N ASN A 20 2.92 -8.24 5.42
CA ASN A 20 3.80 -8.15 4.25
C ASN A 20 3.65 -9.36 3.30
N LYS A 21 3.57 -10.56 3.92
CA LYS A 21 3.60 -11.81 3.13
C LYS A 21 2.30 -12.07 2.36
N ILE A 22 1.22 -11.37 2.78
CA ILE A 22 -0.05 -11.39 2.05
C ILE A 22 0.12 -10.59 0.74
N LEU A 23 0.92 -9.52 0.90
CA LEU A 23 1.15 -8.52 -0.13
C LEU A 23 2.62 -8.57 -0.56
N ASP A 24 3.09 -9.83 -0.71
CA ASP A 24 4.43 -10.10 -1.22
C ASP A 24 4.45 -11.54 -1.79
N HIS A 25 3.97 -11.62 -3.07
CA HIS A 25 4.26 -12.74 -3.96
C HIS A 25 5.78 -12.83 -4.13
N SER A 26 6.21 -11.60 -4.43
CA SER A 26 7.51 -11.11 -4.75
C SER A 26 7.27 -9.64 -4.99
N PHE A 27 6.50 -9.41 -6.08
CA PHE A 27 6.30 -8.09 -6.68
C PHE A 27 7.60 -7.77 -7.45
N THR A 28 8.71 -7.78 -6.68
CA THR A 28 10.08 -7.81 -7.19
C THR A 28 10.27 -8.84 -8.32
N ASN A 29 9.69 -10.05 -8.08
CA ASN A 29 9.84 -11.17 -8.99
C ASN A 29 8.56 -11.41 -9.78
N ALA A 30 7.65 -10.40 -9.69
CA ALA A 30 6.71 -10.21 -10.79
C ALA A 30 7.37 -9.36 -11.90
N GLY A 31 8.66 -9.04 -11.67
CA GLY A 31 9.38 -8.14 -12.54
C GLY A 31 9.02 -6.68 -12.27
N PHE A 32 8.39 -6.45 -11.09
CA PHE A 32 7.99 -5.09 -10.73
C PHE A 32 9.17 -4.44 -9.98
N ASN A 33 9.34 -3.11 -10.19
CA ASN A 33 10.45 -2.46 -9.49
C ASN A 33 9.97 -2.21 -8.06
N VAL A 34 10.51 -3.05 -7.14
CA VAL A 34 9.92 -3.13 -5.80
C VAL A 34 11.01 -2.93 -4.76
N VAL A 35 10.56 -2.18 -3.73
CA VAL A 35 11.39 -1.71 -2.65
C VAL A 35 10.64 -2.02 -1.35
N ASN A 36 11.22 -2.98 -0.62
CA ASN A 36 10.62 -3.36 0.65
C ASN A 36 11.17 -2.41 1.72
N ILE A 37 10.20 -1.63 2.24
CA ILE A 37 10.43 -0.63 3.28
C ILE A 37 10.76 -1.34 4.62
N GLY A 38 10.45 -2.66 4.64
CA GLY A 38 10.62 -3.49 5.81
C GLY A 38 9.34 -3.40 6.64
N VAL A 39 9.42 -4.01 7.84
CA VAL A 39 8.36 -3.78 8.81
C VAL A 39 8.62 -2.46 9.52
N LEU A 40 7.61 -1.59 9.31
CA LEU A 40 7.60 -0.34 10.04
C LEU A 40 6.19 0.23 9.96
N SER A 41 5.86 0.89 11.08
CA SER A 41 4.55 1.43 11.33
C SER A 41 4.61 2.96 11.26
N SER A 42 5.03 3.41 10.06
CA SER A 42 5.20 4.83 9.85
C SER A 42 5.18 5.17 8.35
N GLN A 43 4.24 6.06 8.05
CA GLN A 43 4.20 6.83 6.81
C GLN A 43 5.53 7.48 6.45
N GLU A 44 6.36 7.81 7.47
CA GLU A 44 7.57 8.60 7.21
C GLU A 44 8.60 7.85 6.32
N ASP A 45 8.74 6.52 6.55
CA ASP A 45 9.72 5.75 5.77
C ASP A 45 9.12 5.30 4.43
N PHE A 46 7.77 5.12 4.40
CA PHE A 46 7.11 4.70 3.16
C PHE A 46 6.98 5.82 2.15
N ILE A 47 6.79 6.98 2.74
CA ILE A 47 7.09 8.22 2.06
C ILE A 47 8.50 8.16 1.44
N ASN A 48 9.46 7.73 2.29
CA ASN A 48 10.88 7.92 1.99
C ASN A 48 11.40 7.01 0.86
N ALA A 49 10.78 5.82 0.72
CA ALA A 49 11.05 4.98 -0.47
C ALA A 49 10.38 5.55 -1.69
N ALA A 50 9.26 6.26 -1.48
CA ALA A 50 8.76 7.03 -2.59
C ALA A 50 9.62 8.28 -2.90
N ILE A 51 10.27 8.84 -1.88
CA ILE A 51 11.22 9.93 -2.14
C ILE A 51 12.43 9.38 -2.92
N GLU A 52 12.86 8.17 -2.48
CA GLU A 52 14.13 7.63 -2.91
C GLU A 52 14.07 7.10 -4.31
N THR A 53 13.04 6.26 -4.53
CA THR A 53 12.98 5.55 -5.80
C THR A 53 11.97 6.14 -6.80
N LYS A 54 10.95 6.77 -6.20
CA LYS A 54 9.88 7.47 -6.91
C LYS A 54 8.78 6.48 -7.27
N ALA A 55 8.09 6.12 -6.16
CA ALA A 55 6.94 5.26 -6.17
C ALA A 55 5.85 5.83 -7.07
N ASP A 56 5.32 4.92 -7.89
CA ASP A 56 4.05 5.14 -8.58
C ASP A 56 2.92 4.62 -7.68
N LEU A 57 3.28 3.60 -6.85
CA LEU A 57 2.40 3.06 -5.83
C LEU A 57 3.13 2.72 -4.52
N ILE A 58 2.38 2.95 -3.44
CA ILE A 58 2.80 2.58 -2.07
C ILE A 58 1.73 1.62 -1.50
N CYS A 59 2.23 0.46 -1.01
CA CYS A 59 1.42 -0.63 -0.49
C CYS A 59 1.67 -0.83 1.01
N VAL A 60 0.58 -0.55 1.75
CA VAL A 60 0.53 -0.65 3.20
C VAL A 60 -0.17 -1.97 3.56
N SER A 61 0.58 -2.79 4.33
CA SER A 61 0.17 -4.13 4.71
C SER A 61 -0.13 -4.13 6.20
N SER A 62 -1.42 -4.32 6.58
CA SER A 62 -1.73 -4.16 8.00
C SER A 62 -2.64 -5.26 8.54
N LEU A 63 -2.58 -5.21 9.88
CA LEU A 63 -3.08 -6.23 10.77
C LEU A 63 -4.26 -5.67 11.60
N TYR A 64 -4.46 -4.35 11.42
CA TYR A 64 -5.13 -3.51 12.39
C TYR A 64 -4.22 -3.32 13.61
N GLY A 65 -2.91 -3.34 13.26
CA GLY A 65 -1.90 -2.80 14.15
C GLY A 65 -2.09 -1.29 14.22
N GLN A 66 -2.19 -0.74 12.99
CA GLN A 66 -2.44 0.68 12.75
C GLN A 66 -2.87 0.83 11.29
N GLY A 67 -3.99 0.14 10.95
CA GLY A 67 -4.37 0.16 9.55
C GLY A 67 -5.09 1.47 9.20
N GLU A 68 -6.03 1.84 10.09
CA GLU A 68 -6.70 3.14 9.94
C GLU A 68 -5.82 4.26 10.49
N ILE A 69 -5.07 3.89 11.56
CA ILE A 69 -4.49 4.91 12.41
C ILE A 69 -3.27 5.56 11.72
N ASP A 70 -2.43 4.70 11.11
CA ASP A 70 -1.39 5.20 10.21
C ASP A 70 -1.95 5.58 8.82
N CYS A 71 -2.60 4.59 8.19
CA CYS A 71 -2.67 4.62 6.73
C CYS A 71 -3.63 5.69 6.19
N LYS A 72 -4.64 6.06 7.01
CA LYS A 72 -5.57 7.11 6.58
C LYS A 72 -4.82 8.45 6.42
N GLY A 73 -4.77 8.86 5.14
CA GLY A 73 -4.05 10.06 4.76
C GLY A 73 -2.54 9.82 4.67
N LEU A 74 -2.21 8.58 4.24
CA LEU A 74 -0.98 8.28 3.53
C LEU A 74 -1.08 8.77 2.11
N ARG A 75 -2.34 8.85 1.63
CA ARG A 75 -2.61 9.54 0.38
C ARG A 75 -2.05 10.96 0.45
N GLU A 76 -2.54 11.67 1.49
CA GLU A 76 -2.18 13.03 1.82
C GLU A 76 -0.87 13.27 2.49
N LYS A 77 -0.39 12.27 3.19
CA LYS A 77 0.97 12.27 3.69
C LYS A 77 2.01 11.98 2.62
N CYS A 78 1.60 11.20 1.61
CA CYS A 78 2.48 10.97 0.48
C CYS A 78 2.49 12.19 -0.41
N ASP A 79 1.24 12.65 -0.55
CA ASP A 79 0.94 13.82 -1.33
C ASP A 79 1.40 15.10 -0.64
N GLU A 80 1.43 14.98 0.71
CA GLU A 80 2.06 16.04 1.50
C GLU A 80 3.58 16.01 1.40
N ALA A 81 4.07 14.76 1.27
CA ALA A 81 5.51 14.54 1.14
C ALA A 81 6.07 14.94 -0.24
N GLY A 82 5.18 15.55 -1.05
CA GLY A 82 5.58 16.08 -2.36
C GLY A 82 5.69 14.96 -3.39
N LEU A 83 4.77 14.00 -3.19
CA LEU A 83 4.72 12.78 -3.98
C LEU A 83 3.24 12.52 -4.32
N LYS A 84 2.69 13.53 -5.00
CA LYS A 84 1.36 13.43 -5.58
C LYS A 84 1.48 12.98 -7.04
N GLY A 85 0.97 11.74 -7.20
CA GLY A 85 1.21 10.96 -8.41
C GLY A 85 1.21 9.48 -8.04
N ILE A 86 1.50 9.28 -6.72
CA ILE A 86 1.30 8.00 -6.08
C ILE A 86 -0.22 7.73 -5.95
N LYS A 87 -0.55 6.55 -6.52
CA LYS A 87 -1.76 5.79 -6.26
C LYS A 87 -1.45 4.81 -5.11
N LEU A 88 -2.40 4.73 -4.16
CA LEU A 88 -2.19 3.86 -3.00
C LEU A 88 -3.12 2.63 -3.04
N PHE A 89 -2.44 1.51 -2.77
CA PHE A 89 -3.11 0.25 -2.45
C PHE A 89 -2.90 0.03 -0.96
N VAL A 90 -4.01 -0.38 -0.31
CA VAL A 90 -3.95 -0.68 1.12
C VAL A 90 -4.73 -1.97 1.33
N GLY A 91 -4.00 -2.93 1.94
CA GLY A 91 -4.51 -4.29 2.10
C GLY A 91 -4.27 -4.78 3.51
N GLY A 92 -5.26 -5.58 3.96
CA GLY A 92 -5.24 -6.19 5.28
C GLY A 92 -6.58 -5.96 5.98
N ASN A 93 -6.44 -5.86 7.33
CA ASN A 93 -7.51 -5.33 8.18
C ASN A 93 -7.24 -3.83 8.32
N ILE A 94 -7.57 -3.13 7.21
CA ILE A 94 -7.11 -1.76 7.01
C ILE A 94 -7.89 -0.77 7.90
N VAL A 95 -9.03 -1.26 8.43
CA VAL A 95 -9.82 -0.54 9.40
C VAL A 95 -10.15 -1.53 10.50
N VAL A 96 -11.06 -1.03 11.35
CA VAL A 96 -11.44 -1.68 12.58
C VAL A 96 -12.16 -3.02 12.28
N GLY A 97 -11.30 -4.07 12.38
CA GLY A 97 -11.61 -5.36 11.79
C GLY A 97 -11.69 -5.20 10.26
N LYS A 98 -12.96 -5.25 9.81
CA LYS A 98 -13.36 -4.70 8.54
C LYS A 98 -14.76 -4.12 8.73
N GLN A 99 -14.86 -2.84 8.30
CA GLN A 99 -16.10 -2.09 8.35
C GLN A 99 -17.11 -2.56 7.29
N ASN A 100 -16.63 -3.55 6.47
CA ASN A 100 -17.34 -4.22 5.40
C ASN A 100 -17.47 -3.31 4.18
N TRP A 101 -16.67 -3.69 3.16
CA TRP A 101 -16.53 -3.10 1.83
C TRP A 101 -17.26 -1.79 1.49
N PRO A 102 -18.61 -1.77 1.36
CA PRO A 102 -19.29 -0.51 1.03
C PRO A 102 -18.89 0.71 1.90
N ASP A 103 -18.60 0.37 3.17
CA ASP A 103 -18.12 1.31 4.17
C ASP A 103 -16.61 1.59 4.03
N VAL A 104 -15.84 0.49 3.86
CA VAL A 104 -14.37 0.56 3.89
C VAL A 104 -13.84 1.34 2.67
N GLU A 105 -14.31 0.88 1.50
CA GLU A 105 -14.03 1.53 0.23
C GLU A 105 -14.55 2.97 0.18
N GLN A 106 -15.75 3.21 0.76
CA GLN A 106 -16.23 4.60 0.82
C GLN A 106 -15.29 5.51 1.64
N ARG A 107 -14.76 4.93 2.74
CA ARG A 107 -14.02 5.69 3.73
C ARG A 107 -12.61 6.07 3.22
N PHE A 108 -11.91 5.02 2.77
CA PHE A 108 -10.49 5.14 2.40
C PHE A 108 -10.33 5.83 1.05
N LYS A 109 -11.18 5.36 0.12
CA LYS A 109 -11.09 5.83 -1.27
C LYS A 109 -11.56 7.28 -1.42
N ALA A 110 -12.49 7.69 -0.51
CA ALA A 110 -12.91 9.08 -0.47
C ALA A 110 -11.74 10.01 -0.10
N MET A 111 -10.96 9.56 0.93
CA MET A 111 -9.79 10.35 1.32
C MET A 111 -8.57 10.13 0.38
N GLY A 112 -8.79 9.28 -0.66
CA GLY A 112 -7.92 9.32 -1.84
C GLY A 112 -7.55 7.93 -2.39
N PHE A 113 -7.59 6.91 -1.49
CA PHE A 113 -7.06 5.59 -1.80
C PHE A 113 -7.64 5.02 -3.11
N ASP A 114 -6.72 4.31 -3.80
CA ASP A 114 -7.07 3.70 -5.07
C ASP A 114 -8.02 2.53 -4.82
N ARG A 115 -7.50 1.52 -4.07
CA ARG A 115 -8.33 0.33 -3.76
C ARG A 115 -8.04 -0.23 -2.36
N VAL A 116 -9.08 -0.95 -1.88
CA VAL A 116 -9.10 -1.67 -0.62
C VAL A 116 -9.04 -3.18 -0.91
N TYR A 117 -7.89 -3.76 -0.48
CA TYR A 117 -7.67 -5.21 -0.54
C TYR A 117 -7.97 -5.84 0.84
N PRO A 118 -8.47 -7.11 0.82
CA PRO A 118 -8.74 -7.85 2.05
C PRO A 118 -7.48 -8.19 2.88
N PRO A 119 -7.71 -8.87 4.03
CA PRO A 119 -6.67 -9.63 4.71
C PRO A 119 -6.63 -11.05 4.12
N GLY A 120 -5.41 -11.40 3.64
CA GLY A 120 -5.20 -12.68 2.99
C GLY A 120 -5.61 -12.63 1.52
N THR A 121 -5.19 -11.51 0.89
CA THR A 121 -5.29 -11.30 -0.52
C THR A 121 -4.22 -12.13 -1.23
N SER A 122 -4.67 -12.76 -2.34
CA SER A 122 -3.68 -13.20 -3.31
C SER A 122 -2.87 -11.97 -3.79
N PRO A 123 -1.52 -12.07 -3.75
CA PRO A 123 -0.68 -10.94 -4.13
C PRO A 123 -0.53 -10.75 -5.65
N GLU A 124 -1.01 -11.75 -6.42
CA GLU A 124 -1.00 -11.66 -7.88
C GLU A 124 -2.08 -10.67 -8.37
N THR A 125 -3.15 -10.61 -7.56
CA THR A 125 -4.23 -9.64 -7.76
C THR A 125 -3.75 -8.21 -7.66
N THR A 126 -2.76 -8.01 -6.79
CA THR A 126 -2.35 -6.65 -6.50
C THR A 126 -1.45 -6.15 -7.64
N ILE A 127 -0.72 -7.14 -8.17
CA ILE A 127 0.26 -6.98 -9.21
C ILE A 127 -0.43 -6.75 -10.58
N ALA A 128 -1.51 -7.53 -10.77
CA ALA A 128 -2.41 -7.37 -11.90
C ALA A 128 -3.27 -6.14 -11.73
N ASP A 129 -3.53 -5.84 -10.46
CA ASP A 129 -4.27 -4.62 -10.20
C ASP A 129 -3.43 -3.33 -10.38
N MET A 130 -2.09 -3.39 -10.16
CA MET A 130 -1.25 -2.22 -10.45
C MET A 130 -0.97 -2.08 -11.95
N LYS A 131 -0.97 -3.24 -12.65
CA LYS A 131 -0.86 -3.19 -14.10
C LYS A 131 -2.12 -2.51 -14.65
N GLU A 132 -3.26 -3.13 -14.29
CA GLU A 132 -4.57 -2.60 -14.67
C GLU A 132 -4.77 -1.10 -14.38
N VAL A 133 -4.32 -0.71 -13.17
CA VAL A 133 -4.50 0.66 -12.68
C VAL A 133 -3.57 1.67 -13.39
N LEU A 134 -2.32 1.21 -13.65
CA LEU A 134 -1.26 2.12 -14.12
C LEU A 134 -1.07 2.04 -15.65
N GLY A 135 -2.18 1.67 -16.33
CA GLY A 135 -2.20 1.70 -17.80
C GLY A 135 -1.36 0.57 -18.42
N VAL A 136 -1.70 -0.64 -17.97
CA VAL A 136 -0.99 -1.86 -18.36
C VAL A 136 -2.00 -3.01 -18.31
N GLU A 137 -1.65 -4.09 -19.05
CA GLU A 137 -2.44 -5.32 -19.05
C GLU A 137 -3.86 -5.09 -19.60
#